data_9KFW
#
_entry.id   9KFW
#
_entity_poly.entity_id   1
_entity_poly.type   'polypeptide(L)'
_entity_poly.pdbx_seq_one_letter_code
;QVQLQESGGGLVQPGGSLRLSCAASGFTLDYYAIGWFRQAPGKEREGVSAISSSGGSTNYADSVKGRFTISRDNAKNTVY
LQMNSLKPEDTAVYYCAAVDDVGTTVQAMAVHEPYEYDYWGQGTQVTVSS
;
_entity_poly.pdbx_strand_id   A
#
# COMPACT_ATOMS: atom_id res chain seq x y z
N GLN A 1 5.28 -18.65 9.02
CA GLN A 1 5.66 -18.31 7.63
C GLN A 1 4.98 -17.02 7.18
N VAL A 2 5.68 -16.17 6.42
CA VAL A 2 5.16 -14.89 5.87
C VAL A 2 5.70 -14.70 4.45
N GLN A 3 4.82 -14.48 3.47
CA GLN A 3 5.15 -14.14 2.08
C GLN A 3 4.10 -13.15 1.52
N LEU A 4 4.54 -12.17 0.71
CA LEU A 4 3.68 -11.18 0.06
C LEU A 4 4.07 -11.00 -1.42
N GLN A 5 3.11 -10.55 -2.25
CA GLN A 5 3.27 -10.30 -3.68
C GLN A 5 2.52 -9.04 -4.11
N GLU A 6 3.25 -8.05 -4.62
CA GLU A 6 2.72 -6.87 -5.29
C GLU A 6 2.48 -7.12 -6.79
N SER A 7 1.37 -6.61 -7.32
CA SER A 7 0.92 -6.79 -8.70
C SER A 7 0.05 -5.60 -9.16
N GLY A 8 -0.20 -5.50 -10.47
CA GLY A 8 -1.12 -4.53 -11.07
C GLY A 8 -0.49 -3.20 -11.49
N GLY A 9 0.76 -2.92 -11.14
CA GLY A 9 1.51 -1.77 -11.65
C GLY A 9 1.83 -1.90 -13.15
N GLY A 10 1.79 -0.77 -13.86
CA GLY A 10 2.19 -0.67 -15.28
C GLY A 10 2.40 0.76 -15.76
N LEU A 11 2.51 0.91 -17.09
CA LEU A 11 2.51 2.21 -17.78
C LEU A 11 1.08 2.75 -17.95
N VAL A 12 0.87 4.05 -17.72
CA VAL A 12 -0.38 4.78 -17.94
C VAL A 12 -0.10 6.23 -18.34
N GLN A 13 -0.99 6.87 -19.10
CA GLN A 13 -0.89 8.30 -19.40
C GLN A 13 -1.15 9.20 -18.17
N PRO A 14 -0.65 10.44 -18.18
CA PRO A 14 -1.02 11.45 -17.20
C PRO A 14 -2.53 11.76 -17.31
N GLY A 15 -3.15 12.03 -16.16
CA GLY A 15 -4.59 12.15 -15.98
C GLY A 15 -5.35 10.81 -15.93
N GLY A 16 -4.65 9.68 -16.11
CA GLY A 16 -5.21 8.33 -16.03
C GLY A 16 -5.36 7.79 -14.60
N SER A 17 -5.53 6.47 -14.49
CA SER A 17 -5.76 5.72 -13.26
C SER A 17 -5.16 4.31 -13.31
N LEU A 18 -4.94 3.73 -12.14
CA LEU A 18 -4.27 2.44 -11.92
C LEU A 18 -4.87 1.68 -10.71
N ARG A 19 -4.64 0.37 -10.65
CA ARG A 19 -5.18 -0.53 -9.62
C ARG A 19 -4.16 -1.61 -9.24
N LEU A 20 -3.55 -1.43 -8.07
CA LEU A 20 -2.53 -2.32 -7.50
C LEU A 20 -3.15 -3.36 -6.54
N SER A 21 -2.41 -4.44 -6.30
CA SER A 21 -2.82 -5.61 -5.49
C SER A 21 -1.65 -6.12 -4.64
N CYS A 22 -1.81 -6.16 -3.32
CA CYS A 22 -0.87 -6.70 -2.34
C CYS A 22 -1.44 -8.02 -1.78
N ALA A 23 -1.16 -9.14 -2.45
CA ALA A 23 -1.59 -10.47 -1.99
C ALA A 23 -0.63 -11.02 -0.93
N ALA A 24 -1.13 -11.89 -0.04
CA ALA A 24 -0.37 -12.45 1.08
C ALA A 24 -0.60 -13.95 1.30
N SER A 25 0.41 -14.62 1.86
CA SER A 25 0.43 -16.06 2.17
C SER A 25 1.20 -16.36 3.46
N GLY A 26 0.83 -17.46 4.14
CA GLY A 26 1.33 -17.85 5.46
C GLY A 26 0.68 -17.14 6.65
N PHE A 27 -0.03 -16.03 6.41
CA PHE A 27 -0.80 -15.26 7.40
C PHE A 27 -2.07 -14.67 6.77
N THR A 28 -3.02 -14.30 7.63
CA THR A 28 -4.33 -13.76 7.22
C THR A 28 -4.42 -12.26 7.51
N LEU A 29 -4.83 -11.47 6.51
CA LEU A 29 -4.76 -10.00 6.57
C LEU A 29 -5.66 -9.35 7.63
N ASP A 30 -6.71 -10.07 8.05
CA ASP A 30 -7.68 -9.62 9.05
C ASP A 30 -7.00 -9.26 10.39
N TYR A 31 -5.94 -9.98 10.73
CA TYR A 31 -5.20 -9.84 11.98
C TYR A 31 -4.02 -8.85 11.88
N TYR A 32 -3.78 -8.30 10.69
CA TYR A 32 -2.63 -7.45 10.36
C TYR A 32 -3.09 -6.08 9.80
N ALA A 33 -2.16 -5.14 9.77
CA ALA A 33 -2.32 -3.86 9.07
C ALA A 33 -1.29 -3.76 7.93
N ILE A 34 -1.73 -3.32 6.75
CA ILE A 34 -0.91 -3.30 5.51
C ILE A 34 -0.79 -1.85 5.01
N GLY A 35 0.43 -1.47 4.65
CA GLY A 35 0.74 -0.20 3.98
C GLY A 35 1.42 -0.37 2.61
N TRP A 36 1.12 0.53 1.68
CA TRP A 36 1.80 0.67 0.39
C TRP A 36 2.92 1.74 0.46
N PHE A 37 4.04 1.46 -0.20
CA PHE A 37 5.26 2.25 -0.17
C PHE A 37 5.88 2.45 -1.56
N ARG A 38 6.19 3.70 -1.94
CA ARG A 38 6.90 4.03 -3.19
C ARG A 38 8.41 3.88 -3.03
N GLN A 39 9.12 3.62 -4.13
CA GLN A 39 10.57 3.75 -4.20
C GLN A 39 11.01 4.19 -5.60
N ALA A 40 11.64 5.36 -5.68
CA ALA A 40 12.34 5.88 -6.87
C ALA A 40 13.84 5.55 -6.79
N PRO A 41 14.59 5.54 -7.92
CA PRO A 41 16.00 5.14 -7.93
C PRO A 41 16.86 6.04 -7.03
N GLY A 42 17.46 5.45 -6.00
CA GLY A 42 18.27 6.12 -4.98
C GLY A 42 17.52 6.93 -3.91
N LYS A 43 16.18 7.01 -3.98
CA LYS A 43 15.35 7.78 -3.03
C LYS A 43 14.83 6.95 -1.85
N GLU A 44 14.41 7.65 -0.81
CA GLU A 44 13.69 7.10 0.36
C GLU A 44 12.25 6.71 -0.02
N ARG A 45 11.62 5.92 0.86
CA ARG A 45 10.26 5.41 0.66
C ARG A 45 9.17 6.38 1.13
N GLU A 46 8.16 6.59 0.29
CA GLU A 46 6.92 7.32 0.66
C GLU A 46 5.87 6.35 1.16
N GLY A 47 5.27 6.63 2.32
CA GLY A 47 4.08 5.92 2.82
C GLY A 47 2.82 6.48 2.17
N VAL A 48 2.27 5.77 1.17
CA VAL A 48 1.21 6.28 0.28
C VAL A 48 -0.18 6.20 0.93
N SER A 49 -0.58 5.00 1.31
CA SER A 49 -1.85 4.69 1.95
C SER A 49 -1.77 3.36 2.68
N ALA A 50 -2.59 3.17 3.71
CA ALA A 50 -2.59 1.98 4.56
C ALA A 50 -3.98 1.66 5.13
N ILE A 51 -4.19 0.41 5.54
CA ILE A 51 -5.43 -0.08 6.14
C ILE A 51 -5.12 -0.94 7.38
N SER A 52 -5.82 -0.68 8.49
CA SER A 52 -5.58 -1.37 9.78
C SER A 52 -6.32 -2.72 9.88
N SER A 53 -6.27 -3.38 11.05
CA SER A 53 -7.08 -4.58 11.32
C SER A 53 -8.59 -4.33 11.19
N SER A 54 -9.05 -3.12 11.50
CA SER A 54 -10.43 -2.68 11.25
C SER A 54 -10.56 -2.08 9.84
N GLY A 55 -11.30 -2.78 8.95
CA GLY A 55 -11.49 -2.34 7.56
C GLY A 55 -12.27 -1.02 7.39
N GLY A 56 -12.91 -0.52 8.45
CA GLY A 56 -13.67 0.74 8.48
C GLY A 56 -12.84 2.03 8.54
N SER A 57 -11.51 1.96 8.67
CA SER A 57 -10.61 3.13 8.71
C SER A 57 -9.28 2.90 7.98
N THR A 58 -8.73 3.97 7.41
CA THR A 58 -7.57 3.96 6.49
C THR A 58 -6.72 5.22 6.60
N ASN A 59 -5.44 5.11 6.22
CA ASN A 59 -4.47 6.20 6.17
C ASN A 59 -4.20 6.66 4.72
N TYR A 60 -3.85 7.93 4.51
CA TYR A 60 -3.46 8.51 3.21
C TYR A 60 -2.43 9.64 3.35
N ALA A 61 -1.52 9.76 2.37
CA ALA A 61 -0.60 10.89 2.22
C ALA A 61 -1.31 12.17 1.73
N ASP A 62 -0.85 13.35 2.16
CA ASP A 62 -1.41 14.64 1.71
C ASP A 62 -1.28 14.87 0.19
N SER A 63 -0.28 14.25 -0.46
CA SER A 63 -0.08 14.25 -1.91
C SER A 63 -1.06 13.37 -2.70
N VAL A 64 -1.85 12.52 -2.04
CA VAL A 64 -2.73 11.52 -2.68
C VAL A 64 -4.19 11.56 -2.19
N LYS A 65 -4.45 12.15 -1.03
CA LYS A 65 -5.80 12.41 -0.50
C LYS A 65 -6.70 13.03 -1.57
N GLY A 66 -7.84 12.40 -1.82
CA GLY A 66 -8.81 12.80 -2.86
C GLY A 66 -8.55 12.24 -4.27
N ARG A 67 -7.44 11.52 -4.52
CA ARG A 67 -7.19 10.83 -5.81
C ARG A 67 -6.72 9.38 -5.69
N PHE A 68 -6.15 8.97 -4.56
CA PHE A 68 -5.86 7.56 -4.21
C PHE A 68 -6.90 7.02 -3.22
N THR A 69 -7.16 5.71 -3.27
CA THR A 69 -8.12 5.00 -2.40
C THR A 69 -7.67 3.56 -2.14
N ILE A 70 -7.48 3.18 -0.88
CA ILE A 70 -7.14 1.81 -0.47
C ILE A 70 -8.39 1.04 0.03
N SER A 71 -8.38 -0.28 -0.15
CA SER A 71 -9.35 -1.23 0.42
C SER A 71 -8.73 -2.63 0.52
N ARG A 72 -9.29 -3.51 1.33
CA ARG A 72 -8.85 -4.92 1.45
C ARG A 72 -9.97 -5.93 1.24
N ASP A 73 -9.57 -7.16 0.94
CA ASP A 73 -10.43 -8.34 0.79
C ASP A 73 -9.84 -9.52 1.56
N ASN A 74 -10.55 -9.97 2.61
CA ASN A 74 -10.12 -11.04 3.51
C ASN A 74 -10.46 -12.46 2.99
N ALA A 75 -11.30 -12.60 1.97
CA ALA A 75 -11.51 -13.87 1.27
C ALA A 75 -10.41 -14.13 0.22
N LYS A 76 -9.99 -13.09 -0.51
CA LYS A 76 -8.85 -13.11 -1.44
C LYS A 76 -7.48 -12.94 -0.77
N ASN A 77 -7.46 -12.56 0.52
CA ASN A 77 -6.27 -12.25 1.32
C ASN A 77 -5.35 -11.22 0.62
N THR A 78 -5.95 -10.16 0.09
CA THR A 78 -5.29 -9.13 -0.75
C THR A 78 -5.74 -7.71 -0.38
N VAL A 79 -4.79 -6.75 -0.37
CA VAL A 79 -5.08 -5.32 -0.25
C VAL A 79 -4.97 -4.63 -1.61
N TYR A 80 -6.03 -3.96 -2.04
CA TYR A 80 -6.10 -3.24 -3.31
C TYR A 80 -5.89 -1.73 -3.11
N LEU A 81 -5.08 -1.12 -3.97
CA LEU A 81 -4.87 0.33 -4.02
C LEU A 81 -5.26 0.88 -5.39
N GLN A 82 -6.41 1.55 -5.43
CA GLN A 82 -6.84 2.35 -6.59
C GLN A 82 -6.12 3.71 -6.57
N MET A 83 -5.71 4.21 -7.74
CA MET A 83 -5.15 5.54 -7.90
C MET A 83 -5.69 6.22 -9.17
N ASN A 84 -5.86 7.54 -9.12
CA ASN A 84 -6.47 8.37 -10.15
C ASN A 84 -5.75 9.74 -10.23
N SER A 85 -6.12 10.60 -11.19
CA SER A 85 -5.53 11.95 -11.37
C SER A 85 -4.00 11.92 -11.40
N LEU A 86 -3.43 10.97 -12.14
CA LEU A 86 -2.01 10.64 -12.10
C LEU A 86 -1.12 11.67 -12.81
N LYS A 87 -0.01 12.00 -12.17
CA LYS A 87 1.03 12.92 -12.64
C LYS A 87 2.32 12.16 -12.98
N PRO A 88 3.22 12.71 -13.80
CA PRO A 88 4.56 12.15 -13.99
C PRO A 88 5.34 11.94 -12.69
N GLU A 89 5.17 12.82 -11.69
CA GLU A 89 5.82 12.70 -10.38
C GLU A 89 5.34 11.52 -9.51
N ASP A 90 4.26 10.84 -9.89
CA ASP A 90 3.77 9.61 -9.24
C ASP A 90 4.56 8.35 -9.67
N THR A 91 5.38 8.42 -10.72
CA THR A 91 6.21 7.32 -11.24
C THR A 91 7.20 6.80 -10.19
N ALA A 92 7.10 5.51 -9.85
CA ALA A 92 7.96 4.79 -8.89
C ALA A 92 7.65 3.28 -8.91
N VAL A 93 8.46 2.46 -8.21
CA VAL A 93 8.11 1.07 -7.91
C VAL A 93 7.30 1.05 -6.61
N TYR A 94 6.15 0.39 -6.60
CA TYR A 94 5.26 0.30 -5.44
C TYR A 94 5.42 -1.07 -4.75
N TYR A 95 5.80 -1.03 -3.47
CA TYR A 95 5.94 -2.17 -2.57
C TYR A 95 4.82 -2.19 -1.51
N CYS A 96 4.57 -3.33 -0.89
CA CYS A 96 3.68 -3.43 0.28
C CYS A 96 4.30 -4.27 1.41
N ALA A 97 3.78 -4.13 2.63
CA ALA A 97 4.27 -4.83 3.81
C ALA A 97 3.19 -4.85 4.90
N ALA A 98 3.26 -5.82 5.80
CA ALA A 98 2.31 -6.01 6.90
C ALA A 98 2.94 -5.82 8.29
N VAL A 99 2.10 -5.62 9.30
CA VAL A 99 2.45 -5.58 10.73
C VAL A 99 1.37 -6.32 11.54
N ASP A 100 1.80 -7.10 12.54
CA ASP A 100 0.96 -7.94 13.41
C ASP A 100 0.11 -7.12 14.40
N ASP A 101 -0.79 -6.30 13.87
CA ASP A 101 -1.59 -5.30 14.58
C ASP A 101 -2.49 -5.92 15.68
N VAL A 102 -3.07 -7.12 15.47
CA VAL A 102 -3.72 -7.92 16.52
C VAL A 102 -2.65 -8.68 17.33
N GLY A 103 -1.73 -7.93 17.93
CA GLY A 103 -0.58 -8.44 18.70
C GLY A 103 0.34 -7.35 19.26
N THR A 104 0.63 -6.30 18.48
CA THR A 104 1.32 -5.08 18.94
C THR A 104 0.44 -4.22 19.85
N THR A 105 1.06 -3.24 20.54
CA THR A 105 0.34 -2.18 21.29
C THR A 105 -0.40 -1.20 20.36
N VAL A 106 -1.07 -0.19 20.92
CA VAL A 106 -1.93 0.78 20.20
C VAL A 106 -1.18 1.47 19.06
N GLN A 107 -1.74 1.41 17.84
CA GLN A 107 -1.27 2.19 16.70
C GLN A 107 -1.79 3.64 16.79
N ALA A 108 -0.87 4.60 16.70
CA ALA A 108 -1.20 6.01 16.53
C ALA A 108 -1.96 6.30 15.21
N MET A 109 -2.60 7.47 15.13
CA MET A 109 -3.28 7.98 13.93
C MET A 109 -2.31 8.52 12.85
N ALA A 110 -1.16 7.87 12.66
CA ALA A 110 -0.05 8.28 11.80
C ALA A 110 0.70 7.07 11.19
N VAL A 111 1.60 7.34 10.25
CA VAL A 111 2.48 6.35 9.58
C VAL A 111 3.98 6.56 9.91
N HIS A 112 4.26 7.22 11.04
CA HIS A 112 5.60 7.62 11.50
C HIS A 112 5.89 7.21 12.96
N GLU A 113 5.17 6.21 13.46
CA GLU A 113 5.41 5.55 14.75
C GLU A 113 6.78 4.83 14.79
N PRO A 114 7.36 4.54 15.98
CA PRO A 114 8.69 3.92 16.09
C PRO A 114 8.73 2.44 15.65
N TYR A 115 7.59 1.74 15.61
CA TYR A 115 7.48 0.39 15.06
C TYR A 115 7.53 0.42 13.52
N GLU A 116 8.10 -0.62 12.89
CA GLU A 116 8.29 -0.72 11.44
C GLU A 116 8.10 -2.14 10.90
N TYR A 117 7.88 -2.23 9.58
CA TYR A 117 7.42 -3.42 8.86
C TYR A 117 8.56 -4.41 8.54
N ASP A 118 9.39 -4.11 7.53
CA ASP A 118 10.52 -4.93 7.04
C ASP A 118 10.17 -6.38 6.59
N TYR A 119 8.90 -6.66 6.27
CA TYR A 119 8.46 -7.95 5.72
C TYR A 119 8.88 -8.14 4.25
N TRP A 120 8.79 -9.39 3.76
CA TRP A 120 9.05 -9.79 2.38
C TRP A 120 8.19 -9.05 1.34
N GLY A 121 8.70 -8.94 0.11
CA GLY A 121 8.02 -8.34 -1.04
C GLY A 121 8.85 -8.41 -2.32
N GLN A 122 8.25 -8.06 -3.46
CA GLN A 122 8.85 -8.07 -4.79
C GLN A 122 8.77 -6.68 -5.48
N GLY A 123 7.72 -5.93 -5.20
CA GLY A 123 7.40 -4.63 -5.81
C GLY A 123 6.76 -4.74 -7.20
N THR A 124 6.00 -3.73 -7.59
CA THR A 124 5.35 -3.61 -8.91
C THR A 124 5.60 -2.23 -9.51
N GLN A 125 6.08 -2.17 -10.76
CA GLN A 125 6.57 -0.95 -11.40
C GLN A 125 5.41 -0.07 -11.92
N VAL A 126 5.38 1.21 -11.55
CA VAL A 126 4.39 2.19 -12.05
C VAL A 126 5.07 3.37 -12.74
N THR A 127 4.73 3.60 -14.01
CA THR A 127 5.16 4.77 -14.80
C THR A 127 3.96 5.56 -15.32
N VAL A 128 4.06 6.89 -15.25
CA VAL A 128 3.05 7.83 -15.74
C VAL A 128 3.64 8.69 -16.86
N SER A 129 3.23 8.44 -18.11
CA SER A 129 3.78 9.07 -19.32
C SER A 129 2.87 8.85 -20.55
N SER A 130 2.68 9.91 -21.35
CA SER A 130 1.79 9.92 -22.54
C SER A 130 2.37 9.15 -23.73
N GLN A 1 8.19 -18.88 7.55
CA GLN A 1 8.13 -17.47 7.06
C GLN A 1 6.93 -17.29 6.13
N VAL A 2 6.25 -16.13 6.21
CA VAL A 2 5.16 -15.76 5.29
C VAL A 2 5.65 -15.42 3.87
N GLN A 3 4.71 -15.32 2.93
CA GLN A 3 4.93 -14.88 1.55
C GLN A 3 3.97 -13.73 1.19
N LEU A 4 4.48 -12.69 0.53
CA LEU A 4 3.71 -11.59 -0.05
C LEU A 4 3.98 -11.52 -1.57
N GLN A 5 3.00 -11.03 -2.34
CA GLN A 5 3.06 -10.89 -3.80
C GLN A 5 2.44 -9.55 -4.22
N GLU A 6 2.95 -8.93 -5.29
CA GLU A 6 2.48 -7.64 -5.80
C GLU A 6 2.12 -7.71 -7.29
N SER A 7 1.08 -6.96 -7.68
CA SER A 7 0.54 -6.97 -9.04
C SER A 7 -0.20 -5.66 -9.36
N GLY A 8 -0.57 -5.48 -10.64
CA GLY A 8 -1.35 -4.36 -11.16
C GLY A 8 -0.54 -3.13 -11.59
N GLY A 9 0.70 -2.98 -11.12
CA GLY A 9 1.58 -1.88 -11.56
C GLY A 9 1.98 -2.00 -13.04
N GLY A 10 2.03 -0.87 -13.73
CA GLY A 10 2.46 -0.77 -15.13
C GLY A 10 2.58 0.67 -15.64
N LEU A 11 2.66 0.82 -16.97
CA LEU A 11 2.61 2.11 -17.67
C LEU A 11 1.18 2.61 -17.80
N VAL A 12 0.96 3.92 -17.58
CA VAL A 12 -0.32 4.62 -17.76
C VAL A 12 -0.07 6.06 -18.22
N GLN A 13 -1.00 6.66 -18.96
CA GLN A 13 -0.92 8.08 -19.34
C GLN A 13 -1.11 9.04 -18.15
N PRO A 14 -0.60 10.28 -18.26
CA PRO A 14 -0.91 11.35 -17.31
C PRO A 14 -2.41 11.68 -17.37
N GLY A 15 -2.99 11.98 -16.22
CA GLY A 15 -4.43 12.14 -16.00
C GLY A 15 -5.20 10.82 -15.90
N GLY A 16 -4.54 9.68 -16.09
CA GLY A 16 -5.12 8.34 -15.97
C GLY A 16 -5.31 7.86 -14.53
N SER A 17 -5.62 6.57 -14.38
CA SER A 17 -5.84 5.88 -13.11
C SER A 17 -5.29 4.44 -13.15
N LEU A 18 -5.05 3.88 -11.97
CA LEU A 18 -4.45 2.55 -11.78
C LEU A 18 -5.04 1.80 -10.58
N ARG A 19 -4.80 0.48 -10.56
CA ARG A 19 -5.18 -0.44 -9.48
C ARG A 19 -4.03 -1.40 -9.19
N LEU A 20 -3.51 -1.35 -7.96
CA LEU A 20 -2.50 -2.29 -7.43
C LEU A 20 -3.14 -3.33 -6.49
N SER A 21 -2.42 -4.45 -6.30
CA SER A 21 -2.85 -5.59 -5.48
C SER A 21 -1.67 -6.19 -4.69
N CYS A 22 -1.81 -6.29 -3.37
CA CYS A 22 -0.87 -6.92 -2.44
C CYS A 22 -1.48 -8.22 -1.89
N ALA A 23 -1.20 -9.36 -2.53
CA ALA A 23 -1.69 -10.67 -2.10
C ALA A 23 -0.74 -11.32 -1.06
N ALA A 24 -1.27 -12.20 -0.21
CA ALA A 24 -0.51 -12.84 0.87
C ALA A 24 -0.79 -14.34 1.04
N SER A 25 0.20 -15.07 1.54
CA SER A 25 0.13 -16.50 1.87
C SER A 25 1.00 -16.85 3.09
N GLY A 26 0.66 -17.93 3.80
CA GLY A 26 1.25 -18.31 5.09
C GLY A 26 0.69 -17.56 6.31
N PHE A 27 -0.14 -16.53 6.09
CA PHE A 27 -0.90 -15.79 7.10
C PHE A 27 -2.19 -15.21 6.50
N THR A 28 -3.14 -14.88 7.37
CA THR A 28 -4.43 -14.28 7.00
C THR A 28 -4.44 -12.79 7.32
N LEU A 29 -4.82 -11.96 6.36
CA LEU A 29 -4.71 -10.48 6.45
C LEU A 29 -5.60 -9.85 7.53
N ASP A 30 -6.65 -10.55 7.94
CA ASP A 30 -7.67 -10.09 8.89
C ASP A 30 -7.08 -9.46 10.17
N TYR A 31 -6.09 -10.14 10.75
CA TYR A 31 -5.40 -9.74 11.98
C TYR A 31 -4.28 -8.71 11.76
N TYR A 32 -3.97 -8.36 10.51
CA TYR A 32 -2.81 -7.58 10.11
C TYR A 32 -3.19 -6.21 9.51
N ALA A 33 -2.29 -5.24 9.69
CA ALA A 33 -2.31 -3.97 8.98
C ALA A 33 -1.34 -4.04 7.79
N ILE A 34 -1.68 -3.38 6.69
CA ILE A 34 -0.88 -3.37 5.46
C ILE A 34 -0.73 -1.93 4.96
N GLY A 35 0.50 -1.57 4.57
CA GLY A 35 0.85 -0.27 4.02
C GLY A 35 1.58 -0.38 2.70
N TRP A 36 1.17 0.43 1.73
CA TRP A 36 1.86 0.64 0.47
C TRP A 36 2.90 1.76 0.60
N PHE A 37 4.06 1.56 -0.01
CA PHE A 37 5.16 2.51 -0.11
C PHE A 37 5.53 2.67 -1.59
N ARG A 38 6.26 3.73 -1.95
CA ARG A 38 6.86 3.89 -3.28
C ARG A 38 8.26 4.51 -3.24
N GLN A 39 9.09 4.13 -4.20
CA GLN A 39 10.53 4.39 -4.24
C GLN A 39 11.01 4.71 -5.66
N ALA A 40 11.96 5.64 -5.82
CA ALA A 40 12.59 6.05 -7.07
C ALA A 40 14.07 6.43 -6.87
N PRO A 41 14.93 6.36 -7.90
CA PRO A 41 16.39 6.53 -7.75
C PRO A 41 16.83 7.93 -7.27
N GLY A 42 16.05 8.98 -7.55
CA GLY A 42 16.27 10.35 -7.06
C GLY A 42 15.58 10.68 -5.72
N LYS A 43 14.87 9.71 -5.12
CA LYS A 43 13.96 9.85 -3.97
C LYS A 43 14.32 8.92 -2.81
N GLU A 44 13.58 9.07 -1.72
CA GLU A 44 13.53 8.16 -0.57
C GLU A 44 12.40 7.12 -0.74
N ARG A 45 12.14 6.31 0.29
CA ARG A 45 10.95 5.45 0.38
C ARG A 45 9.86 6.27 1.08
N GLU A 46 8.80 6.65 0.37
CA GLU A 46 7.65 7.37 0.93
C GLU A 46 6.44 6.43 1.10
N GLY A 47 5.69 6.60 2.20
CA GLY A 47 4.42 5.91 2.41
C GLY A 47 3.32 6.53 1.56
N VAL A 48 2.42 5.70 1.02
CA VAL A 48 1.37 6.12 0.08
C VAL A 48 0.01 6.07 0.76
N SER A 49 -0.43 4.86 1.15
CA SER A 49 -1.68 4.60 1.86
C SER A 49 -1.61 3.30 2.65
N ALA A 50 -2.38 3.17 3.72
CA ALA A 50 -2.40 1.99 4.59
C ALA A 50 -3.80 1.72 5.19
N ILE A 51 -4.04 0.47 5.59
CA ILE A 51 -5.29 -0.01 6.18
C ILE A 51 -5.01 -0.93 7.37
N SER A 52 -5.74 -0.73 8.48
CA SER A 52 -5.59 -1.48 9.74
C SER A 52 -6.58 -2.64 9.89
N SER A 53 -6.48 -3.41 10.99
CA SER A 53 -7.43 -4.47 11.35
C SER A 53 -8.86 -3.97 11.61
N SER A 54 -9.07 -2.66 11.76
CA SER A 54 -10.39 -2.02 11.80
C SER A 54 -11.15 -2.17 10.47
N GLY A 55 -10.45 -2.15 9.34
CA GLY A 55 -11.01 -2.15 7.98
C GLY A 55 -11.66 -0.82 7.57
N GLY A 56 -12.44 -0.20 8.46
CA GLY A 56 -13.01 1.14 8.28
C GLY A 56 -11.99 2.28 8.45
N SER A 57 -10.93 2.07 9.24
CA SER A 57 -9.83 3.02 9.45
C SER A 57 -8.75 2.86 8.39
N THR A 58 -8.43 3.96 7.70
CA THR A 58 -7.43 4.02 6.61
C THR A 58 -6.59 5.30 6.70
N ASN A 59 -5.36 5.23 6.23
CA ASN A 59 -4.39 6.33 6.19
C ASN A 59 -3.95 6.67 4.76
N TYR A 60 -3.62 7.95 4.50
CA TYR A 60 -3.23 8.48 3.19
C TYR A 60 -2.20 9.61 3.29
N ALA A 61 -1.26 9.68 2.35
CA ALA A 61 -0.28 10.77 2.22
C ALA A 61 -0.89 12.07 1.65
N ASP A 62 -0.34 13.23 2.01
CA ASP A 62 -0.79 14.54 1.49
C ASP A 62 -0.63 14.69 -0.04
N SER A 63 0.31 13.97 -0.64
CA SER A 63 0.52 13.90 -2.11
C SER A 63 -0.56 13.09 -2.85
N VAL A 64 -1.39 12.31 -2.13
CA VAL A 64 -2.31 11.32 -2.72
C VAL A 64 -3.76 11.44 -2.23
N LYS A 65 -3.99 12.11 -1.10
CA LYS A 65 -5.31 12.41 -0.55
C LYS A 65 -6.23 13.03 -1.61
N GLY A 66 -7.40 12.42 -1.81
CA GLY A 66 -8.38 12.76 -2.86
C GLY A 66 -8.18 12.04 -4.21
N ARG A 67 -7.01 11.42 -4.46
CA ARG A 67 -6.71 10.61 -5.67
C ARG A 67 -6.62 9.12 -5.38
N PHE A 68 -5.93 8.75 -4.31
CA PHE A 68 -5.67 7.36 -3.92
C PHE A 68 -6.71 6.86 -2.92
N THR A 69 -7.03 5.57 -2.99
CA THR A 69 -8.03 4.89 -2.15
C THR A 69 -7.62 3.43 -1.91
N ILE A 70 -7.43 3.03 -0.65
CA ILE A 70 -7.07 1.66 -0.27
C ILE A 70 -8.28 0.87 0.25
N SER A 71 -8.27 -0.45 0.03
CA SER A 71 -9.26 -1.39 0.59
C SER A 71 -8.70 -2.81 0.68
N ARG A 72 -8.94 -3.53 1.78
CA ARG A 72 -8.55 -4.95 1.96
C ARG A 72 -9.72 -5.90 1.79
N ASP A 73 -9.41 -7.10 1.30
CA ASP A 73 -10.35 -8.21 1.15
C ASP A 73 -9.78 -9.47 1.84
N ASN A 74 -10.42 -9.87 2.94
CA ASN A 74 -9.97 -10.97 3.80
C ASN A 74 -10.41 -12.36 3.29
N ALA A 75 -11.32 -12.45 2.31
CA ALA A 75 -11.65 -13.70 1.62
C ALA A 75 -10.65 -13.99 0.48
N LYS A 76 -10.25 -12.95 -0.27
CA LYS A 76 -9.20 -13.00 -1.31
C LYS A 76 -7.77 -12.96 -0.75
N ASN A 77 -7.63 -12.60 0.54
CA ASN A 77 -6.35 -12.38 1.25
C ASN A 77 -5.43 -11.38 0.51
N THR A 78 -6.02 -10.28 0.02
CA THR A 78 -5.36 -9.25 -0.80
C THR A 78 -5.75 -7.84 -0.39
N VAL A 79 -4.80 -6.89 -0.44
CA VAL A 79 -5.04 -5.45 -0.28
C VAL A 79 -4.94 -4.73 -1.61
N TYR A 80 -6.00 -4.03 -2.00
CA TYR A 80 -6.11 -3.29 -3.25
C TYR A 80 -5.89 -1.79 -3.02
N LEU A 81 -5.11 -1.16 -3.90
CA LEU A 81 -4.89 0.29 -3.91
C LEU A 81 -5.28 0.90 -5.26
N GLN A 82 -6.39 1.61 -5.28
CA GLN A 82 -6.82 2.45 -6.41
C GLN A 82 -6.07 3.80 -6.39
N MET A 83 -5.78 4.36 -7.57
CA MET A 83 -5.19 5.70 -7.72
C MET A 83 -5.74 6.42 -8.96
N ASN A 84 -5.89 7.76 -8.94
CA ASN A 84 -6.56 8.53 -10.00
C ASN A 84 -5.81 9.85 -10.31
N SER A 85 -6.16 10.51 -11.42
CA SER A 85 -5.61 11.81 -11.84
C SER A 85 -4.07 11.85 -11.74
N LEU A 86 -3.42 10.84 -12.32
CA LEU A 86 -1.99 10.57 -12.14
C LEU A 86 -1.07 11.59 -12.82
N LYS A 87 -0.02 12.00 -12.12
CA LYS A 87 1.01 12.93 -12.57
C LYS A 87 2.31 12.20 -12.90
N PRO A 88 3.23 12.79 -13.68
CA PRO A 88 4.56 12.22 -13.88
C PRO A 88 5.34 11.95 -12.58
N GLU A 89 5.16 12.78 -11.54
CA GLU A 89 5.80 12.59 -10.22
C GLU A 89 5.26 11.38 -9.41
N ASP A 90 4.17 10.74 -9.84
CA ASP A 90 3.70 9.46 -9.29
C ASP A 90 4.48 8.24 -9.83
N THR A 91 5.37 8.43 -10.82
CA THR A 91 6.25 7.38 -11.36
C THR A 91 7.25 6.89 -10.30
N ALA A 92 7.13 5.63 -9.91
CA ALA A 92 7.95 4.97 -8.88
C ALA A 92 7.68 3.45 -8.85
N VAL A 93 8.56 2.71 -8.18
CA VAL A 93 8.33 1.30 -7.85
C VAL A 93 7.59 1.27 -6.50
N TYR A 94 6.39 0.71 -6.51
CA TYR A 94 5.57 0.50 -5.31
C TYR A 94 6.00 -0.79 -4.60
N TYR A 95 5.77 -0.85 -3.29
CA TYR A 95 6.08 -1.97 -2.39
C TYR A 95 4.96 -2.14 -1.35
N CYS A 96 4.65 -3.37 -0.94
CA CYS A 96 3.71 -3.65 0.16
C CYS A 96 4.31 -4.53 1.27
N ALA A 97 3.64 -4.61 2.43
CA ALA A 97 4.16 -5.20 3.66
C ALA A 97 3.03 -5.42 4.68
N ALA A 98 3.26 -6.26 5.70
CA ALA A 98 2.28 -6.55 6.75
C ALA A 98 2.87 -6.53 8.17
N VAL A 99 2.01 -6.21 9.15
CA VAL A 99 2.29 -6.18 10.60
C VAL A 99 1.11 -6.71 11.39
N ASP A 100 1.36 -7.49 12.45
CA ASP A 100 0.34 -8.11 13.31
C ASP A 100 -0.33 -7.07 14.23
N ASP A 101 -1.19 -6.25 13.64
CA ASP A 101 -1.85 -5.08 14.23
C ASP A 101 -2.61 -5.35 15.53
N VAL A 102 -3.20 -6.54 15.67
CA VAL A 102 -3.87 -6.99 16.91
C VAL A 102 -2.94 -7.07 18.13
N GLY A 103 -1.62 -7.11 17.92
CA GLY A 103 -0.59 -7.10 18.96
C GLY A 103 -0.05 -5.71 19.34
N THR A 104 -0.58 -4.62 18.76
CA THR A 104 -0.06 -3.24 18.95
C THR A 104 -0.18 -2.78 20.41
N THR A 105 0.89 -2.17 20.93
CA THR A 105 1.01 -1.70 22.33
C THR A 105 1.14 -0.17 22.50
N VAL A 106 1.43 0.57 21.42
CA VAL A 106 1.69 2.02 21.47
C VAL A 106 0.40 2.82 21.73
N GLN A 107 0.50 3.91 22.50
CA GLN A 107 -0.65 4.70 23.01
C GLN A 107 -0.98 5.93 22.15
N ALA A 108 -0.43 5.98 20.94
CA ALA A 108 -0.44 7.12 20.04
C ALA A 108 -1.77 7.31 19.27
N MET A 109 -1.92 8.49 18.65
CA MET A 109 -3.14 8.94 17.96
C MET A 109 -2.88 9.58 16.59
N ALA A 110 -1.67 9.41 16.04
CA ALA A 110 -1.21 10.00 14.77
C ALA A 110 -0.17 9.11 14.07
N VAL A 111 0.06 9.34 12.77
CA VAL A 111 1.00 8.61 11.90
C VAL A 111 2.48 8.98 12.12
N HIS A 112 2.90 9.08 13.39
CA HIS A 112 4.29 9.32 13.79
C HIS A 112 5.23 8.16 13.43
N GLU A 113 4.72 6.92 13.43
CA GLU A 113 5.39 5.68 13.01
C GLU A 113 6.78 5.46 13.69
N PRO A 114 6.82 5.26 15.01
CA PRO A 114 8.03 4.91 15.77
C PRO A 114 8.54 3.48 15.46
N TYR A 115 7.69 2.66 14.81
CA TYR A 115 7.92 1.29 14.35
C TYR A 115 7.12 1.04 13.07
N GLU A 116 7.55 0.10 12.22
CA GLU A 116 6.92 -0.26 10.96
C GLU A 116 7.09 -1.77 10.64
N TYR A 117 6.35 -2.21 9.62
CA TYR A 117 6.20 -3.58 9.12
C TYR A 117 7.49 -4.40 9.02
N ASP A 118 7.48 -5.65 9.51
CA ASP A 118 8.61 -6.58 9.44
C ASP A 118 8.81 -7.20 8.05
N TYR A 119 7.72 -7.61 7.39
CA TYR A 119 7.73 -8.29 6.10
C TYR A 119 7.77 -7.31 4.91
N TRP A 120 8.00 -7.82 3.70
CA TRP A 120 7.91 -7.06 2.44
C TRP A 120 7.60 -7.96 1.23
N GLY A 121 6.89 -7.41 0.25
CA GLY A 121 6.69 -8.01 -1.09
C GLY A 121 7.82 -7.67 -2.07
N GLN A 122 7.79 -8.29 -3.26
CA GLN A 122 8.85 -8.15 -4.28
C GLN A 122 8.85 -6.80 -5.02
N GLY A 123 7.87 -5.93 -4.77
CA GLY A 123 7.66 -4.67 -5.49
C GLY A 123 6.90 -4.81 -6.81
N THR A 124 6.26 -3.73 -7.25
CA THR A 124 5.63 -3.59 -8.58
C THR A 124 5.84 -2.19 -9.18
N GLN A 125 6.32 -2.12 -10.42
CA GLN A 125 6.74 -0.89 -11.10
C GLN A 125 5.54 -0.08 -11.61
N VAL A 126 5.54 1.25 -11.43
CA VAL A 126 4.54 2.16 -12.03
C VAL A 126 5.20 3.35 -12.72
N THR A 127 4.87 3.59 -14.00
CA THR A 127 5.26 4.76 -14.79
C THR A 127 4.05 5.52 -15.31
N VAL A 128 4.12 6.85 -15.24
CA VAL A 128 3.10 7.78 -15.75
C VAL A 128 3.68 8.61 -16.90
N SER A 129 3.25 8.31 -18.13
CA SER A 129 3.77 8.91 -19.37
C SER A 129 2.86 8.61 -20.57
N SER A 130 2.67 9.60 -21.46
CA SER A 130 1.78 9.56 -22.63
C SER A 130 2.35 8.72 -23.79
N GLN A 1 9.59 -18.21 6.04
CA GLN A 1 8.86 -16.96 6.33
C GLN A 1 7.69 -16.74 5.36
N VAL A 2 6.80 -15.79 5.69
CA VAL A 2 5.66 -15.40 4.82
C VAL A 2 6.11 -14.80 3.48
N GLN A 3 5.19 -14.72 2.51
CA GLN A 3 5.41 -14.08 1.22
C GLN A 3 4.29 -13.09 0.89
N LEU A 4 4.66 -11.85 0.56
CA LEU A 4 3.76 -10.83 0.02
C LEU A 4 4.08 -10.66 -1.49
N GLN A 5 3.06 -10.39 -2.29
CA GLN A 5 3.13 -10.40 -3.76
C GLN A 5 2.31 -9.25 -4.35
N GLU A 6 3.01 -8.19 -4.74
CA GLU A 6 2.46 -7.02 -5.43
C GLU A 6 2.18 -7.32 -6.91
N SER A 7 1.09 -6.75 -7.42
CA SER A 7 0.68 -6.82 -8.83
C SER A 7 -0.18 -5.61 -9.23
N GLY A 8 -0.56 -5.53 -10.51
CA GLY A 8 -1.36 -4.45 -11.10
C GLY A 8 -0.58 -3.21 -11.52
N GLY A 9 0.68 -3.05 -11.11
CA GLY A 9 1.54 -1.95 -11.57
C GLY A 9 1.93 -2.08 -13.05
N GLY A 10 1.98 -0.95 -13.75
CA GLY A 10 2.41 -0.86 -15.15
C GLY A 10 2.56 0.58 -15.66
N LEU A 11 2.71 0.72 -16.99
CA LEU A 11 2.69 2.00 -17.68
C LEU A 11 1.25 2.53 -17.84
N VAL A 12 1.04 3.82 -17.60
CA VAL A 12 -0.24 4.53 -17.77
C VAL A 12 -0.01 5.97 -18.22
N GLN A 13 -0.92 6.56 -18.99
CA GLN A 13 -0.86 7.96 -19.40
C GLN A 13 -1.10 8.95 -18.24
N PRO A 14 -0.55 10.18 -18.33
CA PRO A 14 -0.81 11.24 -17.36
C PRO A 14 -2.28 11.67 -17.40
N GLY A 15 -2.83 11.94 -16.21
CA GLY A 15 -4.27 12.16 -15.99
C GLY A 15 -5.09 10.86 -15.89
N GLY A 16 -4.47 9.70 -16.11
CA GLY A 16 -5.10 8.38 -15.99
C GLY A 16 -5.28 7.91 -14.53
N SER A 17 -5.57 6.61 -14.38
CA SER A 17 -5.81 5.92 -13.11
C SER A 17 -5.29 4.48 -13.16
N LEU A 18 -5.09 3.87 -11.99
CA LEU A 18 -4.49 2.55 -11.81
C LEU A 18 -5.07 1.80 -10.60
N ARG A 19 -4.87 0.48 -10.57
CA ARG A 19 -5.30 -0.42 -9.51
C ARG A 19 -4.19 -1.42 -9.19
N LEU A 20 -3.53 -1.23 -8.04
CA LEU A 20 -2.55 -2.16 -7.47
C LEU A 20 -3.22 -3.20 -6.57
N SER A 21 -2.52 -4.30 -6.32
CA SER A 21 -2.95 -5.40 -5.44
C SER A 21 -1.77 -6.04 -4.69
N CYS A 22 -1.91 -6.22 -3.37
CA CYS A 22 -0.94 -6.85 -2.47
C CYS A 22 -1.52 -8.18 -1.97
N ALA A 23 -1.30 -9.28 -2.70
CA ALA A 23 -1.69 -10.61 -2.27
C ALA A 23 -0.70 -11.19 -1.26
N ALA A 24 -1.14 -12.08 -0.37
CA ALA A 24 -0.29 -12.67 0.68
C ALA A 24 -0.47 -14.19 0.86
N SER A 25 0.61 -14.83 1.35
CA SER A 25 0.68 -16.25 1.66
C SER A 25 1.54 -16.52 2.90
N GLY A 26 1.20 -17.56 3.67
CA GLY A 26 1.81 -17.91 4.96
C GLY A 26 1.15 -17.24 6.18
N PHE A 27 0.25 -16.27 5.97
CA PHE A 27 -0.57 -15.61 6.99
C PHE A 27 -1.88 -15.08 6.39
N THR A 28 -2.86 -14.81 7.26
CA THR A 28 -4.17 -14.27 6.87
C THR A 28 -4.27 -12.78 7.22
N LEU A 29 -4.67 -11.95 6.25
CA LEU A 29 -4.61 -10.48 6.35
C LEU A 29 -5.56 -9.86 7.36
N ASP A 30 -6.62 -10.59 7.73
CA ASP A 30 -7.67 -10.17 8.67
C ASP A 30 -7.08 -9.62 9.98
N TYR A 31 -6.07 -10.30 10.52
CA TYR A 31 -5.40 -9.97 11.77
C TYR A 31 -4.28 -8.92 11.63
N TYR A 32 -4.00 -8.44 10.42
CA TYR A 32 -2.87 -7.57 10.13
C TYR A 32 -3.29 -6.22 9.53
N ALA A 33 -2.47 -5.19 9.77
CA ALA A 33 -2.56 -3.92 9.08
C ALA A 33 -1.53 -3.92 7.93
N ILE A 34 -1.96 -3.50 6.74
CA ILE A 34 -1.11 -3.50 5.53
C ILE A 34 -0.87 -2.06 5.10
N GLY A 35 0.39 -1.75 4.75
CA GLY A 35 0.82 -0.45 4.22
C GLY A 35 1.54 -0.59 2.88
N TRP A 36 1.15 0.24 1.91
CA TRP A 36 1.86 0.45 0.65
C TRP A 36 2.92 1.54 0.82
N PHE A 37 4.07 1.35 0.17
CA PHE A 37 5.21 2.26 0.13
C PHE A 37 5.70 2.37 -1.31
N ARG A 38 6.42 3.44 -1.67
CA ARG A 38 6.98 3.58 -3.01
C ARG A 38 8.36 4.24 -3.02
N GLN A 39 9.16 3.91 -4.03
CA GLN A 39 10.43 4.56 -4.36
C GLN A 39 10.45 5.00 -5.83
N ALA A 40 10.47 6.32 -6.03
CA ALA A 40 10.70 6.95 -7.33
C ALA A 40 12.20 6.83 -7.74
N PRO A 41 12.53 6.94 -9.04
CA PRO A 41 13.91 6.72 -9.51
C PRO A 41 14.90 7.70 -8.85
N GLY A 42 15.83 7.14 -8.08
CA GLY A 42 16.84 7.88 -7.30
C GLY A 42 16.36 8.52 -5.99
N LYS A 43 15.07 8.43 -5.64
CA LYS A 43 14.47 9.03 -4.43
C LYS A 43 14.36 8.08 -3.25
N GLU A 44 14.15 8.68 -2.07
CA GLU A 44 13.83 8.01 -0.81
C GLU A 44 12.45 7.33 -0.87
N ARG A 45 12.22 6.38 0.05
CA ARG A 45 10.93 5.70 0.23
C ARG A 45 9.93 6.59 0.96
N GLU A 46 8.68 6.57 0.50
CA GLU A 46 7.53 7.18 1.18
C GLU A 46 6.38 6.18 1.33
N GLY A 47 5.66 6.23 2.47
CA GLY A 47 4.41 5.50 2.66
C GLY A 47 3.27 6.16 1.89
N VAL A 48 2.55 5.39 1.08
CA VAL A 48 1.53 5.91 0.15
C VAL A 48 0.14 5.92 0.80
N SER A 49 -0.31 4.74 1.24
CA SER A 49 -1.58 4.52 1.93
C SER A 49 -1.53 3.21 2.73
N ALA A 50 -2.33 3.10 3.80
CA ALA A 50 -2.38 1.92 4.66
C ALA A 50 -3.79 1.68 5.23
N ILE A 51 -4.09 0.44 5.62
CA ILE A 51 -5.38 0.04 6.21
C ILE A 51 -5.16 -0.85 7.45
N SER A 52 -5.81 -0.51 8.56
CA SER A 52 -5.60 -1.19 9.86
C SER A 52 -6.39 -2.51 10.00
N SER A 53 -6.07 -3.35 10.99
CA SER A 53 -6.64 -4.69 11.14
C SER A 53 -8.16 -4.73 11.43
N SER A 54 -8.74 -3.64 11.92
CA SER A 54 -10.19 -3.48 12.09
C SER A 54 -10.94 -3.27 10.77
N GLY A 55 -10.25 -2.83 9.71
CA GLY A 55 -10.86 -2.37 8.45
C GLY A 55 -11.61 -1.03 8.59
N GLY A 56 -11.64 -0.43 9.79
CA GLY A 56 -12.39 0.78 10.13
C GLY A 56 -11.59 2.09 10.07
N SER A 57 -10.30 2.03 9.73
CA SER A 57 -9.40 3.19 9.64
C SER A 57 -8.35 3.01 8.53
N THR A 58 -8.04 4.11 7.85
CA THR A 58 -7.14 4.16 6.68
C THR A 58 -6.26 5.41 6.72
N ASN A 59 -5.00 5.25 6.31
CA ASN A 59 -3.99 6.31 6.20
C ASN A 59 -3.71 6.66 4.73
N TYR A 60 -3.32 7.92 4.44
CA TYR A 60 -2.99 8.44 3.11
C TYR A 60 -1.96 9.59 3.18
N ALA A 61 -1.03 9.62 2.22
CA ALA A 61 -0.05 10.70 2.04
C ALA A 61 -0.66 12.01 1.50
N ASP A 62 -0.09 13.17 1.87
CA ASP A 62 -0.53 14.49 1.36
C ASP A 62 -0.35 14.66 -0.16
N SER A 63 0.55 13.89 -0.78
CA SER A 63 0.74 13.80 -2.24
C SER A 63 -0.36 13.02 -2.97
N VAL A 64 -1.16 12.21 -2.26
CA VAL A 64 -2.13 11.26 -2.85
C VAL A 64 -3.57 11.43 -2.35
N LYS A 65 -3.77 12.10 -1.21
CA LYS A 65 -5.08 12.43 -0.65
C LYS A 65 -5.99 13.08 -1.70
N GLY A 66 -7.19 12.52 -1.86
CA GLY A 66 -8.17 12.88 -2.90
C GLY A 66 -8.04 12.14 -4.23
N ARG A 67 -6.93 11.40 -4.47
CA ARG A 67 -6.69 10.59 -5.68
C ARG A 67 -6.58 9.09 -5.39
N PHE A 68 -5.82 8.73 -4.37
CA PHE A 68 -5.59 7.34 -3.97
C PHE A 68 -6.63 6.85 -2.96
N THR A 69 -6.95 5.56 -3.01
CA THR A 69 -7.95 4.90 -2.15
C THR A 69 -7.55 3.44 -1.89
N ILE A 70 -7.37 3.05 -0.63
CA ILE A 70 -7.01 1.68 -0.25
C ILE A 70 -8.24 0.89 0.25
N SER A 71 -8.25 -0.43 0.02
CA SER A 71 -9.25 -1.37 0.56
C SER A 71 -8.73 -2.81 0.62
N ARG A 72 -8.99 -3.53 1.72
CA ARG A 72 -8.60 -4.94 1.89
C ARG A 72 -9.78 -5.91 1.65
N ASP A 73 -9.48 -7.02 0.98
CA ASP A 73 -10.39 -8.14 0.70
C ASP A 73 -9.88 -9.41 1.38
N ASN A 74 -10.36 -9.67 2.59
CA ASN A 74 -9.90 -10.77 3.44
C ASN A 74 -10.26 -12.17 2.89
N ALA A 75 -11.34 -12.28 2.12
CA ALA A 75 -11.70 -13.51 1.40
C ALA A 75 -10.71 -13.85 0.26
N LYS A 76 -10.07 -12.84 -0.34
CA LYS A 76 -9.02 -12.97 -1.37
C LYS A 76 -7.60 -13.01 -0.79
N ASN A 77 -7.45 -12.65 0.49
CA ASN A 77 -6.17 -12.42 1.17
C ASN A 77 -5.30 -11.37 0.44
N THR A 78 -5.95 -10.30 -0.05
CA THR A 78 -5.32 -9.26 -0.89
C THR A 78 -5.75 -7.84 -0.47
N VAL A 79 -4.82 -6.87 -0.54
CA VAL A 79 -5.11 -5.44 -0.35
C VAL A 79 -4.98 -4.67 -1.66
N TYR A 80 -6.05 -4.03 -2.10
CA TYR A 80 -6.10 -3.23 -3.32
C TYR A 80 -5.85 -1.75 -3.03
N LEU A 81 -5.08 -1.10 -3.91
CA LEU A 81 -4.83 0.34 -3.90
C LEU A 81 -5.19 0.96 -5.25
N GLN A 82 -6.33 1.66 -5.28
CA GLN A 82 -6.74 2.50 -6.40
C GLN A 82 -5.96 3.84 -6.40
N MET A 83 -5.70 4.40 -7.59
CA MET A 83 -5.10 5.74 -7.77
C MET A 83 -5.69 6.48 -8.97
N ASN A 84 -5.73 7.83 -8.97
CA ASN A 84 -6.38 8.65 -10.01
C ASN A 84 -5.60 9.93 -10.35
N SER A 85 -6.00 10.60 -11.44
CA SER A 85 -5.46 11.91 -11.91
C SER A 85 -3.93 11.94 -11.88
N LEU A 86 -3.32 10.88 -12.41
CA LEU A 86 -1.90 10.58 -12.25
C LEU A 86 -0.93 11.60 -12.85
N LYS A 87 0.07 11.96 -12.06
CA LYS A 87 1.16 12.89 -12.35
C LYS A 87 2.45 12.14 -12.71
N PRO A 88 3.42 12.76 -13.40
CA PRO A 88 4.72 12.13 -13.63
C PRO A 88 5.49 11.86 -12.33
N GLU A 89 5.29 12.66 -11.28
CA GLU A 89 5.86 12.43 -9.93
C GLU A 89 5.26 11.22 -9.18
N ASP A 90 4.18 10.61 -9.69
CA ASP A 90 3.67 9.33 -9.19
C ASP A 90 4.45 8.11 -9.73
N THR A 91 5.33 8.29 -10.73
CA THR A 91 6.21 7.24 -11.27
C THR A 91 7.18 6.73 -10.21
N ALA A 92 7.05 5.45 -9.86
CA ALA A 92 7.82 4.77 -8.81
C ALA A 92 7.59 3.26 -8.81
N VAL A 93 8.44 2.53 -8.10
CA VAL A 93 8.19 1.12 -7.78
C VAL A 93 7.42 1.10 -6.46
N TYR A 94 6.27 0.42 -6.43
CA TYR A 94 5.38 0.30 -5.27
C TYR A 94 5.58 -1.07 -4.61
N TYR A 95 5.57 -1.07 -3.27
CA TYR A 95 5.84 -2.22 -2.40
C TYR A 95 4.78 -2.28 -1.31
N CYS A 96 4.46 -3.47 -0.79
CA CYS A 96 3.55 -3.65 0.34
C CYS A 96 4.18 -4.44 1.49
N ALA A 97 3.60 -4.29 2.69
CA ALA A 97 4.16 -4.77 3.95
C ALA A 97 3.05 -4.96 5.00
N ALA A 98 3.27 -5.83 6.00
CA ALA A 98 2.28 -6.19 7.02
C ALA A 98 2.82 -6.13 8.46
N VAL A 99 1.92 -5.82 9.41
CA VAL A 99 2.15 -5.77 10.86
C VAL A 99 1.02 -6.45 11.63
N ASP A 100 1.37 -7.20 12.69
CA ASP A 100 0.49 -7.95 13.60
C ASP A 100 -0.37 -7.04 14.52
N ASP A 101 -1.09 -6.10 13.92
CA ASP A 101 -1.80 -4.98 14.55
C ASP A 101 -2.79 -5.37 15.67
N VAL A 102 -3.44 -6.55 15.60
CA VAL A 102 -4.31 -7.06 16.68
C VAL A 102 -3.56 -7.32 18.00
N GLY A 103 -2.24 -7.45 17.97
CA GLY A 103 -1.38 -7.59 19.16
C GLY A 103 -1.17 -6.30 19.94
N THR A 104 -1.47 -5.13 19.35
CA THR A 104 -1.41 -3.82 20.01
C THR A 104 -2.68 -3.55 20.82
N THR A 105 -2.53 -3.17 22.10
CA THR A 105 -3.66 -2.93 23.03
C THR A 105 -4.47 -1.67 22.67
N VAL A 106 -3.80 -0.62 22.17
CA VAL A 106 -4.42 0.63 21.70
C VAL A 106 -5.25 0.39 20.44
N GLN A 107 -6.48 0.93 20.41
CA GLN A 107 -7.45 0.78 19.33
C GLN A 107 -8.02 2.13 18.85
N ALA A 108 -7.19 3.17 18.89
CA ALA A 108 -7.55 4.56 18.54
C ALA A 108 -8.06 4.71 17.09
N MET A 109 -8.97 5.66 16.89
CA MET A 109 -9.61 5.94 15.59
C MET A 109 -8.91 7.03 14.75
N ALA A 110 -8.02 7.81 15.35
CA ALA A 110 -7.29 8.90 14.70
C ALA A 110 -6.05 8.39 13.96
N VAL A 111 -5.69 9.14 12.91
CA VAL A 111 -4.69 8.75 11.90
C VAL A 111 -3.25 9.06 12.35
N HIS A 112 -2.86 8.56 13.51
CA HIS A 112 -1.49 8.57 14.02
C HIS A 112 -0.55 7.65 13.21
N GLU A 113 0.76 7.79 13.45
CA GLU A 113 1.82 6.98 12.84
C GLU A 113 1.60 5.48 13.11
N PRO A 114 1.67 4.60 12.09
CA PRO A 114 1.43 3.16 12.24
C PRO A 114 2.57 2.45 12.98
N TYR A 115 2.26 1.31 13.61
CA TYR A 115 3.26 0.40 14.16
C TYR A 115 4.05 -0.24 12.99
N GLU A 116 5.38 -0.29 13.09
CA GLU A 116 6.25 -0.67 11.98
C GLU A 116 6.11 -2.14 11.54
N TYR A 117 6.31 -2.33 10.23
CA TYR A 117 6.02 -3.56 9.49
C TYR A 117 7.25 -4.48 9.42
N ASP A 118 7.07 -5.76 9.78
CA ASP A 118 8.14 -6.78 9.72
C ASP A 118 8.21 -7.53 8.38
N TYR A 119 7.06 -7.79 7.75
CA TYR A 119 6.94 -8.55 6.50
C TYR A 119 6.80 -7.63 5.29
N TRP A 120 7.35 -8.02 4.14
CA TRP A 120 7.47 -7.20 2.93
C TRP A 120 7.44 -8.05 1.64
N GLY A 121 7.05 -7.44 0.51
CA GLY A 121 6.91 -8.09 -0.80
C GLY A 121 8.00 -7.79 -1.83
N GLN A 122 7.83 -8.33 -3.04
CA GLN A 122 8.76 -8.25 -4.18
C GLN A 122 8.76 -6.88 -4.89
N GLY A 123 7.66 -6.14 -4.81
CA GLY A 123 7.42 -4.86 -5.49
C GLY A 123 6.83 -4.98 -6.90
N THR A 124 6.23 -3.88 -7.39
CA THR A 124 5.63 -3.74 -8.73
C THR A 124 5.90 -2.34 -9.31
N GLN A 125 6.34 -2.27 -10.56
CA GLN A 125 6.78 -1.02 -11.22
C GLN A 125 5.58 -0.21 -11.73
N VAL A 126 5.54 1.11 -11.49
CA VAL A 126 4.54 2.03 -12.07
C VAL A 126 5.21 3.24 -12.74
N THR A 127 4.90 3.48 -14.01
CA THR A 127 5.31 4.67 -14.78
C THR A 127 4.11 5.44 -15.32
N VAL A 128 4.17 6.77 -15.22
CA VAL A 128 3.16 7.70 -15.74
C VAL A 128 3.73 8.50 -16.91
N SER A 129 3.30 8.20 -18.14
CA SER A 129 3.83 8.76 -19.38
C SER A 129 2.93 8.45 -20.59
N SER A 130 2.73 9.42 -21.48
CA SER A 130 1.85 9.36 -22.66
C SER A 130 2.40 8.47 -23.79
N GLN A 1 6.72 -18.78 8.84
CA GLN A 1 7.08 -17.89 7.71
C GLN A 1 5.85 -17.51 6.89
N VAL A 2 5.91 -16.38 6.16
CA VAL A 2 4.83 -15.89 5.27
C VAL A 2 5.40 -15.40 3.93
N GLN A 3 4.52 -15.17 2.95
CA GLN A 3 4.87 -14.61 1.63
C GLN A 3 3.88 -13.49 1.25
N LEU A 4 4.40 -12.39 0.69
CA LEU A 4 3.64 -11.26 0.15
C LEU A 4 4.11 -10.95 -1.28
N GLN A 5 3.19 -10.51 -2.13
CA GLN A 5 3.42 -10.28 -3.56
C GLN A 5 2.64 -9.06 -4.07
N GLU A 6 3.36 -8.03 -4.51
CA GLU A 6 2.83 -6.88 -5.25
C GLU A 6 2.50 -7.23 -6.71
N SER A 7 1.45 -6.62 -7.25
CA SER A 7 0.98 -6.81 -8.62
C SER A 7 0.15 -5.61 -9.08
N GLY A 8 -0.18 -5.55 -10.37
CA GLY A 8 -1.03 -4.52 -10.99
C GLY A 8 -0.33 -3.23 -11.40
N GLY A 9 0.93 -3.02 -11.01
CA GLY A 9 1.74 -1.90 -11.49
C GLY A 9 2.10 -2.03 -12.97
N GLY A 10 2.12 -0.90 -13.69
CA GLY A 10 2.53 -0.81 -15.09
C GLY A 10 2.63 0.63 -15.61
N LEU A 11 2.70 0.77 -16.94
CA LEU A 11 2.64 2.05 -17.64
C LEU A 11 1.17 2.54 -17.77
N VAL A 12 0.94 3.84 -17.55
CA VAL A 12 -0.35 4.51 -17.74
C VAL A 12 -0.13 5.96 -18.21
N GLN A 13 -1.07 6.53 -18.97
CA GLN A 13 -1.02 7.95 -19.34
C GLN A 13 -1.24 8.90 -18.14
N PRO A 14 -0.76 10.15 -18.24
CA PRO A 14 -1.11 11.20 -17.30
C PRO A 14 -2.62 11.49 -17.37
N GLY A 15 -3.22 11.79 -16.22
CA GLY A 15 -4.66 11.92 -16.01
C GLY A 15 -5.42 10.58 -15.94
N GLY A 16 -4.72 9.45 -16.11
CA GLY A 16 -5.28 8.09 -16.00
C GLY A 16 -5.45 7.60 -14.56
N SER A 17 -5.62 6.28 -14.42
CA SER A 17 -5.85 5.56 -13.17
C SER A 17 -5.19 4.18 -13.19
N LEU A 18 -4.95 3.64 -11.99
CA LEU A 18 -4.27 2.36 -11.77
C LEU A 18 -4.86 1.60 -10.56
N ARG A 19 -4.61 0.29 -10.50
CA ARG A 19 -5.15 -0.63 -9.47
C ARG A 19 -4.09 -1.68 -9.10
N LEU A 20 -3.36 -1.40 -8.02
CA LEU A 20 -2.35 -2.29 -7.44
C LEU A 20 -2.98 -3.31 -6.48
N SER A 21 -2.26 -4.41 -6.25
CA SER A 21 -2.70 -5.55 -5.43
C SER A 21 -1.54 -6.14 -4.62
N CYS A 22 -1.66 -6.18 -3.29
CA CYS A 22 -0.72 -6.81 -2.36
C CYS A 22 -1.34 -8.13 -1.87
N ALA A 23 -1.12 -9.23 -2.59
CA ALA A 23 -1.61 -10.55 -2.21
C ALA A 23 -0.69 -11.23 -1.17
N ALA A 24 -1.25 -12.08 -0.31
CA ALA A 24 -0.51 -12.75 0.77
C ALA A 24 -0.85 -14.24 0.95
N SER A 25 0.12 -14.98 1.49
CA SER A 25 0.03 -16.41 1.84
C SER A 25 0.82 -16.73 3.12
N GLY A 26 0.41 -17.78 3.85
CA GLY A 26 0.97 -18.17 5.15
C GLY A 26 0.33 -17.47 6.36
N PHE A 27 -0.45 -16.41 6.14
CA PHE A 27 -1.25 -15.70 7.15
C PHE A 27 -2.51 -15.09 6.51
N THR A 28 -3.47 -14.72 7.35
CA THR A 28 -4.71 -14.04 6.91
C THR A 28 -4.65 -12.55 7.23
N LEU A 29 -4.99 -11.70 6.26
CA LEU A 29 -4.84 -10.24 6.36
C LEU A 29 -5.75 -9.59 7.42
N ASP A 30 -6.84 -10.25 7.76
CA ASP A 30 -7.88 -9.78 8.70
C ASP A 30 -7.31 -9.26 10.03
N TYR A 31 -6.28 -9.94 10.54
CA TYR A 31 -5.63 -9.66 11.82
C TYR A 31 -4.40 -8.73 11.71
N TYR A 32 -3.99 -8.37 10.48
CA TYR A 32 -2.79 -7.58 10.21
C TYR A 32 -3.12 -6.22 9.59
N ALA A 33 -2.21 -5.26 9.77
CA ALA A 33 -2.22 -3.99 9.05
C ALA A 33 -1.20 -4.04 7.91
N ILE A 34 -1.51 -3.38 6.78
CA ILE A 34 -0.70 -3.37 5.56
C ILE A 34 -0.58 -1.93 5.04
N GLY A 35 0.64 -1.56 4.66
CA GLY A 35 0.95 -0.28 4.01
C GLY A 35 1.62 -0.45 2.65
N TRP A 36 1.31 0.46 1.73
CA TRP A 36 2.00 0.61 0.45
C TRP A 36 3.07 1.70 0.53
N PHE A 37 4.23 1.42 -0.04
CA PHE A 37 5.42 2.29 0.00
C PHE A 37 6.00 2.50 -1.39
N ARG A 38 6.00 3.74 -1.91
CA ARG A 38 6.54 4.06 -3.25
C ARG A 38 7.99 4.51 -3.19
N GLN A 39 8.81 4.10 -4.16
CA GLN A 39 10.20 4.53 -4.31
C GLN A 39 10.44 5.09 -5.70
N ALA A 40 10.49 6.42 -5.82
CA ALA A 40 10.89 7.10 -7.05
C ALA A 40 12.40 6.96 -7.31
N PRO A 41 12.87 7.08 -8.56
CA PRO A 41 14.27 6.82 -8.92
C PRO A 41 15.30 7.74 -8.23
N GLY A 42 14.88 8.93 -7.78
CA GLY A 42 15.70 9.88 -7.02
C GLY A 42 15.36 10.00 -5.53
N LYS A 43 14.52 9.12 -4.96
CA LYS A 43 13.97 9.25 -3.59
C LYS A 43 13.99 7.96 -2.77
N GLU A 44 13.72 8.12 -1.48
CA GLU A 44 13.46 7.06 -0.49
C GLU A 44 12.05 6.45 -0.66
N ARG A 45 11.70 5.44 0.15
CA ARG A 45 10.33 4.93 0.25
C ARG A 45 9.42 5.94 0.96
N GLU A 46 8.38 6.41 0.27
CA GLU A 46 7.29 7.21 0.83
C GLU A 46 6.14 6.30 1.26
N GLY A 47 5.54 6.58 2.41
CA GLY A 47 4.33 5.88 2.89
C GLY A 47 3.08 6.42 2.20
N VAL A 48 2.58 5.73 1.18
CA VAL A 48 1.52 6.23 0.27
C VAL A 48 0.15 6.15 0.91
N SER A 49 -0.26 4.95 1.33
CA SER A 49 -1.52 4.66 1.98
C SER A 49 -1.44 3.33 2.74
N ALA A 50 -2.24 3.17 3.79
CA ALA A 50 -2.25 1.97 4.62
C ALA A 50 -3.64 1.70 5.21
N ILE A 51 -3.90 0.45 5.58
CA ILE A 51 -5.13 -0.02 6.23
C ILE A 51 -4.79 -0.87 7.46
N SER A 52 -5.50 -0.64 8.58
CA SER A 52 -5.23 -1.32 9.86
C SER A 52 -5.84 -2.73 9.95
N SER A 53 -5.82 -3.34 11.14
CA SER A 53 -6.58 -4.57 11.45
C SER A 53 -8.11 -4.40 11.30
N SER A 54 -8.63 -3.18 11.13
CA SER A 54 -10.03 -2.88 10.82
C SER A 54 -10.20 -2.13 9.48
N GLY A 55 -11.40 -2.20 8.90
CA GLY A 55 -11.70 -1.56 7.60
C GLY A 55 -11.84 -0.03 7.64
N GLY A 56 -12.10 0.56 8.82
CA GLY A 56 -12.38 2.00 8.98
C GLY A 56 -11.14 2.88 9.07
N SER A 57 -10.10 2.43 9.78
CA SER A 57 -8.88 3.22 10.08
C SER A 57 -7.84 3.18 8.96
N THR A 58 -8.22 3.62 7.76
CA THR A 58 -7.30 3.85 6.63
C THR A 58 -6.52 5.16 6.77
N ASN A 59 -5.29 5.17 6.24
CA ASN A 59 -4.37 6.32 6.25
C ASN A 59 -3.85 6.65 4.83
N TYR A 60 -3.48 7.92 4.59
CA TYR A 60 -3.09 8.45 3.27
C TYR A 60 -2.06 9.60 3.36
N ALA A 61 -1.18 9.71 2.37
CA ALA A 61 -0.21 10.81 2.20
C ALA A 61 -0.84 12.12 1.67
N ASP A 62 -0.31 13.27 2.06
CA ASP A 62 -0.76 14.60 1.56
C ASP A 62 -0.58 14.79 0.04
N SER A 63 0.34 14.05 -0.60
CA SER A 63 0.52 14.03 -2.06
C SER A 63 -0.54 13.20 -2.82
N VAL A 64 -1.37 12.41 -2.12
CA VAL A 64 -2.30 11.44 -2.73
C VAL A 64 -3.73 11.54 -2.20
N LYS A 65 -3.94 12.16 -1.03
CA LYS A 65 -5.26 12.46 -0.44
C LYS A 65 -6.18 13.14 -1.47
N GLY A 66 -7.33 12.51 -1.71
CA GLY A 66 -8.31 12.92 -2.71
C GLY A 66 -8.18 12.25 -4.10
N ARG A 67 -7.09 11.50 -4.38
CA ARG A 67 -6.90 10.78 -5.66
C ARG A 67 -6.34 9.35 -5.56
N PHE A 68 -5.99 8.89 -4.37
CA PHE A 68 -5.64 7.49 -4.04
C PHE A 68 -6.62 6.91 -2.99
N THR A 69 -6.87 5.61 -3.06
CA THR A 69 -7.85 4.89 -2.22
C THR A 69 -7.40 3.44 -1.96
N ILE A 70 -7.20 3.07 -0.69
CA ILE A 70 -6.84 1.70 -0.29
C ILE A 70 -8.05 0.92 0.25
N SER A 71 -8.06 -0.40 0.07
CA SER A 71 -9.04 -1.33 0.65
C SER A 71 -8.52 -2.77 0.67
N ARG A 72 -8.76 -3.51 1.76
CA ARG A 72 -8.42 -4.95 1.86
C ARG A 72 -9.60 -5.87 1.61
N ASP A 73 -9.30 -7.03 1.05
CA ASP A 73 -10.22 -8.15 0.82
C ASP A 73 -9.65 -9.40 1.51
N ASN A 74 -10.31 -9.85 2.57
CA ASN A 74 -9.86 -10.98 3.38
C ASN A 74 -10.14 -12.35 2.73
N ALA A 75 -11.15 -12.45 1.85
CA ALA A 75 -11.48 -13.68 1.12
C ALA A 75 -10.47 -13.96 -0.01
N LYS A 76 -10.06 -12.91 -0.74
CA LYS A 76 -8.94 -12.95 -1.70
C LYS A 76 -7.56 -12.82 -1.04
N ASN A 77 -7.52 -12.50 0.26
CA ASN A 77 -6.31 -12.27 1.06
C ASN A 77 -5.35 -11.27 0.40
N THR A 78 -5.91 -10.15 -0.08
CA THR A 78 -5.22 -9.13 -0.88
C THR A 78 -5.60 -7.71 -0.47
N VAL A 79 -4.63 -6.80 -0.39
CA VAL A 79 -4.87 -5.35 -0.23
C VAL A 79 -4.76 -4.63 -1.55
N TYR A 80 -5.86 -4.04 -2.01
CA TYR A 80 -5.91 -3.25 -3.23
C TYR A 80 -5.61 -1.77 -2.96
N LEU A 81 -4.84 -1.14 -3.84
CA LEU A 81 -4.64 0.31 -3.88
C LEU A 81 -5.06 0.85 -5.25
N GLN A 82 -6.23 1.47 -5.28
CA GLN A 82 -6.72 2.23 -6.43
C GLN A 82 -6.07 3.63 -6.44
N MET A 83 -5.78 4.15 -7.63
CA MET A 83 -5.30 5.52 -7.83
C MET A 83 -5.89 6.13 -9.11
N ASN A 84 -6.04 7.45 -9.14
CA ASN A 84 -6.52 8.26 -10.26
C ASN A 84 -5.87 9.66 -10.24
N SER A 85 -6.22 10.52 -11.20
CA SER A 85 -5.62 11.86 -11.39
C SER A 85 -4.09 11.84 -11.39
N LEU A 86 -3.51 10.89 -12.11
CA LEU A 86 -2.07 10.61 -12.10
C LEU A 86 -1.24 11.65 -12.85
N LYS A 87 -0.03 11.92 -12.35
CA LYS A 87 0.98 12.83 -12.90
C LYS A 87 2.32 12.10 -13.12
N PRO A 88 3.18 12.58 -14.04
CA PRO A 88 4.53 12.02 -14.26
C PRO A 88 5.34 11.86 -12.96
N GLU A 89 5.20 12.78 -12.01
CA GLU A 89 5.89 12.72 -10.72
C GLU A 89 5.41 11.60 -9.76
N ASP A 90 4.33 10.89 -10.07
CA ASP A 90 3.90 9.67 -9.37
C ASP A 90 4.75 8.43 -9.73
N THR A 91 5.52 8.48 -10.83
CA THR A 91 6.35 7.37 -11.33
C THR A 91 7.34 6.86 -10.27
N ALA A 92 7.21 5.59 -9.89
CA ALA A 92 7.92 4.95 -8.79
C ALA A 92 7.69 3.43 -8.77
N VAL A 93 8.48 2.70 -7.96
CA VAL A 93 8.23 1.29 -7.64
C VAL A 93 7.44 1.20 -6.33
N TYR A 94 6.30 0.51 -6.33
CA TYR A 94 5.41 0.38 -5.19
C TYR A 94 5.58 -0.98 -4.51
N TYR A 95 5.92 -0.96 -3.21
CA TYR A 95 6.14 -2.12 -2.34
C TYR A 95 5.02 -2.26 -1.30
N CYS A 96 4.81 -3.46 -0.75
CA CYS A 96 3.90 -3.70 0.38
C CYS A 96 4.52 -4.63 1.45
N ALA A 97 3.93 -4.63 2.66
CA ALA A 97 4.46 -5.26 3.88
C ALA A 97 3.34 -5.34 4.94
N ALA A 98 3.50 -6.19 5.96
CA ALA A 98 2.47 -6.39 6.99
C ALA A 98 3.00 -6.28 8.44
N VAL A 99 2.09 -6.06 9.39
CA VAL A 99 2.35 -6.04 10.84
C VAL A 99 1.17 -6.64 11.61
N ASP A 100 1.47 -7.42 12.65
CA ASP A 100 0.52 -8.15 13.51
C ASP A 100 -0.28 -7.20 14.44
N ASP A 101 -1.06 -6.31 13.82
CA ASP A 101 -1.73 -5.17 14.45
C ASP A 101 -2.82 -5.54 15.50
N VAL A 102 -3.40 -6.74 15.44
CA VAL A 102 -4.28 -7.26 16.51
C VAL A 102 -3.53 -7.46 17.85
N GLY A 103 -2.20 -7.65 17.80
CA GLY A 103 -1.30 -7.67 18.95
C GLY A 103 -0.98 -6.26 19.49
N THR A 104 -2.01 -5.46 19.73
CA THR A 104 -1.93 -4.02 20.04
C THR A 104 -1.07 -3.73 21.28
N THR A 105 -0.15 -2.76 21.16
CA THR A 105 0.82 -2.39 22.23
C THR A 105 0.97 -0.86 22.44
N VAL A 106 0.19 -0.06 21.71
CA VAL A 106 0.10 1.42 21.81
C VAL A 106 -1.37 1.85 21.90
N GLN A 107 -1.67 2.82 22.77
CA GLN A 107 -3.02 3.30 23.07
C GLN A 107 -3.17 4.83 23.01
N ALA A 108 -2.30 5.49 22.25
CA ALA A 108 -2.33 6.94 22.00
C ALA A 108 -3.56 7.40 21.18
N MET A 109 -3.81 8.70 21.20
CA MET A 109 -4.87 9.37 20.44
C MET A 109 -4.57 9.51 18.93
N ALA A 110 -3.31 9.34 18.52
CA ALA A 110 -2.84 9.44 17.13
C ALA A 110 -1.61 8.55 16.88
N VAL A 111 -1.34 8.21 15.61
CA VAL A 111 -0.20 7.37 15.20
C VAL A 111 1.14 8.08 15.40
N HIS A 112 2.17 7.32 15.78
CA HIS A 112 3.52 7.81 16.13
C HIS A 112 4.47 7.90 14.90
N GLU A 113 3.90 8.23 13.74
CA GLU A 113 4.52 8.17 12.40
C GLU A 113 5.11 6.77 12.08
N PRO A 114 4.26 5.79 11.77
CA PRO A 114 4.62 4.37 11.68
C PRO A 114 5.72 4.03 10.67
N TYR A 115 6.60 3.10 11.08
CA TYR A 115 7.68 2.50 10.28
C TYR A 115 7.83 0.98 10.53
N GLU A 116 7.03 0.41 11.44
CA GLU A 116 7.15 -0.96 11.94
C GLU A 116 6.38 -1.98 11.07
N TYR A 117 7.01 -2.49 10.01
CA TYR A 117 6.45 -3.47 9.08
C TYR A 117 7.46 -4.56 8.70
N ASP A 118 6.98 -5.79 8.56
CA ASP A 118 7.73 -7.01 8.28
C ASP A 118 7.36 -7.61 6.90
N TYR A 119 8.21 -8.53 6.42
CA TYR A 119 7.96 -9.35 5.23
C TYR A 119 7.72 -8.54 3.93
N TRP A 120 8.42 -7.41 3.76
CA TRP A 120 8.29 -6.56 2.57
C TRP A 120 8.59 -7.33 1.27
N GLY A 121 7.74 -7.13 0.25
CA GLY A 121 7.78 -7.86 -1.01
C GLY A 121 8.82 -7.35 -2.03
N GLN A 122 8.74 -7.87 -3.26
CA GLN A 122 9.65 -7.55 -4.37
C GLN A 122 9.35 -6.18 -5.04
N GLY A 123 8.14 -5.65 -4.84
CA GLY A 123 7.65 -4.41 -5.45
C GLY A 123 7.12 -4.57 -6.88
N THR A 124 6.35 -3.58 -7.34
CA THR A 124 5.79 -3.50 -8.70
C THR A 124 6.02 -2.10 -9.29
N GLN A 125 6.55 -2.03 -10.52
CA GLN A 125 6.94 -0.77 -11.16
C GLN A 125 5.71 -0.02 -11.70
N VAL A 126 5.58 1.28 -11.39
CA VAL A 126 4.53 2.16 -11.94
C VAL A 126 5.14 3.35 -12.66
N THR A 127 4.81 3.53 -13.94
CA THR A 127 5.22 4.68 -14.77
C THR A 127 4.02 5.46 -15.30
N VAL A 128 4.10 6.79 -15.26
CA VAL A 128 3.06 7.70 -15.76
C VAL A 128 3.60 8.53 -16.93
N SER A 129 3.16 8.23 -18.15
CA SER A 129 3.63 8.84 -19.40
C SER A 129 2.71 8.51 -20.58
N SER A 130 2.47 9.49 -21.46
CA SER A 130 1.54 9.40 -22.61
C SER A 130 2.10 8.54 -23.76
N GLN A 1 6.93 -19.90 7.07
CA GLN A 1 7.37 -18.78 6.21
C GLN A 1 6.19 -17.85 5.87
N VAL A 2 6.49 -16.62 5.39
CA VAL A 2 5.51 -15.62 4.92
C VAL A 2 5.94 -15.08 3.56
N GLN A 3 4.98 -14.90 2.65
CA GLN A 3 5.18 -14.36 1.29
C GLN A 3 4.14 -13.28 0.99
N LEU A 4 4.57 -12.15 0.41
CA LEU A 4 3.71 -11.11 -0.14
C LEU A 4 4.06 -10.90 -1.64
N GLN A 5 3.05 -10.60 -2.44
CA GLN A 5 3.15 -10.51 -3.91
C GLN A 5 2.25 -9.42 -4.48
N GLU A 6 2.88 -8.32 -4.90
CA GLU A 6 2.32 -7.18 -5.58
C GLU A 6 1.99 -7.48 -7.06
N SER A 7 0.93 -6.86 -7.58
CA SER A 7 0.50 -6.94 -8.97
C SER A 7 -0.27 -5.68 -9.39
N GLY A 8 -0.50 -5.51 -10.70
CA GLY A 8 -1.30 -4.44 -11.30
C GLY A 8 -0.51 -3.17 -11.70
N GLY A 9 0.76 -3.05 -11.33
CA GLY A 9 1.61 -1.94 -11.79
C GLY A 9 1.93 -2.00 -13.29
N GLY A 10 1.97 -0.85 -13.95
CA GLY A 10 2.36 -0.71 -15.35
C GLY A 10 2.55 0.74 -15.82
N LEU A 11 2.75 0.93 -17.12
CA LEU A 11 2.77 2.24 -17.78
C LEU A 11 1.33 2.76 -17.98
N VAL A 12 1.11 4.06 -17.71
CA VAL A 12 -0.16 4.76 -17.90
C VAL A 12 0.07 6.22 -18.30
N GLN A 13 -0.82 6.81 -19.10
CA GLN A 13 -0.75 8.23 -19.46
C GLN A 13 -1.07 9.18 -18.28
N PRO A 14 -0.53 10.41 -18.28
CA PRO A 14 -0.88 11.44 -17.30
C PRO A 14 -2.38 11.81 -17.42
N GLY A 15 -3.01 12.02 -16.26
CA GLY A 15 -4.46 12.18 -16.11
C GLY A 15 -5.23 10.85 -16.04
N GLY A 16 -4.56 9.72 -16.26
CA GLY A 16 -5.10 8.37 -16.08
C GLY A 16 -5.13 7.90 -14.62
N SER A 17 -5.39 6.61 -14.45
CA SER A 17 -5.68 5.95 -13.17
C SER A 17 -5.13 4.51 -13.18
N LEU A 18 -4.99 3.91 -12.00
CA LEU A 18 -4.40 2.58 -11.81
C LEU A 18 -4.99 1.82 -10.60
N ARG A 19 -4.79 0.50 -10.56
CA ARG A 19 -5.29 -0.42 -9.54
C ARG A 19 -4.27 -1.52 -9.24
N LEU A 20 -3.66 -1.44 -8.05
CA LEU A 20 -2.67 -2.39 -7.53
C LEU A 20 -3.31 -3.41 -6.58
N SER A 21 -2.64 -4.56 -6.39
CA SER A 21 -3.07 -5.68 -5.56
C SER A 21 -1.91 -6.31 -4.79
N CYS A 22 -1.95 -6.29 -3.45
CA CYS A 22 -0.98 -6.94 -2.55
C CYS A 22 -1.57 -8.26 -2.04
N ALA A 23 -1.35 -9.36 -2.77
CA ALA A 23 -1.76 -10.69 -2.31
C ALA A 23 -0.75 -11.27 -1.30
N ALA A 24 -1.21 -12.14 -0.39
CA ALA A 24 -0.39 -12.72 0.69
C ALA A 24 -0.59 -14.22 0.89
N SER A 25 0.45 -14.90 1.39
CA SER A 25 0.48 -16.32 1.73
C SER A 25 1.36 -16.58 2.96
N GLY A 26 1.12 -17.69 3.66
CA GLY A 26 1.76 -18.03 4.94
C GLY A 26 1.14 -17.37 6.18
N PHE A 27 0.29 -16.35 5.98
CA PHE A 27 -0.54 -15.71 7.02
C PHE A 27 -1.86 -15.20 6.43
N THR A 28 -2.82 -14.95 7.31
CA THR A 28 -4.12 -14.34 6.95
C THR A 28 -4.12 -12.85 7.27
N LEU A 29 -4.57 -12.02 6.33
CA LEU A 29 -4.52 -10.55 6.44
C LEU A 29 -5.39 -9.97 7.56
N ASP A 30 -6.40 -10.73 7.98
CA ASP A 30 -7.46 -10.33 8.92
C ASP A 30 -6.91 -9.68 10.21
N TYR A 31 -5.84 -10.25 10.77
CA TYR A 31 -5.20 -9.79 12.00
C TYR A 31 -4.03 -8.80 11.77
N TYR A 32 -3.70 -8.48 10.51
CA TYR A 32 -2.53 -7.67 10.15
C TYR A 32 -2.93 -6.32 9.56
N ALA A 33 -2.08 -5.31 9.78
CA ALA A 33 -2.15 -4.03 9.09
C ALA A 33 -1.19 -4.08 7.89
N ILE A 34 -1.62 -3.58 6.72
CA ILE A 34 -0.85 -3.58 5.48
C ILE A 34 -0.70 -2.15 4.97
N GLY A 35 0.52 -1.81 4.54
CA GLY A 35 0.87 -0.51 3.96
C GLY A 35 1.59 -0.64 2.63
N TRP A 36 1.21 0.21 1.67
CA TRP A 36 1.93 0.40 0.41
C TRP A 36 3.00 1.49 0.55
N PHE A 37 4.11 1.28 -0.15
CA PHE A 37 5.31 2.10 -0.15
C PHE A 37 5.79 2.31 -1.59
N ARG A 38 6.55 3.38 -1.84
CA ARG A 38 7.04 3.77 -3.17
C ARG A 38 8.53 4.10 -3.17
N GLN A 39 9.21 3.85 -4.28
CA GLN A 39 10.63 4.17 -4.46
C GLN A 39 10.93 4.61 -5.91
N ALA A 40 11.75 5.66 -6.06
CA ALA A 40 12.06 6.32 -7.33
C ALA A 40 13.53 6.78 -7.35
N PRO A 41 14.11 7.12 -8.52
CA PRO A 41 15.51 7.54 -8.60
C PRO A 41 15.82 8.85 -7.84
N GLY A 42 14.81 9.71 -7.62
CA GLY A 42 14.92 10.95 -6.84
C GLY A 42 14.34 10.92 -5.41
N LYS A 43 13.55 9.89 -5.04
CA LYS A 43 12.76 9.83 -3.80
C LYS A 43 13.10 8.66 -2.87
N GLU A 44 12.75 8.85 -1.60
CA GLU A 44 12.86 7.85 -0.52
C GLU A 44 11.48 7.26 -0.15
N ARG A 45 11.46 6.32 0.80
CA ARG A 45 10.24 5.67 1.32
C ARG A 45 9.33 6.71 1.99
N GLU A 46 8.07 6.79 1.55
CA GLU A 46 7.14 7.87 1.96
C GLU A 46 5.67 7.42 2.19
N GLY A 47 5.49 6.15 2.54
CA GLY A 47 4.25 5.52 3.04
C GLY A 47 2.95 5.97 2.36
N VAL A 48 2.70 5.45 1.15
CA VAL A 48 1.66 5.92 0.23
C VAL A 48 0.25 5.86 0.85
N SER A 49 -0.19 4.66 1.20
CA SER A 49 -1.54 4.38 1.68
C SER A 49 -1.52 3.09 2.49
N ALA A 50 -2.28 3.02 3.58
CA ALA A 50 -2.27 1.90 4.51
C ALA A 50 -3.63 1.65 5.16
N ILE A 51 -3.88 0.39 5.54
CA ILE A 51 -5.04 -0.02 6.32
C ILE A 51 -4.58 -0.60 7.64
N SER A 52 -4.95 0.08 8.73
CA SER A 52 -4.43 -0.12 10.09
C SER A 52 -5.45 -0.68 11.08
N SER A 53 -6.51 -1.28 10.53
CA SER A 53 -7.74 -1.70 11.21
C SER A 53 -8.34 -2.94 10.55
N SER A 54 -9.29 -3.59 11.24
CA SER A 54 -10.15 -4.64 10.67
C SER A 54 -11.01 -4.15 9.51
N GLY A 55 -11.24 -2.82 9.42
CA GLY A 55 -11.91 -2.15 8.29
C GLY A 55 -12.40 -0.72 8.56
N GLY A 56 -12.30 -0.22 9.80
CA GLY A 56 -12.83 1.09 10.20
C GLY A 56 -11.90 2.28 9.93
N SER A 57 -10.58 2.07 9.80
CA SER A 57 -9.57 3.14 9.73
C SER A 57 -8.45 2.86 8.71
N THR A 58 -8.04 3.92 7.99
CA THR A 58 -7.01 3.93 6.94
C THR A 58 -6.14 5.20 7.04
N ASN A 59 -4.92 5.12 6.51
CA ASN A 59 -3.94 6.22 6.45
C ASN A 59 -3.49 6.49 5.00
N TYR A 60 -3.15 7.75 4.70
CA TYR A 60 -2.80 8.23 3.35
C TYR A 60 -1.75 9.35 3.39
N ALA A 61 -0.84 9.38 2.41
CA ALA A 61 0.14 10.45 2.21
C ALA A 61 -0.49 11.76 1.70
N ASP A 62 0.08 12.92 2.05
CA ASP A 62 -0.42 14.24 1.66
C ASP A 62 -0.46 14.46 0.14
N SER A 63 0.47 13.83 -0.60
CA SER A 63 0.55 13.88 -2.07
C SER A 63 -0.52 13.02 -2.78
N VAL A 64 -1.25 12.16 -2.06
CA VAL A 64 -2.14 11.15 -2.65
C VAL A 64 -3.58 11.21 -2.13
N LYS A 65 -3.82 11.85 -0.97
CA LYS A 65 -5.16 12.07 -0.41
C LYS A 65 -6.12 12.65 -1.46
N GLY A 66 -7.27 11.99 -1.64
CA GLY A 66 -8.28 12.30 -2.66
C GLY A 66 -8.07 11.65 -4.04
N ARG A 67 -6.86 11.16 -4.35
CA ARG A 67 -6.55 10.39 -5.58
C ARG A 67 -6.40 8.89 -5.32
N PHE A 68 -5.70 8.54 -4.24
CA PHE A 68 -5.43 7.17 -3.84
C PHE A 68 -6.46 6.69 -2.80
N THR A 69 -6.80 5.40 -2.85
CA THR A 69 -7.81 4.75 -1.99
C THR A 69 -7.43 3.29 -1.76
N ILE A 70 -7.23 2.89 -0.50
CA ILE A 70 -6.86 1.51 -0.13
C ILE A 70 -8.05 0.73 0.46
N SER A 71 -8.09 -0.58 0.22
CA SER A 71 -9.07 -1.51 0.84
C SER A 71 -8.57 -2.96 0.86
N ARG A 72 -8.74 -3.67 1.98
CA ARG A 72 -8.40 -5.10 2.13
C ARG A 72 -9.58 -6.04 1.92
N ASP A 73 -9.27 -7.26 1.51
CA ASP A 73 -10.20 -8.39 1.38
C ASP A 73 -9.59 -9.63 2.06
N ASN A 74 -10.27 -10.11 3.11
CA ASN A 74 -9.81 -11.22 3.96
C ASN A 74 -10.25 -12.61 3.46
N ALA A 75 -11.16 -12.69 2.48
CA ALA A 75 -11.51 -13.93 1.78
C ALA A 75 -10.53 -14.20 0.61
N LYS A 76 -10.16 -13.15 -0.13
CA LYS A 76 -9.14 -13.19 -1.21
C LYS A 76 -7.69 -13.07 -0.69
N ASN A 77 -7.52 -12.73 0.59
CA ASN A 77 -6.23 -12.48 1.26
C ASN A 77 -5.34 -11.47 0.49
N THR A 78 -5.97 -10.38 0.03
CA THR A 78 -5.36 -9.34 -0.82
C THR A 78 -5.73 -7.93 -0.38
N VAL A 79 -4.78 -6.98 -0.47
CA VAL A 79 -5.05 -5.54 -0.28
C VAL A 79 -4.96 -4.79 -1.59
N TYR A 80 -6.09 -4.20 -2.01
CA TYR A 80 -6.20 -3.40 -3.22
C TYR A 80 -5.89 -1.93 -2.96
N LEU A 81 -5.14 -1.30 -3.86
CA LEU A 81 -4.88 0.14 -3.87
C LEU A 81 -5.27 0.76 -5.21
N GLN A 82 -6.38 1.49 -5.22
CA GLN A 82 -6.78 2.34 -6.34
C GLN A 82 -6.00 3.67 -6.32
N MET A 83 -5.70 4.23 -7.50
CA MET A 83 -5.16 5.58 -7.67
C MET A 83 -5.77 6.27 -8.89
N ASN A 84 -5.93 7.61 -8.88
CA ASN A 84 -6.57 8.37 -9.96
C ASN A 84 -5.84 9.70 -10.26
N SER A 85 -6.17 10.34 -11.38
CA SER A 85 -5.65 11.67 -11.79
C SER A 85 -4.13 11.76 -11.69
N LEU A 86 -3.44 10.81 -12.32
CA LEU A 86 -2.00 10.60 -12.17
C LEU A 86 -1.13 11.67 -12.85
N LYS A 87 0.03 11.96 -12.27
CA LYS A 87 1.05 12.90 -12.72
C LYS A 87 2.41 12.21 -12.88
N PRO A 88 3.33 12.74 -13.71
CA PRO A 88 4.69 12.18 -13.86
C PRO A 88 5.42 11.96 -12.53
N GLU A 89 5.20 12.80 -11.52
CA GLU A 89 5.81 12.65 -10.20
C GLU A 89 5.32 11.43 -9.38
N ASP A 90 4.21 10.80 -9.77
CA ASP A 90 3.75 9.53 -9.20
C ASP A 90 4.59 8.32 -9.70
N THR A 91 5.43 8.48 -10.73
CA THR A 91 6.27 7.39 -11.28
C THR A 91 7.23 6.84 -10.22
N ALA A 92 7.09 5.55 -9.89
CA ALA A 92 7.85 4.84 -8.88
C ALA A 92 7.58 3.32 -8.93
N VAL A 93 8.43 2.54 -8.26
CA VAL A 93 8.17 1.13 -7.98
C VAL A 93 7.39 1.06 -6.67
N TYR A 94 6.23 0.41 -6.68
CA TYR A 94 5.35 0.26 -5.53
C TYR A 94 5.53 -1.11 -4.87
N TYR A 95 5.61 -1.12 -3.55
CA TYR A 95 5.81 -2.30 -2.69
C TYR A 95 4.73 -2.35 -1.61
N CYS A 96 4.41 -3.52 -1.09
CA CYS A 96 3.56 -3.68 0.09
C CYS A 96 4.25 -4.46 1.22
N ALA A 97 3.72 -4.36 2.45
CA ALA A 97 4.30 -4.95 3.64
C ALA A 97 3.24 -5.15 4.72
N ALA A 98 3.45 -6.11 5.63
CA ALA A 98 2.54 -6.42 6.74
C ALA A 98 3.19 -6.31 8.13
N VAL A 99 2.33 -6.13 9.14
CA VAL A 99 2.65 -6.12 10.58
C VAL A 99 1.49 -6.70 11.38
N ASP A 100 1.80 -7.45 12.43
CA ASP A 100 0.89 -8.19 13.33
C ASP A 100 0.01 -7.28 14.23
N ASP A 101 -0.43 -6.11 13.74
CA ASP A 101 -1.08 -5.03 14.49
C ASP A 101 -2.58 -5.26 14.78
N VAL A 102 -2.88 -6.45 15.28
CA VAL A 102 -4.19 -6.86 15.82
C VAL A 102 -4.65 -5.96 16.98
N GLY A 103 -3.70 -5.38 17.74
CA GLY A 103 -3.94 -4.35 18.77
C GLY A 103 -4.19 -2.96 18.18
N THR A 104 -5.17 -2.85 17.28
CA THR A 104 -5.48 -1.66 16.46
C THR A 104 -5.82 -0.39 17.28
N THR A 105 -6.34 -0.53 18.51
CA THR A 105 -6.64 0.60 19.40
C THR A 105 -5.37 1.33 19.86
N VAL A 106 -5.34 2.66 19.69
CA VAL A 106 -4.34 3.59 20.24
C VAL A 106 -5.00 4.92 20.61
N GLN A 107 -4.65 5.49 21.76
CA GLN A 107 -5.20 6.75 22.29
C GLN A 107 -4.55 8.01 21.64
N ALA A 108 -4.43 8.01 20.32
CA ALA A 108 -3.69 9.02 19.54
C ALA A 108 -4.25 9.22 18.12
N MET A 109 -3.79 10.28 17.46
CA MET A 109 -4.21 10.62 16.09
C MET A 109 -3.58 9.74 15.00
N ALA A 110 -2.36 9.26 15.23
CA ALA A 110 -1.50 8.64 14.22
C ALA A 110 -0.46 7.68 14.82
N VAL A 111 0.19 6.88 13.96
CA VAL A 111 1.34 6.02 14.31
C VAL A 111 2.57 6.84 14.73
N HIS A 112 3.40 6.29 15.64
CA HIS A 112 4.49 7.02 16.29
C HIS A 112 5.76 6.18 16.59
N GLU A 113 5.65 4.85 16.70
CA GLU A 113 6.79 3.96 17.02
C GLU A 113 7.85 3.92 15.88
N PRO A 114 9.15 3.74 16.21
CA PRO A 114 10.24 3.81 15.22
C PRO A 114 10.24 2.62 14.24
N TYR A 115 9.82 1.44 14.69
CA TYR A 115 9.55 0.26 13.85
C TYR A 115 8.06 0.23 13.46
N GLU A 116 7.76 -0.19 12.22
CA GLU A 116 6.41 -0.09 11.64
C GLU A 116 5.95 -1.35 10.87
N TYR A 117 6.85 -2.02 10.15
CA TYR A 117 6.55 -3.19 9.29
C TYR A 117 7.63 -4.27 9.38
N ASP A 118 7.25 -5.53 9.16
CA ASP A 118 8.09 -6.72 9.41
C ASP A 118 8.17 -7.72 8.25
N TYR A 119 7.17 -7.79 7.37
CA TYR A 119 7.11 -8.73 6.24
C TYR A 119 7.07 -7.99 4.89
N TRP A 120 8.01 -8.29 3.99
CA TRP A 120 8.21 -7.61 2.69
C TRP A 120 7.64 -8.40 1.51
N GLY A 121 7.28 -7.67 0.44
CA GLY A 121 6.93 -8.22 -0.88
C GLY A 121 8.04 -8.16 -1.93
N GLN A 122 7.67 -8.32 -3.20
CA GLN A 122 8.53 -8.32 -4.40
C GLN A 122 8.64 -6.93 -5.06
N GLY A 123 7.54 -6.17 -5.05
CA GLY A 123 7.35 -4.89 -5.74
C GLY A 123 6.78 -5.01 -7.16
N THR A 124 6.20 -3.92 -7.66
CA THR A 124 5.63 -3.76 -9.01
C THR A 124 5.86 -2.34 -9.56
N GLN A 125 6.31 -2.23 -10.80
CA GLN A 125 6.73 -0.95 -11.42
C GLN A 125 5.55 -0.12 -11.91
N VAL A 126 5.52 1.20 -11.64
CA VAL A 126 4.53 2.14 -12.21
C VAL A 126 5.20 3.37 -12.83
N THR A 127 4.92 3.64 -14.10
CA THR A 127 5.34 4.85 -14.84
C THR A 127 4.14 5.64 -15.35
N VAL A 128 4.20 6.97 -15.22
CA VAL A 128 3.19 7.91 -15.71
C VAL A 128 3.77 8.76 -16.85
N SER A 129 3.37 8.45 -18.09
CA SER A 129 3.90 9.07 -19.33
C SER A 129 3.01 8.75 -20.54
N SER A 130 2.83 9.74 -21.43
CA SER A 130 2.01 9.64 -22.66
C SER A 130 2.54 8.61 -23.67
N GLN A 1 6.05 -20.28 6.52
CA GLN A 1 6.75 -18.98 6.37
C GLN A 1 5.79 -17.93 5.80
N VAL A 2 5.93 -16.67 6.21
CA VAL A 2 5.20 -15.53 5.64
C VAL A 2 5.67 -15.24 4.21
N GLN A 3 4.72 -15.13 3.27
CA GLN A 3 4.98 -14.83 1.85
C GLN A 3 3.98 -13.78 1.33
N LEU A 4 4.47 -12.80 0.55
CA LEU A 4 3.65 -11.75 -0.09
C LEU A 4 3.94 -11.69 -1.60
N GLN A 5 2.95 -11.22 -2.36
CA GLN A 5 3.00 -11.03 -3.82
C GLN A 5 2.37 -9.69 -4.21
N GLU A 6 2.83 -9.08 -5.29
CA GLU A 6 2.31 -7.80 -5.81
C GLU A 6 1.99 -7.86 -7.30
N SER A 7 0.97 -7.12 -7.71
CA SER A 7 0.47 -7.09 -9.10
C SER A 7 -0.21 -5.76 -9.44
N GLY A 8 -0.41 -5.51 -10.73
CA GLY A 8 -1.15 -4.37 -11.28
C GLY A 8 -0.30 -3.16 -11.67
N GLY A 9 0.95 -3.05 -11.21
CA GLY A 9 1.86 -1.96 -11.60
C GLY A 9 2.26 -2.02 -13.08
N GLY A 10 2.33 -0.85 -13.73
CA GLY A 10 2.74 -0.70 -15.12
C GLY A 10 2.84 0.76 -15.59
N LEU A 11 3.00 0.94 -16.92
CA LEU A 11 2.95 2.25 -17.58
C LEU A 11 1.50 2.73 -17.79
N VAL A 12 1.25 4.02 -17.56
CA VAL A 12 -0.02 4.71 -17.82
C VAL A 12 0.23 6.16 -18.21
N GLN A 13 -0.65 6.79 -18.99
CA GLN A 13 -0.57 8.21 -19.31
C GLN A 13 -1.00 9.13 -18.14
N PRO A 14 -0.48 10.37 -18.08
CA PRO A 14 -0.90 11.37 -17.10
C PRO A 14 -2.38 11.72 -17.28
N GLY A 15 -3.06 11.92 -16.14
CA GLY A 15 -4.53 12.06 -16.04
C GLY A 15 -5.27 10.71 -15.99
N GLY A 16 -4.58 9.59 -16.19
CA GLY A 16 -5.13 8.23 -16.08
C GLY A 16 -5.32 7.74 -14.64
N SER A 17 -5.59 6.43 -14.50
CA SER A 17 -5.85 5.72 -13.25
C SER A 17 -5.25 4.31 -13.29
N LEU A 18 -5.10 3.71 -12.11
CA LEU A 18 -4.47 2.39 -11.91
C LEU A 18 -5.07 1.62 -10.72
N ARG A 19 -4.79 0.32 -10.67
CA ARG A 19 -5.18 -0.61 -9.60
C ARG A 19 -4.02 -1.56 -9.28
N LEU A 20 -3.53 -1.53 -8.04
CA LEU A 20 -2.55 -2.45 -7.48
C LEU A 20 -3.20 -3.47 -6.54
N SER A 21 -2.53 -4.59 -6.30
CA SER A 21 -2.99 -5.71 -5.47
C SER A 21 -1.84 -6.34 -4.69
N CYS A 22 -1.94 -6.38 -3.35
CA CYS A 22 -0.98 -7.02 -2.44
C CYS A 22 -1.55 -8.31 -1.84
N ALA A 23 -1.26 -9.46 -2.43
CA ALA A 23 -1.74 -10.77 -1.95
C ALA A 23 -0.77 -11.39 -0.93
N ALA A 24 -1.28 -12.20 -0.01
CA ALA A 24 -0.50 -12.86 1.05
C ALA A 24 -0.81 -14.35 1.25
N SER A 25 0.20 -15.10 1.70
CA SER A 25 0.16 -16.51 2.09
C SER A 25 0.98 -16.75 3.37
N GLY A 26 0.67 -17.83 4.08
CA GLY A 26 1.30 -18.19 5.37
C GLY A 26 0.75 -17.47 6.60
N PHE A 27 -0.07 -16.42 6.40
CA PHE A 27 -0.85 -15.72 7.43
C PHE A 27 -2.13 -15.12 6.83
N THR A 28 -3.08 -14.78 7.69
CA THR A 28 -4.35 -14.14 7.29
C THR A 28 -4.33 -12.65 7.58
N LEU A 29 -4.72 -11.82 6.61
CA LEU A 29 -4.63 -10.36 6.69
C LEU A 29 -5.54 -9.71 7.73
N ASP A 30 -6.60 -10.43 8.13
CA ASP A 30 -7.64 -9.98 9.06
C ASP A 30 -7.06 -9.34 10.35
N TYR A 31 -6.05 -9.99 10.92
CA TYR A 31 -5.38 -9.59 12.15
C TYR A 31 -4.31 -8.50 11.96
N TYR A 32 -4.02 -8.10 10.72
CA TYR A 32 -2.90 -7.23 10.37
C TYR A 32 -3.33 -5.90 9.74
N ALA A 33 -2.50 -4.88 9.91
CA ALA A 33 -2.57 -3.61 9.20
C ALA A 33 -1.63 -3.68 7.98
N ILE A 34 -2.07 -3.22 6.80
CA ILE A 34 -1.26 -3.19 5.57
C ILE A 34 -1.04 -1.74 5.13
N GLY A 35 0.19 -1.42 4.73
CA GLY A 35 0.56 -0.13 4.16
C GLY A 35 1.32 -0.27 2.83
N TRP A 36 0.90 0.52 1.83
CA TRP A 36 1.64 0.71 0.58
C TRP A 36 2.62 1.88 0.71
N PHE A 37 3.79 1.71 0.10
CA PHE A 37 4.90 2.65 0.02
C PHE A 37 5.34 2.77 -1.43
N ARG A 38 6.04 3.85 -1.79
CA ARG A 38 6.63 4.03 -3.13
C ARG A 38 8.04 4.61 -3.08
N GLN A 39 8.90 4.15 -3.97
CA GLN A 39 10.35 4.39 -3.96
C GLN A 39 10.91 4.70 -5.36
N ALA A 40 11.89 5.60 -5.42
CA ALA A 40 12.56 6.08 -6.62
C ALA A 40 14.08 5.78 -6.62
N PRO A 41 14.74 5.73 -7.79
CA PRO A 41 16.18 5.50 -7.88
C PRO A 41 16.97 6.66 -7.24
N GLY A 42 17.92 6.33 -6.35
CA GLY A 42 18.80 7.27 -5.67
C GLY A 42 18.17 8.12 -4.55
N LYS A 43 16.86 7.98 -4.27
CA LYS A 43 16.12 8.73 -3.24
C LYS A 43 15.57 7.80 -2.13
N GLU A 44 14.94 8.39 -1.12
CA GLU A 44 14.15 7.64 -0.13
C GLU A 44 12.70 7.40 -0.56
N ARG A 45 12.12 6.42 0.13
CA ARG A 45 10.73 6.00 0.03
C ARG A 45 9.78 6.98 0.75
N GLU A 46 8.51 6.90 0.38
CA GLU A 46 7.39 7.55 1.06
C GLU A 46 6.20 6.60 1.22
N GLY A 47 5.42 6.76 2.29
CA GLY A 47 4.14 6.06 2.47
C GLY A 47 3.06 6.64 1.56
N VAL A 48 2.19 5.79 1.02
CA VAL A 48 1.16 6.17 0.04
C VAL A 48 -0.22 6.13 0.68
N SER A 49 -0.67 4.93 1.06
CA SER A 49 -1.97 4.66 1.65
C SER A 49 -1.91 3.38 2.51
N ALA A 50 -2.69 3.32 3.59
CA ALA A 50 -2.69 2.18 4.51
C ALA A 50 -4.05 1.93 5.15
N ILE A 51 -4.28 0.71 5.65
CA ILE A 51 -5.53 0.27 6.28
C ILE A 51 -5.25 -0.61 7.50
N SER A 52 -5.89 -0.33 8.64
CA SER A 52 -5.72 -1.05 9.90
C SER A 52 -6.68 -2.24 10.08
N SER A 53 -6.54 -2.99 11.18
CA SER A 53 -7.39 -4.14 11.51
C SER A 53 -8.89 -3.79 11.56
N SER A 54 -9.73 -4.73 11.09
CA SER A 54 -11.17 -4.56 10.84
C SER A 54 -11.54 -3.38 9.92
N GLY A 55 -10.58 -2.78 9.21
CA GLY A 55 -10.77 -1.53 8.47
C GLY A 55 -11.07 -0.33 9.37
N GLY A 56 -10.65 -0.37 10.65
CA GLY A 56 -11.00 0.62 11.68
C GLY A 56 -10.49 2.05 11.40
N SER A 57 -9.44 2.19 10.59
CA SER A 57 -8.93 3.46 10.06
C SER A 57 -8.23 3.25 8.71
N THR A 58 -8.22 4.29 7.88
CA THR A 58 -7.48 4.36 6.61
C THR A 58 -6.64 5.63 6.53
N ASN A 59 -5.36 5.48 6.22
CA ASN A 59 -4.40 6.57 6.06
C ASN A 59 -4.10 6.87 4.58
N TYR A 60 -3.83 8.14 4.26
CA TYR A 60 -3.54 8.64 2.91
C TYR A 60 -2.54 9.81 2.95
N ALA A 61 -1.55 9.80 2.05
CA ALA A 61 -0.57 10.87 1.87
C ALA A 61 -1.15 12.15 1.25
N ASP A 62 -0.55 13.32 1.54
CA ASP A 62 -1.01 14.63 1.02
C ASP A 62 -0.94 14.73 -0.52
N SER A 63 -0.02 13.99 -1.16
CA SER A 63 0.08 13.87 -2.62
C SER A 63 -1.08 13.08 -3.26
N VAL A 64 -1.72 12.19 -2.49
CA VAL A 64 -2.66 11.18 -3.02
C VAL A 64 -4.10 11.31 -2.52
N LYS A 65 -4.33 12.02 -1.42
CA LYS A 65 -5.68 12.31 -0.87
C LYS A 65 -6.61 12.84 -1.97
N GLY A 66 -7.78 12.20 -2.10
CA GLY A 66 -8.78 12.46 -3.15
C GLY A 66 -8.55 11.74 -4.49
N ARG A 67 -7.36 11.15 -4.72
CA ARG A 67 -7.03 10.35 -5.92
C ARG A 67 -6.90 8.87 -5.61
N PHE A 68 -6.18 8.52 -4.55
CA PHE A 68 -5.92 7.16 -4.12
C PHE A 68 -6.98 6.67 -3.12
N THR A 69 -7.26 5.36 -3.15
CA THR A 69 -8.24 4.68 -2.28
C THR A 69 -7.76 3.25 -2.00
N ILE A 70 -7.64 2.87 -0.72
CA ILE A 70 -7.19 1.54 -0.30
C ILE A 70 -8.34 0.71 0.31
N SER A 71 -8.32 -0.60 0.02
CA SER A 71 -9.32 -1.58 0.50
C SER A 71 -8.70 -2.96 0.70
N ARG A 72 -8.80 -3.54 1.90
CA ARG A 72 -8.43 -4.95 2.17
C ARG A 72 -9.60 -5.91 1.99
N ASP A 73 -9.30 -7.14 1.59
CA ASP A 73 -10.23 -8.26 1.48
C ASP A 73 -9.66 -9.49 2.20
N ASN A 74 -10.35 -9.93 3.25
CA ASN A 74 -9.91 -11.00 4.14
C ASN A 74 -10.35 -12.42 3.68
N ALA A 75 -11.24 -12.52 2.68
CA ALA A 75 -11.57 -13.78 2.01
C ALA A 75 -10.59 -14.08 0.86
N LYS A 76 -10.22 -13.06 0.08
CA LYS A 76 -9.18 -13.13 -0.97
C LYS A 76 -7.75 -12.99 -0.45
N ASN A 77 -7.58 -12.62 0.83
CA ASN A 77 -6.31 -12.36 1.51
C ASN A 77 -5.41 -11.38 0.74
N THR A 78 -6.01 -10.31 0.22
CA THR A 78 -5.37 -9.31 -0.66
C THR A 78 -5.77 -7.89 -0.29
N VAL A 79 -4.85 -6.93 -0.47
CA VAL A 79 -5.11 -5.49 -0.32
C VAL A 79 -5.01 -4.76 -1.66
N TYR A 80 -6.12 -4.16 -2.08
CA TYR A 80 -6.25 -3.42 -3.32
C TYR A 80 -6.00 -1.92 -3.10
N LEU A 81 -5.21 -1.31 -3.97
CA LEU A 81 -4.97 0.14 -4.00
C LEU A 81 -5.36 0.72 -5.37
N GLN A 82 -6.47 1.43 -5.40
CA GLN A 82 -6.90 2.25 -6.54
C GLN A 82 -6.17 3.61 -6.53
N MET A 83 -5.88 4.17 -7.72
CA MET A 83 -5.33 5.53 -7.88
C MET A 83 -5.88 6.24 -9.13
N ASN A 84 -5.98 7.58 -9.12
CA ASN A 84 -6.63 8.37 -10.18
C ASN A 84 -5.89 9.68 -10.48
N SER A 85 -6.26 10.35 -11.58
CA SER A 85 -5.77 11.68 -12.00
C SER A 85 -4.23 11.79 -11.91
N LEU A 86 -3.56 10.73 -12.38
CA LEU A 86 -2.13 10.49 -12.14
C LEU A 86 -1.22 11.57 -12.73
N LYS A 87 -0.14 11.88 -12.01
CA LYS A 87 0.89 12.87 -12.37
C LYS A 87 2.24 12.18 -12.56
N PRO A 88 3.17 12.75 -13.36
CA PRO A 88 4.52 12.22 -13.52
C PRO A 88 5.25 11.98 -12.19
N GLU A 89 4.98 12.79 -11.15
CA GLU A 89 5.57 12.61 -9.81
C GLU A 89 5.05 11.38 -9.03
N ASP A 90 3.99 10.71 -9.50
CA ASP A 90 3.57 9.40 -8.98
C ASP A 90 4.44 8.23 -9.48
N THR A 91 5.33 8.46 -10.46
CA THR A 91 6.24 7.43 -11.02
C THR A 91 7.24 6.93 -9.98
N ALA A 92 7.15 5.66 -9.62
CA ALA A 92 7.95 4.99 -8.61
C ALA A 92 7.69 3.47 -8.60
N VAL A 93 8.52 2.70 -7.90
CA VAL A 93 8.25 1.29 -7.58
C VAL A 93 7.46 1.26 -6.27
N TYR A 94 6.27 0.68 -6.32
CA TYR A 94 5.39 0.50 -5.17
C TYR A 94 5.75 -0.80 -4.44
N TYR A 95 5.54 -0.81 -3.12
CA TYR A 95 5.81 -1.91 -2.19
C TYR A 95 4.70 -1.98 -1.14
N CYS A 96 4.34 -3.18 -0.71
CA CYS A 96 3.36 -3.45 0.34
C CYS A 96 3.90 -4.46 1.37
N ALA A 97 3.42 -4.35 2.61
CA ALA A 97 3.76 -5.24 3.72
C ALA A 97 2.67 -5.18 4.80
N ALA A 98 2.65 -6.17 5.67
CA ALA A 98 1.73 -6.29 6.81
C ALA A 98 2.45 -6.06 8.16
N VAL A 99 1.70 -5.64 9.18
CA VAL A 99 2.16 -5.52 10.58
C VAL A 99 1.06 -6.03 11.53
N ASP A 100 1.49 -6.75 12.58
CA ASP A 100 0.70 -7.54 13.53
C ASP A 100 -0.21 -6.71 14.48
N ASP A 101 -1.11 -5.91 13.90
CA ASP A 101 -1.94 -4.90 14.58
C ASP A 101 -2.77 -5.46 15.75
N VAL A 102 -3.46 -6.60 15.54
CA VAL A 102 -4.22 -7.30 16.61
C VAL A 102 -3.30 -8.10 17.54
N GLY A 103 -2.19 -8.63 17.02
CA GLY A 103 -1.30 -9.58 17.71
C GLY A 103 -0.27 -8.96 18.66
N THR A 104 -0.09 -7.63 18.66
CA THR A 104 0.97 -6.92 19.41
C THR A 104 0.47 -5.68 20.15
N THR A 105 1.37 -5.05 20.92
CA THR A 105 1.13 -3.96 21.91
C THR A 105 0.70 -2.59 21.33
N VAL A 106 0.15 -2.55 20.11
CA VAL A 106 -0.19 -1.31 19.38
C VAL A 106 -1.19 -0.44 20.17
N GLN A 107 -0.88 0.85 20.32
CA GLN A 107 -1.57 1.80 21.21
C GLN A 107 -2.63 2.69 20.53
N ALA A 108 -2.91 2.47 19.25
CA ALA A 108 -3.79 3.31 18.43
C ALA A 108 -4.49 2.53 17.31
N MET A 109 -5.48 3.16 16.67
CA MET A 109 -6.17 2.64 15.47
C MET A 109 -5.36 2.83 14.17
N ALA A 110 -4.24 3.53 14.25
CA ALA A 110 -3.49 4.05 13.11
C ALA A 110 -1.97 3.82 13.23
N VAL A 111 -1.29 3.68 12.09
CA VAL A 111 0.12 3.25 11.95
C VAL A 111 1.15 4.37 12.21
N HIS A 112 0.81 5.35 13.06
CA HIS A 112 1.64 6.54 13.35
C HIS A 112 2.81 6.28 14.33
N GLU A 113 2.87 5.11 14.97
CA GLU A 113 3.97 4.71 15.87
C GLU A 113 5.33 4.58 15.13
N PRO A 114 6.48 4.74 15.83
CA PRO A 114 7.81 4.87 15.21
C PRO A 114 8.40 3.60 14.59
N TYR A 115 7.80 2.41 14.80
CA TYR A 115 8.21 1.18 14.11
C TYR A 115 7.85 1.19 12.60
N GLU A 116 8.37 0.22 11.85
CA GLU A 116 8.11 0.03 10.42
C GLU A 116 8.13 -1.46 10.02
N TYR A 117 7.67 -1.72 8.80
CA TYR A 117 7.39 -3.04 8.23
C TYR A 117 8.66 -3.81 7.82
N ASP A 118 8.55 -5.14 7.69
CA ASP A 118 9.68 -6.03 7.34
C ASP A 118 9.37 -7.03 6.20
N TYR A 119 8.10 -7.41 5.98
CA TYR A 119 7.70 -8.48 5.06
C TYR A 119 7.57 -8.06 3.58
N TRP A 120 8.00 -6.84 3.21
CA TRP A 120 7.95 -6.33 1.83
C TRP A 120 8.81 -7.15 0.84
N GLY A 121 8.35 -7.21 -0.42
CA GLY A 121 8.99 -7.96 -1.50
C GLY A 121 8.21 -7.92 -2.81
N GLN A 122 8.86 -8.30 -3.92
CA GLN A 122 8.28 -8.29 -5.29
C GLN A 122 7.80 -6.90 -5.75
N GLY A 123 8.52 -5.82 -5.38
CA GLY A 123 8.20 -4.43 -5.67
C GLY A 123 7.80 -4.18 -7.13
N THR A 124 6.64 -3.58 -7.31
CA THR A 124 5.94 -3.44 -8.59
C THR A 124 6.08 -2.03 -9.17
N GLN A 125 6.67 -1.91 -10.36
CA GLN A 125 7.02 -0.65 -11.01
C GLN A 125 5.76 0.06 -11.55
N VAL A 126 5.61 1.35 -11.27
CA VAL A 126 4.57 2.22 -11.88
C VAL A 126 5.19 3.45 -12.53
N THR A 127 4.92 3.68 -13.82
CA THR A 127 5.34 4.87 -14.57
C THR A 127 4.14 5.64 -15.10
N VAL A 128 4.20 6.97 -14.99
CA VAL A 128 3.19 7.91 -15.51
C VAL A 128 3.81 8.79 -16.58
N SER A 129 3.47 8.55 -17.84
CA SER A 129 4.08 9.21 -19.01
C SER A 129 3.25 9.02 -20.29
N SER A 130 3.08 10.10 -21.07
CA SER A 130 2.30 10.15 -22.32
C SER A 130 3.01 9.50 -23.52
N GLN A 1 5.09 -18.30 9.02
CA GLN A 1 5.60 -17.99 7.65
C GLN A 1 4.95 -16.71 7.13
N VAL A 2 5.72 -15.86 6.43
CA VAL A 2 5.22 -14.60 5.82
C VAL A 2 5.86 -14.37 4.45
N GLN A 3 5.02 -14.14 3.44
CA GLN A 3 5.41 -13.73 2.08
C GLN A 3 4.28 -12.90 1.47
N LEU A 4 4.61 -11.76 0.84
CA LEU A 4 3.65 -10.94 0.11
C LEU A 4 4.06 -10.80 -1.37
N GLN A 5 3.10 -10.52 -2.23
CA GLN A 5 3.29 -10.41 -3.69
C GLN A 5 2.40 -9.30 -4.28
N GLU A 6 3.07 -8.23 -4.72
CA GLU A 6 2.52 -7.08 -5.43
C GLU A 6 2.20 -7.44 -6.90
N SER A 7 1.15 -6.81 -7.44
CA SER A 7 0.68 -6.97 -8.81
C SER A 7 -0.13 -5.73 -9.25
N GLY A 8 -0.46 -5.65 -10.54
CA GLY A 8 -1.29 -4.60 -11.14
C GLY A 8 -0.55 -3.31 -11.52
N GLY A 9 0.71 -3.12 -11.08
CA GLY A 9 1.55 -2.00 -11.51
C GLY A 9 1.92 -2.10 -13.00
N GLY A 10 1.95 -0.95 -13.69
CA GLY A 10 2.34 -0.83 -15.09
C GLY A 10 2.52 0.61 -15.55
N LEU A 11 2.66 0.83 -16.86
CA LEU A 11 2.73 2.16 -17.46
C LEU A 11 1.32 2.71 -17.79
N VAL A 12 1.11 4.01 -17.57
CA VAL A 12 -0.16 4.72 -17.79
C VAL A 12 0.10 6.18 -18.21
N GLN A 13 -0.81 6.80 -18.95
CA GLN A 13 -0.75 8.23 -19.31
C GLN A 13 -1.03 9.17 -18.11
N PRO A 14 -0.49 10.39 -18.13
CA PRO A 14 -0.80 11.41 -17.13
C PRO A 14 -2.28 11.81 -17.19
N GLY A 15 -2.87 12.04 -16.01
CA GLY A 15 -4.31 12.21 -15.79
C GLY A 15 -5.10 10.90 -15.74
N GLY A 16 -4.45 9.75 -15.95
CA GLY A 16 -5.04 8.41 -15.90
C GLY A 16 -5.24 7.85 -14.47
N SER A 17 -5.46 6.54 -14.39
CA SER A 17 -5.70 5.78 -13.17
C SER A 17 -5.12 4.37 -13.24
N LEU A 18 -4.89 3.77 -12.06
CA LEU A 18 -4.28 2.46 -11.88
C LEU A 18 -4.89 1.70 -10.68
N ARG A 19 -4.68 0.38 -10.64
CA ARG A 19 -5.23 -0.54 -9.63
C ARG A 19 -4.20 -1.61 -9.28
N LEU A 20 -3.55 -1.45 -8.12
CA LEU A 20 -2.56 -2.38 -7.57
C LEU A 20 -3.21 -3.40 -6.63
N SER A 21 -2.52 -4.53 -6.43
CA SER A 21 -2.98 -5.68 -5.63
C SER A 21 -1.84 -6.27 -4.80
N CYS A 22 -1.97 -6.28 -3.48
CA CYS A 22 -1.02 -6.86 -2.52
C CYS A 22 -1.58 -8.19 -1.99
N ALA A 23 -1.29 -9.31 -2.67
CA ALA A 23 -1.70 -10.63 -2.19
C ALA A 23 -0.73 -11.15 -1.12
N ALA A 24 -1.25 -11.83 -0.09
CA ALA A 24 -0.49 -12.34 1.04
C ALA A 24 -0.56 -13.86 1.19
N SER A 25 0.56 -14.46 1.64
CA SER A 25 0.77 -15.91 1.79
C SER A 25 1.45 -16.24 3.12
N GLY A 26 1.10 -17.40 3.70
CA GLY A 26 1.59 -17.88 5.01
C GLY A 26 0.84 -17.29 6.23
N PHE A 27 0.09 -16.20 6.04
CA PHE A 27 -0.73 -15.54 7.06
C PHE A 27 -2.04 -14.99 6.49
N THR A 28 -2.97 -14.66 7.37
CA THR A 28 -4.30 -14.12 7.00
C THR A 28 -4.41 -12.65 7.38
N LEU A 29 -4.91 -11.81 6.47
CA LEU A 29 -4.92 -10.33 6.60
C LEU A 29 -5.73 -9.81 7.81
N ASP A 30 -6.66 -10.61 8.28
CA ASP A 30 -7.55 -10.38 9.41
C ASP A 30 -6.81 -9.92 10.68
N TYR A 31 -5.57 -10.38 10.86
CA TYR A 31 -4.72 -10.10 12.03
C TYR A 31 -3.67 -9.00 11.78
N TYR A 32 -3.62 -8.41 10.57
CA TYR A 32 -2.54 -7.52 10.15
C TYR A 32 -3.02 -6.23 9.46
N ALA A 33 -2.33 -5.13 9.75
CA ALA A 33 -2.44 -3.89 9.01
C ALA A 33 -1.46 -3.95 7.83
N ILE A 34 -1.91 -3.60 6.61
CA ILE A 34 -1.08 -3.64 5.40
C ILE A 34 -0.90 -2.23 4.85
N GLY A 35 0.33 -1.89 4.48
CA GLY A 35 0.70 -0.59 3.92
C GLY A 35 1.43 -0.69 2.60
N TRP A 36 1.06 0.19 1.66
CA TRP A 36 1.78 0.43 0.40
C TRP A 36 2.82 1.55 0.57
N PHE A 37 3.97 1.35 -0.05
CA PHE A 37 5.11 2.27 -0.09
C PHE A 37 5.58 2.38 -1.54
N ARG A 38 6.25 3.48 -1.91
CA ARG A 38 6.77 3.68 -3.27
C ARG A 38 8.13 4.36 -3.29
N GLN A 39 9.00 3.98 -4.23
CA GLN A 39 10.33 4.55 -4.40
C GLN A 39 10.69 4.74 -5.88
N ALA A 40 11.07 5.96 -6.27
CA ALA A 40 11.65 6.29 -7.58
C ALA A 40 13.20 6.34 -7.49
N PRO A 41 13.93 6.25 -8.61
CA PRO A 41 15.38 6.46 -8.60
C PRO A 41 15.71 7.90 -8.17
N GLY A 42 16.50 8.03 -7.10
CA GLY A 42 16.86 9.33 -6.49
C GLY A 42 15.86 9.88 -5.46
N LYS A 43 14.80 9.15 -5.08
CA LYS A 43 13.90 9.50 -3.95
C LYS A 43 13.85 8.41 -2.87
N GLU A 44 13.08 8.70 -1.84
CA GLU A 44 12.85 7.83 -0.68
C GLU A 44 11.66 6.87 -0.84
N ARG A 45 11.64 5.84 0.00
CA ARG A 45 10.58 4.82 0.07
C ARG A 45 9.39 5.29 0.91
N GLU A 46 8.70 6.31 0.39
CA GLU A 46 7.59 6.99 1.07
C GLU A 46 6.34 6.10 1.19
N GLY A 47 5.61 6.22 2.31
CA GLY A 47 4.32 5.55 2.51
C GLY A 47 3.23 6.24 1.72
N VAL A 48 2.42 5.46 0.98
CA VAL A 48 1.37 6.00 0.08
C VAL A 48 0.01 5.96 0.79
N SER A 49 -0.40 4.76 1.21
CA SER A 49 -1.64 4.50 1.93
C SER A 49 -1.57 3.15 2.66
N ALA A 50 -2.32 2.99 3.76
CA ALA A 50 -2.34 1.77 4.56
C ALA A 50 -3.70 1.54 5.22
N ILE A 51 -4.08 0.28 5.43
CA ILE A 51 -5.34 -0.12 6.08
C ILE A 51 -5.04 -0.98 7.32
N SER A 52 -5.68 -0.66 8.45
CA SER A 52 -5.43 -1.32 9.75
C SER A 52 -6.00 -2.74 9.84
N SER A 53 -5.60 -3.49 10.88
CA SER A 53 -6.12 -4.84 11.17
C SER A 53 -7.64 -4.90 11.32
N SER A 54 -8.28 -3.81 11.76
CA SER A 54 -9.74 -3.71 11.89
C SER A 54 -10.48 -3.69 10.54
N GLY A 55 -9.81 -3.24 9.47
CA GLY A 55 -10.42 -2.93 8.16
C GLY A 55 -11.32 -1.67 8.17
N GLY A 56 -11.52 -1.02 9.33
CA GLY A 56 -12.32 0.19 9.50
C GLY A 56 -11.51 1.48 9.40
N SER A 57 -10.31 1.50 9.99
CA SER A 57 -9.40 2.66 9.97
C SER A 57 -8.35 2.56 8.85
N THR A 58 -8.10 3.68 8.16
CA THR A 58 -7.21 3.81 6.99
C THR A 58 -6.30 5.05 7.10
N ASN A 59 -5.22 5.04 6.33
CA ASN A 59 -4.14 6.02 6.33
C ASN A 59 -3.82 6.46 4.89
N TYR A 60 -3.46 7.74 4.68
CA TYR A 60 -3.13 8.31 3.36
C TYR A 60 -2.09 9.43 3.44
N ALA A 61 -1.21 9.50 2.43
CA ALA A 61 -0.27 10.62 2.25
C ALA A 61 -0.96 11.92 1.79
N ASP A 62 -0.42 13.07 2.18
CA ASP A 62 -0.92 14.39 1.76
C ASP A 62 -0.81 14.62 0.24
N SER A 63 0.13 13.96 -0.43
CA SER A 63 0.28 13.96 -1.90
C SER A 63 -0.79 13.15 -2.65
N VAL A 64 -1.59 12.33 -1.95
CA VAL A 64 -2.52 11.35 -2.57
C VAL A 64 -3.94 11.42 -2.05
N LYS A 65 -4.16 12.01 -0.87
CA LYS A 65 -5.49 12.30 -0.30
C LYS A 65 -6.38 12.98 -1.34
N GLY A 66 -7.56 12.39 -1.58
CA GLY A 66 -8.52 12.84 -2.58
C GLY A 66 -8.35 12.26 -4.00
N ARG A 67 -7.28 11.50 -4.29
CA ARG A 67 -7.11 10.81 -5.60
C ARG A 67 -6.64 9.35 -5.52
N PHE A 68 -6.09 8.91 -4.39
CA PHE A 68 -5.79 7.49 -4.09
C PHE A 68 -6.80 6.93 -3.07
N THR A 69 -7.06 5.63 -3.13
CA THR A 69 -8.00 4.90 -2.24
C THR A 69 -7.54 3.46 -2.00
N ILE A 70 -7.34 3.06 -0.75
CA ILE A 70 -7.01 1.67 -0.36
C ILE A 70 -8.25 0.90 0.12
N SER A 71 -8.28 -0.41 -0.09
CA SER A 71 -9.30 -1.33 0.45
C SER A 71 -8.80 -2.78 0.46
N ARG A 72 -9.04 -3.53 1.55
CA ARG A 72 -8.70 -4.96 1.64
C ARG A 72 -9.89 -5.89 1.39
N ASP A 73 -9.59 -7.09 0.91
CA ASP A 73 -10.52 -8.20 0.78
C ASP A 73 -9.95 -9.44 1.48
N ASN A 74 -10.59 -9.81 2.59
CA ASN A 74 -10.17 -10.89 3.48
C ASN A 74 -10.47 -12.30 2.94
N ALA A 75 -11.40 -12.44 1.98
CA ALA A 75 -11.64 -13.70 1.26
C ALA A 75 -10.61 -13.92 0.15
N LYS A 76 -10.20 -12.85 -0.55
CA LYS A 76 -9.08 -12.83 -1.50
C LYS A 76 -7.70 -12.91 -0.84
N ASN A 77 -7.62 -12.57 0.45
CA ASN A 77 -6.38 -12.35 1.21
C ASN A 77 -5.45 -11.32 0.49
N THR A 78 -6.06 -10.28 -0.09
CA THR A 78 -5.40 -9.26 -0.92
C THR A 78 -5.82 -7.85 -0.53
N VAL A 79 -4.87 -6.90 -0.59
CA VAL A 79 -5.12 -5.46 -0.38
C VAL A 79 -4.99 -4.69 -1.70
N TYR A 80 -6.08 -4.08 -2.14
CA TYR A 80 -6.13 -3.29 -3.36
C TYR A 80 -5.84 -1.81 -3.09
N LEU A 81 -5.05 -1.19 -3.96
CA LEU A 81 -4.83 0.27 -3.99
C LEU A 81 -5.24 0.82 -5.35
N GLN A 82 -6.38 1.51 -5.38
CA GLN A 82 -6.82 2.32 -6.52
C GLN A 82 -6.10 3.68 -6.49
N MET A 83 -5.69 4.18 -7.66
CA MET A 83 -5.11 5.50 -7.81
C MET A 83 -5.65 6.20 -9.07
N ASN A 84 -5.80 7.52 -9.01
CA ASN A 84 -6.41 8.37 -10.03
C ASN A 84 -5.68 9.71 -10.13
N SER A 85 -6.02 10.54 -11.12
CA SER A 85 -5.44 11.89 -11.30
C SER A 85 -3.91 11.90 -11.29
N LEU A 86 -3.31 10.94 -12.00
CA LEU A 86 -1.88 10.63 -11.92
C LEU A 86 -0.99 11.68 -12.59
N LYS A 87 0.05 12.10 -11.87
CA LYS A 87 1.08 13.05 -12.28
C LYS A 87 2.36 12.31 -12.69
N PRO A 88 3.28 12.93 -13.46
CA PRO A 88 4.58 12.35 -13.76
C PRO A 88 5.39 11.91 -12.52
N GLU A 89 5.34 12.70 -11.44
CA GLU A 89 6.01 12.39 -10.15
C GLU A 89 5.40 11.21 -9.36
N ASP A 90 4.25 10.66 -9.77
CA ASP A 90 3.73 9.39 -9.25
C ASP A 90 4.47 8.16 -9.84
N THR A 91 5.36 8.35 -10.82
CA THR A 91 6.26 7.31 -11.30
C THR A 91 7.21 6.85 -10.19
N ALA A 92 7.07 5.59 -9.78
CA ALA A 92 7.83 4.95 -8.72
C ALA A 92 7.59 3.44 -8.74
N VAL A 93 8.47 2.66 -8.12
CA VAL A 93 8.24 1.24 -7.86
C VAL A 93 7.48 1.12 -6.54
N TYR A 94 6.30 0.51 -6.57
CA TYR A 94 5.42 0.28 -5.43
C TYR A 94 5.74 -1.06 -4.76
N TYR A 95 5.63 -1.10 -3.45
CA TYR A 95 5.93 -2.22 -2.56
C TYR A 95 4.83 -2.32 -1.47
N CYS A 96 4.52 -3.51 -0.99
CA CYS A 96 3.56 -3.73 0.10
C CYS A 96 4.10 -4.63 1.21
N ALA A 97 3.52 -4.52 2.41
CA ALA A 97 4.05 -5.14 3.62
C ALA A 97 2.97 -5.15 4.73
N ALA A 98 3.13 -6.03 5.71
CA ALA A 98 2.20 -6.23 6.82
C ALA A 98 2.80 -5.85 8.19
N VAL A 99 1.94 -5.66 9.20
CA VAL A 99 2.29 -5.51 10.61
C VAL A 99 1.17 -6.05 11.52
N ASP A 100 1.54 -6.76 12.57
CA ASP A 100 0.68 -7.53 13.50
C ASP A 100 -0.23 -6.67 14.42
N ASP A 101 -0.80 -5.58 13.91
CA ASP A 101 -1.51 -4.54 14.69
C ASP A 101 -2.88 -4.96 15.27
N VAL A 102 -3.24 -6.25 15.24
CA VAL A 102 -4.44 -6.78 15.94
C VAL A 102 -4.31 -6.62 17.46
N GLY A 103 -3.08 -6.62 18.00
CA GLY A 103 -2.80 -6.24 19.38
C GLY A 103 -2.88 -4.72 19.55
N THR A 104 -3.94 -4.23 20.22
CA THR A 104 -4.21 -2.81 20.51
C THR A 104 -4.12 -1.90 19.26
N THR A 105 -4.96 -2.19 18.26
CA THR A 105 -4.99 -1.55 16.93
C THR A 105 -5.04 -0.03 16.98
N VAL A 106 -4.27 0.65 16.12
CA VAL A 106 -4.15 2.12 16.10
C VAL A 106 -5.49 2.83 15.83
N GLN A 107 -5.75 3.92 16.55
CA GLN A 107 -7.02 4.68 16.54
C GLN A 107 -6.92 5.99 15.72
N ALA A 108 -6.02 6.03 14.73
CA ALA A 108 -5.66 7.23 13.96
C ALA A 108 -5.27 6.92 12.51
N MET A 109 -5.23 7.96 11.67
CA MET A 109 -4.85 7.90 10.25
C MET A 109 -3.35 8.15 9.98
N ALA A 110 -2.52 8.17 11.03
CA ALA A 110 -1.09 8.47 10.97
C ALA A 110 -0.21 7.23 11.24
N VAL A 111 0.98 7.21 10.64
CA VAL A 111 1.94 6.08 10.65
C VAL A 111 3.34 6.49 11.18
N HIS A 112 3.41 7.55 11.97
CA HIS A 112 4.66 8.21 12.44
C HIS A 112 5.44 7.45 13.54
N GLU A 113 5.14 6.16 13.77
CA GLU A 113 5.85 5.28 14.71
C GLU A 113 7.30 4.99 14.26
N PRO A 114 8.23 4.71 15.20
CA PRO A 114 9.62 4.34 14.86
C PRO A 114 9.75 2.92 14.29
N TYR A 115 8.84 2.01 14.65
CA TYR A 115 8.73 0.67 14.06
C TYR A 115 7.97 0.69 12.72
N GLU A 116 8.17 -0.32 11.88
CA GLU A 116 7.61 -0.40 10.53
C GLU A 116 7.28 -1.86 10.10
N TYR A 117 6.74 -1.98 8.90
CA TYR A 117 6.20 -3.19 8.28
C TYR A 117 7.33 -4.12 7.79
N ASP A 118 8.13 -4.66 8.71
CA ASP A 118 9.38 -5.40 8.44
C ASP A 118 9.19 -6.85 7.94
N TYR A 119 8.51 -7.03 6.79
CA TYR A 119 8.34 -8.31 6.08
C TYR A 119 8.56 -8.17 4.56
N TRP A 120 8.89 -9.28 3.90
CA TRP A 120 9.31 -9.34 2.50
C TRP A 120 8.18 -9.16 1.47
N GLY A 121 8.51 -8.51 0.35
CA GLY A 121 7.70 -8.35 -0.85
C GLY A 121 8.56 -8.34 -2.13
N GLN A 122 7.92 -8.42 -3.29
CA GLN A 122 8.57 -8.55 -4.61
C GLN A 122 8.65 -7.21 -5.39
N GLY A 123 7.72 -6.31 -5.13
CA GLY A 123 7.58 -4.99 -5.77
C GLY A 123 6.95 -5.01 -7.17
N THR A 124 6.45 -3.85 -7.62
CA THR A 124 5.86 -3.65 -8.96
C THR A 124 6.07 -2.20 -9.44
N GLN A 125 6.61 -2.00 -10.65
CA GLN A 125 6.87 -0.68 -11.21
C GLN A 125 5.57 0.01 -11.67
N VAL A 126 5.44 1.30 -11.35
CA VAL A 126 4.41 2.19 -11.90
C VAL A 126 5.09 3.36 -12.60
N THR A 127 4.76 3.61 -13.87
CA THR A 127 5.28 4.73 -14.66
C THR A 127 4.16 5.57 -15.27
N VAL A 128 4.29 6.89 -15.20
CA VAL A 128 3.29 7.84 -15.70
C VAL A 128 3.88 8.68 -16.84
N SER A 129 3.42 8.44 -18.07
CA SER A 129 4.02 8.98 -19.29
C SER A 129 3.09 8.86 -20.50
N SER A 130 2.98 9.94 -21.30
CA SER A 130 2.11 10.05 -22.49
C SER A 130 2.70 9.31 -23.71
N GLN A 1 6.33 -18.74 9.00
CA GLN A 1 6.69 -18.62 7.56
C GLN A 1 5.62 -17.82 6.81
N VAL A 2 6.04 -16.84 5.99
CA VAL A 2 5.15 -15.87 5.29
C VAL A 2 5.66 -15.60 3.87
N GLN A 3 4.74 -15.23 2.96
CA GLN A 3 5.06 -14.77 1.61
C GLN A 3 4.04 -13.72 1.12
N LEU A 4 4.51 -12.70 0.39
CA LEU A 4 3.67 -11.68 -0.25
C LEU A 4 3.98 -11.62 -1.76
N GLN A 5 3.01 -11.19 -2.56
CA GLN A 5 3.17 -10.96 -4.00
C GLN A 5 2.41 -9.71 -4.46
N GLU A 6 2.91 -9.03 -5.48
CA GLU A 6 2.39 -7.74 -5.98
C GLU A 6 2.04 -7.79 -7.46
N SER A 7 0.95 -7.10 -7.83
CA SER A 7 0.39 -7.12 -9.20
C SER A 7 -0.30 -5.79 -9.54
N GLY A 8 -0.53 -5.58 -10.85
CA GLY A 8 -1.32 -4.46 -11.38
C GLY A 8 -0.52 -3.21 -11.76
N GLY A 9 0.72 -3.07 -11.28
CA GLY A 9 1.60 -1.96 -11.69
C GLY A 9 2.00 -2.02 -13.17
N GLY A 10 2.04 -0.87 -13.84
CA GLY A 10 2.49 -0.73 -15.23
C GLY A 10 2.62 0.72 -15.71
N LEU A 11 2.72 0.90 -17.02
CA LEU A 11 2.71 2.21 -17.69
C LEU A 11 1.27 2.73 -17.83
N VAL A 12 1.08 4.03 -17.58
CA VAL A 12 -0.20 4.76 -17.75
C VAL A 12 0.06 6.20 -18.17
N GLN A 13 -0.86 6.83 -18.90
CA GLN A 13 -0.78 8.26 -19.23
C GLN A 13 -1.01 9.18 -18.02
N PRO A 14 -0.50 10.43 -18.06
CA PRO A 14 -0.86 11.45 -17.10
C PRO A 14 -2.36 11.76 -17.17
N GLY A 15 -2.95 12.04 -16.02
CA GLY A 15 -4.41 12.18 -15.83
C GLY A 15 -5.17 10.84 -15.81
N GLY A 16 -4.48 9.70 -15.98
CA GLY A 16 -5.07 8.36 -15.94
C GLY A 16 -5.33 7.81 -14.53
N SER A 17 -5.50 6.48 -14.46
CA SER A 17 -5.78 5.72 -13.24
C SER A 17 -5.18 4.31 -13.30
N LEU A 18 -4.98 3.70 -12.13
CA LEU A 18 -4.33 2.40 -11.94
C LEU A 18 -4.91 1.64 -10.74
N ARG A 19 -4.67 0.32 -10.69
CA ARG A 19 -5.20 -0.59 -9.66
C ARG A 19 -4.17 -1.66 -9.30
N LEU A 20 -3.51 -1.48 -8.16
CA LEU A 20 -2.52 -2.40 -7.60
C LEU A 20 -3.17 -3.44 -6.66
N SER A 21 -2.48 -4.56 -6.45
CA SER A 21 -2.91 -5.69 -5.62
C SER A 21 -1.73 -6.27 -4.81
N CYS A 22 -1.83 -6.33 -3.49
CA CYS A 22 -0.88 -6.96 -2.57
C CYS A 22 -1.48 -8.25 -2.00
N ALA A 23 -1.20 -9.39 -2.63
CA ALA A 23 -1.64 -10.70 -2.17
C ALA A 23 -0.70 -11.29 -1.11
N ALA A 24 -1.23 -12.15 -0.23
CA ALA A 24 -0.49 -12.70 0.92
C ALA A 24 -0.76 -14.20 1.16
N SER A 25 0.24 -14.87 1.74
CA SER A 25 0.23 -16.29 2.13
C SER A 25 1.04 -16.52 3.42
N GLY A 26 0.70 -17.56 4.18
CA GLY A 26 1.27 -17.87 5.50
C GLY A 26 0.67 -17.07 6.67
N PHE A 27 -0.12 -16.03 6.37
CA PHE A 27 -0.92 -15.24 7.32
C PHE A 27 -2.21 -14.74 6.67
N THR A 28 -3.15 -14.27 7.50
CA THR A 28 -4.45 -13.76 7.07
C THR A 28 -4.60 -12.27 7.41
N LEU A 29 -5.07 -11.48 6.44
CA LEU A 29 -5.07 -10.00 6.50
C LEU A 29 -6.03 -9.41 7.55
N ASP A 30 -6.95 -10.23 8.04
CA ASP A 30 -7.88 -9.89 9.13
C ASP A 30 -7.18 -9.60 10.47
N TYR A 31 -5.96 -10.10 10.65
CA TYR A 31 -5.15 -9.96 11.86
C TYR A 31 -3.91 -9.07 11.68
N TYR A 32 -3.67 -8.53 10.47
CA TYR A 32 -2.49 -7.74 10.14
C TYR A 32 -2.88 -6.46 9.37
N ALA A 33 -2.30 -5.32 9.74
CA ALA A 33 -2.39 -4.09 8.95
C ALA A 33 -1.40 -4.14 7.77
N ILE A 34 -1.75 -3.51 6.65
CA ILE A 34 -0.94 -3.46 5.43
C ILE A 34 -0.80 -2.02 4.96
N GLY A 35 0.41 -1.65 4.53
CA GLY A 35 0.75 -0.35 3.97
C GLY A 35 1.51 -0.47 2.65
N TRP A 36 1.10 0.32 1.67
CA TRP A 36 1.82 0.55 0.41
C TRP A 36 2.83 1.69 0.58
N PHE A 37 3.99 1.52 -0.06
CA PHE A 37 5.13 2.43 -0.10
C PHE A 37 5.61 2.54 -1.54
N ARG A 38 6.42 3.56 -1.87
CA ARG A 38 7.00 3.73 -3.20
C ARG A 38 8.40 4.34 -3.19
N GLN A 39 9.22 3.97 -4.18
CA GLN A 39 10.61 4.42 -4.37
C GLN A 39 10.88 4.85 -5.82
N ALA A 40 11.66 5.91 -5.99
CA ALA A 40 11.98 6.53 -7.29
C ALA A 40 13.48 6.91 -7.37
N PRO A 41 14.05 7.07 -8.59
CA PRO A 41 15.46 7.42 -8.74
C PRO A 41 15.77 8.79 -8.11
N GLY A 42 16.85 8.85 -7.31
CA GLY A 42 17.26 10.03 -6.54
C GLY A 42 16.47 10.29 -5.24
N LYS A 43 15.23 9.79 -5.13
CA LYS A 43 14.41 9.84 -3.91
C LYS A 43 14.65 8.66 -2.97
N GLU A 44 14.08 8.75 -1.78
CA GLU A 44 13.98 7.69 -0.76
C GLU A 44 12.60 7.00 -0.81
N ARG A 45 12.38 6.00 0.07
CA ARG A 45 11.06 5.39 0.27
C ARG A 45 10.10 6.35 0.98
N GLU A 46 8.90 6.46 0.43
CA GLU A 46 7.77 7.22 1.00
C GLU A 46 6.52 6.35 1.08
N GLY A 47 5.63 6.62 2.05
CA GLY A 47 4.35 5.94 2.19
C GLY A 47 3.32 6.44 1.19
N VAL A 48 2.31 5.62 0.90
CA VAL A 48 1.24 5.94 -0.05
C VAL A 48 -0.13 5.84 0.61
N SER A 49 -0.52 4.63 1.03
CA SER A 49 -1.84 4.33 1.60
C SER A 49 -1.79 3.06 2.45
N ALA A 50 -2.61 2.95 3.49
CA ALA A 50 -2.59 1.81 4.43
C ALA A 50 -3.97 1.50 5.04
N ILE A 51 -4.16 0.26 5.53
CA ILE A 51 -5.39 -0.20 6.18
C ILE A 51 -5.09 -0.99 7.48
N SER A 52 -5.69 -0.56 8.60
CA SER A 52 -5.54 -1.17 9.94
C SER A 52 -6.49 -2.35 10.19
N SER A 53 -6.36 -3.06 11.31
CA SER A 53 -7.27 -4.15 11.71
C SER A 53 -8.75 -3.77 11.62
N SER A 54 -9.57 -4.69 11.09
CA SER A 54 -11.00 -4.57 10.76
C SER A 54 -11.39 -3.34 9.90
N GLY A 55 -10.41 -2.67 9.28
CA GLY A 55 -10.60 -1.43 8.51
C GLY A 55 -10.94 -0.21 9.38
N GLY A 56 -10.60 -0.24 10.68
CA GLY A 56 -10.99 0.78 11.65
C GLY A 56 -10.44 2.19 11.40
N SER A 57 -9.30 2.29 10.70
CA SER A 57 -8.65 3.56 10.34
C SER A 57 -7.76 3.41 9.10
N THR A 58 -8.32 3.64 7.91
CA THR A 58 -7.54 3.77 6.67
C THR A 58 -6.70 5.06 6.70
N ASN A 59 -5.50 4.99 6.11
CA ASN A 59 -4.52 6.08 6.09
C ASN A 59 -4.01 6.39 4.67
N TYR A 60 -3.62 7.64 4.44
CA TYR A 60 -3.23 8.18 3.12
C TYR A 60 -2.13 9.23 3.25
N ALA A 61 -1.21 9.27 2.27
CA ALA A 61 -0.17 10.30 2.14
C ALA A 61 -0.72 11.65 1.65
N ASP A 62 -0.12 12.76 2.06
CA ASP A 62 -0.52 14.12 1.64
C ASP A 62 -0.39 14.37 0.12
N SER A 63 0.48 13.60 -0.56
CA SER A 63 0.62 13.57 -2.02
C SER A 63 -0.57 12.93 -2.75
N VAL A 64 -1.34 12.07 -2.07
CA VAL A 64 -2.35 11.19 -2.70
C VAL A 64 -3.78 11.35 -2.16
N LYS A 65 -3.94 11.94 -0.98
CA LYS A 65 -5.24 12.26 -0.36
C LYS A 65 -6.20 12.90 -1.38
N GLY A 66 -7.37 12.30 -1.55
CA GLY A 66 -8.41 12.71 -2.50
C GLY A 66 -8.28 12.13 -3.92
N ARG A 67 -7.20 11.40 -4.27
CA ARG A 67 -7.03 10.74 -5.59
C ARG A 67 -6.49 9.30 -5.54
N PHE A 68 -6.15 8.78 -4.35
CA PHE A 68 -5.83 7.36 -4.10
C PHE A 68 -6.83 6.79 -3.07
N THR A 69 -7.10 5.49 -3.16
CA THR A 69 -8.07 4.77 -2.31
C THR A 69 -7.62 3.32 -2.06
N ILE A 70 -7.51 2.91 -0.79
CA ILE A 70 -7.10 1.55 -0.40
C ILE A 70 -8.27 0.74 0.20
N SER A 71 -8.29 -0.56 -0.11
CA SER A 71 -9.33 -1.51 0.33
C SER A 71 -8.77 -2.94 0.36
N ARG A 72 -8.90 -3.66 1.50
CA ARG A 72 -8.58 -5.10 1.56
C ARG A 72 -9.77 -6.00 1.26
N ASP A 73 -9.46 -7.24 0.92
CA ASP A 73 -10.39 -8.36 0.80
C ASP A 73 -9.79 -9.58 1.52
N ASN A 74 -10.42 -9.99 2.63
CA ASN A 74 -9.91 -11.04 3.51
C ASN A 74 -10.13 -12.45 2.94
N ALA A 75 -11.18 -12.66 2.12
CA ALA A 75 -11.47 -13.93 1.47
C ALA A 75 -10.50 -14.21 0.30
N LYS A 76 -10.15 -13.16 -0.47
CA LYS A 76 -9.08 -13.19 -1.49
C LYS A 76 -7.68 -13.04 -0.88
N ASN A 77 -7.57 -12.67 0.41
CA ASN A 77 -6.34 -12.41 1.15
C ASN A 77 -5.41 -11.42 0.40
N THR A 78 -6.00 -10.34 -0.14
CA THR A 78 -5.32 -9.33 -0.96
C THR A 78 -5.73 -7.90 -0.56
N VAL A 79 -4.78 -6.96 -0.60
CA VAL A 79 -5.04 -5.51 -0.44
C VAL A 79 -4.95 -4.79 -1.78
N TYR A 80 -6.04 -4.19 -2.21
CA TYR A 80 -6.13 -3.40 -3.43
C TYR A 80 -5.86 -1.92 -3.16
N LEU A 81 -5.10 -1.28 -4.05
CA LEU A 81 -4.86 0.16 -4.06
C LEU A 81 -5.28 0.74 -5.43
N GLN A 82 -6.41 1.42 -5.45
CA GLN A 82 -6.86 2.23 -6.60
C GLN A 82 -6.16 3.60 -6.57
N MET A 83 -5.78 4.10 -7.73
CA MET A 83 -5.22 5.45 -7.90
C MET A 83 -5.80 6.14 -9.15
N ASN A 84 -5.92 7.45 -9.10
CA ASN A 84 -6.56 8.32 -10.09
C ASN A 84 -5.82 9.68 -10.16
N SER A 85 -6.17 10.53 -11.13
CA SER A 85 -5.60 11.89 -11.28
C SER A 85 -4.07 11.89 -11.26
N LEU A 86 -3.46 10.96 -12.01
CA LEU A 86 -2.02 10.67 -11.95
C LEU A 86 -1.13 11.75 -12.58
N LYS A 87 0.02 11.99 -11.96
CA LYS A 87 1.07 12.94 -12.36
C LYS A 87 2.40 12.22 -12.57
N PRO A 88 3.36 12.79 -13.34
CA PRO A 88 4.69 12.25 -13.50
C PRO A 88 5.40 11.93 -12.18
N GLU A 89 5.17 12.72 -11.12
CA GLU A 89 5.75 12.48 -9.79
C GLU A 89 5.20 11.25 -9.04
N ASP A 90 4.16 10.59 -9.56
CA ASP A 90 3.66 9.29 -9.09
C ASP A 90 4.50 8.11 -9.65
N THR A 91 5.36 8.35 -10.64
CA THR A 91 6.26 7.33 -11.23
C THR A 91 7.25 6.81 -10.19
N ALA A 92 7.16 5.53 -9.87
CA ALA A 92 7.94 4.84 -8.86
C ALA A 92 7.70 3.33 -8.87
N VAL A 93 8.57 2.58 -8.20
CA VAL A 93 8.33 1.17 -7.88
C VAL A 93 7.58 1.15 -6.54
N TYR A 94 6.36 0.64 -6.55
CA TYR A 94 5.52 0.45 -5.36
C TYR A 94 5.91 -0.86 -4.67
N TYR A 95 5.70 -0.93 -3.35
CA TYR A 95 5.99 -2.05 -2.47
C TYR A 95 4.88 -2.18 -1.41
N CYS A 96 4.52 -3.39 -1.00
CA CYS A 96 3.60 -3.61 0.13
C CYS A 96 4.24 -4.44 1.26
N ALA A 97 3.63 -4.44 2.46
CA ALA A 97 4.18 -5.07 3.66
C ALA A 97 3.09 -5.20 4.75
N ALA A 98 3.31 -6.09 5.72
CA ALA A 98 2.36 -6.39 6.79
C ALA A 98 2.93 -6.18 8.21
N VAL A 99 2.05 -5.95 9.18
CA VAL A 99 2.35 -5.82 10.61
C VAL A 99 1.24 -6.42 11.48
N ASP A 100 1.62 -7.19 12.50
CA ASP A 100 0.72 -7.82 13.49
C ASP A 100 0.11 -6.79 14.47
N ASP A 101 -0.70 -5.86 13.95
CA ASP A 101 -1.20 -4.69 14.68
C ASP A 101 -2.24 -5.04 15.76
N VAL A 102 -3.06 -6.07 15.54
CA VAL A 102 -4.20 -6.45 16.40
C VAL A 102 -3.79 -6.82 17.83
N GLY A 103 -2.54 -7.26 18.05
CA GLY A 103 -1.98 -7.58 19.36
C GLY A 103 -1.57 -6.37 20.21
N THR A 104 -1.62 -5.14 19.66
CA THR A 104 -1.10 -3.91 20.29
C THR A 104 -2.16 -2.80 20.31
N THR A 105 -2.39 -2.19 21.48
CA THR A 105 -3.29 -1.03 21.64
C THR A 105 -2.68 0.27 21.09
N VAL A 106 -3.52 1.27 20.81
CA VAL A 106 -3.09 2.65 20.48
C VAL A 106 -4.06 3.66 21.12
N GLN A 107 -3.52 4.70 21.75
CA GLN A 107 -4.26 5.68 22.57
C GLN A 107 -4.94 6.81 21.74
N ALA A 108 -4.95 6.70 20.42
CA ALA A 108 -5.46 7.72 19.49
C ALA A 108 -5.97 7.13 18.17
N MET A 109 -6.79 7.91 17.46
CA MET A 109 -7.36 7.54 16.14
C MET A 109 -6.43 7.84 14.94
N ALA A 110 -5.23 8.38 15.18
CA ALA A 110 -4.25 8.77 14.16
C ALA A 110 -2.80 8.45 14.61
N VAL A 111 -1.90 8.31 13.63
CA VAL A 111 -0.48 7.96 13.84
C VAL A 111 0.46 9.15 13.63
N HIS A 112 1.62 9.11 14.30
CA HIS A 112 2.72 10.09 14.22
C HIS A 112 4.10 9.42 14.12
N GLU A 113 4.20 8.15 14.54
CA GLU A 113 5.38 7.28 14.42
C GLU A 113 5.70 6.89 12.96
N PRO A 114 6.97 6.53 12.64
CA PRO A 114 7.36 6.00 11.33
C PRO A 114 6.79 4.58 11.05
N TYR A 115 7.08 4.06 9.86
CA TYR A 115 6.74 2.70 9.43
C TYR A 115 7.26 1.62 10.40
N GLU A 116 6.48 0.54 10.55
CA GLU A 116 6.73 -0.53 11.53
C GLU A 116 6.39 -1.94 11.02
N TYR A 117 6.69 -2.22 9.74
CA TYR A 117 6.29 -3.44 9.03
C TYR A 117 7.40 -4.49 9.00
N ASP A 118 7.00 -5.77 9.06
CA ASP A 118 7.91 -6.92 9.25
C ASP A 118 8.48 -7.49 7.93
N TYR A 119 8.05 -6.97 6.77
CA TYR A 119 8.34 -7.50 5.44
C TYR A 119 8.62 -6.38 4.41
N TRP A 120 9.10 -6.76 3.22
CA TRP A 120 9.42 -5.84 2.10
C TRP A 120 8.63 -6.14 0.81
N GLY A 121 7.69 -7.08 0.85
CA GLY A 121 6.83 -7.43 -0.28
C GLY A 121 7.58 -8.10 -1.45
N GLN A 122 7.24 -7.69 -2.67
CA GLN A 122 7.82 -8.17 -3.92
C GLN A 122 8.30 -7.03 -4.83
N GLY A 123 7.65 -5.86 -4.76
CA GLY A 123 7.84 -4.73 -5.67
C GLY A 123 7.04 -4.86 -6.98
N THR A 124 6.34 -3.80 -7.37
CA THR A 124 5.66 -3.66 -8.68
C THR A 124 5.86 -2.24 -9.28
N GLN A 125 6.33 -2.17 -10.53
CA GLN A 125 6.75 -0.94 -11.20
C GLN A 125 5.56 -0.11 -11.69
N VAL A 126 5.57 1.21 -11.49
CA VAL A 126 4.58 2.14 -12.07
C VAL A 126 5.25 3.36 -12.73
N THR A 127 4.91 3.64 -13.99
CA THR A 127 5.33 4.83 -14.74
C THR A 127 4.13 5.62 -15.26
N VAL A 128 4.20 6.95 -15.13
CA VAL A 128 3.20 7.90 -15.65
C VAL A 128 3.80 8.72 -16.79
N SER A 129 3.37 8.44 -18.03
CA SER A 129 3.90 9.04 -19.26
C SER A 129 2.98 8.77 -20.46
N SER A 130 2.74 9.79 -21.29
CA SER A 130 1.84 9.76 -22.47
C SER A 130 2.37 8.93 -23.64
N GLN A 1 6.12 -20.20 7.99
CA GLN A 1 6.66 -19.48 6.81
C GLN A 1 5.61 -18.57 6.17
N VAL A 2 6.03 -17.49 5.50
CA VAL A 2 5.16 -16.47 4.88
C VAL A 2 5.72 -16.03 3.51
N GLN A 3 4.83 -15.69 2.58
CA GLN A 3 5.14 -15.07 1.28
C GLN A 3 4.17 -13.92 0.98
N LEU A 4 4.65 -12.88 0.30
CA LEU A 4 3.84 -11.79 -0.27
C LEU A 4 4.26 -11.52 -1.72
N GLN A 5 3.30 -11.09 -2.53
CA GLN A 5 3.44 -10.89 -3.97
C GLN A 5 2.63 -9.67 -4.44
N GLU A 6 3.19 -8.91 -5.39
CA GLU A 6 2.61 -7.66 -5.90
C GLU A 6 2.27 -7.76 -7.39
N SER A 7 1.21 -7.06 -7.81
CA SER A 7 0.68 -7.09 -9.18
C SER A 7 -0.09 -5.81 -9.51
N GLY A 8 -0.41 -5.62 -10.80
CA GLY A 8 -1.22 -4.51 -11.32
C GLY A 8 -0.43 -3.24 -11.67
N GLY A 9 0.76 -3.04 -11.11
CA GLY A 9 1.65 -1.93 -11.49
C GLY A 9 2.13 -2.03 -12.94
N GLY A 10 2.18 -0.89 -13.63
CA GLY A 10 2.66 -0.77 -15.01
C GLY A 10 2.74 0.67 -15.52
N LEU A 11 2.83 0.83 -16.84
CA LEU A 11 2.78 2.12 -17.52
C LEU A 11 1.33 2.58 -17.75
N VAL A 12 1.06 3.87 -17.54
CA VAL A 12 -0.24 4.54 -17.77
C VAL A 12 -0.02 5.99 -18.21
N GLN A 13 -0.95 6.57 -18.99
CA GLN A 13 -0.90 7.99 -19.37
C GLN A 13 -1.22 8.94 -18.20
N PRO A 14 -0.70 10.19 -18.23
CA PRO A 14 -1.04 11.22 -17.27
C PRO A 14 -2.53 11.58 -17.34
N GLY A 15 -3.13 11.82 -16.17
CA GLY A 15 -4.57 11.99 -15.97
C GLY A 15 -5.35 10.67 -15.88
N GLY A 16 -4.68 9.53 -16.06
CA GLY A 16 -5.26 8.18 -15.97
C GLY A 16 -5.45 7.67 -14.54
N SER A 17 -5.67 6.36 -14.41
CA SER A 17 -5.88 5.62 -13.17
C SER A 17 -5.26 4.22 -13.22
N LEU A 18 -5.02 3.63 -12.05
CA LEU A 18 -4.36 2.33 -11.86
C LEU A 18 -4.95 1.57 -10.66
N ARG A 19 -4.69 0.25 -10.64
CA ARG A 19 -5.08 -0.68 -9.56
C ARG A 19 -3.90 -1.60 -9.25
N LEU A 20 -3.35 -1.47 -8.05
CA LEU A 20 -2.33 -2.38 -7.49
C LEU A 20 -2.97 -3.41 -6.57
N SER A 21 -2.29 -4.54 -6.39
CA SER A 21 -2.73 -5.70 -5.62
C SER A 21 -1.58 -6.32 -4.83
N CYS A 22 -1.66 -6.36 -3.50
CA CYS A 22 -0.71 -7.03 -2.62
C CYS A 22 -1.31 -8.33 -2.07
N ALA A 23 -1.06 -9.45 -2.73
CA ALA A 23 -1.53 -10.77 -2.32
C ALA A 23 -0.56 -11.43 -1.31
N ALA A 24 -1.08 -12.28 -0.41
CA ALA A 24 -0.32 -12.92 0.66
C ALA A 24 -0.62 -14.41 0.85
N SER A 25 0.37 -15.14 1.37
CA SER A 25 0.30 -16.57 1.68
C SER A 25 1.10 -16.93 2.94
N GLY A 26 0.71 -18.01 3.62
CA GLY A 26 1.26 -18.45 4.92
C GLY A 26 0.66 -17.76 6.15
N PHE A 27 -0.09 -16.66 5.95
CA PHE A 27 -0.89 -15.98 6.97
C PHE A 27 -2.15 -15.35 6.35
N THR A 28 -3.11 -15.01 7.21
CA THR A 28 -4.36 -14.35 6.80
C THR A 28 -4.30 -12.86 7.12
N LEU A 29 -4.66 -12.00 6.16
CA LEU A 29 -4.56 -10.53 6.27
C LEU A 29 -5.46 -9.92 7.35
N ASP A 30 -6.48 -10.66 7.78
CA ASP A 30 -7.52 -10.24 8.73
C ASP A 30 -6.95 -9.63 10.03
N TYR A 31 -5.88 -10.24 10.55
CA TYR A 31 -5.21 -9.82 11.78
C TYR A 31 -4.07 -8.79 11.53
N TYR A 32 -3.79 -8.45 10.27
CA TYR A 32 -2.62 -7.65 9.90
C TYR A 32 -2.99 -6.28 9.32
N ALA A 33 -2.14 -5.30 9.61
CA ALA A 33 -2.13 -4.00 8.97
C ALA A 33 -1.17 -4.05 7.76
N ILE A 34 -1.51 -3.40 6.66
CA ILE A 34 -0.74 -3.39 5.42
C ILE A 34 -0.54 -1.94 4.94
N GLY A 35 0.69 -1.60 4.54
CA GLY A 35 1.03 -0.28 3.98
C GLY A 35 1.76 -0.37 2.65
N TRP A 36 1.32 0.44 1.68
CA TRP A 36 2.01 0.68 0.42
C TRP A 36 3.00 1.83 0.58
N PHE A 37 4.21 1.65 0.06
CA PHE A 37 5.29 2.63 -0.01
C PHE A 37 5.76 2.72 -1.46
N ARG A 38 6.37 3.85 -1.86
CA ARG A 38 6.93 3.99 -3.22
C ARG A 38 8.29 4.68 -3.23
N GLN A 39 9.19 4.22 -4.09
CA GLN A 39 10.53 4.79 -4.32
C GLN A 39 10.72 5.26 -5.76
N ALA A 40 10.93 6.55 -5.91
CA ALA A 40 11.36 7.20 -7.16
C ALA A 40 12.90 7.14 -7.31
N PRO A 41 13.44 7.27 -8.54
CA PRO A 41 14.89 7.24 -8.75
C PRO A 41 15.58 8.40 -8.02
N GLY A 42 16.64 8.08 -7.27
CA GLY A 42 17.43 9.03 -6.46
C GLY A 42 16.78 9.51 -5.15
N LYS A 43 15.49 9.23 -4.92
CA LYS A 43 14.73 9.70 -3.74
C LYS A 43 14.37 8.59 -2.73
N GLU A 44 13.95 9.03 -1.55
CA GLU A 44 13.51 8.18 -0.44
C GLU A 44 12.16 7.49 -0.68
N ARG A 45 11.81 6.56 0.21
CA ARG A 45 10.47 5.96 0.29
C ARG A 45 9.48 6.87 1.02
N GLU A 46 8.32 7.07 0.41
CA GLU A 46 7.15 7.69 1.02
C GLU A 46 6.03 6.65 1.20
N GLY A 47 5.36 6.66 2.34
CA GLY A 47 4.16 5.85 2.60
C GLY A 47 2.96 6.44 1.88
N VAL A 48 2.46 5.74 0.86
CA VAL A 48 1.42 6.24 -0.06
C VAL A 48 0.05 6.16 0.60
N SER A 49 -0.31 4.95 1.06
CA SER A 49 -1.54 4.66 1.78
C SER A 49 -1.40 3.33 2.55
N ALA A 50 -2.13 3.20 3.66
CA ALA A 50 -2.12 1.99 4.50
C ALA A 50 -3.50 1.72 5.11
N ILE A 51 -3.74 0.47 5.51
CA ILE A 51 -4.97 0.02 6.17
C ILE A 51 -4.62 -0.76 7.45
N SER A 52 -5.29 -0.47 8.55
CA SER A 52 -4.95 -0.90 9.91
C SER A 52 -6.20 -1.01 10.83
N SER A 53 -6.01 -1.26 12.13
CA SER A 53 -7.08 -1.44 13.12
C SER A 53 -8.07 -2.57 12.76
N SER A 54 -7.54 -3.71 12.31
CA SER A 54 -8.33 -4.84 11.76
C SER A 54 -9.26 -4.42 10.61
N GLY A 55 -8.79 -3.51 9.75
CA GLY A 55 -9.55 -2.91 8.63
C GLY A 55 -10.39 -1.68 9.02
N GLY A 56 -10.42 -1.29 10.30
CA GLY A 56 -11.22 -0.17 10.83
C GLY A 56 -10.62 1.24 10.58
N SER A 57 -9.35 1.34 10.20
CA SER A 57 -8.62 2.61 10.01
C SER A 57 -7.77 2.62 8.73
N THR A 58 -7.54 3.81 8.17
CA THR A 58 -6.70 4.01 6.98
C THR A 58 -5.82 5.26 7.08
N ASN A 59 -4.62 5.18 6.50
CA ASN A 59 -3.69 6.31 6.29
C ASN A 59 -3.55 6.65 4.80
N TYR A 60 -3.26 7.93 4.49
CA TYR A 60 -3.02 8.45 3.14
C TYR A 60 -2.02 9.62 3.15
N ALA A 61 -1.15 9.70 2.15
CA ALA A 61 -0.24 10.84 1.94
C ALA A 61 -0.95 12.13 1.49
N ASP A 62 -0.41 13.30 1.85
CA ASP A 62 -0.97 14.61 1.48
C ASP A 62 -0.99 14.86 -0.04
N SER A 63 -0.10 14.23 -0.81
CA SER A 63 -0.10 14.26 -2.28
C SER A 63 -1.22 13.43 -2.92
N VAL A 64 -1.76 12.43 -2.21
CA VAL A 64 -2.67 11.42 -2.77
C VAL A 64 -4.09 11.47 -2.21
N LYS A 65 -4.28 12.08 -1.04
CA LYS A 65 -5.59 12.33 -0.44
C LYS A 65 -6.55 12.98 -1.45
N GLY A 66 -7.69 12.34 -1.67
CA GLY A 66 -8.70 12.75 -2.66
C GLY A 66 -8.55 12.13 -4.06
N ARG A 67 -7.45 11.39 -4.36
CA ARG A 67 -7.28 10.67 -5.65
C ARG A 67 -6.75 9.24 -5.54
N PHE A 68 -6.21 8.81 -4.41
CA PHE A 68 -5.86 7.41 -4.09
C PHE A 68 -6.84 6.81 -3.06
N THR A 69 -7.02 5.49 -3.09
CA THR A 69 -7.94 4.75 -2.20
C THR A 69 -7.45 3.32 -1.96
N ILE A 70 -7.20 2.94 -0.69
CA ILE A 70 -6.82 1.57 -0.30
C ILE A 70 -8.02 0.78 0.24
N SER A 71 -8.01 -0.54 0.06
CA SER A 71 -8.97 -1.48 0.67
C SER A 71 -8.40 -2.91 0.74
N ARG A 72 -8.55 -3.58 1.89
CA ARG A 72 -8.21 -5.01 2.05
C ARG A 72 -9.42 -5.91 1.83
N ASP A 73 -9.21 -6.98 1.07
CA ASP A 73 -10.20 -8.04 0.80
C ASP A 73 -9.75 -9.35 1.47
N ASN A 74 -10.23 -9.57 2.69
CA ASN A 74 -9.80 -10.71 3.52
C ASN A 74 -10.26 -12.08 2.98
N ALA A 75 -11.34 -12.13 2.19
CA ALA A 75 -11.77 -13.33 1.46
C ALA A 75 -10.81 -13.72 0.31
N LYS A 76 -10.14 -12.73 -0.30
CA LYS A 76 -9.14 -12.90 -1.37
C LYS A 76 -7.69 -12.99 -0.85
N ASN A 77 -7.48 -12.63 0.43
CA ASN A 77 -6.17 -12.44 1.07
C ASN A 77 -5.27 -11.45 0.31
N THR A 78 -5.86 -10.35 -0.20
CA THR A 78 -5.19 -9.33 -1.01
C THR A 78 -5.56 -7.91 -0.56
N VAL A 79 -4.60 -6.99 -0.55
CA VAL A 79 -4.83 -5.55 -0.36
C VAL A 79 -4.75 -4.81 -1.69
N TYR A 80 -5.84 -4.15 -2.08
CA TYR A 80 -5.92 -3.38 -3.30
C TYR A 80 -5.67 -1.90 -3.04
N LEU A 81 -4.90 -1.25 -3.93
CA LEU A 81 -4.68 0.19 -3.95
C LEU A 81 -5.13 0.76 -5.30
N GLN A 82 -6.28 1.41 -5.32
CA GLN A 82 -6.75 2.21 -6.45
C GLN A 82 -6.05 3.58 -6.45
N MET A 83 -5.72 4.09 -7.64
CA MET A 83 -5.15 5.43 -7.81
C MET A 83 -5.72 6.10 -9.07
N ASN A 84 -5.89 7.42 -9.03
CA ASN A 84 -6.54 8.24 -10.06
C ASN A 84 -5.82 9.59 -10.19
N SER A 85 -6.21 10.41 -11.19
CA SER A 85 -5.67 11.76 -11.40
C SER A 85 -4.14 11.80 -11.42
N LEU A 86 -3.55 10.85 -12.14
CA LEU A 86 -2.11 10.56 -12.10
C LEU A 86 -1.22 11.61 -12.76
N LYS A 87 -0.19 12.04 -12.03
CA LYS A 87 0.86 12.99 -12.41
C LYS A 87 2.15 12.24 -12.79
N PRO A 88 3.08 12.85 -13.54
CA PRO A 88 4.37 12.24 -13.82
C PRO A 88 5.22 12.01 -12.55
N GLU A 89 5.07 12.85 -11.53
CA GLU A 89 5.73 12.67 -10.21
C GLU A 89 5.19 11.50 -9.37
N ASP A 90 4.08 10.87 -9.79
CA ASP A 90 3.60 9.61 -9.20
C ASP A 90 4.39 8.38 -9.70
N THR A 91 5.26 8.53 -10.71
CA THR A 91 6.17 7.47 -11.18
C THR A 91 7.16 7.06 -10.10
N ALA A 92 7.12 5.79 -9.71
CA ALA A 92 7.96 5.17 -8.69
C ALA A 92 7.74 3.65 -8.67
N VAL A 93 8.65 2.89 -8.06
CA VAL A 93 8.41 1.48 -7.76
C VAL A 93 7.69 1.40 -6.42
N TYR A 94 6.48 0.84 -6.44
CA TYR A 94 5.66 0.59 -5.26
C TYR A 94 6.10 -0.72 -4.58
N TYR A 95 5.87 -0.80 -3.27
CA TYR A 95 6.18 -1.93 -2.39
C TYR A 95 5.09 -2.05 -1.32
N CYS A 96 4.70 -3.28 -0.95
CA CYS A 96 3.76 -3.55 0.14
C CYS A 96 4.40 -4.45 1.23
N ALA A 97 3.81 -4.51 2.43
CA ALA A 97 4.31 -5.27 3.58
C ALA A 97 3.20 -5.42 4.63
N ALA A 98 3.32 -6.41 5.53
CA ALA A 98 2.33 -6.74 6.55
C ALA A 98 2.90 -6.74 7.99
N VAL A 99 2.08 -6.35 8.96
CA VAL A 99 2.40 -6.32 10.40
C VAL A 99 1.22 -6.77 11.27
N ASP A 100 1.48 -7.65 12.24
CA ASP A 100 0.49 -8.24 13.17
C ASP A 100 -0.01 -7.21 14.22
N ASP A 101 -0.78 -6.22 13.78
CA ASP A 101 -1.18 -5.05 14.57
C ASP A 101 -2.71 -4.86 14.68
N VAL A 102 -3.37 -5.80 15.36
CA VAL A 102 -4.78 -5.68 15.78
C VAL A 102 -4.97 -4.67 16.93
N GLY A 103 -3.92 -4.43 17.73
CA GLY A 103 -3.94 -3.67 18.99
C GLY A 103 -3.62 -2.18 18.86
N THR A 104 -4.07 -1.53 17.79
CA THR A 104 -3.79 -0.11 17.50
C THR A 104 -4.31 0.85 18.58
N THR A 105 -3.54 1.89 18.90
CA THR A 105 -3.97 3.01 19.75
C THR A 105 -5.08 3.83 19.07
N VAL A 106 -6.06 4.30 19.84
CA VAL A 106 -7.20 5.08 19.31
C VAL A 106 -6.74 6.42 18.73
N GLN A 107 -7.19 6.74 17.51
CA GLN A 107 -6.82 7.94 16.73
C GLN A 107 -7.47 9.26 17.22
N ALA A 108 -7.71 9.40 18.54
CA ALA A 108 -8.50 10.49 19.12
C ALA A 108 -7.92 11.89 18.90
N MET A 109 -6.60 12.04 19.02
CA MET A 109 -5.86 13.25 18.65
C MET A 109 -5.46 13.29 17.17
N ALA A 110 -4.83 12.20 16.73
CA ALA A 110 -4.11 12.12 15.47
C ALA A 110 -3.86 10.67 15.04
N VAL A 111 -3.37 10.49 13.81
CA VAL A 111 -3.24 9.20 13.13
C VAL A 111 -1.87 9.07 12.44
N HIS A 112 -1.32 7.86 12.40
CA HIS A 112 0.01 7.55 11.87
C HIS A 112 0.13 6.10 11.38
N GLU A 113 1.14 5.84 10.55
CA GLU A 113 1.57 4.49 10.13
C GLU A 113 2.55 3.87 11.15
N PRO A 114 2.62 2.52 11.26
CA PRO A 114 3.60 1.84 12.11
C PRO A 114 5.05 2.04 11.61
N TYR A 115 6.02 1.90 12.52
CA TYR A 115 7.44 2.19 12.24
C TYR A 115 8.05 1.23 11.19
N GLU A 116 7.77 -0.06 11.28
CA GLU A 116 8.19 -1.10 10.32
C GLU A 116 7.26 -2.33 10.35
N TYR A 117 7.56 -3.33 9.51
CA TYR A 117 6.68 -4.47 9.21
C TYR A 117 7.34 -5.84 9.46
N ASP A 118 6.52 -6.85 9.71
CA ASP A 118 6.96 -8.22 9.98
C ASP A 118 7.39 -8.97 8.71
N TYR A 119 6.69 -8.73 7.59
CA TYR A 119 6.93 -9.41 6.31
C TYR A 119 6.87 -8.40 5.14
N TRP A 120 7.95 -8.29 4.37
CA TRP A 120 8.05 -7.42 3.19
C TRP A 120 7.54 -8.10 1.90
N GLY A 121 7.12 -7.30 0.92
CA GLY A 121 6.57 -7.72 -0.36
C GLY A 121 7.61 -8.09 -1.44
N GLN A 122 7.31 -7.70 -2.68
CA GLN A 122 8.02 -8.12 -3.90
C GLN A 122 8.48 -6.93 -4.78
N GLY A 123 7.82 -5.78 -4.66
CA GLY A 123 7.99 -4.62 -5.54
C GLY A 123 7.22 -4.72 -6.87
N THR A 124 6.57 -3.62 -7.28
CA THR A 124 5.94 -3.47 -8.60
C THR A 124 6.10 -2.03 -9.12
N GLN A 125 6.61 -1.86 -10.35
CA GLN A 125 6.85 -0.55 -10.97
C GLN A 125 5.54 0.14 -11.35
N VAL A 126 5.43 1.44 -11.08
CA VAL A 126 4.36 2.31 -11.60
C VAL A 126 4.99 3.48 -12.34
N THR A 127 4.58 3.70 -13.59
CA THR A 127 5.10 4.75 -14.47
C THR A 127 3.98 5.52 -15.15
N VAL A 128 4.10 6.85 -15.19
CA VAL A 128 3.07 7.76 -15.71
C VAL A 128 3.65 8.61 -16.85
N SER A 129 3.25 8.31 -18.09
CA SER A 129 3.74 8.94 -19.32
C SER A 129 2.85 8.61 -20.53
N SER A 130 2.60 9.61 -21.39
CA SER A 130 1.73 9.53 -22.58
C SER A 130 2.33 8.72 -23.74
N GLN A 1 8.14 -18.02 8.21
CA GLN A 1 8.28 -17.00 7.14
C GLN A 1 6.95 -16.82 6.38
N VAL A 2 6.80 -15.67 5.71
CA VAL A 2 5.63 -15.33 4.86
C VAL A 2 6.08 -14.80 3.49
N GLN A 3 5.13 -14.64 2.56
CA GLN A 3 5.35 -14.01 1.25
C GLN A 3 4.24 -13.01 0.91
N LEU A 4 4.62 -11.85 0.35
CA LEU A 4 3.70 -10.82 -0.14
C LEU A 4 4.04 -10.54 -1.63
N GLN A 5 3.02 -10.56 -2.49
CA GLN A 5 3.15 -10.47 -3.94
C GLN A 5 2.34 -9.28 -4.49
N GLU A 6 3.06 -8.22 -4.85
CA GLU A 6 2.54 -7.06 -5.55
C GLU A 6 2.26 -7.35 -7.04
N SER A 7 1.18 -6.80 -7.56
CA SER A 7 0.81 -6.85 -8.99
C SER A 7 -0.05 -5.64 -9.38
N GLY A 8 -0.39 -5.54 -10.68
CA GLY A 8 -1.20 -4.47 -11.28
C GLY A 8 -0.42 -3.23 -11.71
N GLY A 9 0.84 -3.07 -11.30
CA GLY A 9 1.69 -1.95 -11.73
C GLY A 9 2.02 -2.01 -13.23
N GLY A 10 2.04 -0.84 -13.88
CA GLY A 10 2.40 -0.69 -15.30
C GLY A 10 2.54 0.76 -15.76
N LEU A 11 2.59 0.96 -17.07
CA LEU A 11 2.57 2.27 -17.73
C LEU A 11 1.13 2.81 -17.86
N VAL A 12 0.93 4.11 -17.60
CA VAL A 12 -0.34 4.83 -17.79
C VAL A 12 -0.07 6.30 -18.17
N GLN A 13 -0.96 6.92 -18.94
CA GLN A 13 -0.87 8.35 -19.28
C GLN A 13 -1.16 9.28 -18.09
N PRO A 14 -0.60 10.50 -18.08
CA PRO A 14 -0.91 11.52 -17.08
C PRO A 14 -2.39 11.93 -17.14
N GLY A 15 -2.97 12.15 -15.95
CA GLY A 15 -4.42 12.35 -15.74
C GLY A 15 -5.23 11.05 -15.71
N GLY A 16 -4.60 9.90 -15.95
CA GLY A 16 -5.22 8.57 -15.91
C GLY A 16 -5.42 7.99 -14.51
N SER A 17 -5.64 6.68 -14.45
CA SER A 17 -5.87 5.88 -13.23
C SER A 17 -5.30 4.47 -13.36
N LEU A 18 -5.05 3.84 -12.21
CA LEU A 18 -4.42 2.52 -12.06
C LEU A 18 -5.01 1.76 -10.86
N ARG A 19 -4.78 0.44 -10.80
CA ARG A 19 -5.07 -0.40 -9.64
C ARG A 19 -3.98 -1.44 -9.41
N LEU A 20 -3.53 -1.51 -8.16
CA LEU A 20 -2.53 -2.43 -7.64
C LEU A 20 -3.18 -3.46 -6.70
N SER A 21 -2.48 -4.57 -6.46
CA SER A 21 -2.90 -5.66 -5.57
C SER A 21 -1.71 -6.24 -4.80
N CYS A 22 -1.87 -6.43 -3.48
CA CYS A 22 -0.92 -7.04 -2.56
C CYS A 22 -1.50 -8.36 -2.04
N ALA A 23 -1.27 -9.47 -2.76
CA ALA A 23 -1.73 -10.80 -2.32
C ALA A 23 -0.73 -11.41 -1.33
N ALA A 24 -1.22 -12.09 -0.29
CA ALA A 24 -0.38 -12.62 0.80
C ALA A 24 -0.51 -14.14 1.00
N SER A 25 0.60 -14.77 1.37
CA SER A 25 0.74 -16.21 1.62
C SER A 25 1.55 -16.48 2.90
N GLY A 26 1.20 -17.56 3.62
CA GLY A 26 1.80 -17.94 4.91
C GLY A 26 1.18 -17.27 6.14
N PHE A 27 0.30 -16.28 5.96
CA PHE A 27 -0.50 -15.62 7.01
C PHE A 27 -1.83 -15.11 6.46
N THR A 28 -2.78 -14.86 7.37
CA THR A 28 -4.09 -14.26 7.04
C THR A 28 -4.10 -12.77 7.39
N LEU A 29 -4.57 -11.93 6.46
CA LEU A 29 -4.46 -10.48 6.57
C LEU A 29 -5.26 -9.83 7.70
N ASP A 30 -6.30 -10.50 8.17
CA ASP A 30 -7.28 -9.97 9.13
C ASP A 30 -6.63 -9.32 10.37
N TYR A 31 -5.67 -10.04 10.93
CA TYR A 31 -4.92 -9.68 12.13
C TYR A 31 -3.86 -8.59 11.89
N TYR A 32 -3.60 -8.21 10.63
CA TYR A 32 -2.54 -7.29 10.24
C TYR A 32 -3.07 -6.00 9.59
N ALA A 33 -2.29 -4.94 9.74
CA ALA A 33 -2.46 -3.71 8.97
C ALA A 33 -1.48 -3.76 7.79
N ILE A 34 -1.96 -3.47 6.58
CA ILE A 34 -1.14 -3.49 5.36
C ILE A 34 -0.98 -2.06 4.84
N GLY A 35 0.26 -1.71 4.48
CA GLY A 35 0.63 -0.41 3.92
C GLY A 35 1.37 -0.54 2.60
N TRP A 36 0.98 0.30 1.63
CA TRP A 36 1.70 0.52 0.38
C TRP A 36 2.73 1.65 0.54
N PHE A 37 3.88 1.47 -0.09
CA PHE A 37 5.02 2.36 -0.12
C PHE A 37 5.48 2.48 -1.58
N ARG A 38 6.19 3.55 -1.94
CA ARG A 38 6.74 3.75 -3.29
C ARG A 38 8.12 4.40 -3.26
N GLN A 39 8.94 4.08 -4.26
CA GLN A 39 10.33 4.54 -4.38
C GLN A 39 10.69 4.84 -5.84
N ALA A 40 11.06 6.09 -6.13
CA ALA A 40 11.58 6.51 -7.43
C ALA A 40 13.04 6.04 -7.63
N PRO A 41 13.51 5.88 -8.89
CA PRO A 41 14.86 5.39 -9.17
C PRO A 41 15.94 6.33 -8.61
N GLY A 42 16.82 5.78 -7.76
CA GLY A 42 17.90 6.51 -7.07
C GLY A 42 17.47 7.37 -5.87
N LYS A 43 16.15 7.54 -5.61
CA LYS A 43 15.60 8.29 -4.47
C LYS A 43 15.26 7.38 -3.27
N GLU A 44 14.92 7.99 -2.15
CA GLU A 44 14.33 7.35 -0.97
C GLU A 44 12.90 6.85 -1.24
N ARG A 45 12.41 5.96 -0.37
CA ARG A 45 11.01 5.53 -0.33
C ARG A 45 10.12 6.53 0.45
N GLU A 46 8.83 6.48 0.18
CA GLU A 46 7.76 7.15 0.92
C GLU A 46 6.52 6.24 1.07
N GLY A 47 5.68 6.49 2.08
CA GLY A 47 4.38 5.83 2.24
C GLY A 47 3.34 6.41 1.29
N VAL A 48 2.33 5.60 0.94
CA VAL A 48 1.27 5.98 -0.01
C VAL A 48 -0.10 5.88 0.65
N SER A 49 -0.52 4.67 1.01
CA SER A 49 -1.85 4.39 1.57
C SER A 49 -1.81 3.11 2.42
N ALA A 50 -2.63 3.02 3.47
CA ALA A 50 -2.66 1.87 4.37
C ALA A 50 -4.04 1.59 4.96
N ILE A 51 -4.27 0.36 5.40
CA ILE A 51 -5.52 -0.10 6.02
C ILE A 51 -5.23 -1.00 7.24
N SER A 52 -5.94 -0.78 8.34
CA SER A 52 -5.66 -1.39 9.65
C SER A 52 -6.18 -2.83 9.83
N SER A 53 -5.86 -3.46 10.97
CA SER A 53 -6.48 -4.72 11.40
C SER A 53 -8.01 -4.55 11.57
N SER A 54 -8.76 -5.63 11.35
CA SER A 54 -10.23 -5.65 11.23
C SER A 54 -10.81 -4.72 10.14
N GLY A 55 -9.97 -4.07 9.31
CA GLY A 55 -10.37 -3.06 8.33
C GLY A 55 -10.96 -1.78 8.96
N GLY A 56 -10.70 -1.53 10.25
CA GLY A 56 -11.36 -0.49 11.04
C GLY A 56 -11.06 0.95 10.62
N SER A 57 -9.85 1.21 10.11
CA SER A 57 -9.37 2.54 9.72
C SER A 57 -8.46 2.49 8.48
N THR A 58 -8.40 3.60 7.74
CA THR A 58 -7.51 3.80 6.58
C THR A 58 -6.67 5.07 6.74
N ASN A 59 -5.46 5.04 6.17
CA ASN A 59 -4.50 6.16 6.16
C ASN A 59 -4.02 6.47 4.73
N TYR A 60 -3.68 7.73 4.46
CA TYR A 60 -3.28 8.24 3.15
C TYR A 60 -2.21 9.34 3.25
N ALA A 61 -1.25 9.34 2.32
CA ALA A 61 -0.21 10.37 2.20
C ALA A 61 -0.75 11.73 1.72
N ASP A 62 -0.10 12.82 2.15
CA ASP A 62 -0.53 14.20 1.81
C ASP A 62 -0.54 14.49 0.29
N SER A 63 0.31 13.81 -0.48
CA SER A 63 0.39 13.89 -1.94
C SER A 63 -0.68 13.07 -2.69
N VAL A 64 -1.41 12.18 -2.01
CA VAL A 64 -2.38 11.25 -2.62
C VAL A 64 -3.80 11.35 -2.07
N LYS A 65 -3.97 11.95 -0.88
CA LYS A 65 -5.27 12.26 -0.27
C LYS A 65 -6.19 12.94 -1.29
N GLY A 66 -7.38 12.36 -1.48
CA GLY A 66 -8.39 12.81 -2.45
C GLY A 66 -8.27 12.24 -3.87
N ARG A 67 -7.20 11.47 -4.21
CA ARG A 67 -7.07 10.80 -5.52
C ARG A 67 -6.62 9.33 -5.48
N PHE A 68 -6.05 8.85 -4.37
CA PHE A 68 -5.77 7.42 -4.10
C PHE A 68 -6.80 6.85 -3.10
N THR A 69 -7.07 5.54 -3.19
CA THR A 69 -8.06 4.82 -2.36
C THR A 69 -7.62 3.36 -2.13
N ILE A 70 -7.51 2.92 -0.87
CA ILE A 70 -7.13 1.56 -0.49
C ILE A 70 -8.31 0.75 0.09
N SER A 71 -8.30 -0.57 -0.12
CA SER A 71 -9.25 -1.53 0.48
C SER A 71 -8.68 -2.96 0.54
N ARG A 72 -8.88 -3.67 1.65
CA ARG A 72 -8.52 -5.09 1.82
C ARG A 72 -9.72 -6.02 1.61
N ASP A 73 -9.49 -7.13 0.93
CA ASP A 73 -10.45 -8.21 0.67
C ASP A 73 -9.99 -9.49 1.39
N ASN A 74 -10.48 -9.71 2.62
CA ASN A 74 -10.05 -10.82 3.47
C ASN A 74 -10.45 -12.20 2.92
N ALA A 75 -11.52 -12.29 2.14
CA ALA A 75 -11.90 -13.52 1.40
C ALA A 75 -10.89 -13.90 0.30
N LYS A 76 -10.13 -12.93 -0.21
CA LYS A 76 -9.09 -13.08 -1.24
C LYS A 76 -7.65 -13.06 -0.68
N ASN A 77 -7.50 -12.71 0.60
CA ASN A 77 -6.23 -12.44 1.29
C ASN A 77 -5.34 -11.42 0.53
N THR A 78 -5.98 -10.38 -0.04
CA THR A 78 -5.34 -9.37 -0.91
C THR A 78 -5.75 -7.95 -0.51
N VAL A 79 -4.81 -7.00 -0.60
CA VAL A 79 -5.08 -5.55 -0.44
C VAL A 79 -4.95 -4.82 -1.77
N TYR A 80 -6.02 -4.19 -2.21
CA TYR A 80 -6.08 -3.41 -3.44
C TYR A 80 -5.86 -1.92 -3.17
N LEU A 81 -5.11 -1.27 -4.06
CA LEU A 81 -4.89 0.17 -4.08
C LEU A 81 -5.30 0.75 -5.44
N GLN A 82 -6.45 1.43 -5.47
CA GLN A 82 -6.89 2.25 -6.60
C GLN A 82 -6.17 3.61 -6.58
N MET A 83 -5.80 4.15 -7.74
CA MET A 83 -5.20 5.47 -7.87
C MET A 83 -5.71 6.21 -9.11
N ASN A 84 -5.85 7.53 -9.02
CA ASN A 84 -6.47 8.42 -10.01
C ASN A 84 -5.71 9.76 -10.06
N SER A 85 -6.06 10.64 -11.01
CA SER A 85 -5.46 11.98 -11.18
C SER A 85 -3.92 11.94 -11.19
N LEU A 86 -3.38 10.99 -11.96
CA LEU A 86 -1.97 10.64 -11.93
C LEU A 86 -1.04 11.67 -12.59
N LYS A 87 0.08 11.93 -11.92
CA LYS A 87 1.09 12.94 -12.23
C LYS A 87 2.43 12.26 -12.50
N PRO A 88 3.39 12.92 -13.17
CA PRO A 88 4.69 12.32 -13.42
C PRO A 88 5.48 12.02 -12.13
N GLU A 89 5.24 12.78 -11.05
CA GLU A 89 5.81 12.53 -9.71
C GLU A 89 5.28 11.25 -9.02
N ASP A 90 4.22 10.62 -9.55
CA ASP A 90 3.75 9.30 -9.10
C ASP A 90 4.53 8.12 -9.72
N THR A 91 5.43 8.36 -10.68
CA THR A 91 6.29 7.34 -11.28
C THR A 91 7.31 6.81 -10.26
N ALA A 92 7.17 5.53 -9.90
CA ALA A 92 7.95 4.85 -8.88
C ALA A 92 7.69 3.33 -8.87
N VAL A 93 8.52 2.56 -8.17
CA VAL A 93 8.23 1.16 -7.87
C VAL A 93 7.44 1.12 -6.56
N TYR A 94 6.28 0.47 -6.58
CA TYR A 94 5.36 0.34 -5.43
C TYR A 94 5.58 -1.01 -4.74
N TYR A 95 5.58 -1.00 -3.41
CA TYR A 95 5.83 -2.14 -2.53
C TYR A 95 4.74 -2.22 -1.46
N CYS A 96 4.41 -3.41 -0.97
CA CYS A 96 3.50 -3.62 0.15
C CYS A 96 4.14 -4.39 1.31
N ALA A 97 3.56 -4.23 2.50
CA ALA A 97 4.10 -4.71 3.77
C ALA A 97 2.98 -4.87 4.80
N ALA A 98 3.18 -5.76 5.79
CA ALA A 98 2.23 -6.05 6.86
C ALA A 98 2.84 -5.82 8.26
N VAL A 99 2.01 -5.40 9.21
CA VAL A 99 2.34 -5.21 10.64
C VAL A 99 1.25 -5.81 11.54
N ASP A 100 1.65 -6.47 12.64
CA ASP A 100 0.80 -7.21 13.59
C ASP A 100 -0.07 -6.28 14.49
N ASP A 101 -0.97 -5.54 13.85
CA ASP A 101 -1.74 -4.43 14.42
C ASP A 101 -2.88 -4.84 15.39
N VAL A 102 -3.37 -6.08 15.34
CA VAL A 102 -4.51 -6.55 16.17
C VAL A 102 -4.29 -6.40 17.68
N GLY A 103 -3.04 -6.35 18.14
CA GLY A 103 -2.69 -6.17 19.55
C GLY A 103 -3.09 -4.82 20.17
N THR A 104 -3.35 -3.78 19.36
CA THR A 104 -3.79 -2.46 19.83
C THR A 104 -5.31 -2.32 19.72
N THR A 105 -5.99 -2.21 20.88
CA THR A 105 -7.46 -1.97 20.96
C THR A 105 -7.83 -0.48 20.89
N VAL A 106 -6.89 0.42 21.20
CA VAL A 106 -7.11 1.87 21.32
C VAL A 106 -7.48 2.53 19.98
N GLN A 107 -8.49 3.41 20.01
CA GLN A 107 -8.96 4.21 18.86
C GLN A 107 -8.03 5.39 18.51
N ALA A 108 -6.73 5.13 18.35
CA ALA A 108 -5.70 6.13 18.11
C ALA A 108 -5.88 6.90 16.78
N MET A 109 -5.47 8.17 16.76
CA MET A 109 -5.51 9.03 15.57
C MET A 109 -4.25 8.96 14.69
N ALA A 110 -3.21 8.25 15.12
CA ALA A 110 -1.91 8.13 14.46
C ALA A 110 -1.24 6.77 14.69
N VAL A 111 -0.24 6.44 13.87
CA VAL A 111 0.48 5.15 13.86
C VAL A 111 2.01 5.31 14.04
N HIS A 112 2.43 6.40 14.70
CA HIS A 112 3.83 6.83 14.89
C HIS A 112 4.61 6.02 15.95
N GLU A 113 4.39 4.71 15.96
CA GLU A 113 5.02 3.72 16.87
C GLU A 113 6.55 3.58 16.64
N PRO A 114 7.32 3.19 17.67
CA PRO A 114 8.78 3.05 17.59
C PRO A 114 9.27 1.84 16.74
N TYR A 115 8.37 0.94 16.35
CA TYR A 115 8.64 -0.22 15.49
C TYR A 115 7.47 -0.49 14.53
N GLU A 116 7.76 -0.96 13.32
CA GLU A 116 6.79 -1.08 12.21
C GLU A 116 7.20 -2.12 11.14
N TYR A 117 6.20 -2.66 10.44
CA TYR A 117 6.30 -3.48 9.22
C TYR A 117 7.44 -4.52 9.19
N ASP A 118 7.26 -5.61 9.93
CA ASP A 118 8.20 -6.75 9.98
C ASP A 118 8.10 -7.71 8.77
N TYR A 119 7.03 -7.65 7.97
CA TYR A 119 6.85 -8.42 6.72
C TYR A 119 6.68 -7.50 5.50
N TRP A 120 7.25 -7.88 4.35
CA TRP A 120 7.33 -7.05 3.13
C TRP A 120 7.45 -7.90 1.84
N GLY A 121 7.04 -7.32 0.71
CA GLY A 121 6.95 -8.00 -0.60
C GLY A 121 8.11 -7.76 -1.59
N GLN A 122 7.85 -8.09 -2.86
CA GLN A 122 8.78 -8.06 -4.00
C GLN A 122 8.84 -6.69 -4.71
N GLY A 123 7.68 -6.02 -4.82
CA GLY A 123 7.47 -4.76 -5.53
C GLY A 123 6.94 -4.92 -6.97
N THR A 124 6.32 -3.85 -7.49
CA THR A 124 5.76 -3.73 -8.85
C THR A 124 5.98 -2.31 -9.42
N GLN A 125 6.45 -2.21 -10.67
CA GLN A 125 6.84 -0.93 -11.30
C GLN A 125 5.62 -0.13 -11.79
N VAL A 126 5.59 1.18 -11.55
CA VAL A 126 4.57 2.11 -12.11
C VAL A 126 5.21 3.34 -12.77
N THR A 127 4.86 3.61 -14.02
CA THR A 127 5.24 4.82 -14.78
C THR A 127 4.03 5.61 -15.26
N VAL A 128 4.10 6.94 -15.12
CA VAL A 128 3.09 7.89 -15.59
C VAL A 128 3.67 8.76 -16.72
N SER A 129 3.26 8.48 -17.96
CA SER A 129 3.79 9.10 -19.18
C SER A 129 2.90 8.84 -20.40
N SER A 130 2.69 9.86 -21.25
CA SER A 130 1.81 9.84 -22.43
C SER A 130 2.37 8.99 -23.59
N GLN A 1 8.22 -16.70 9.10
CA GLN A 1 8.40 -16.17 7.72
C GLN A 1 7.04 -16.02 7.03
N VAL A 2 6.87 -14.96 6.23
CA VAL A 2 5.68 -14.69 5.40
C VAL A 2 6.07 -14.26 3.98
N GLN A 3 5.15 -14.40 3.03
CA GLN A 3 5.34 -14.03 1.62
C GLN A 3 4.28 -13.01 1.16
N LEU A 4 4.71 -11.98 0.44
CA LEU A 4 3.85 -10.94 -0.15
C LEU A 4 4.19 -10.80 -1.63
N GLN A 5 3.18 -10.59 -2.48
CA GLN A 5 3.31 -10.50 -3.93
C GLN A 5 2.39 -9.44 -4.53
N GLU A 6 3.00 -8.35 -4.98
CA GLU A 6 2.41 -7.21 -5.68
C GLU A 6 2.10 -7.53 -7.15
N SER A 7 1.07 -6.89 -7.70
CA SER A 7 0.64 -6.98 -9.09
C SER A 7 -0.13 -5.71 -9.50
N GLY A 8 -0.43 -5.55 -10.80
CA GLY A 8 -1.25 -4.48 -11.37
C GLY A 8 -0.50 -3.19 -11.74
N GLY A 9 0.73 -2.99 -11.25
CA GLY A 9 1.56 -1.85 -11.65
C GLY A 9 1.97 -1.90 -13.13
N GLY A 10 1.99 -0.74 -13.78
CA GLY A 10 2.45 -0.59 -15.18
C GLY A 10 2.60 0.86 -15.62
N LEU A 11 2.74 1.06 -16.94
CA LEU A 11 2.73 2.37 -17.59
C LEU A 11 1.30 2.90 -17.80
N VAL A 12 1.07 4.19 -17.54
CA VAL A 12 -0.22 4.88 -17.71
C VAL A 12 0.01 6.35 -18.10
N GLN A 13 -0.90 6.97 -18.83
CA GLN A 13 -0.84 8.39 -19.19
C GLN A 13 -1.12 9.31 -17.98
N PRO A 14 -0.58 10.55 -17.98
CA PRO A 14 -0.88 11.56 -16.97
C PRO A 14 -2.35 11.96 -17.01
N GLY A 15 -2.93 12.16 -15.82
CA GLY A 15 -4.38 12.34 -15.59
C GLY A 15 -5.17 11.02 -15.58
N GLY A 16 -4.52 9.89 -15.84
CA GLY A 16 -5.12 8.54 -15.81
C GLY A 16 -5.28 7.96 -14.40
N SER A 17 -5.50 6.64 -14.36
CA SER A 17 -5.78 5.86 -13.15
C SER A 17 -5.25 4.42 -13.26
N LEU A 18 -5.02 3.80 -12.11
CA LEU A 18 -4.43 2.47 -11.96
C LEU A 18 -5.02 1.71 -10.75
N ARG A 19 -4.86 0.39 -10.72
CA ARG A 19 -5.15 -0.47 -9.58
C ARG A 19 -4.07 -1.52 -9.36
N LEU A 20 -3.52 -1.52 -8.14
CA LEU A 20 -2.52 -2.47 -7.65
C LEU A 20 -3.15 -3.52 -6.72
N SER A 21 -2.50 -4.67 -6.58
CA SER A 21 -2.99 -5.83 -5.81
C SER A 21 -1.86 -6.48 -5.00
N CYS A 22 -1.95 -6.47 -3.66
CA CYS A 22 -0.99 -7.10 -2.74
C CYS A 22 -1.56 -8.44 -2.23
N ALA A 23 -1.24 -9.56 -2.87
CA ALA A 23 -1.64 -10.87 -2.36
C ALA A 23 -0.67 -11.35 -1.27
N ALA A 24 -1.21 -11.85 -0.15
CA ALA A 24 -0.46 -12.31 1.01
C ALA A 24 -0.54 -13.84 1.23
N SER A 25 0.54 -14.44 1.74
CA SER A 25 0.63 -15.86 2.08
C SER A 25 1.51 -16.11 3.31
N GLY A 26 1.19 -17.15 4.09
CA GLY A 26 1.77 -17.44 5.41
C GLY A 26 1.13 -16.66 6.57
N PHE A 27 0.23 -15.72 6.27
CA PHE A 27 -0.57 -14.95 7.23
C PHE A 27 -1.90 -14.51 6.62
N THR A 28 -2.84 -14.11 7.49
CA THR A 28 -4.21 -13.72 7.10
C THR A 28 -4.45 -12.24 7.42
N LEU A 29 -5.03 -11.51 6.45
CA LEU A 29 -5.18 -10.04 6.51
C LEU A 29 -6.07 -9.55 7.66
N ASP A 30 -6.92 -10.41 8.19
CA ASP A 30 -7.82 -10.20 9.30
C ASP A 30 -7.10 -9.77 10.59
N TYR A 31 -5.83 -10.18 10.75
CA TYR A 31 -4.99 -9.91 11.94
C TYR A 31 -3.84 -8.92 11.65
N TYR A 32 -3.67 -8.48 10.40
CA TYR A 32 -2.54 -7.66 9.97
C TYR A 32 -3.01 -6.40 9.24
N ALA A 33 -2.47 -5.24 9.63
CA ALA A 33 -2.66 -4.01 8.85
C ALA A 33 -1.65 -3.95 7.71
N ILE A 34 -2.12 -3.71 6.48
CA ILE A 34 -1.28 -3.70 5.27
C ILE A 34 -1.09 -2.25 4.81
N GLY A 35 0.14 -1.89 4.46
CA GLY A 35 0.51 -0.59 3.90
C GLY A 35 1.27 -0.71 2.59
N TRP A 36 0.88 0.12 1.62
CA TRP A 36 1.61 0.34 0.37
C TRP A 36 2.63 1.47 0.52
N PHE A 37 3.80 1.26 -0.08
CA PHE A 37 4.95 2.16 -0.11
C PHE A 37 5.45 2.25 -1.56
N ARG A 38 6.10 3.35 -1.94
CA ARG A 38 6.63 3.54 -3.29
C ARG A 38 8.02 4.19 -3.27
N GLN A 39 8.90 3.71 -4.16
CA GLN A 39 10.32 4.05 -4.16
C GLN A 39 10.77 4.49 -5.56
N ALA A 40 11.23 5.74 -5.68
CA ALA A 40 11.82 6.29 -6.90
C ALA A 40 13.25 5.75 -7.15
N PRO A 41 13.75 5.76 -8.39
CA PRO A 41 15.06 5.19 -8.74
C PRO A 41 16.20 5.87 -7.96
N GLY A 42 16.93 5.07 -7.17
CA GLY A 42 18.03 5.51 -6.30
C GLY A 42 17.62 6.28 -5.03
N LYS A 43 16.32 6.53 -4.79
CA LYS A 43 15.80 7.27 -3.62
C LYS A 43 15.29 6.33 -2.53
N GLU A 44 14.87 6.89 -1.40
CA GLU A 44 14.12 6.17 -0.35
C GLU A 44 12.69 5.83 -0.77
N ARG A 45 12.06 4.94 0.00
CA ARG A 45 10.63 4.65 -0.08
C ARG A 45 9.81 5.66 0.75
N GLU A 46 8.70 6.12 0.18
CA GLU A 46 7.67 6.91 0.87
C GLU A 46 6.38 6.09 1.05
N GLY A 47 5.58 6.38 2.08
CA GLY A 47 4.28 5.75 2.31
C GLY A 47 3.22 6.32 1.38
N VAL A 48 2.23 5.49 1.04
CA VAL A 48 1.15 5.86 0.09
C VAL A 48 -0.22 5.75 0.75
N SER A 49 -0.63 4.53 1.11
CA SER A 49 -1.95 4.22 1.68
C SER A 49 -1.90 2.93 2.49
N ALA A 50 -2.75 2.79 3.52
CA ALA A 50 -2.80 1.58 4.36
C ALA A 50 -4.22 1.30 4.91
N ILE A 51 -4.44 0.06 5.37
CA ILE A 51 -5.69 -0.38 6.03
C ILE A 51 -5.37 -1.10 7.35
N SER A 52 -5.94 -0.61 8.45
CA SER A 52 -5.74 -1.14 9.82
C SER A 52 -6.40 -2.51 10.03
N SER A 53 -6.10 -3.20 11.13
CA SER A 53 -6.83 -4.42 11.52
C SER A 53 -8.30 -4.14 11.88
N SER A 54 -8.63 -2.92 12.31
CA SER A 54 -10.00 -2.43 12.50
C SER A 54 -10.75 -2.17 11.19
N GLY A 55 -10.02 -2.00 10.07
CA GLY A 55 -10.55 -1.87 8.71
C GLY A 55 -11.12 -0.49 8.36
N GLY A 56 -11.93 0.10 9.24
CA GLY A 56 -12.56 1.42 9.03
C GLY A 56 -11.57 2.59 9.07
N SER A 57 -10.51 2.48 9.88
CA SER A 57 -9.45 3.49 10.04
C SER A 57 -8.34 3.32 8.99
N THR A 58 -8.69 3.50 7.72
CA THR A 58 -7.74 3.59 6.59
C THR A 58 -6.82 4.82 6.70
N ASN A 59 -5.65 4.73 6.06
CA ASN A 59 -4.56 5.70 6.12
C ASN A 59 -4.19 6.17 4.71
N TYR A 60 -3.82 7.45 4.55
CA TYR A 60 -3.44 8.06 3.26
C TYR A 60 -2.37 9.14 3.41
N ALA A 61 -1.41 9.18 2.49
CA ALA A 61 -0.35 10.19 2.41
C ALA A 61 -0.87 11.56 1.93
N ASP A 62 -0.24 12.65 2.38
CA ASP A 62 -0.63 14.03 2.03
C ASP A 62 -0.58 14.32 0.51
N SER A 63 0.30 13.62 -0.22
CA SER A 63 0.44 13.69 -1.68
C SER A 63 -0.64 12.92 -2.46
N VAL A 64 -1.44 12.06 -1.81
CA VAL A 64 -2.42 11.17 -2.47
C VAL A 64 -3.84 11.29 -1.93
N LYS A 65 -4.02 11.86 -0.74
CA LYS A 65 -5.32 12.20 -0.15
C LYS A 65 -6.22 12.92 -1.17
N GLY A 66 -7.41 12.37 -1.40
CA GLY A 66 -8.38 12.86 -2.38
C GLY A 66 -8.26 12.28 -3.80
N ARG A 67 -7.22 11.48 -4.12
CA ARG A 67 -7.10 10.79 -5.44
C ARG A 67 -6.65 9.33 -5.40
N PHE A 68 -6.13 8.82 -4.27
CA PHE A 68 -5.86 7.40 -4.01
C PHE A 68 -6.89 6.80 -3.03
N THR A 69 -7.15 5.49 -3.14
CA THR A 69 -8.12 4.74 -2.33
C THR A 69 -7.67 3.29 -2.12
N ILE A 70 -7.57 2.83 -0.87
CA ILE A 70 -7.18 1.44 -0.52
C ILE A 70 -8.35 0.65 0.08
N SER A 71 -8.39 -0.67 -0.17
CA SER A 71 -9.31 -1.61 0.48
C SER A 71 -8.79 -3.05 0.42
N ARG A 72 -8.92 -3.82 1.51
CA ARG A 72 -8.61 -5.26 1.53
C ARG A 72 -9.79 -6.14 1.13
N ASP A 73 -9.49 -7.31 0.58
CA ASP A 73 -10.45 -8.38 0.33
C ASP A 73 -9.95 -9.68 0.98
N ASN A 74 -10.45 -9.93 2.18
CA ASN A 74 -10.05 -11.05 3.03
C ASN A 74 -10.32 -12.43 2.38
N ALA A 75 -11.33 -12.52 1.50
CA ALA A 75 -11.68 -13.76 0.79
C ALA A 75 -10.62 -14.19 -0.24
N LYS A 76 -9.95 -13.23 -0.90
CA LYS A 76 -8.77 -13.49 -1.76
C LYS A 76 -7.44 -13.34 -1.02
N ASN A 77 -7.45 -12.93 0.26
CA ASN A 77 -6.28 -12.56 1.05
C ASN A 77 -5.39 -11.54 0.31
N THR A 78 -6.02 -10.57 -0.36
CA THR A 78 -5.38 -9.55 -1.21
C THR A 78 -5.81 -8.13 -0.83
N VAL A 79 -4.89 -7.17 -0.87
CA VAL A 79 -5.17 -5.74 -0.66
C VAL A 79 -5.07 -4.94 -1.95
N TYR A 80 -6.15 -4.28 -2.33
CA TYR A 80 -6.25 -3.49 -3.56
C TYR A 80 -6.02 -2.00 -3.29
N LEU A 81 -5.21 -1.36 -4.13
CA LEU A 81 -4.96 0.08 -4.11
C LEU A 81 -5.34 0.69 -5.46
N GLN A 82 -6.49 1.36 -5.50
CA GLN A 82 -6.91 2.21 -6.61
C GLN A 82 -6.21 3.58 -6.54
N MET A 83 -5.81 4.13 -7.69
CA MET A 83 -5.21 5.45 -7.80
C MET A 83 -5.73 6.19 -9.04
N ASN A 84 -5.85 7.51 -8.94
CA ASN A 84 -6.46 8.40 -9.94
C ASN A 84 -5.70 9.74 -9.99
N SER A 85 -6.03 10.61 -10.96
CA SER A 85 -5.43 11.95 -11.12
C SER A 85 -3.89 11.91 -11.12
N LEU A 86 -3.33 10.95 -11.86
CA LEU A 86 -1.90 10.62 -11.80
C LEU A 86 -1.00 11.66 -12.45
N LYS A 87 0.08 12.00 -11.75
CA LYS A 87 1.12 12.95 -12.16
C LYS A 87 2.42 12.21 -12.54
N PRO A 88 3.36 12.83 -13.26
CA PRO A 88 4.70 12.29 -13.46
C PRO A 88 5.43 11.96 -12.15
N GLU A 89 5.23 12.74 -11.08
CA GLU A 89 5.83 12.50 -9.75
C GLU A 89 5.28 11.26 -9.02
N ASP A 90 4.21 10.64 -9.50
CA ASP A 90 3.73 9.33 -9.02
C ASP A 90 4.51 8.13 -9.61
N THR A 91 5.42 8.36 -10.57
CA THR A 91 6.31 7.32 -11.11
C THR A 91 7.29 6.84 -10.04
N ALA A 92 7.14 5.58 -9.63
CA ALA A 92 7.92 4.90 -8.60
C ALA A 92 7.65 3.39 -8.64
N VAL A 93 8.50 2.59 -8.01
CA VAL A 93 8.23 1.16 -7.80
C VAL A 93 7.49 0.96 -6.48
N TYR A 94 6.29 0.40 -6.54
CA TYR A 94 5.40 0.16 -5.41
C TYR A 94 5.68 -1.21 -4.77
N TYR A 95 5.56 -1.25 -3.45
CA TYR A 95 5.75 -2.42 -2.59
C TYR A 95 4.66 -2.43 -1.50
N CYS A 96 4.23 -3.62 -1.07
CA CYS A 96 3.32 -3.77 0.08
C CYS A 96 4.00 -4.49 1.25
N ALA A 97 3.41 -4.34 2.45
CA ALA A 97 4.02 -4.73 3.72
C ALA A 97 2.92 -4.88 4.79
N ALA A 98 3.20 -5.65 5.86
CA ALA A 98 2.24 -5.96 6.91
C ALA A 98 2.79 -5.73 8.33
N VAL A 99 1.91 -5.39 9.29
CA VAL A 99 2.21 -5.23 10.73
C VAL A 99 1.16 -5.92 11.61
N ASP A 100 1.58 -6.43 12.76
CA ASP A 100 0.78 -7.12 13.79
C ASP A 100 -0.14 -6.15 14.58
N ASP A 101 -0.93 -5.36 13.87
CA ASP A 101 -1.72 -4.22 14.38
C ASP A 101 -2.72 -4.57 15.50
N VAL A 102 -3.19 -5.82 15.57
CA VAL A 102 -4.04 -6.32 16.67
C VAL A 102 -3.37 -6.23 18.06
N GLY A 103 -2.03 -6.12 18.12
CA GLY A 103 -1.26 -5.89 19.35
C GLY A 103 -1.16 -4.42 19.80
N THR A 104 -1.55 -3.45 18.97
CA THR A 104 -1.48 -2.01 19.27
C THR A 104 -2.62 -1.56 20.20
N THR A 105 -2.31 -0.70 21.17
CA THR A 105 -3.26 -0.27 22.23
C THR A 105 -3.49 1.26 22.30
N VAL A 106 -2.58 2.09 21.76
CA VAL A 106 -2.67 3.56 21.82
C VAL A 106 -3.84 4.13 21.00
N GLN A 107 -4.59 5.05 21.59
CA GLN A 107 -5.77 5.72 20.98
C GLN A 107 -5.39 6.94 20.11
N ALA A 108 -4.32 6.83 19.31
CA ALA A 108 -3.79 7.95 18.51
C ALA A 108 -4.76 8.44 17.43
N MET A 109 -4.73 9.76 17.17
CA MET A 109 -5.57 10.42 16.16
C MET A 109 -4.89 10.66 14.80
N ALA A 110 -3.55 10.55 14.74
CA ALA A 110 -2.76 10.77 13.53
C ALA A 110 -2.83 9.56 12.59
N VAL A 111 -2.90 9.83 11.28
CA VAL A 111 -3.05 8.80 10.23
C VAL A 111 -1.75 8.06 9.90
N HIS A 112 -0.58 8.62 10.22
CA HIS A 112 0.73 8.07 9.91
C HIS A 112 1.37 7.32 11.10
N GLU A 113 2.30 6.41 10.79
CA GLU A 113 3.09 5.61 11.75
C GLU A 113 4.60 5.67 11.43
N PRO A 114 5.51 5.50 12.41
CA PRO A 114 6.96 5.66 12.24
C PRO A 114 7.66 4.46 11.56
N TYR A 115 7.06 3.93 10.49
CA TYR A 115 7.45 2.73 9.74
C TYR A 115 7.64 1.48 10.65
N GLU A 116 6.54 0.79 10.94
CA GLU A 116 6.49 -0.36 11.85
C GLU A 116 6.49 -1.73 11.15
N TYR A 117 6.95 -1.77 9.90
CA TYR A 117 6.85 -2.91 8.98
C TYR A 117 8.12 -3.76 8.96
N ASP A 118 7.96 -5.09 9.12
CA ASP A 118 9.06 -6.06 9.17
C ASP A 118 9.24 -6.88 7.86
N TYR A 119 8.34 -6.68 6.89
CA TYR A 119 8.22 -7.49 5.66
C TYR A 119 8.02 -6.62 4.41
N TRP A 120 8.35 -7.17 3.24
CA TRP A 120 8.14 -6.57 1.92
C TRP A 120 8.01 -7.67 0.85
N GLY A 121 7.28 -7.37 -0.24
CA GLY A 121 7.11 -8.28 -1.38
C GLY A 121 8.12 -8.09 -2.52
N GLN A 122 7.83 -8.71 -3.67
CA GLN A 122 8.62 -8.64 -4.90
C GLN A 122 8.67 -7.21 -5.53
N GLY A 123 7.62 -6.41 -5.32
CA GLY A 123 7.42 -5.07 -5.89
C GLY A 123 6.84 -5.05 -7.31
N THR A 124 6.32 -3.89 -7.72
CA THR A 124 5.75 -3.64 -9.05
C THR A 124 5.97 -2.19 -9.49
N GLN A 125 6.51 -1.97 -10.69
CA GLN A 125 6.78 -0.62 -11.22
C GLN A 125 5.49 0.09 -11.63
N VAL A 126 5.36 1.36 -11.24
CA VAL A 126 4.32 2.27 -11.76
C VAL A 126 5.02 3.45 -12.45
N THR A 127 4.64 3.71 -13.70
CA THR A 127 5.18 4.80 -14.52
C THR A 127 4.08 5.65 -15.14
N VAL A 128 4.24 6.98 -15.12
CA VAL A 128 3.24 7.94 -15.61
C VAL A 128 3.81 8.80 -16.74
N SER A 129 3.35 8.58 -17.96
CA SER A 129 3.83 9.23 -19.19
C SER A 129 2.90 8.97 -20.39
N SER A 130 2.67 10.00 -21.22
CA SER A 130 1.74 9.97 -22.37
C SER A 130 2.30 9.17 -23.56
N GLN A 1 6.46 -20.50 5.44
CA GLN A 1 6.95 -19.14 5.77
C GLN A 1 6.15 -18.07 5.02
N VAL A 2 6.05 -16.87 5.58
CA VAL A 2 5.31 -15.72 5.01
C VAL A 2 5.91 -15.24 3.68
N GLN A 3 5.04 -14.93 2.72
CA GLN A 3 5.35 -14.26 1.45
C GLN A 3 4.22 -13.29 1.05
N LEU A 4 4.59 -12.15 0.44
CA LEU A 4 3.65 -11.17 -0.11
C LEU A 4 3.97 -10.92 -1.59
N GLN A 5 2.94 -10.96 -2.43
CA GLN A 5 3.01 -10.97 -3.89
C GLN A 5 2.31 -9.72 -4.44
N GLU A 6 3.00 -8.93 -5.27
CA GLU A 6 2.48 -7.65 -5.78
C GLU A 6 2.19 -7.71 -7.28
N SER A 7 1.10 -7.05 -7.70
CA SER A 7 0.66 -7.01 -9.10
C SER A 7 -0.14 -5.74 -9.42
N GLY A 8 -0.52 -5.58 -10.69
CA GLY A 8 -1.28 -4.44 -11.22
C GLY A 8 -0.44 -3.23 -11.62
N GLY A 9 0.79 -3.09 -11.12
CA GLY A 9 1.71 -2.01 -11.50
C GLY A 9 2.16 -2.09 -12.97
N GLY A 10 2.24 -0.93 -13.63
CA GLY A 10 2.73 -0.79 -15.00
C GLY A 10 2.83 0.66 -15.48
N LEU A 11 2.91 0.85 -16.79
CA LEU A 11 2.84 2.16 -17.45
C LEU A 11 1.38 2.63 -17.58
N VAL A 12 1.14 3.93 -17.33
CA VAL A 12 -0.13 4.62 -17.52
C VAL A 12 0.12 6.07 -17.97
N GLN A 13 -0.81 6.67 -18.72
CA GLN A 13 -0.74 8.09 -19.08
C GLN A 13 -1.06 9.03 -17.89
N PRO A 14 -0.57 10.27 -17.91
CA PRO A 14 -0.95 11.30 -16.95
C PRO A 14 -2.45 11.62 -17.08
N GLY A 15 -3.09 11.89 -15.95
CA GLY A 15 -4.54 12.04 -15.80
C GLY A 15 -5.31 10.71 -15.76
N GLY A 16 -4.62 9.57 -15.95
CA GLY A 16 -5.20 8.23 -15.88
C GLY A 16 -5.38 7.69 -14.46
N SER A 17 -5.55 6.36 -14.36
CA SER A 17 -5.80 5.62 -13.13
C SER A 17 -5.18 4.21 -13.19
N LEU A 18 -4.92 3.64 -12.01
CA LEU A 18 -4.26 2.35 -11.80
C LEU A 18 -4.88 1.58 -10.62
N ARG A 19 -4.65 0.27 -10.58
CA ARG A 19 -5.21 -0.67 -9.59
C ARG A 19 -4.18 -1.73 -9.21
N LEU A 20 -3.43 -1.47 -8.14
CA LEU A 20 -2.45 -2.40 -7.57
C LEU A 20 -3.13 -3.42 -6.65
N SER A 21 -2.43 -4.52 -6.39
CA SER A 21 -2.85 -5.60 -5.48
C SER A 21 -1.67 -6.21 -4.72
N CYS A 22 -1.83 -6.40 -3.41
CA CYS A 22 -0.89 -7.06 -2.50
C CYS A 22 -1.51 -8.34 -1.96
N ALA A 23 -1.35 -9.46 -2.67
CA ALA A 23 -1.80 -10.77 -2.21
C ALA A 23 -0.79 -11.37 -1.22
N ALA A 24 -1.25 -12.23 -0.31
CA ALA A 24 -0.39 -12.82 0.73
C ALA A 24 -0.56 -14.33 0.93
N SER A 25 0.54 -14.96 1.37
CA SER A 25 0.71 -16.40 1.55
C SER A 25 1.40 -16.68 2.89
N GLY A 26 1.03 -17.79 3.55
CA GLY A 26 1.59 -18.21 4.85
C GLY A 26 0.97 -17.56 6.09
N PHE A 27 0.13 -16.53 5.92
CA PHE A 27 -0.66 -15.88 6.97
C PHE A 27 -1.94 -15.26 6.41
N THR A 28 -2.88 -14.92 7.29
CA THR A 28 -4.15 -14.26 6.94
C THR A 28 -4.09 -12.76 7.25
N LEU A 29 -4.49 -11.91 6.30
CA LEU A 29 -4.40 -10.45 6.40
C LEU A 29 -5.30 -9.82 7.45
N ASP A 30 -6.32 -10.55 7.87
CA ASP A 30 -7.35 -10.14 8.84
C ASP A 30 -6.74 -9.54 10.12
N TYR A 31 -5.69 -10.19 10.62
CA TYR A 31 -4.98 -9.84 11.84
C TYR A 31 -3.89 -8.76 11.66
N TYR A 32 -3.69 -8.26 10.44
CA TYR A 32 -2.58 -7.37 10.10
C TYR A 32 -3.03 -6.05 9.45
N ALA A 33 -2.28 -4.98 9.74
CA ALA A 33 -2.34 -3.73 9.01
C ALA A 33 -1.42 -3.83 7.80
N ILE A 34 -1.86 -3.31 6.66
CA ILE A 34 -1.17 -3.48 5.37
C ILE A 34 -0.90 -2.09 4.78
N GLY A 35 0.36 -1.81 4.45
CA GLY A 35 0.82 -0.50 4.00
C GLY A 35 1.58 -0.55 2.67
N TRP A 36 1.17 0.31 1.73
CA TRP A 36 1.88 0.58 0.48
C TRP A 36 2.87 1.74 0.63
N PHE A 37 4.06 1.57 0.09
CA PHE A 37 5.14 2.54 -0.05
C PHE A 37 5.53 2.63 -1.52
N ARG A 38 6.21 3.69 -1.93
CA ARG A 38 6.77 3.82 -3.28
C ARG A 38 8.15 4.47 -3.26
N GLN A 39 9.12 3.84 -3.91
CA GLN A 39 10.50 4.32 -4.07
C GLN A 39 10.70 4.93 -5.45
N ALA A 40 10.83 6.26 -5.51
CA ALA A 40 11.09 6.98 -6.76
C ALA A 40 12.55 6.80 -7.23
N PRO A 41 12.83 6.96 -8.55
CA PRO A 41 14.16 6.74 -9.11
C PRO A 41 15.19 7.69 -8.49
N GLY A 42 16.23 7.12 -7.87
CA GLY A 42 17.31 7.85 -7.19
C GLY A 42 16.99 8.40 -5.79
N LYS A 43 15.75 8.29 -5.30
CA LYS A 43 15.31 8.82 -3.99
C LYS A 43 14.92 7.72 -2.98
N GLU A 44 14.56 8.15 -1.77
CA GLU A 44 13.96 7.31 -0.73
C GLU A 44 12.55 6.81 -1.11
N ARG A 45 11.99 5.94 -0.26
CA ARG A 45 10.59 5.52 -0.32
C ARG A 45 9.69 6.36 0.61
N GLU A 46 8.57 6.83 0.06
CA GLU A 46 7.48 7.47 0.82
C GLU A 46 6.34 6.47 1.06
N GLY A 47 5.65 6.59 2.20
CA GLY A 47 4.40 5.86 2.44
C GLY A 47 3.27 6.49 1.63
N VAL A 48 2.46 5.68 0.94
CA VAL A 48 1.41 6.15 0.01
C VAL A 48 0.04 6.08 0.68
N SER A 49 -0.37 4.87 1.06
CA SER A 49 -1.62 4.58 1.76
C SER A 49 -1.52 3.27 2.54
N ALA A 50 -2.28 3.14 3.63
CA ALA A 50 -2.35 1.93 4.44
C ALA A 50 -3.77 1.69 4.98
N ILE A 51 -4.05 0.45 5.37
CA ILE A 51 -5.30 0.04 6.01
C ILE A 51 -4.97 -0.67 7.34
N SER A 52 -5.44 -0.09 8.44
CA SER A 52 -5.03 -0.47 9.80
C SER A 52 -6.14 -1.17 10.58
N SER A 53 -6.11 -2.50 10.56
CA SER A 53 -7.04 -3.46 11.21
C SER A 53 -8.52 -3.40 10.80
N SER A 54 -8.99 -2.33 10.15
CA SER A 54 -10.39 -2.10 9.76
C SER A 54 -10.52 -1.19 8.54
N GLY A 55 -11.56 -1.39 7.73
CA GLY A 55 -11.95 -0.51 6.63
C GLY A 55 -12.41 0.90 7.08
N GLY A 56 -12.77 1.06 8.36
CA GLY A 56 -13.01 2.37 8.99
C GLY A 56 -11.74 3.11 9.42
N SER A 57 -10.57 2.50 9.27
CA SER A 57 -9.27 2.95 9.80
C SER A 57 -8.17 2.92 8.73
N THR A 58 -8.42 3.60 7.60
CA THR A 58 -7.45 3.81 6.51
C THR A 58 -6.58 5.07 6.71
N ASN A 59 -5.45 5.09 6.02
CA ASN A 59 -4.37 6.07 6.14
C ASN A 59 -3.93 6.53 4.73
N TYR A 60 -3.63 7.81 4.53
CA TYR A 60 -3.28 8.38 3.21
C TYR A 60 -2.27 9.55 3.31
N ALA A 61 -1.35 9.65 2.35
CA ALA A 61 -0.40 10.75 2.18
C ALA A 61 -1.06 12.05 1.66
N ASP A 62 -0.55 13.23 2.03
CA ASP A 62 -1.07 14.53 1.56
C ASP A 62 -0.96 14.75 0.04
N SER A 63 -0.02 14.07 -0.64
CA SER A 63 0.09 14.05 -2.10
C SER A 63 -1.04 13.27 -2.79
N VAL A 64 -1.68 12.33 -2.09
CA VAL A 64 -2.62 11.35 -2.66
C VAL A 64 -4.04 11.42 -2.10
N LYS A 65 -4.22 12.06 -0.94
CA LYS A 65 -5.53 12.36 -0.32
C LYS A 65 -6.46 13.03 -1.34
N GLY A 66 -7.60 12.40 -1.58
CA GLY A 66 -8.60 12.82 -2.58
C GLY A 66 -8.45 12.19 -3.98
N ARG A 67 -7.39 11.40 -4.26
CA ARG A 67 -7.22 10.69 -5.56
C ARG A 67 -6.73 9.24 -5.46
N PHE A 68 -6.14 8.80 -4.34
CA PHE A 68 -5.83 7.39 -4.03
C PHE A 68 -6.85 6.80 -3.04
N THR A 69 -7.07 5.48 -3.11
CA THR A 69 -8.01 4.72 -2.25
C THR A 69 -7.52 3.29 -2.03
N ILE A 70 -7.36 2.87 -0.77
CA ILE A 70 -6.97 1.50 -0.39
C ILE A 70 -8.16 0.69 0.17
N SER A 71 -8.14 -0.63 -0.01
CA SER A 71 -9.09 -1.58 0.61
C SER A 71 -8.52 -3.00 0.71
N ARG A 72 -8.74 -3.69 1.84
CA ARG A 72 -8.37 -5.10 2.05
C ARG A 72 -9.56 -6.05 1.89
N ASP A 73 -9.29 -7.22 1.33
CA ASP A 73 -10.23 -8.35 1.21
C ASP A 73 -9.62 -9.57 1.91
N ASN A 74 -10.23 -9.99 3.02
CA ASN A 74 -9.74 -11.07 3.86
C ASN A 74 -10.19 -12.48 3.40
N ALA A 75 -11.11 -12.57 2.42
CA ALA A 75 -11.45 -13.83 1.74
C ALA A 75 -10.50 -14.11 0.57
N LYS A 76 -10.13 -13.07 -0.20
CA LYS A 76 -9.09 -13.12 -1.25
C LYS A 76 -7.65 -13.05 -0.71
N ASN A 77 -7.50 -12.70 0.57
CA ASN A 77 -6.21 -12.44 1.25
C ASN A 77 -5.34 -11.42 0.50
N THR A 78 -5.96 -10.35 0.00
CA THR A 78 -5.34 -9.33 -0.87
C THR A 78 -5.72 -7.91 -0.47
N VAL A 79 -4.79 -6.97 -0.60
CA VAL A 79 -5.05 -5.52 -0.44
C VAL A 79 -4.91 -4.78 -1.76
N TYR A 80 -6.01 -4.17 -2.20
CA TYR A 80 -6.07 -3.39 -3.43
C TYR A 80 -5.79 -1.92 -3.14
N LEU A 81 -4.95 -1.30 -3.98
CA LEU A 81 -4.71 0.14 -3.99
C LEU A 81 -5.13 0.71 -5.34
N GLN A 82 -6.32 1.32 -5.37
CA GLN A 82 -6.80 2.12 -6.50
C GLN A 82 -6.13 3.51 -6.45
N MET A 83 -5.78 4.04 -7.63
CA MET A 83 -5.22 5.39 -7.77
C MET A 83 -5.74 6.07 -9.03
N ASN A 84 -5.92 7.39 -8.97
CA ASN A 84 -6.56 8.22 -9.99
C ASN A 84 -5.85 9.59 -10.08
N SER A 85 -6.22 10.42 -11.05
CA SER A 85 -5.69 11.79 -11.23
C SER A 85 -4.15 11.83 -11.19
N LEU A 86 -3.52 10.89 -11.92
CA LEU A 86 -2.09 10.62 -11.84
C LEU A 86 -1.22 11.69 -12.52
N LYS A 87 -0.06 11.97 -11.92
CA LYS A 87 0.98 12.91 -12.37
C LYS A 87 2.31 12.18 -12.60
N PRO A 88 3.21 12.70 -13.44
CA PRO A 88 4.55 12.14 -13.64
C PRO A 88 5.33 11.89 -12.34
N GLU A 89 5.14 12.75 -11.32
CA GLU A 89 5.79 12.58 -10.01
C GLU A 89 5.26 11.40 -9.16
N ASP A 90 4.17 10.75 -9.57
CA ASP A 90 3.71 9.48 -8.99
C ASP A 90 4.53 8.25 -9.48
N THR A 91 5.41 8.42 -10.49
CA THR A 91 6.29 7.38 -11.01
C THR A 91 7.28 6.90 -9.94
N ALA A 92 7.22 5.61 -9.61
CA ALA A 92 8.04 4.95 -8.59
C ALA A 92 7.83 3.42 -8.59
N VAL A 93 8.71 2.68 -7.91
CA VAL A 93 8.49 1.26 -7.62
C VAL A 93 7.71 1.15 -6.31
N TYR A 94 6.50 0.64 -6.37
CA TYR A 94 5.65 0.37 -5.22
C TYR A 94 6.11 -0.90 -4.50
N TYR A 95 5.87 -0.94 -3.19
CA TYR A 95 6.14 -2.04 -2.26
C TYR A 95 4.99 -2.11 -1.24
N CYS A 96 4.52 -3.30 -0.90
CA CYS A 96 3.56 -3.51 0.20
C CYS A 96 4.17 -4.36 1.32
N ALA A 97 3.74 -4.12 2.57
CA ALA A 97 4.17 -4.89 3.74
C ALA A 97 3.07 -5.01 4.81
N ALA A 98 3.17 -6.06 5.65
CA ALA A 98 2.25 -6.36 6.75
C ALA A 98 2.86 -6.15 8.15
N VAL A 99 2.03 -5.74 9.12
CA VAL A 99 2.39 -5.58 10.55
C VAL A 99 1.24 -5.98 11.48
N ASP A 100 1.57 -6.63 12.60
CA ASP A 100 0.70 -7.33 13.56
C ASP A 100 -0.20 -6.41 14.43
N ASP A 101 -0.94 -5.48 13.81
CA ASP A 101 -1.67 -4.40 14.52
C ASP A 101 -2.83 -4.84 15.43
N VAL A 102 -3.18 -6.13 15.52
CA VAL A 102 -4.08 -6.64 16.58
C VAL A 102 -3.50 -6.40 17.99
N GLY A 103 -2.19 -6.16 18.10
CA GLY A 103 -1.51 -5.73 19.34
C GLY A 103 -1.57 -4.22 19.66
N THR A 104 -2.21 -3.39 18.81
CA THR A 104 -2.31 -1.93 19.04
C THR A 104 -3.12 -1.56 20.28
N THR A 105 -2.77 -0.44 20.91
CA THR A 105 -3.40 0.09 22.15
C THR A 105 -3.18 1.60 22.37
N VAL A 106 -2.07 2.17 21.86
CA VAL A 106 -1.67 3.57 22.08
C VAL A 106 -2.69 4.56 21.53
N GLN A 107 -3.17 5.46 22.40
CA GLN A 107 -4.19 6.49 22.17
C GLN A 107 -3.67 7.71 21.38
N ALA A 108 -3.20 7.50 20.15
CA ALA A 108 -2.57 8.53 19.32
C ALA A 108 -3.49 9.73 18.99
N MET A 109 -2.84 10.86 18.67
CA MET A 109 -3.46 12.14 18.32
C MET A 109 -3.91 12.27 16.86
N ALA A 110 -3.85 11.18 16.08
CA ALA A 110 -4.05 11.17 14.63
C ALA A 110 -4.77 9.88 14.16
N VAL A 111 -4.67 9.55 12.87
CA VAL A 111 -5.26 8.34 12.23
C VAL A 111 -4.66 6.98 12.70
N HIS A 112 -3.85 6.98 13.78
CA HIS A 112 -3.17 5.82 14.36
C HIS A 112 -2.32 5.08 13.32
N GLU A 113 -1.20 5.72 12.97
CA GLU A 113 -0.29 5.28 11.90
C GLU A 113 0.43 3.94 12.22
N PRO A 114 0.67 3.08 11.22
CA PRO A 114 1.53 1.91 11.35
C PRO A 114 3.00 2.31 11.56
N TYR A 115 3.73 1.60 12.42
CA TYR A 115 5.08 1.98 12.86
C TYR A 115 6.19 1.53 11.88
N GLU A 116 6.42 0.23 11.74
CA GLU A 116 7.30 -0.39 10.72
C GLU A 116 6.93 -1.85 10.45
N TYR A 117 7.58 -2.48 9.46
CA TYR A 117 7.19 -3.79 8.92
C TYR A 117 8.39 -4.72 8.72
N ASP A 118 8.19 -6.02 9.00
CA ASP A 118 9.15 -7.09 8.66
C ASP A 118 8.78 -7.80 7.34
N TYR A 119 7.47 -8.04 7.12
CA TYR A 119 6.95 -8.83 6.01
C TYR A 119 6.74 -7.99 4.73
N TRP A 120 7.84 -7.56 4.11
CA TRP A 120 7.83 -6.87 2.81
C TRP A 120 7.60 -7.82 1.63
N GLY A 121 6.81 -7.37 0.65
CA GLY A 121 6.54 -8.07 -0.60
C GLY A 121 7.61 -7.86 -1.70
N GLN A 122 7.38 -8.51 -2.84
CA GLN A 122 8.34 -8.56 -3.96
C GLN A 122 8.50 -7.25 -4.76
N GLY A 123 7.67 -6.23 -4.52
CA GLY A 123 7.67 -4.97 -5.27
C GLY A 123 6.93 -5.04 -6.63
N THR A 124 6.40 -3.90 -7.10
CA THR A 124 5.81 -3.73 -8.43
C THR A 124 6.04 -2.31 -9.00
N GLN A 125 6.49 -2.21 -10.26
CA GLN A 125 6.90 -0.96 -10.90
C GLN A 125 5.69 -0.14 -11.38
N VAL A 126 5.68 1.18 -11.17
CA VAL A 126 4.67 2.11 -11.74
C VAL A 126 5.31 3.32 -12.41
N THR A 127 4.97 3.57 -13.69
CA THR A 127 5.36 4.77 -14.46
C THR A 127 4.15 5.53 -14.98
N VAL A 128 4.20 6.86 -14.88
CA VAL A 128 3.18 7.79 -15.39
C VAL A 128 3.77 8.66 -16.49
N SER A 129 3.38 8.41 -17.75
CA SER A 129 3.95 9.05 -18.95
C SER A 129 3.07 8.84 -20.19
N SER A 130 2.90 9.90 -21.00
CA SER A 130 2.07 9.91 -22.22
C SER A 130 2.74 9.19 -23.41
N GLN A 1 8.04 -17.99 8.72
CA GLN A 1 8.16 -17.28 7.42
C GLN A 1 6.77 -17.05 6.80
N VAL A 2 6.57 -15.90 6.15
CA VAL A 2 5.39 -15.59 5.30
C VAL A 2 5.84 -15.03 3.95
N GLN A 3 4.98 -15.13 2.94
CA GLN A 3 5.24 -14.60 1.60
C GLN A 3 4.17 -13.57 1.19
N LEU A 4 4.61 -12.47 0.57
CA LEU A 4 3.76 -11.42 0.00
C LEU A 4 4.18 -11.18 -1.45
N GLN A 5 3.21 -10.82 -2.30
CA GLN A 5 3.39 -10.63 -3.75
C GLN A 5 2.57 -9.44 -4.26
N GLU A 6 3.19 -8.61 -5.10
CA GLU A 6 2.63 -7.34 -5.59
C GLU A 6 2.43 -7.36 -7.10
N SER A 7 1.31 -6.78 -7.57
CA SER A 7 0.92 -6.79 -8.99
C SER A 7 0.00 -5.60 -9.33
N GLY A 8 -0.39 -5.50 -10.60
CA GLY A 8 -1.24 -4.45 -11.16
C GLY A 8 -0.50 -3.18 -11.58
N GLY A 9 0.77 -3.00 -11.22
CA GLY A 9 1.60 -1.89 -11.68
C GLY A 9 1.92 -1.98 -13.18
N GLY A 10 1.94 -0.83 -13.86
CA GLY A 10 2.33 -0.70 -15.26
C GLY A 10 2.51 0.76 -15.73
N LEU A 11 2.60 0.94 -17.04
CA LEU A 11 2.58 2.26 -17.69
C LEU A 11 1.13 2.79 -17.81
N VAL A 12 0.94 4.08 -17.53
CA VAL A 12 -0.34 4.81 -17.69
C VAL A 12 -0.08 6.26 -18.08
N GLN A 13 -0.97 6.91 -18.81
CA GLN A 13 -0.90 8.34 -19.13
C GLN A 13 -1.22 9.24 -17.92
N PRO A 14 -0.66 10.47 -17.87
CA PRO A 14 -1.00 11.46 -16.85
C PRO A 14 -2.48 11.86 -16.94
N GLY A 15 -3.10 12.06 -15.78
CA GLY A 15 -4.54 12.24 -15.60
C GLY A 15 -5.35 10.92 -15.61
N GLY A 16 -4.69 9.78 -15.86
CA GLY A 16 -5.29 8.43 -15.82
C GLY A 16 -5.44 7.87 -14.40
N SER A 17 -5.62 6.54 -14.32
CA SER A 17 -5.82 5.78 -13.10
C SER A 17 -5.23 4.36 -13.19
N LEU A 18 -4.99 3.76 -12.03
CA LEU A 18 -4.31 2.46 -11.85
C LEU A 18 -4.90 1.69 -10.66
N ARG A 19 -4.65 0.37 -10.61
CA ARG A 19 -5.19 -0.56 -9.60
C ARG A 19 -4.17 -1.63 -9.25
N LEU A 20 -3.46 -1.42 -8.14
CA LEU A 20 -2.46 -2.35 -7.57
C LEU A 20 -3.11 -3.39 -6.66
N SER A 21 -2.38 -4.49 -6.40
CA SER A 21 -2.78 -5.60 -5.53
C SER A 21 -1.61 -6.16 -4.72
N CYS A 22 -1.81 -6.35 -3.41
CA CYS A 22 -0.88 -6.88 -2.42
C CYS A 22 -1.41 -8.20 -1.86
N ALA A 23 -1.10 -9.32 -2.51
CA ALA A 23 -1.52 -10.66 -2.12
C ALA A 23 -0.58 -11.29 -1.08
N ALA A 24 -1.09 -12.19 -0.24
CA ALA A 24 -0.32 -12.83 0.84
C ALA A 24 -0.57 -14.34 1.01
N SER A 25 0.42 -15.03 1.58
CA SER A 25 0.40 -16.46 1.92
C SER A 25 1.19 -16.74 3.21
N GLY A 26 0.76 -17.75 3.97
CA GLY A 26 1.30 -18.11 5.29
C GLY A 26 0.62 -17.42 6.49
N PHE A 27 -0.22 -16.40 6.23
CA PHE A 27 -1.03 -15.68 7.22
C PHE A 27 -2.28 -15.06 6.56
N THR A 28 -3.24 -14.64 7.38
CA THR A 28 -4.50 -14.03 6.91
C THR A 28 -4.53 -12.53 7.20
N LEU A 29 -4.86 -11.72 6.18
CA LEU A 29 -4.81 -10.24 6.26
C LEU A 29 -5.89 -9.62 7.17
N ASP A 30 -6.91 -10.42 7.51
CA ASP A 30 -8.04 -10.05 8.37
C ASP A 30 -7.62 -9.46 9.72
N TYR A 31 -6.50 -9.93 10.26
CA TYR A 31 -5.94 -9.50 11.54
C TYR A 31 -4.91 -8.35 11.40
N TYR A 32 -4.15 -8.32 10.31
CA TYR A 32 -2.99 -7.45 10.12
C TYR A 32 -3.36 -6.11 9.45
N ALA A 33 -2.55 -5.08 9.71
CA ALA A 33 -2.59 -3.84 8.93
C ALA A 33 -1.58 -3.96 7.77
N ILE A 34 -1.94 -3.51 6.58
CA ILE A 34 -1.08 -3.51 5.40
C ILE A 34 -0.88 -2.07 4.91
N GLY A 35 0.37 -1.74 4.57
CA GLY A 35 0.76 -0.46 3.98
C GLY A 35 1.44 -0.63 2.63
N TRP A 36 1.19 0.31 1.72
CA TRP A 36 1.91 0.47 0.46
C TRP A 36 3.00 1.53 0.61
N PHE A 37 4.16 1.28 0.01
CA PHE A 37 5.36 2.11 0.08
C PHE A 37 5.99 2.25 -1.32
N ARG A 38 6.16 3.49 -1.78
CA ARG A 38 6.70 3.84 -3.10
C ARG A 38 8.19 4.16 -3.01
N GLN A 39 8.94 3.85 -4.06
CA GLN A 39 10.35 4.24 -4.23
C GLN A 39 10.63 4.62 -5.70
N ALA A 40 10.82 5.92 -5.95
CA ALA A 40 11.23 6.42 -7.26
C ALA A 40 12.75 6.25 -7.49
N PRO A 41 13.23 6.22 -8.75
CA PRO A 41 14.66 6.04 -9.05
C PRO A 41 15.53 7.23 -8.59
N GLY A 42 14.94 8.43 -8.45
CA GLY A 42 15.60 9.65 -7.96
C GLY A 42 15.37 9.97 -6.47
N LYS A 43 14.67 9.12 -5.71
CA LYS A 43 14.23 9.37 -4.32
C LYS A 43 14.44 8.18 -3.38
N GLU A 44 14.24 8.43 -2.09
CA GLU A 44 14.12 7.41 -1.04
C GLU A 44 12.71 6.79 -1.04
N ARG A 45 12.48 5.80 -0.17
CA ARG A 45 11.16 5.20 0.06
C ARG A 45 10.26 6.16 0.85
N GLU A 46 8.98 6.21 0.49
CA GLU A 46 7.92 6.90 1.25
C GLU A 46 6.62 6.06 1.31
N GLY A 47 5.80 6.26 2.34
CA GLY A 47 4.49 5.60 2.48
C GLY A 47 3.45 6.28 1.60
N VAL A 48 2.56 5.47 0.99
CA VAL A 48 1.51 5.96 0.07
C VAL A 48 0.15 5.96 0.75
N SER A 49 -0.32 4.78 1.17
CA SER A 49 -1.60 4.54 1.83
C SER A 49 -1.56 3.23 2.62
N ALA A 50 -2.39 3.11 3.65
CA ALA A 50 -2.46 1.92 4.51
C ALA A 50 -3.89 1.65 5.02
N ILE A 51 -4.16 0.41 5.42
CA ILE A 51 -5.43 -0.03 6.01
C ILE A 51 -5.15 -0.87 7.27
N SER A 52 -5.89 -0.61 8.35
CA SER A 52 -5.58 -1.17 9.68
C SER A 52 -6.13 -2.60 9.89
N SER A 53 -6.00 -3.12 11.13
CA SER A 53 -6.65 -4.36 11.57
C SER A 53 -8.18 -4.34 11.39
N SER A 54 -8.79 -3.15 11.42
CA SER A 54 -10.20 -2.91 11.08
C SER A 54 -10.36 -2.49 9.61
N GLY A 55 -11.38 -3.03 8.92
CA GLY A 55 -11.71 -2.65 7.53
C GLY A 55 -12.29 -1.24 7.36
N GLY A 56 -12.79 -0.64 8.45
CA GLY A 56 -13.45 0.68 8.48
C GLY A 56 -12.53 1.91 8.60
N SER A 57 -11.20 1.73 8.65
CA SER A 57 -10.22 2.81 8.89
C SER A 57 -8.93 2.66 8.09
N THR A 58 -8.49 3.78 7.50
CA THR A 58 -7.40 3.86 6.50
C THR A 58 -6.53 5.11 6.68
N ASN A 59 -5.35 5.08 6.08
CA ASN A 59 -4.33 6.15 6.11
C ASN A 59 -3.92 6.57 4.68
N TYR A 60 -3.56 7.83 4.47
CA TYR A 60 -3.15 8.39 3.17
C TYR A 60 -2.09 9.48 3.30
N ALA A 61 -1.08 9.49 2.43
CA ALA A 61 -0.10 10.56 2.29
C ALA A 61 -0.74 11.88 1.80
N ASP A 62 -0.22 13.04 2.23
CA ASP A 62 -0.77 14.35 1.84
C ASP A 62 -0.71 14.63 0.32
N SER A 63 0.24 14.01 -0.38
CA SER A 63 0.39 14.06 -1.85
C SER A 63 -0.64 13.18 -2.61
N VAL A 64 -1.39 12.32 -1.92
CA VAL A 64 -2.33 11.34 -2.53
C VAL A 64 -3.74 11.39 -1.96
N LYS A 65 -3.92 11.98 -0.77
CA LYS A 65 -5.23 12.27 -0.15
C LYS A 65 -6.22 12.84 -1.17
N GLY A 66 -7.35 12.17 -1.33
CA GLY A 66 -8.42 12.54 -2.27
C GLY A 66 -8.24 12.05 -3.72
N ARG A 67 -7.12 11.39 -4.09
CA ARG A 67 -6.96 10.76 -5.42
C ARG A 67 -6.49 9.30 -5.39
N PHE A 68 -5.87 8.85 -4.29
CA PHE A 68 -5.57 7.43 -4.00
C PHE A 68 -6.61 6.86 -3.02
N THR A 69 -6.87 5.56 -3.10
CA THR A 69 -7.90 4.86 -2.31
C THR A 69 -7.51 3.40 -2.06
N ILE A 70 -7.40 2.98 -0.80
CA ILE A 70 -7.02 1.61 -0.40
C ILE A 70 -8.23 0.81 0.14
N SER A 71 -8.23 -0.51 -0.12
CA SER A 71 -9.29 -1.45 0.29
C SER A 71 -8.74 -2.88 0.42
N ARG A 72 -9.06 -3.59 1.51
CA ARG A 72 -8.66 -5.00 1.70
C ARG A 72 -9.78 -5.99 1.40
N ASP A 73 -9.41 -7.17 0.93
CA ASP A 73 -10.29 -8.32 0.69
C ASP A 73 -9.74 -9.55 1.41
N ASN A 74 -10.43 -9.95 2.49
CA ASN A 74 -10.02 -11.04 3.37
C ASN A 74 -10.47 -12.44 2.89
N ALA A 75 -11.30 -12.53 1.85
CA ALA A 75 -11.60 -13.80 1.17
C ALA A 75 -10.52 -14.13 0.11
N LYS A 76 -10.05 -13.11 -0.62
CA LYS A 76 -8.93 -13.20 -1.59
C LYS A 76 -7.54 -13.20 -0.93
N ASN A 77 -7.46 -12.71 0.31
CA ASN A 77 -6.22 -12.45 1.06
C ASN A 77 -5.31 -11.42 0.37
N THR A 78 -5.91 -10.33 -0.11
CA THR A 78 -5.25 -9.29 -0.92
C THR A 78 -5.70 -7.88 -0.54
N VAL A 79 -4.77 -6.92 -0.50
CA VAL A 79 -5.08 -5.49 -0.38
C VAL A 79 -4.92 -4.79 -1.72
N TYR A 80 -5.98 -4.14 -2.19
CA TYR A 80 -6.00 -3.36 -3.42
C TYR A 80 -5.77 -1.88 -3.15
N LEU A 81 -4.96 -1.24 -4.00
CA LEU A 81 -4.74 0.20 -4.01
C LEU A 81 -5.14 0.79 -5.36
N GLN A 82 -6.30 1.42 -5.39
CA GLN A 82 -6.76 2.24 -6.51
C GLN A 82 -6.05 3.60 -6.48
N MET A 83 -5.69 4.15 -7.64
CA MET A 83 -5.12 5.48 -7.76
C MET A 83 -5.65 6.20 -9.00
N ASN A 84 -5.81 7.52 -8.90
CA ASN A 84 -6.45 8.39 -9.90
C ASN A 84 -5.73 9.75 -9.96
N SER A 85 -6.10 10.61 -10.90
CA SER A 85 -5.53 11.96 -11.06
C SER A 85 -3.98 11.95 -11.07
N LEU A 86 -3.42 11.02 -11.83
CA LEU A 86 -1.99 10.71 -11.80
C LEU A 86 -1.11 11.77 -12.45
N LYS A 87 0.08 11.99 -11.88
CA LYS A 87 1.12 12.93 -12.31
C LYS A 87 2.43 12.19 -12.59
N PRO A 88 3.33 12.72 -13.44
CA PRO A 88 4.63 12.09 -13.71
C PRO A 88 5.47 11.91 -12.43
N GLU A 89 5.23 12.75 -11.43
CA GLU A 89 5.74 12.66 -10.05
C GLU A 89 5.45 11.30 -9.38
N ASP A 90 4.33 10.66 -9.69
CA ASP A 90 3.90 9.37 -9.13
C ASP A 90 4.70 8.17 -9.65
N THR A 91 5.57 8.35 -10.67
CA THR A 91 6.40 7.27 -11.25
C THR A 91 7.38 6.72 -10.23
N ALA A 92 7.20 5.44 -9.86
CA ALA A 92 7.97 4.74 -8.83
C ALA A 92 7.68 3.23 -8.83
N VAL A 93 8.47 2.45 -8.10
CA VAL A 93 8.16 1.05 -7.79
C VAL A 93 7.39 1.02 -6.46
N TYR A 94 6.24 0.35 -6.45
CA TYR A 94 5.34 0.27 -5.31
C TYR A 94 5.45 -1.12 -4.67
N TYR A 95 5.79 -1.14 -3.38
CA TYR A 95 5.95 -2.32 -2.53
C TYR A 95 4.84 -2.36 -1.47
N CYS A 96 4.51 -3.53 -0.94
CA CYS A 96 3.62 -3.66 0.23
C CYS A 96 4.24 -4.51 1.34
N ALA A 97 3.68 -4.40 2.55
CA ALA A 97 4.10 -5.13 3.75
C ALA A 97 2.99 -5.12 4.81
N ALA A 98 3.02 -6.09 5.73
CA ALA A 98 2.09 -6.22 6.85
C ALA A 98 2.69 -5.75 8.19
N VAL A 99 1.83 -5.66 9.23
CA VAL A 99 2.19 -5.46 10.64
C VAL A 99 1.10 -6.03 11.57
N ASP A 100 1.52 -6.59 12.71
CA ASP A 100 0.70 -7.21 13.77
C ASP A 100 -0.19 -6.21 14.54
N ASP A 101 -1.10 -5.54 13.83
CA ASP A 101 -1.96 -4.46 14.34
C ASP A 101 -3.06 -4.91 15.33
N VAL A 102 -3.15 -6.22 15.62
CA VAL A 102 -3.97 -6.75 16.73
C VAL A 102 -3.36 -6.34 18.09
N GLY A 103 -2.03 -6.35 18.18
CA GLY A 103 -1.25 -5.94 19.37
C GLY A 103 -0.63 -4.54 19.28
N THR A 104 -0.24 -4.10 18.08
CA THR A 104 0.34 -2.77 17.84
C THR A 104 -0.73 -1.66 17.97
N THR A 105 -0.35 -0.49 18.49
CA THR A 105 -1.22 0.71 18.65
C THR A 105 -0.39 1.98 18.55
N VAL A 106 -0.93 3.04 17.93
CA VAL A 106 -0.35 4.39 17.83
C VAL A 106 -1.38 5.47 18.20
N GLN A 107 -0.90 6.63 18.68
CA GLN A 107 -1.72 7.79 19.07
C GLN A 107 -1.86 8.85 17.94
N ALA A 108 -1.76 8.42 16.67
CA ALA A 108 -1.68 9.30 15.50
C ALA A 108 -2.47 8.79 14.28
N MET A 109 -2.76 9.70 13.34
CA MET A 109 -3.43 9.40 12.07
C MET A 109 -2.54 8.75 11.00
N ALA A 110 -1.23 8.70 11.24
CA ALA A 110 -0.23 8.09 10.35
C ALA A 110 0.90 7.41 11.17
N VAL A 111 1.54 6.40 10.59
CA VAL A 111 2.54 5.56 11.27
C VAL A 111 3.89 6.27 11.45
N HIS A 112 4.49 6.08 12.63
CA HIS A 112 5.74 6.71 13.09
C HIS A 112 6.53 5.76 14.02
N GLU A 113 7.77 6.12 14.35
CA GLU A 113 8.69 5.43 15.29
C GLU A 113 9.20 4.03 14.82
N PRO A 114 10.24 3.45 15.46
CA PRO A 114 10.78 2.13 15.12
C PRO A 114 9.80 0.95 15.28
N TYR A 115 10.23 -0.24 14.85
CA TYR A 115 9.42 -1.45 14.69
C TYR A 115 8.25 -1.22 13.70
N GLU A 116 8.60 -0.78 12.50
CA GLU A 116 7.72 -0.60 11.36
C GLU A 116 7.47 -1.92 10.57
N TYR A 117 7.00 -1.79 9.33
CA TYR A 117 6.55 -2.87 8.44
C TYR A 117 7.74 -3.68 7.86
N ASP A 118 8.47 -4.40 8.71
CA ASP A 118 9.64 -5.22 8.37
C ASP A 118 9.32 -6.53 7.60
N TYR A 119 8.04 -6.79 7.30
CA TYR A 119 7.56 -7.95 6.54
C TYR A 119 8.00 -7.94 5.05
N TRP A 120 7.90 -9.12 4.42
CA TRP A 120 8.27 -9.36 3.02
C TRP A 120 7.48 -8.48 2.02
N GLY A 121 8.06 -8.24 0.84
CA GLY A 121 7.41 -7.55 -0.29
C GLY A 121 8.18 -7.74 -1.60
N GLN A 122 7.47 -7.96 -2.70
CA GLN A 122 8.02 -8.23 -4.04
C GLN A 122 8.25 -6.96 -4.87
N GLY A 123 7.43 -5.92 -4.70
CA GLY A 123 7.39 -4.72 -5.53
C GLY A 123 6.70 -4.90 -6.90
N THR A 124 6.12 -3.82 -7.42
CA THR A 124 5.55 -3.72 -8.78
C THR A 124 5.79 -2.32 -9.36
N GLN A 125 6.23 -2.24 -10.63
CA GLN A 125 6.69 -0.99 -11.26
C GLN A 125 5.51 -0.15 -11.77
N VAL A 126 5.50 1.15 -11.49
CA VAL A 126 4.51 2.12 -12.02
C VAL A 126 5.18 3.31 -12.70
N THR A 127 4.83 3.57 -13.97
CA THR A 127 5.24 4.76 -14.73
C THR A 127 4.04 5.56 -15.21
N VAL A 128 4.13 6.88 -15.08
CA VAL A 128 3.09 7.83 -15.50
C VAL A 128 3.65 8.74 -16.60
N SER A 129 3.24 8.51 -17.85
CA SER A 129 3.77 9.16 -19.06
C SER A 129 2.86 8.95 -20.28
N SER A 130 2.67 10.00 -21.09
CA SER A 130 1.79 10.01 -22.27
C SER A 130 2.38 9.24 -23.47
N GLN A 1 6.17 -19.85 8.25
CA GLN A 1 6.61 -19.06 7.07
C GLN A 1 5.55 -18.02 6.70
N VAL A 2 5.97 -16.92 6.05
CA VAL A 2 5.11 -15.85 5.51
C VAL A 2 5.60 -15.45 4.11
N GLN A 3 4.68 -15.26 3.17
CA GLN A 3 4.94 -14.82 1.80
C GLN A 3 3.99 -13.67 1.42
N LEU A 4 4.52 -12.65 0.72
CA LEU A 4 3.74 -11.55 0.12
C LEU A 4 4.09 -11.42 -1.37
N GLN A 5 3.11 -11.02 -2.18
CA GLN A 5 3.22 -10.87 -3.63
C GLN A 5 2.40 -9.67 -4.11
N GLU A 6 3.00 -8.83 -4.96
CA GLU A 6 2.31 -7.71 -5.63
C GLU A 6 1.88 -8.04 -7.07
N SER A 7 0.96 -7.23 -7.60
CA SER A 7 0.56 -7.22 -9.01
C SER A 7 -0.13 -5.90 -9.38
N GLY A 8 -0.39 -5.70 -10.68
CA GLY A 8 -1.18 -4.59 -11.23
C GLY A 8 -0.40 -3.34 -11.65
N GLY A 9 0.87 -3.20 -11.27
CA GLY A 9 1.72 -2.09 -11.73
C GLY A 9 2.02 -2.14 -13.23
N GLY A 10 2.04 -0.97 -13.87
CA GLY A 10 2.37 -0.81 -15.29
C GLY A 10 2.54 0.65 -15.71
N LEU A 11 2.68 0.89 -17.01
CA LEU A 11 2.73 2.24 -17.59
C LEU A 11 1.31 2.77 -17.89
N VAL A 12 1.08 4.07 -17.63
CA VAL A 12 -0.19 4.79 -17.87
C VAL A 12 0.09 6.25 -18.24
N GLN A 13 -0.79 6.89 -19.00
CA GLN A 13 -0.71 8.32 -19.29
C GLN A 13 -1.00 9.21 -18.05
N PRO A 14 -0.49 10.45 -18.03
CA PRO A 14 -0.89 11.44 -17.03
C PRO A 14 -2.39 11.74 -17.15
N GLY A 15 -3.01 11.99 -15.99
CA GLY A 15 -4.46 12.13 -15.82
C GLY A 15 -5.22 10.79 -15.81
N GLY A 16 -4.54 9.66 -16.04
CA GLY A 16 -5.11 8.31 -16.00
C GLY A 16 -5.26 7.74 -14.58
N SER A 17 -5.46 6.43 -14.50
CA SER A 17 -5.70 5.67 -13.27
C SER A 17 -5.10 4.26 -13.34
N LEU A 18 -4.89 3.66 -12.16
CA LEU A 18 -4.26 2.36 -11.96
C LEU A 18 -4.87 1.58 -10.77
N ARG A 19 -4.64 0.27 -10.74
CA ARG A 19 -5.18 -0.68 -9.74
C ARG A 19 -4.13 -1.72 -9.37
N LEU A 20 -3.52 -1.54 -8.19
CA LEU A 20 -2.52 -2.45 -7.60
C LEU A 20 -3.17 -3.45 -6.63
N SER A 21 -2.44 -4.54 -6.34
CA SER A 21 -2.84 -5.59 -5.40
C SER A 21 -1.64 -6.17 -4.62
N CYS A 22 -1.80 -6.37 -3.31
CA CYS A 22 -0.84 -6.98 -2.40
C CYS A 22 -1.46 -8.24 -1.77
N ALA A 23 -1.22 -9.40 -2.37
CA ALA A 23 -1.67 -10.70 -1.89
C ALA A 23 -0.70 -11.30 -0.86
N ALA A 24 -1.22 -12.13 0.05
CA ALA A 24 -0.44 -12.76 1.12
C ALA A 24 -0.77 -14.25 1.35
N SER A 25 0.22 -14.97 1.88
CA SER A 25 0.12 -16.39 2.27
C SER A 25 0.98 -16.69 3.52
N GLY A 26 0.64 -17.75 4.25
CA GLY A 26 1.24 -18.11 5.54
C GLY A 26 0.64 -17.38 6.75
N PHE A 27 -0.12 -16.31 6.53
CA PHE A 27 -0.92 -15.59 7.52
C PHE A 27 -2.18 -14.99 6.90
N THR A 28 -3.15 -14.65 7.75
CA THR A 28 -4.39 -13.97 7.35
C THR A 28 -4.30 -12.47 7.62
N LEU A 29 -4.65 -11.64 6.63
CA LEU A 29 -4.47 -10.18 6.70
C LEU A 29 -5.31 -9.48 7.76
N ASP A 30 -6.42 -10.10 8.16
CA ASP A 30 -7.46 -9.52 9.02
C ASP A 30 -6.89 -8.88 10.30
N TYR A 31 -5.95 -9.58 10.92
CA TYR A 31 -5.28 -9.22 12.17
C TYR A 31 -4.11 -8.22 12.00
N TYR A 32 -3.73 -7.89 10.76
CA TYR A 32 -2.57 -7.07 10.43
C TYR A 32 -2.99 -5.73 9.82
N ALA A 33 -2.08 -4.77 9.85
CA ALA A 33 -2.14 -3.50 9.13
C ALA A 33 -1.19 -3.58 7.92
N ILE A 34 -1.66 -3.28 6.72
CA ILE A 34 -0.86 -3.33 5.48
C ILE A 34 -0.66 -1.91 4.94
N GLY A 35 0.56 -1.61 4.50
CA GLY A 35 0.92 -0.34 3.86
C GLY A 35 1.57 -0.54 2.50
N TRP A 36 1.21 0.33 1.55
CA TRP A 36 1.89 0.49 0.26
C TRP A 36 2.98 1.56 0.38
N PHE A 37 4.17 1.24 -0.14
CA PHE A 37 5.37 2.06 -0.04
C PHE A 37 6.02 2.18 -1.43
N ARG A 38 6.01 3.37 -2.02
CA ARG A 38 6.56 3.57 -3.37
C ARG A 38 7.92 4.26 -3.32
N GLN A 39 8.88 3.80 -4.13
CA GLN A 39 10.19 4.43 -4.27
C GLN A 39 10.37 4.97 -5.69
N ALA A 40 10.30 6.30 -5.83
CA ALA A 40 10.65 7.05 -7.03
C ALA A 40 12.17 7.23 -7.16
N PRO A 41 12.70 7.52 -8.36
CA PRO A 41 14.14 7.74 -8.56
C PRO A 41 14.63 8.96 -7.75
N GLY A 42 15.68 8.77 -6.95
CA GLY A 42 16.24 9.78 -6.04
C GLY A 42 15.46 10.01 -4.73
N LYS A 43 14.21 9.53 -4.62
CA LYS A 43 13.39 9.58 -3.40
C LYS A 43 13.63 8.38 -2.47
N GLU A 44 13.12 8.52 -1.24
CA GLU A 44 12.96 7.43 -0.26
C GLU A 44 11.68 6.63 -0.58
N ARG A 45 11.34 5.66 0.28
CA ARG A 45 10.03 5.00 0.25
C ARG A 45 8.96 5.94 0.82
N GLU A 46 8.03 6.36 -0.02
CA GLU A 46 6.88 7.20 0.35
C GLU A 46 5.75 6.33 0.90
N GLY A 47 5.20 6.68 2.07
CA GLY A 47 4.08 5.97 2.71
C GLY A 47 2.74 6.33 2.05
N VAL A 48 2.52 5.83 0.84
CA VAL A 48 1.42 6.22 -0.07
C VAL A 48 0.04 6.08 0.57
N SER A 49 -0.33 4.86 0.97
CA SER A 49 -1.64 4.53 1.54
C SER A 49 -1.56 3.27 2.38
N ALA A 50 -2.37 3.16 3.43
CA ALA A 50 -2.37 2.01 4.34
C ALA A 50 -3.75 1.73 4.96
N ILE A 51 -3.96 0.49 5.39
CA ILE A 51 -5.24 0.01 5.94
C ILE A 51 -4.98 -0.90 7.17
N SER A 52 -5.69 -0.63 8.27
CA SER A 52 -5.55 -1.31 9.56
C SER A 52 -6.55 -2.47 9.76
N SER A 53 -6.49 -3.15 10.91
CA SER A 53 -7.42 -4.24 11.26
C SER A 53 -8.89 -3.78 11.32
N SER A 54 -9.81 -4.68 10.98
CA SER A 54 -11.24 -4.41 10.74
C SER A 54 -11.49 -3.32 9.67
N GLY A 55 -10.53 -3.11 8.77
CA GLY A 55 -10.49 -1.99 7.81
C GLY A 55 -10.10 -0.67 8.48
N GLY A 56 -10.88 -0.23 9.47
CA GLY A 56 -10.58 0.90 10.34
C GLY A 56 -10.39 2.24 9.61
N SER A 57 -9.63 3.14 10.23
CA SER A 57 -9.20 4.41 9.63
C SER A 57 -8.05 4.18 8.64
N THR A 58 -8.36 4.14 7.35
CA THR A 58 -7.37 4.11 6.26
C THR A 58 -6.50 5.39 6.26
N ASN A 59 -5.20 5.22 6.07
CA ASN A 59 -4.22 6.32 6.00
C ASN A 59 -3.81 6.64 4.55
N TYR A 60 -3.45 7.89 4.28
CA TYR A 60 -3.07 8.41 2.96
C TYR A 60 -2.00 9.51 3.05
N ALA A 61 -1.07 9.54 2.10
CA ALA A 61 -0.10 10.61 1.93
C ALA A 61 -0.75 11.94 1.49
N ASP A 62 -0.19 13.07 1.91
CA ASP A 62 -0.68 14.42 1.55
C ASP A 62 -0.62 14.71 0.03
N SER A 63 0.24 14.02 -0.71
CA SER A 63 0.34 14.08 -2.18
C SER A 63 -0.72 13.24 -2.91
N VAL A 64 -1.46 12.36 -2.23
CA VAL A 64 -2.42 11.42 -2.84
C VAL A 64 -3.84 11.51 -2.30
N LYS A 65 -4.02 12.11 -1.11
CA LYS A 65 -5.33 12.39 -0.51
C LYS A 65 -6.26 13.05 -1.53
N GLY A 66 -7.44 12.44 -1.72
CA GLY A 66 -8.46 12.87 -2.68
C GLY A 66 -8.33 12.29 -4.10
N ARG A 67 -7.26 11.53 -4.43
CA ARG A 67 -7.13 10.84 -5.73
C ARG A 67 -6.68 9.37 -5.66
N PHE A 68 -6.02 8.94 -4.58
CA PHE A 68 -5.74 7.53 -4.26
C PHE A 68 -6.77 6.98 -3.26
N THR A 69 -7.02 5.65 -3.30
CA THR A 69 -7.97 4.94 -2.44
C THR A 69 -7.50 3.50 -2.17
N ILE A 70 -7.28 3.14 -0.90
CA ILE A 70 -6.92 1.78 -0.49
C ILE A 70 -8.14 1.03 0.09
N SER A 71 -8.17 -0.30 -0.10
CA SER A 71 -9.19 -1.21 0.46
C SER A 71 -8.62 -2.63 0.53
N ARG A 72 -9.14 -3.48 1.43
CA ARG A 72 -8.73 -4.89 1.56
C ARG A 72 -9.89 -5.88 1.48
N ASP A 73 -9.53 -7.10 1.08
CA ASP A 73 -10.42 -8.26 0.98
C ASP A 73 -9.79 -9.42 1.76
N ASN A 74 -10.41 -9.77 2.89
CA ASN A 74 -9.93 -10.81 3.80
C ASN A 74 -10.34 -12.24 3.39
N ALA A 75 -11.22 -12.41 2.40
CA ALA A 75 -11.52 -13.70 1.78
C ALA A 75 -10.50 -14.04 0.68
N LYS A 76 -10.10 -13.04 -0.14
CA LYS A 76 -9.00 -13.14 -1.12
C LYS A 76 -7.60 -12.98 -0.50
N ASN A 77 -7.53 -12.58 0.77
CA ASN A 77 -6.29 -12.28 1.52
C ASN A 77 -5.38 -11.28 0.78
N THR A 78 -5.99 -10.21 0.23
CA THR A 78 -5.33 -9.23 -0.65
C THR A 78 -5.74 -7.79 -0.31
N VAL A 79 -4.78 -6.86 -0.38
CA VAL A 79 -5.03 -5.40 -0.28
C VAL A 79 -4.90 -4.73 -1.64
N TYR A 80 -5.95 -4.04 -2.07
CA TYR A 80 -6.00 -3.31 -3.33
C TYR A 80 -5.75 -1.81 -3.12
N LEU A 81 -4.99 -1.22 -4.03
CA LEU A 81 -4.77 0.23 -4.10
C LEU A 81 -5.21 0.77 -5.46
N GLN A 82 -6.35 1.44 -5.49
CA GLN A 82 -6.81 2.24 -6.62
C GLN A 82 -6.11 3.60 -6.61
N MET A 83 -5.73 4.10 -7.78
CA MET A 83 -5.15 5.45 -7.93
C MET A 83 -5.69 6.13 -9.18
N ASN A 84 -5.90 7.45 -9.10
CA ASN A 84 -6.49 8.29 -10.14
C ASN A 84 -5.74 9.63 -10.23
N SER A 85 -6.07 10.46 -11.25
CA SER A 85 -5.50 11.80 -11.43
C SER A 85 -3.97 11.81 -11.38
N LEU A 86 -3.34 10.86 -12.08
CA LEU A 86 -1.91 10.57 -11.98
C LEU A 86 -1.01 11.64 -12.62
N LYS A 87 0.06 11.99 -11.92
CA LYS A 87 1.08 12.96 -12.31
C LYS A 87 2.41 12.25 -12.63
N PRO A 88 3.34 12.89 -13.37
CA PRO A 88 4.65 12.31 -13.62
C PRO A 88 5.42 11.88 -12.37
N GLU A 89 5.34 12.65 -11.28
CA GLU A 89 5.98 12.35 -9.99
C GLU A 89 5.39 11.14 -9.23
N ASP A 90 4.27 10.57 -9.68
CA ASP A 90 3.76 9.28 -9.18
C ASP A 90 4.53 8.06 -9.75
N THR A 91 5.45 8.27 -10.71
CA THR A 91 6.32 7.22 -11.26
C THR A 91 7.28 6.68 -10.20
N ALA A 92 7.12 5.41 -9.85
CA ALA A 92 7.85 4.73 -8.77
C ALA A 92 7.65 3.21 -8.80
N VAL A 93 8.45 2.47 -8.04
CA VAL A 93 8.23 1.05 -7.78
C VAL A 93 7.46 0.91 -6.47
N TYR A 94 6.27 0.32 -6.51
CA TYR A 94 5.35 0.16 -5.38
C TYR A 94 5.59 -1.19 -4.69
N TYR A 95 6.16 -1.14 -3.48
CA TYR A 95 6.34 -2.25 -2.54
C TYR A 95 5.16 -2.32 -1.56
N CYS A 96 4.95 -3.47 -0.91
CA CYS A 96 3.90 -3.65 0.11
C CYS A 96 4.34 -4.60 1.24
N ALA A 97 3.75 -4.44 2.43
CA ALA A 97 4.19 -5.11 3.65
C ALA A 97 3.08 -5.12 4.72
N ALA A 98 3.17 -6.07 5.66
CA ALA A 98 2.27 -6.22 6.80
C ALA A 98 2.97 -5.97 8.15
N VAL A 99 2.22 -5.47 9.13
CA VAL A 99 2.62 -5.33 10.54
C VAL A 99 1.49 -5.82 11.45
N ASP A 100 1.82 -6.58 12.49
CA ASP A 100 0.85 -7.13 13.45
C ASP A 100 0.11 -6.00 14.18
N ASP A 101 -1.22 -5.96 14.06
CA ASP A 101 -2.06 -4.89 14.61
C ASP A 101 -2.87 -5.37 15.83
N VAL A 102 -3.50 -6.55 15.71
CA VAL A 102 -4.19 -7.27 16.80
C VAL A 102 -3.24 -8.10 17.65
N GLY A 103 -2.12 -8.57 17.10
CA GLY A 103 -1.21 -9.56 17.70
C GLY A 103 -0.77 -9.21 19.13
N THR A 104 -1.40 -9.86 20.12
CA THR A 104 -1.20 -9.69 21.58
C THR A 104 -1.25 -8.22 22.04
N THR A 105 -2.08 -7.42 21.38
CA THR A 105 -2.19 -5.95 21.54
C THR A 105 -3.64 -5.55 21.86
N VAL A 106 -3.82 -4.37 22.48
CA VAL A 106 -5.13 -3.76 22.78
C VAL A 106 -6.01 -3.66 21.52
N GLN A 107 -7.33 -3.81 21.68
CA GLN A 107 -8.33 -3.70 20.60
C GLN A 107 -8.44 -2.25 20.11
N ALA A 108 -7.55 -1.89 19.20
CA ALA A 108 -7.29 -0.54 18.72
C ALA A 108 -6.64 -0.55 17.31
N MET A 109 -6.22 0.62 16.84
CA MET A 109 -5.43 0.80 15.62
C MET A 109 -4.49 2.00 15.76
N ALA A 110 -3.18 1.77 15.61
CA ALA A 110 -2.14 2.80 15.74
C ALA A 110 -0.82 2.41 15.03
N VAL A 111 0.02 3.41 14.75
CA VAL A 111 1.35 3.28 14.12
C VAL A 111 2.43 4.12 14.84
N HIS A 112 2.13 4.64 16.04
CA HIS A 112 3.03 5.49 16.84
C HIS A 112 4.12 4.70 17.59
N GLU A 113 3.84 3.43 17.94
CA GLU A 113 4.76 2.50 18.59
C GLU A 113 6.00 2.17 17.70
N PRO A 114 7.16 1.82 18.31
CA PRO A 114 8.40 1.55 17.58
C PRO A 114 8.40 0.24 16.77
N TYR A 115 7.45 -0.67 17.01
CA TYR A 115 7.27 -1.88 16.20
C TYR A 115 6.68 -1.58 14.82
N GLU A 116 7.30 -2.12 13.76
CA GLU A 116 6.99 -1.87 12.36
C GLU A 116 7.09 -3.17 11.53
N TYR A 117 6.69 -3.06 10.26
CA TYR A 117 6.64 -4.10 9.23
C TYR A 117 7.92 -4.95 9.15
N ASP A 118 7.77 -6.28 9.11
CA ASP A 118 8.87 -7.25 9.02
C ASP A 118 9.10 -7.78 7.58
N TYR A 119 8.43 -7.19 6.58
CA TYR A 119 8.33 -7.67 5.19
C TYR A 119 8.47 -6.51 4.18
N TRP A 120 8.64 -6.85 2.89
CA TRP A 120 8.79 -5.87 1.80
C TRP A 120 8.24 -6.34 0.42
N GLY A 121 7.75 -7.59 0.33
CA GLY A 121 7.24 -8.17 -0.92
C GLY A 121 8.34 -8.35 -1.98
N GLN A 122 8.18 -7.69 -3.12
CA GLN A 122 9.13 -7.71 -4.27
C GLN A 122 9.14 -6.38 -5.06
N GLY A 123 8.03 -5.64 -5.10
CA GLY A 123 7.89 -4.34 -5.76
C GLY A 123 7.41 -4.42 -7.21
N THR A 124 6.38 -3.64 -7.55
CA THR A 124 5.78 -3.55 -8.90
C THR A 124 6.04 -2.18 -9.52
N GLN A 125 6.58 -2.13 -10.75
CA GLN A 125 6.96 -0.87 -11.41
C GLN A 125 5.72 -0.12 -11.92
N VAL A 126 5.61 1.17 -11.58
CA VAL A 126 4.57 2.07 -12.13
C VAL A 126 5.22 3.30 -12.78
N THR A 127 4.91 3.56 -14.07
CA THR A 127 5.34 4.77 -14.79
C THR A 127 4.16 5.59 -15.29
N VAL A 128 4.25 6.92 -15.16
CA VAL A 128 3.26 7.88 -15.65
C VAL A 128 3.85 8.72 -16.78
N SER A 129 3.40 8.49 -18.01
CA SER A 129 3.98 9.06 -19.24
C SER A 129 3.03 8.94 -20.44
N SER A 130 2.86 10.03 -21.20
CA SER A 130 1.96 10.12 -22.36
C SER A 130 2.50 9.41 -23.61
N GLN A 1 8.35 -18.89 6.22
CA GLN A 1 8.32 -17.42 5.97
C GLN A 1 7.11 -17.05 5.10
N VAL A 2 6.54 -15.86 5.30
CA VAL A 2 5.40 -15.35 4.50
C VAL A 2 5.84 -14.81 3.13
N GLN A 3 4.86 -14.55 2.25
CA GLN A 3 5.06 -13.85 0.97
C GLN A 3 3.89 -12.90 0.69
N LEU A 4 4.20 -11.69 0.21
CA LEU A 4 3.22 -10.68 -0.22
C LEU A 4 3.49 -10.37 -1.70
N GLN A 5 2.68 -10.93 -2.59
CA GLN A 5 2.84 -10.88 -4.04
C GLN A 5 2.12 -9.66 -4.60
N GLU A 6 2.81 -8.84 -5.38
CA GLU A 6 2.28 -7.59 -5.94
C GLU A 6 1.94 -7.72 -7.43
N SER A 7 0.84 -7.09 -7.84
CA SER A 7 0.39 -7.08 -9.24
C SER A 7 -0.38 -5.80 -9.59
N GLY A 8 -0.64 -5.58 -10.88
CA GLY A 8 -1.37 -4.44 -11.43
C GLY A 8 -0.52 -3.22 -11.79
N GLY A 9 0.69 -3.08 -11.25
CA GLY A 9 1.61 -2.00 -11.63
C GLY A 9 2.06 -2.08 -13.10
N GLY A 10 2.15 -0.92 -13.76
CA GLY A 10 2.56 -0.79 -15.15
C GLY A 10 2.68 0.67 -15.60
N LEU A 11 2.77 0.89 -16.91
CA LEU A 11 2.79 2.23 -17.51
C LEU A 11 1.37 2.76 -17.78
N VAL A 12 1.14 4.06 -17.53
CA VAL A 12 -0.13 4.76 -17.72
C VAL A 12 0.10 6.22 -18.11
N GLN A 13 -0.81 6.83 -18.88
CA GLN A 13 -0.75 8.26 -19.24
C GLN A 13 -1.02 9.20 -18.04
N PRO A 14 -0.46 10.42 -18.05
CA PRO A 14 -0.74 11.44 -17.03
C PRO A 14 -2.22 11.86 -17.08
N GLY A 15 -2.78 12.09 -15.90
CA GLY A 15 -4.21 12.32 -15.66
C GLY A 15 -5.07 11.04 -15.66
N GLY A 16 -4.47 9.88 -15.93
CA GLY A 16 -5.11 8.56 -15.92
C GLY A 16 -5.32 7.97 -14.52
N SER A 17 -5.61 6.66 -14.49
CA SER A 17 -5.82 5.85 -13.28
C SER A 17 -5.20 4.45 -13.41
N LEU A 18 -4.92 3.86 -12.27
CA LEU A 18 -4.31 2.52 -12.10
C LEU A 18 -4.94 1.78 -10.92
N ARG A 19 -4.73 0.46 -10.87
CA ARG A 19 -5.11 -0.37 -9.73
C ARG A 19 -4.08 -1.47 -9.46
N LEU A 20 -3.70 -1.60 -8.20
CA LEU A 20 -2.71 -2.53 -7.65
C LEU A 20 -3.36 -3.56 -6.72
N SER A 21 -2.65 -4.65 -6.45
CA SER A 21 -3.06 -5.71 -5.52
C SER A 21 -1.88 -6.35 -4.78
N CYS A 22 -2.02 -6.55 -3.46
CA CYS A 22 -1.06 -7.20 -2.56
C CYS A 22 -1.68 -8.51 -2.04
N ALA A 23 -1.51 -9.61 -2.75
CA ALA A 23 -2.03 -10.93 -2.38
C ALA A 23 -1.04 -11.66 -1.46
N ALA A 24 -1.51 -12.18 -0.33
CA ALA A 24 -0.65 -12.71 0.72
C ALA A 24 -0.77 -14.22 0.96
N SER A 25 0.36 -14.84 1.34
CA SER A 25 0.53 -16.27 1.57
C SER A 25 1.37 -16.52 2.83
N GLY A 26 1.06 -17.60 3.56
CA GLY A 26 1.71 -17.97 4.83
C GLY A 26 1.13 -17.30 6.08
N PHE A 27 0.27 -16.28 5.93
CA PHE A 27 -0.48 -15.61 7.00
C PHE A 27 -1.81 -15.06 6.49
N THR A 28 -2.73 -14.77 7.42
CA THR A 28 -4.05 -14.19 7.10
C THR A 28 -4.06 -12.69 7.43
N LEU A 29 -4.57 -11.88 6.50
CA LEU A 29 -4.48 -10.41 6.58
C LEU A 29 -5.37 -9.78 7.65
N ASP A 30 -6.40 -10.49 8.08
CA ASP A 30 -7.42 -9.98 9.00
C ASP A 30 -6.82 -9.35 10.27
N TYR A 31 -5.84 -10.03 10.85
CA TYR A 31 -5.12 -9.65 12.07
C TYR A 31 -3.93 -8.71 11.83
N TYR A 32 -3.72 -8.22 10.60
CA TYR A 32 -2.61 -7.32 10.24
C TYR A 32 -3.09 -6.04 9.57
N ALA A 33 -2.38 -4.94 9.82
CA ALA A 33 -2.51 -3.72 9.04
C ALA A 33 -1.59 -3.80 7.82
N ILE A 34 -2.11 -3.38 6.66
CA ILE A 34 -1.44 -3.51 5.36
C ILE A 34 -1.23 -2.11 4.78
N GLY A 35 -0.04 -1.85 4.25
CA GLY A 35 0.32 -0.54 3.69
C GLY A 35 1.11 -0.62 2.38
N TRP A 36 0.87 0.35 1.50
CA TRP A 36 1.59 0.60 0.25
C TRP A 36 2.53 1.81 0.36
N PHE A 37 3.73 1.68 -0.22
CA PHE A 37 4.80 2.67 -0.25
C PHE A 37 5.46 2.67 -1.65
N ARG A 38 6.23 3.73 -1.96
CA ARG A 38 6.90 3.94 -3.27
C ARG A 38 8.38 4.22 -3.07
N GLN A 39 9.21 3.90 -4.06
CA GLN A 39 10.64 4.21 -4.04
C GLN A 39 11.21 4.51 -5.43
N ALA A 40 12.09 5.51 -5.49
CA ALA A 40 12.89 5.89 -6.66
C ALA A 40 14.36 5.48 -6.47
N PRO A 41 15.16 5.35 -7.55
CA PRO A 41 16.55 4.88 -7.47
C PRO A 41 17.41 5.83 -6.62
N GLY A 42 18.00 5.28 -5.55
CA GLY A 42 18.82 6.01 -4.57
C GLY A 42 18.05 6.89 -3.57
N LYS A 43 16.72 7.03 -3.69
CA LYS A 43 15.88 7.83 -2.78
C LYS A 43 15.30 6.99 -1.62
N GLU A 44 14.76 7.67 -0.62
CA GLU A 44 13.99 7.08 0.48
C GLU A 44 12.61 6.59 0.02
N ARG A 45 11.93 5.84 0.91
CA ARG A 45 10.53 5.43 0.73
C ARG A 45 9.57 6.61 0.88
N GLU A 46 8.51 6.60 0.09
CA GLU A 46 7.43 7.58 0.04
C GLU A 46 6.11 6.87 0.38
N GLY A 47 5.24 7.48 1.19
CA GLY A 47 3.99 6.85 1.65
C GLY A 47 2.87 6.96 0.61
N VAL A 48 1.91 6.04 0.67
CA VAL A 48 0.70 6.07 -0.17
C VAL A 48 -0.56 5.90 0.68
N SER A 49 -0.89 4.66 1.08
CA SER A 49 -2.15 4.34 1.76
C SER A 49 -2.02 3.07 2.60
N ALA A 50 -2.82 2.95 3.66
CA ALA A 50 -2.87 1.78 4.52
C ALA A 50 -4.26 1.53 5.13
N ILE A 51 -4.49 0.30 5.59
CA ILE A 51 -5.75 -0.17 6.20
C ILE A 51 -5.45 -1.13 7.37
N SER A 52 -6.13 -0.96 8.51
CA SER A 52 -5.81 -1.65 9.78
C SER A 52 -6.46 -3.04 9.97
N SER A 53 -6.10 -3.75 11.04
CA SER A 53 -6.74 -5.00 11.47
C SER A 53 -8.25 -4.85 11.71
N SER A 54 -9.01 -5.93 11.47
CA SER A 54 -10.49 -5.96 11.44
C SER A 54 -11.13 -5.01 10.39
N GLY A 55 -10.34 -4.36 9.53
CA GLY A 55 -10.77 -3.36 8.55
C GLY A 55 -11.07 -1.98 9.15
N GLY A 56 -11.18 -0.98 8.27
CA GLY A 56 -11.39 0.42 8.65
C GLY A 56 -10.14 1.12 9.20
N SER A 57 -10.33 2.31 9.79
CA SER A 57 -9.26 3.21 10.27
C SER A 57 -8.16 3.43 9.22
N THR A 58 -8.56 3.68 7.97
CA THR A 58 -7.66 3.84 6.82
C THR A 58 -6.80 5.09 6.94
N ASN A 59 -5.56 4.99 6.45
CA ASN A 59 -4.56 6.04 6.44
C ASN A 59 -4.14 6.39 5.00
N TYR A 60 -3.82 7.66 4.73
CA TYR A 60 -3.49 8.20 3.40
C TYR A 60 -2.45 9.32 3.46
N ALA A 61 -1.51 9.31 2.50
CA ALA A 61 -0.47 10.32 2.32
C ALA A 61 -1.01 11.66 1.77
N ASP A 62 -0.40 12.78 2.16
CA ASP A 62 -0.86 14.14 1.80
C ASP A 62 -0.84 14.41 0.27
N SER A 63 0.07 13.76 -0.47
CA SER A 63 0.15 13.83 -1.94
C SER A 63 -0.98 13.06 -2.65
N VAL A 64 -1.63 12.10 -1.97
CA VAL A 64 -2.57 11.14 -2.59
C VAL A 64 -4.00 11.25 -2.07
N LYS A 65 -4.20 11.84 -0.89
CA LYS A 65 -5.52 12.16 -0.31
C LYS A 65 -6.41 12.86 -1.36
N GLY A 66 -7.57 12.29 -1.61
CA GLY A 66 -8.54 12.76 -2.62
C GLY A 66 -8.35 12.20 -4.03
N ARG A 67 -7.28 11.44 -4.33
CA ARG A 67 -7.10 10.76 -5.64
C ARG A 67 -6.66 9.29 -5.58
N PHE A 68 -6.19 8.80 -4.43
CA PHE A 68 -5.94 7.37 -4.15
C PHE A 68 -6.96 6.80 -3.15
N THR A 69 -7.22 5.49 -3.23
CA THR A 69 -8.20 4.77 -2.38
C THR A 69 -7.77 3.32 -2.14
N ILE A 70 -7.71 2.88 -0.89
CA ILE A 70 -7.33 1.50 -0.52
C ILE A 70 -8.51 0.69 0.04
N SER A 71 -8.49 -0.63 -0.17
CA SER A 71 -9.44 -1.60 0.41
C SER A 71 -8.85 -3.01 0.50
N ARG A 72 -9.04 -3.70 1.64
CA ARG A 72 -8.66 -5.11 1.83
C ARG A 72 -9.85 -6.07 1.66
N ASP A 73 -9.56 -7.30 1.24
CA ASP A 73 -10.49 -8.41 1.13
C ASP A 73 -9.89 -9.64 1.84
N ASN A 74 -10.52 -10.07 2.93
CA ASN A 74 -10.05 -11.16 3.79
C ASN A 74 -10.46 -12.56 3.30
N ALA A 75 -11.39 -12.67 2.34
CA ALA A 75 -11.69 -13.93 1.65
C ALA A 75 -10.67 -14.22 0.53
N LYS A 76 -10.24 -13.17 -0.20
CA LYS A 76 -9.16 -13.23 -1.21
C LYS A 76 -7.75 -13.12 -0.61
N ASN A 77 -7.63 -12.76 0.67
CA ASN A 77 -6.37 -12.45 1.38
C ASN A 77 -5.51 -11.42 0.62
N THR A 78 -6.16 -10.39 0.07
CA THR A 78 -5.55 -9.40 -0.84
C THR A 78 -5.92 -7.97 -0.46
N VAL A 79 -5.01 -7.02 -0.65
CA VAL A 79 -5.27 -5.57 -0.51
C VAL A 79 -5.14 -4.86 -1.83
N TYR A 80 -6.24 -4.26 -2.28
CA TYR A 80 -6.35 -3.51 -3.52
C TYR A 80 -6.14 -2.01 -3.27
N LEU A 81 -5.35 -1.38 -4.14
CA LEU A 81 -5.09 0.06 -4.13
C LEU A 81 -5.47 0.67 -5.48
N GLN A 82 -6.57 1.42 -5.51
CA GLN A 82 -6.96 2.27 -6.64
C GLN A 82 -6.18 3.60 -6.60
N MET A 83 -5.79 4.10 -7.77
CA MET A 83 -5.17 5.43 -7.91
C MET A 83 -5.68 6.17 -9.16
N ASN A 84 -5.80 7.48 -9.08
CA ASN A 84 -6.38 8.37 -10.09
C ASN A 84 -5.63 9.72 -10.12
N SER A 85 -5.95 10.60 -11.07
CA SER A 85 -5.35 11.94 -11.21
C SER A 85 -3.81 11.91 -11.18
N LEU A 86 -3.23 10.97 -11.94
CA LEU A 86 -1.81 10.64 -11.87
C LEU A 86 -0.89 11.71 -12.50
N LYS A 87 0.14 12.09 -11.74
CA LYS A 87 1.19 13.04 -12.11
C LYS A 87 2.43 12.29 -12.60
N PRO A 88 3.33 12.93 -13.37
CA PRO A 88 4.61 12.32 -13.74
C PRO A 88 5.49 12.02 -12.51
N GLU A 89 5.37 12.82 -11.44
CA GLU A 89 6.06 12.61 -10.16
C GLU A 89 5.54 11.41 -9.33
N ASP A 90 4.43 10.78 -9.72
CA ASP A 90 3.97 9.49 -9.15
C ASP A 90 4.76 8.28 -9.69
N THR A 91 5.63 8.47 -10.70
CA THR A 91 6.49 7.41 -11.26
C THR A 91 7.50 6.90 -10.22
N ALA A 92 7.36 5.64 -9.83
CA ALA A 92 8.19 4.95 -8.84
C ALA A 92 7.87 3.44 -8.79
N VAL A 93 8.73 2.66 -8.15
CA VAL A 93 8.42 1.26 -7.81
C VAL A 93 7.59 1.23 -6.54
N TYR A 94 6.37 0.69 -6.61
CA TYR A 94 5.51 0.43 -5.46
C TYR A 94 5.97 -0.84 -4.72
N TYR A 95 5.72 -0.87 -3.42
CA TYR A 95 5.93 -2.00 -2.51
C TYR A 95 4.78 -2.07 -1.51
N CYS A 96 4.30 -3.27 -1.18
CA CYS A 96 3.35 -3.49 -0.08
C CYS A 96 4.02 -4.23 1.10
N ALA A 97 3.44 -4.10 2.29
CA ALA A 97 3.96 -4.67 3.53
C ALA A 97 2.85 -4.84 4.59
N ALA A 98 3.11 -5.68 5.61
CA ALA A 98 2.18 -5.98 6.70
C ALA A 98 2.82 -5.88 8.10
N VAL A 99 2.00 -5.50 9.09
CA VAL A 99 2.37 -5.38 10.51
C VAL A 99 1.28 -5.94 11.41
N ASP A 100 1.68 -6.66 12.46
CA ASP A 100 0.81 -7.22 13.51
C ASP A 100 0.32 -6.13 14.49
N ASP A 101 -0.41 -5.16 13.95
CA ASP A 101 -0.96 -3.98 14.65
C ASP A 101 -1.90 -4.32 15.83
N VAL A 102 -2.43 -5.56 15.87
CA VAL A 102 -3.17 -6.13 17.02
C VAL A 102 -2.34 -6.22 18.31
N GLY A 103 -1.00 -6.11 18.24
CA GLY A 103 -0.07 -6.10 19.37
C GLY A 103 -0.07 -4.80 20.19
N THR A 104 -1.25 -4.34 20.63
CA THR A 104 -1.44 -3.13 21.44
C THR A 104 -2.65 -3.24 22.39
N THR A 105 -2.80 -2.29 23.30
CA THR A 105 -3.85 -2.27 24.36
C THR A 105 -4.42 -0.87 24.67
N VAL A 106 -3.80 0.21 24.15
CA VAL A 106 -4.20 1.60 24.46
C VAL A 106 -5.52 2.02 23.79
N GLN A 107 -6.25 2.91 24.46
CA GLN A 107 -7.54 3.48 24.02
C GLN A 107 -7.38 4.72 23.10
N ALA A 108 -6.28 4.80 22.33
CA ALA A 108 -5.89 5.97 21.54
C ALA A 108 -6.85 6.34 20.39
N MET A 109 -7.61 5.36 19.87
CA MET A 109 -8.66 5.51 18.84
C MET A 109 -8.24 6.32 17.59
N ALA A 110 -6.98 6.14 17.15
CA ALA A 110 -6.34 6.87 16.05
C ALA A 110 -5.33 5.99 15.29
N VAL A 111 -4.88 6.46 14.12
CA VAL A 111 -3.90 5.78 13.23
C VAL A 111 -2.45 5.83 13.75
N HIS A 112 -2.24 5.55 15.03
CA HIS A 112 -0.96 5.57 15.76
C HIS A 112 -0.03 4.37 15.45
N GLU A 113 -0.18 3.79 14.26
CA GLU A 113 0.62 2.67 13.73
C GLU A 113 2.10 3.06 13.49
N PRO A 114 3.05 2.10 13.53
CA PRO A 114 4.47 2.37 13.29
C PRO A 114 4.76 2.83 11.86
N TYR A 115 5.84 3.59 11.69
CA TYR A 115 6.24 4.19 10.41
C TYR A 115 6.83 3.19 9.39
N GLU A 116 7.14 1.95 9.81
CA GLU A 116 7.61 0.87 8.95
C GLU A 116 7.15 -0.52 9.44
N TYR A 117 7.33 -1.53 8.58
CA TYR A 117 6.74 -2.88 8.70
C TYR A 117 7.79 -3.98 8.90
N ASP A 118 7.38 -5.12 9.49
CA ASP A 118 8.23 -6.29 9.69
C ASP A 118 8.32 -7.16 8.41
N TYR A 119 7.17 -7.50 7.82
CA TYR A 119 7.08 -8.22 6.54
C TYR A 119 7.27 -7.27 5.33
N TRP A 120 7.59 -7.84 4.17
CA TRP A 120 7.89 -7.12 2.92
C TRP A 120 7.33 -7.82 1.69
N GLY A 121 7.01 -7.05 0.65
CA GLY A 121 6.38 -7.51 -0.59
C GLY A 121 7.30 -7.53 -1.82
N GLN A 122 6.84 -8.23 -2.85
CA GLN A 122 7.60 -8.56 -4.06
C GLN A 122 8.00 -7.34 -4.93
N GLY A 123 7.34 -6.19 -4.75
CA GLY A 123 7.51 -4.98 -5.55
C GLY A 123 6.78 -5.02 -6.90
N THR A 124 6.27 -3.86 -7.35
CA THR A 124 5.67 -3.68 -8.70
C THR A 124 5.93 -2.28 -9.26
N GLN A 125 6.44 -2.20 -10.48
CA GLN A 125 6.89 -0.93 -11.11
C GLN A 125 5.72 -0.10 -11.65
N VAL A 126 5.72 1.21 -11.43
CA VAL A 126 4.73 2.14 -12.04
C VAL A 126 5.38 3.36 -12.68
N THR A 127 5.07 3.62 -13.96
CA THR A 127 5.46 4.83 -14.71
C THR A 127 4.25 5.60 -15.22
N VAL A 128 4.30 6.93 -15.11
CA VAL A 128 3.26 7.85 -15.58
C VAL A 128 3.82 8.71 -16.72
N SER A 129 3.41 8.43 -17.96
CA SER A 129 3.96 9.01 -19.19
C SER A 129 3.05 8.77 -20.40
N SER A 130 2.96 9.75 -21.31
CA SER A 130 2.09 9.73 -22.51
C SER A 130 2.51 8.69 -23.56
N GLN A 1 5.40 -19.39 8.51
CA GLN A 1 5.51 -19.04 7.07
C GLN A 1 4.79 -17.73 6.77
N VAL A 2 5.44 -16.83 6.02
CA VAL A 2 4.87 -15.57 5.52
C VAL A 2 5.35 -15.31 4.09
N GLN A 3 4.44 -14.92 3.20
CA GLN A 3 4.71 -14.58 1.80
C GLN A 3 3.76 -13.46 1.34
N LEU A 4 4.30 -12.43 0.69
CA LEU A 4 3.54 -11.33 0.07
C LEU A 4 3.96 -11.14 -1.39
N GLN A 5 3.01 -10.77 -2.24
CA GLN A 5 3.16 -10.63 -3.69
C GLN A 5 2.45 -9.38 -4.21
N GLU A 6 3.06 -8.66 -5.16
CA GLU A 6 2.54 -7.39 -5.70
C GLU A 6 2.31 -7.46 -7.21
N SER A 7 1.20 -6.88 -7.69
CA SER A 7 0.82 -6.88 -9.10
C SER A 7 -0.04 -5.66 -9.47
N GLY A 8 -0.36 -5.54 -10.76
CA GLY A 8 -1.19 -4.48 -11.34
C GLY A 8 -0.45 -3.21 -11.76
N GLY A 9 0.80 -3.01 -11.30
CA GLY A 9 1.63 -1.88 -11.73
C GLY A 9 2.05 -1.96 -13.20
N GLY A 10 2.07 -0.81 -13.87
CA GLY A 10 2.56 -0.67 -15.25
C GLY A 10 2.71 0.78 -15.70
N LEU A 11 2.86 0.98 -17.02
CA LEU A 11 2.83 2.30 -17.67
C LEU A 11 1.38 2.79 -17.83
N VAL A 12 1.14 4.07 -17.54
CA VAL A 12 -0.14 4.78 -17.74
C VAL A 12 0.12 6.23 -18.15
N GLN A 13 -0.79 6.85 -18.89
CA GLN A 13 -0.72 8.27 -19.23
C GLN A 13 -1.06 9.18 -18.03
N PRO A 14 -0.55 10.43 -18.01
CA PRO A 14 -0.95 11.43 -17.03
C PRO A 14 -2.44 11.77 -17.18
N GLY A 15 -3.10 12.01 -16.04
CA GLY A 15 -4.55 12.15 -15.91
C GLY A 15 -5.32 10.81 -15.89
N GLY A 16 -4.63 9.68 -16.08
CA GLY A 16 -5.19 8.33 -16.03
C GLY A 16 -5.41 7.79 -14.60
N SER A 17 -5.55 6.47 -14.51
CA SER A 17 -5.84 5.70 -13.30
C SER A 17 -5.23 4.30 -13.35
N LEU A 18 -5.03 3.70 -12.18
CA LEU A 18 -4.39 2.39 -11.98
C LEU A 18 -4.99 1.61 -10.81
N ARG A 19 -4.78 0.30 -10.80
CA ARG A 19 -5.22 -0.64 -9.76
C ARG A 19 -4.09 -1.61 -9.42
N LEU A 20 -3.53 -1.48 -8.22
CA LEU A 20 -2.52 -2.39 -7.65
C LEU A 20 -3.17 -3.42 -6.72
N SER A 21 -2.46 -4.51 -6.48
CA SER A 21 -2.87 -5.62 -5.59
C SER A 21 -1.70 -6.20 -4.80
N CYS A 22 -1.91 -6.39 -3.49
CA CYS A 22 -0.97 -6.96 -2.51
C CYS A 22 -1.55 -8.26 -1.95
N ALA A 23 -1.30 -9.39 -2.62
CA ALA A 23 -1.77 -10.70 -2.17
C ALA A 23 -0.83 -11.30 -1.11
N ALA A 24 -1.37 -12.11 -0.19
CA ALA A 24 -0.60 -12.73 0.90
C ALA A 24 -0.91 -14.23 1.08
N SER A 25 0.08 -14.95 1.61
CA SER A 25 0.01 -16.39 1.93
C SER A 25 0.85 -16.73 3.17
N GLY A 26 0.56 -17.87 3.80
CA GLY A 26 1.12 -18.29 5.09
C GLY A 26 0.46 -17.64 6.32
N PHE A 27 -0.19 -16.49 6.15
CA PHE A 27 -0.99 -15.79 7.18
C PHE A 27 -2.26 -15.18 6.57
N THR A 28 -3.23 -14.87 7.43
CA THR A 28 -4.48 -14.19 7.05
C THR A 28 -4.41 -12.70 7.39
N LEU A 29 -4.82 -11.83 6.45
CA LEU A 29 -4.65 -10.38 6.56
C LEU A 29 -5.45 -9.71 7.67
N ASP A 30 -6.52 -10.36 8.11
CA ASP A 30 -7.54 -9.80 9.01
C ASP A 30 -6.96 -9.11 10.25
N TYR A 31 -6.02 -9.78 10.92
CA TYR A 31 -5.36 -9.33 12.14
C TYR A 31 -4.19 -8.36 11.90
N TYR A 32 -3.81 -8.13 10.64
CA TYR A 32 -2.67 -7.28 10.27
C TYR A 32 -3.14 -5.98 9.61
N ALA A 33 -2.28 -4.98 9.67
CA ALA A 33 -2.41 -3.76 8.87
C ALA A 33 -1.45 -3.84 7.68
N ILE A 34 -1.88 -3.45 6.49
CA ILE A 34 -1.07 -3.47 5.27
C ILE A 34 -0.90 -2.04 4.76
N GLY A 35 0.33 -1.70 4.39
CA GLY A 35 0.70 -0.39 3.83
C GLY A 35 1.45 -0.53 2.50
N TRP A 36 1.10 0.31 1.54
CA TRP A 36 1.84 0.50 0.29
C TRP A 36 2.89 1.61 0.45
N PHE A 37 4.09 1.37 -0.06
CA PHE A 37 5.24 2.28 -0.01
C PHE A 37 5.87 2.35 -1.41
N ARG A 38 6.18 3.55 -1.91
CA ARG A 38 6.72 3.75 -3.26
C ARG A 38 8.11 4.39 -3.25
N GLN A 39 8.99 3.94 -4.13
CA GLN A 39 10.42 4.29 -4.17
C GLN A 39 10.93 4.59 -5.58
N ALA A 40 11.91 5.50 -5.69
CA ALA A 40 12.61 5.88 -6.91
C ALA A 40 14.14 5.71 -6.77
N PRO A 41 14.89 5.54 -7.88
CA PRO A 41 16.33 5.31 -7.84
C PRO A 41 17.08 6.49 -7.23
N GLY A 42 17.84 6.24 -6.16
CA GLY A 42 18.66 7.23 -5.44
C GLY A 42 17.91 8.22 -4.55
N LYS A 43 16.57 8.21 -4.53
CA LYS A 43 15.72 9.09 -3.71
C LYS A 43 15.17 8.38 -2.45
N GLU A 44 14.43 9.10 -1.61
CA GLU A 44 13.65 8.52 -0.52
C GLU A 44 12.33 7.89 -1.00
N ARG A 45 11.90 6.91 -0.21
CA ARG A 45 10.56 6.31 -0.30
C ARG A 45 9.52 7.10 0.48
N GLU A 46 8.27 6.97 0.09
CA GLU A 46 7.10 7.47 0.84
C GLU A 46 6.02 6.40 1.02
N GLY A 47 5.39 6.37 2.21
CA GLY A 47 4.20 5.56 2.47
C GLY A 47 2.97 6.21 1.82
N VAL A 48 2.37 5.51 0.85
CA VAL A 48 1.32 6.05 -0.02
C VAL A 48 -0.05 5.99 0.65
N SER A 49 -0.46 4.79 1.04
CA SER A 49 -1.79 4.48 1.58
C SER A 49 -1.72 3.17 2.39
N ALA A 50 -2.52 3.07 3.46
CA ALA A 50 -2.54 1.91 4.35
C ALA A 50 -3.93 1.65 4.97
N ILE A 51 -4.18 0.40 5.37
CA ILE A 51 -5.43 -0.05 5.99
C ILE A 51 -5.16 -0.94 7.20
N SER A 52 -5.86 -0.70 8.31
CA SER A 52 -5.59 -1.32 9.63
C SER A 52 -6.21 -2.73 9.81
N SER A 53 -5.93 -3.34 10.97
CA SER A 53 -6.62 -4.57 11.43
C SER A 53 -8.14 -4.37 11.48
N SER A 54 -8.89 -5.45 11.24
CA SER A 54 -10.36 -5.48 11.09
C SER A 54 -10.92 -4.52 10.00
N GLY A 55 -10.05 -3.88 9.20
CA GLY A 55 -10.44 -2.79 8.28
C GLY A 55 -10.94 -1.53 9.01
N GLY A 56 -10.62 -1.36 10.29
CA GLY A 56 -11.21 -0.33 11.17
C GLY A 56 -10.85 1.11 10.82
N SER A 57 -9.72 1.34 10.13
CA SER A 57 -9.24 2.65 9.71
C SER A 57 -8.42 2.57 8.41
N THR A 58 -8.40 3.67 7.65
CA THR A 58 -7.55 3.86 6.46
C THR A 58 -6.75 5.16 6.58
N ASN A 59 -5.50 5.11 6.09
CA ASN A 59 -4.51 6.18 6.18
C ASN A 59 -3.92 6.51 4.79
N TYR A 60 -3.60 7.78 4.54
CA TYR A 60 -3.22 8.28 3.21
C TYR A 60 -2.19 9.43 3.29
N ALA A 61 -1.30 9.50 2.30
CA ALA A 61 -0.36 10.62 2.11
C ALA A 61 -1.07 11.92 1.67
N ASP A 62 -0.55 13.09 2.09
CA ASP A 62 -1.11 14.40 1.72
C ASP A 62 -1.10 14.65 0.19
N SER A 63 -0.12 14.07 -0.52
CA SER A 63 0.01 14.12 -1.98
C SER A 63 -1.00 13.25 -2.75
N VAL A 64 -1.73 12.36 -2.07
CA VAL A 64 -2.64 11.37 -2.71
C VAL A 64 -4.08 11.42 -2.19
N LYS A 65 -4.30 12.01 -1.01
CA LYS A 65 -5.63 12.25 -0.44
C LYS A 65 -6.56 12.91 -1.48
N GLY A 66 -7.72 12.30 -1.72
CA GLY A 66 -8.69 12.72 -2.73
C GLY A 66 -8.50 12.12 -4.14
N ARG A 67 -7.40 11.42 -4.44
CA ARG A 67 -7.18 10.73 -5.73
C ARG A 67 -6.60 9.31 -5.65
N PHE A 68 -6.25 8.83 -4.46
CA PHE A 68 -5.89 7.43 -4.17
C PHE A 68 -6.86 6.84 -3.14
N THR A 69 -7.13 5.53 -3.21
CA THR A 69 -8.07 4.81 -2.35
C THR A 69 -7.60 3.37 -2.10
N ILE A 70 -7.41 2.98 -0.85
CA ILE A 70 -7.02 1.61 -0.45
C ILE A 70 -8.21 0.83 0.12
N SER A 71 -8.24 -0.49 -0.12
CA SER A 71 -9.26 -1.40 0.40
C SER A 71 -8.76 -2.85 0.45
N ARG A 72 -9.04 -3.59 1.53
CA ARG A 72 -8.66 -5.00 1.69
C ARG A 72 -9.83 -5.96 1.47
N ASP A 73 -9.50 -7.16 1.01
CA ASP A 73 -10.42 -8.29 0.82
C ASP A 73 -9.88 -9.52 1.57
N ASN A 74 -10.58 -9.90 2.64
CA ASN A 74 -10.20 -11.01 3.53
C ASN A 74 -10.64 -12.40 3.01
N ALA A 75 -11.48 -12.48 1.98
CA ALA A 75 -11.78 -13.73 1.28
C ALA A 75 -10.70 -14.06 0.23
N LYS A 76 -10.22 -13.05 -0.51
CA LYS A 76 -9.09 -13.16 -1.46
C LYS A 76 -7.71 -13.03 -0.82
N ASN A 77 -7.64 -12.65 0.47
CA ASN A 77 -6.43 -12.37 1.24
C ASN A 77 -5.49 -11.36 0.52
N THR A 78 -6.08 -10.30 -0.02
CA THR A 78 -5.41 -9.30 -0.88
C THR A 78 -5.81 -7.87 -0.51
N VAL A 79 -4.86 -6.93 -0.55
CA VAL A 79 -5.13 -5.48 -0.43
C VAL A 79 -5.00 -4.80 -1.78
N TYR A 80 -6.07 -4.15 -2.23
CA TYR A 80 -6.12 -3.38 -3.47
C TYR A 80 -5.88 -1.90 -3.21
N LEU A 81 -5.09 -1.26 -4.09
CA LEU A 81 -4.86 0.19 -4.11
C LEU A 81 -5.29 0.75 -5.46
N GLN A 82 -6.43 1.44 -5.47
CA GLN A 82 -6.89 2.26 -6.61
C GLN A 82 -6.18 3.61 -6.60
N MET A 83 -5.82 4.12 -7.78
CA MET A 83 -5.29 5.47 -7.96
C MET A 83 -5.86 6.13 -9.21
N ASN A 84 -5.99 7.46 -9.19
CA ASN A 84 -6.65 8.31 -10.18
C ASN A 84 -5.92 9.66 -10.26
N SER A 85 -6.26 10.51 -11.24
CA SER A 85 -5.72 11.87 -11.40
C SER A 85 -4.19 11.91 -11.35
N LEU A 86 -3.55 10.98 -12.08
CA LEU A 86 -2.12 10.71 -11.99
C LEU A 86 -1.24 11.79 -12.63
N LYS A 87 -0.09 12.04 -12.02
CA LYS A 87 0.98 12.98 -12.43
C LYS A 87 2.31 12.26 -12.58
N PRO A 88 3.26 12.80 -13.37
CA PRO A 88 4.58 12.19 -13.56
C PRO A 88 5.34 11.98 -12.23
N GLU A 89 5.10 12.81 -11.21
CA GLU A 89 5.69 12.63 -9.88
C GLU A 89 5.15 11.42 -9.08
N ASP A 90 4.09 10.77 -9.54
CA ASP A 90 3.61 9.49 -9.02
C ASP A 90 4.43 8.27 -9.50
N THR A 91 5.31 8.46 -10.49
CA THR A 91 6.19 7.40 -11.03
C THR A 91 7.17 6.88 -9.98
N ALA A 92 7.09 5.58 -9.69
CA ALA A 92 7.89 4.87 -8.67
C ALA A 92 7.64 3.36 -8.73
N VAL A 93 8.48 2.57 -8.05
CA VAL A 93 8.21 1.15 -7.79
C VAL A 93 7.43 1.06 -6.48
N TYR A 94 6.24 0.46 -6.53
CA TYR A 94 5.32 0.30 -5.39
C TYR A 94 5.51 -1.08 -4.75
N TYR A 95 5.78 -1.11 -3.44
CA TYR A 95 5.92 -2.31 -2.61
C TYR A 95 4.81 -2.34 -1.56
N CYS A 96 4.45 -3.52 -1.06
CA CYS A 96 3.57 -3.68 0.09
C CYS A 96 4.20 -4.50 1.23
N ALA A 97 3.65 -4.37 2.43
CA ALA A 97 4.13 -5.03 3.64
C ALA A 97 2.99 -5.12 4.67
N ALA A 98 3.02 -6.14 5.52
CA ALA A 98 2.11 -6.30 6.67
C ALA A 98 2.79 -5.87 7.98
N VAL A 99 1.98 -5.54 9.00
CA VAL A 99 2.40 -5.32 10.38
C VAL A 99 1.39 -5.94 11.35
N ASP A 100 1.90 -6.55 12.43
CA ASP A 100 1.15 -7.18 13.53
C ASP A 100 0.39 -6.15 14.39
N ASP A 101 -0.58 -5.47 13.78
CA ASP A 101 -1.29 -4.30 14.31
C ASP A 101 -2.00 -4.58 15.66
N VAL A 102 -2.60 -5.76 15.82
CA VAL A 102 -3.20 -6.24 17.08
C VAL A 102 -2.16 -6.39 18.21
N GLY A 103 -0.91 -6.69 17.86
CA GLY A 103 0.21 -6.87 18.79
C GLY A 103 0.92 -5.58 19.21
N THR A 104 0.54 -4.41 18.67
CA THR A 104 1.14 -3.11 19.03
C THR A 104 0.83 -2.73 20.48
N THR A 105 1.80 -2.11 21.17
CA THR A 105 1.73 -1.78 22.61
C THR A 105 0.57 -0.84 22.95
N VAL A 106 0.18 0.03 22.01
CA VAL A 106 -0.91 1.02 22.15
C VAL A 106 -2.20 0.60 21.41
N GLN A 107 -2.29 -0.63 20.90
CA GLN A 107 -3.40 -1.18 20.09
C GLN A 107 -3.87 -0.20 18.98
N ALA A 108 -2.92 0.17 18.12
CA ALA A 108 -3.04 1.23 17.12
C ALA A 108 -4.04 0.96 15.97
N MET A 109 -4.20 1.96 15.10
CA MET A 109 -4.97 1.92 13.85
C MET A 109 -4.31 2.74 12.71
N ALA A 110 -3.02 3.04 12.85
CA ALA A 110 -2.24 3.94 11.99
C ALA A 110 -0.76 3.54 11.92
N VAL A 111 -0.03 4.11 10.94
CA VAL A 111 1.37 3.77 10.62
C VAL A 111 2.42 4.31 11.60
N HIS A 112 2.01 5.06 12.63
CA HIS A 112 2.89 5.64 13.65
C HIS A 112 3.49 4.59 14.62
N GLU A 113 4.38 5.03 15.52
CA GLU A 113 5.20 4.24 16.46
C GLU A 113 6.27 3.32 15.81
N PRO A 114 7.38 3.00 16.50
CA PRO A 114 8.44 2.11 16.00
C PRO A 114 7.99 0.63 15.91
N TYR A 115 8.87 -0.22 15.37
CA TYR A 115 8.60 -1.63 15.02
C TYR A 115 7.44 -1.76 14.02
N GLU A 116 7.57 -1.06 12.89
CA GLU A 116 6.63 -1.08 11.77
C GLU A 116 7.13 -1.96 10.59
N TYR A 117 6.17 -2.59 9.88
CA TYR A 117 6.35 -3.27 8.59
C TYR A 117 7.62 -4.12 8.43
N ASP A 118 7.85 -5.06 9.36
CA ASP A 118 9.05 -5.91 9.43
C ASP A 118 9.06 -7.09 8.42
N TYR A 119 8.51 -6.88 7.21
CA TYR A 119 8.38 -7.88 6.14
C TYR A 119 8.60 -7.24 4.76
N TRP A 120 9.27 -7.98 3.86
CA TRP A 120 9.53 -7.56 2.47
C TRP A 120 8.45 -8.04 1.49
N GLY A 121 8.14 -7.21 0.50
CA GLY A 121 7.30 -7.53 -0.66
C GLY A 121 8.10 -7.73 -1.96
N GLN A 122 7.43 -8.14 -3.04
CA GLN A 122 8.03 -8.33 -4.37
C GLN A 122 8.26 -7.02 -5.14
N GLY A 123 7.45 -6.00 -4.88
CA GLY A 123 7.40 -4.75 -5.66
C GLY A 123 6.71 -4.89 -7.03
N THR A 124 6.17 -3.78 -7.54
CA THR A 124 5.59 -3.65 -8.89
C THR A 124 5.84 -2.24 -9.44
N GLN A 125 6.36 -2.13 -10.67
CA GLN A 125 6.81 -0.88 -11.27
C GLN A 125 5.62 -0.04 -11.79
N VAL A 126 5.56 1.25 -11.46
CA VAL A 126 4.55 2.19 -12.00
C VAL A 126 5.21 3.42 -12.62
N THR A 127 4.91 3.69 -13.89
CA THR A 127 5.32 4.90 -14.63
C THR A 127 4.11 5.67 -15.14
N VAL A 128 4.14 7.00 -14.99
CA VAL A 128 3.12 7.92 -15.48
C VAL A 128 3.71 8.83 -16.57
N SER A 129 3.35 8.57 -17.82
CA SER A 129 3.94 9.23 -19.01
C SER A 129 3.09 8.99 -20.27
N SER A 130 2.90 10.05 -21.08
CA SER A 130 2.09 10.05 -22.32
C SER A 130 2.78 9.34 -23.49
N GLN A 1 6.12 -19.00 8.32
CA GLN A 1 6.52 -18.38 7.03
C GLN A 1 5.56 -17.25 6.65
N VAL A 2 6.07 -16.17 6.05
CA VAL A 2 5.32 -15.02 5.53
C VAL A 2 5.83 -14.69 4.12
N GLN A 3 4.92 -14.52 3.16
CA GLN A 3 5.23 -14.10 1.79
C GLN A 3 4.14 -13.19 1.22
N LEU A 4 4.54 -12.03 0.69
CA LEU A 4 3.66 -11.08 0.01
C LEU A 4 3.95 -11.10 -1.51
N GLN A 5 2.95 -10.72 -2.32
CA GLN A 5 3.02 -10.68 -3.78
C GLN A 5 2.30 -9.43 -4.30
N GLU A 6 3.01 -8.57 -5.04
CA GLU A 6 2.47 -7.32 -5.57
C GLU A 6 2.23 -7.40 -7.08
N SER A 7 1.13 -6.82 -7.56
CA SER A 7 0.68 -6.92 -8.95
C SER A 7 -0.17 -5.70 -9.36
N GLY A 8 -0.50 -5.61 -10.64
CA GLY A 8 -1.31 -4.53 -11.24
C GLY A 8 -0.53 -3.28 -11.64
N GLY A 9 0.74 -3.14 -11.22
CA GLY A 9 1.60 -2.04 -11.66
C GLY A 9 1.95 -2.12 -13.15
N GLY A 10 1.98 -0.96 -13.82
CA GLY A 10 2.38 -0.82 -15.22
C GLY A 10 2.51 0.64 -15.69
N LEU A 11 2.55 0.83 -17.01
CA LEU A 11 2.51 2.15 -17.65
C LEU A 11 1.08 2.69 -17.74
N VAL A 12 0.89 3.99 -17.48
CA VAL A 12 -0.37 4.73 -17.63
C VAL A 12 -0.09 6.18 -18.04
N GLN A 13 -0.98 6.82 -18.78
CA GLN A 13 -0.88 8.24 -19.13
C GLN A 13 -1.10 9.18 -17.92
N PRO A 14 -0.52 10.40 -17.95
CA PRO A 14 -0.79 11.43 -16.96
C PRO A 14 -2.27 11.86 -17.01
N GLY A 15 -2.85 12.09 -15.84
CA GLY A 15 -4.29 12.30 -15.62
C GLY A 15 -5.12 11.01 -15.60
N GLY A 16 -4.50 9.84 -15.86
CA GLY A 16 -5.14 8.53 -15.84
C GLY A 16 -5.32 7.94 -14.43
N SER A 17 -5.52 6.62 -14.37
CA SER A 17 -5.78 5.84 -13.17
C SER A 17 -5.22 4.41 -13.26
N LEU A 18 -4.93 3.81 -12.11
CA LEU A 18 -4.31 2.49 -11.96
C LEU A 18 -4.91 1.71 -10.77
N ARG A 19 -4.68 0.40 -10.74
CA ARG A 19 -5.21 -0.53 -9.73
C ARG A 19 -4.18 -1.61 -9.38
N LEU A 20 -3.57 -1.47 -8.21
CA LEU A 20 -2.59 -2.40 -7.63
C LEU A 20 -3.25 -3.41 -6.70
N SER A 21 -2.55 -4.53 -6.46
CA SER A 21 -3.01 -5.67 -5.66
C SER A 21 -1.86 -6.27 -4.84
N CYS A 22 -1.97 -6.31 -3.51
CA CYS A 22 -1.03 -6.95 -2.59
C CYS A 22 -1.63 -8.26 -2.04
N ALA A 23 -1.41 -9.38 -2.72
CA ALA A 23 -1.82 -10.69 -2.25
C ALA A 23 -0.82 -11.25 -1.20
N ALA A 24 -1.29 -12.15 -0.34
CA ALA A 24 -0.47 -12.72 0.74
C ALA A 24 -0.64 -14.23 0.92
N SER A 25 0.43 -14.88 1.41
CA SER A 25 0.53 -16.31 1.68
C SER A 25 1.34 -16.59 2.96
N GLY A 26 1.06 -17.71 3.61
CA GLY A 26 1.60 -18.10 4.93
C GLY A 26 0.87 -17.47 6.13
N PHE A 27 0.05 -16.45 5.91
CA PHE A 27 -0.81 -15.79 6.91
C PHE A 27 -2.10 -15.23 6.30
N THR A 28 -3.09 -14.99 7.16
CA THR A 28 -4.38 -14.39 6.78
C THR A 28 -4.40 -12.89 7.13
N LEU A 29 -4.80 -12.04 6.18
CA LEU A 29 -4.69 -10.58 6.30
C LEU A 29 -5.54 -9.95 7.39
N ASP A 30 -6.62 -10.63 7.78
CA ASP A 30 -7.63 -10.11 8.71
C ASP A 30 -7.02 -9.57 10.01
N TYR A 31 -6.06 -10.32 10.55
CA TYR A 31 -5.35 -10.02 11.79
C TYR A 31 -4.17 -9.04 11.62
N TYR A 32 -3.96 -8.49 10.41
CA TYR A 32 -2.81 -7.64 10.08
C TYR A 32 -3.22 -6.28 9.49
N ALA A 33 -2.43 -5.25 9.78
CA ALA A 33 -2.48 -3.97 9.09
C ALA A 33 -1.52 -4.01 7.90
N ILE A 34 -1.97 -3.61 6.72
CA ILE A 34 -1.17 -3.58 5.48
C ILE A 34 -1.00 -2.15 5.01
N GLY A 35 0.20 -1.82 4.53
CA GLY A 35 0.52 -0.53 3.91
C GLY A 35 1.30 -0.67 2.60
N TRP A 36 1.01 0.22 1.66
CA TRP A 36 1.75 0.44 0.43
C TRP A 36 2.83 1.52 0.59
N PHE A 37 3.95 1.31 -0.09
CA PHE A 37 5.13 2.15 -0.12
C PHE A 37 5.58 2.27 -1.58
N ARG A 38 6.38 3.29 -1.93
CA ARG A 38 6.94 3.45 -3.28
C ARG A 38 8.33 4.05 -3.27
N GLN A 39 9.17 3.63 -4.21
CA GLN A 39 10.57 4.03 -4.37
C GLN A 39 10.81 4.62 -5.77
N ALA A 40 11.12 5.92 -5.85
CA ALA A 40 11.44 6.61 -7.10
C ALA A 40 12.97 6.73 -7.32
N PRO A 41 13.46 6.80 -8.57
CA PRO A 41 14.88 6.69 -8.89
C PRO A 41 15.79 7.79 -8.26
N GLY A 42 15.25 8.98 -8.01
CA GLY A 42 15.97 10.10 -7.37
C GLY A 42 15.68 10.32 -5.88
N LYS A 43 14.81 9.50 -5.26
CA LYS A 43 14.24 9.71 -3.91
C LYS A 43 14.44 8.52 -2.96
N GLU A 44 14.04 8.70 -1.70
CA GLU A 44 13.89 7.61 -0.73
C GLU A 44 12.60 6.80 -0.99
N ARG A 45 12.39 5.74 -0.19
CA ARG A 45 11.11 5.03 -0.17
C ARG A 45 10.11 5.78 0.73
N GLU A 46 8.98 6.21 0.17
CA GLU A 46 7.88 6.87 0.91
C GLU A 46 6.67 5.94 1.09
N GLY A 47 5.86 6.16 2.14
CA GLY A 47 4.56 5.52 2.30
C GLY A 47 3.49 6.19 1.43
N VAL A 48 2.50 5.43 0.98
CA VAL A 48 1.44 5.90 0.07
C VAL A 48 0.06 5.81 0.72
N SER A 49 -0.33 4.61 1.16
CA SER A 49 -1.61 4.32 1.82
C SER A 49 -1.51 3.10 2.74
N ALA A 50 -2.50 2.91 3.61
CA ALA A 50 -2.60 1.75 4.52
C ALA A 50 -4.01 1.53 5.08
N ILE A 51 -4.25 0.31 5.57
CA ILE A 51 -5.52 -0.15 6.17
C ILE A 51 -5.25 -1.13 7.32
N SER A 52 -5.99 -0.98 8.43
CA SER A 52 -5.80 -1.76 9.68
C SER A 52 -6.73 -2.97 9.83
N SER A 53 -6.58 -3.72 10.94
CA SER A 53 -7.54 -4.77 11.34
C SER A 53 -8.97 -4.22 11.53
N SER A 54 -9.96 -5.07 11.22
CA SER A 54 -11.38 -4.70 11.13
C SER A 54 -11.68 -3.55 10.14
N GLY A 55 -10.77 -3.32 9.17
CA GLY A 55 -10.75 -2.18 8.25
C GLY A 55 -10.30 -0.88 8.93
N GLY A 56 -11.02 -0.46 9.98
CA GLY A 56 -10.70 0.71 10.81
C GLY A 56 -10.54 2.02 10.04
N SER A 57 -9.70 2.92 10.57
CA SER A 57 -9.30 4.16 9.89
C SER A 57 -8.19 3.89 8.87
N THR A 58 -8.49 4.02 7.58
CA THR A 58 -7.49 3.99 6.50
C THR A 58 -6.59 5.23 6.54
N ASN A 59 -5.32 5.06 6.22
CA ASN A 59 -4.31 6.12 6.17
C ASN A 59 -3.82 6.40 4.73
N TYR A 60 -3.41 7.64 4.46
CA TYR A 60 -2.96 8.12 3.15
C TYR A 60 -1.93 9.25 3.26
N ALA A 61 -1.00 9.34 2.31
CA ALA A 61 -0.01 10.42 2.20
C ALA A 61 -0.64 11.76 1.73
N ASP A 62 -0.08 12.90 2.16
CA ASP A 62 -0.54 14.24 1.74
C ASP A 62 -0.44 14.48 0.22
N SER A 63 0.49 13.80 -0.46
CA SER A 63 0.66 13.83 -1.92
C SER A 63 -0.44 13.07 -2.69
N VAL A 64 -1.25 12.23 -2.01
CA VAL A 64 -2.21 11.31 -2.65
C VAL A 64 -3.63 11.40 -2.08
N LYS A 65 -3.80 11.99 -0.89
CA LYS A 65 -5.09 12.29 -0.27
C LYS A 65 -6.01 13.01 -1.25
N GLY A 66 -7.19 12.44 -1.48
CA GLY A 66 -8.19 12.90 -2.46
C GLY A 66 -8.07 12.29 -3.87
N ARG A 67 -7.04 11.49 -4.19
CA ARG A 67 -6.91 10.79 -5.49
C ARG A 67 -6.46 9.33 -5.42
N PHE A 68 -5.88 8.86 -4.31
CA PHE A 68 -5.60 7.44 -4.03
C PHE A 68 -6.62 6.87 -3.00
N THR A 69 -6.90 5.57 -3.09
CA THR A 69 -7.88 4.84 -2.25
C THR A 69 -7.47 3.39 -2.03
N ILE A 70 -7.41 2.92 -0.78
CA ILE A 70 -7.01 1.55 -0.41
C ILE A 70 -8.20 0.75 0.19
N SER A 71 -8.25 -0.54 -0.10
CA SER A 71 -9.28 -1.49 0.37
C SER A 71 -8.72 -2.92 0.50
N ARG A 72 -8.91 -3.59 1.65
CA ARG A 72 -8.54 -5.01 1.84
C ARG A 72 -9.74 -5.94 1.65
N ASP A 73 -9.46 -7.14 1.13
CA ASP A 73 -10.42 -8.26 1.01
C ASP A 73 -9.84 -9.49 1.71
N ASN A 74 -10.49 -9.90 2.80
CA ASN A 74 -10.05 -10.99 3.66
C ASN A 74 -10.49 -12.39 3.17
N ALA A 75 -11.38 -12.48 2.17
CA ALA A 75 -11.71 -13.72 1.47
C ALA A 75 -10.70 -14.01 0.34
N LYS A 76 -10.30 -12.97 -0.41
CA LYS A 76 -9.24 -13.02 -1.45
C LYS A 76 -7.81 -12.95 -0.89
N ASN A 77 -7.66 -12.64 0.41
CA ASN A 77 -6.38 -12.41 1.10
C ASN A 77 -5.48 -11.39 0.37
N THR A 78 -6.09 -10.31 -0.13
CA THR A 78 -5.43 -9.28 -0.98
C THR A 78 -5.83 -7.86 -0.57
N VAL A 79 -4.88 -6.92 -0.63
CA VAL A 79 -5.12 -5.47 -0.45
C VAL A 79 -4.99 -4.72 -1.76
N TYR A 80 -6.09 -4.14 -2.21
CA TYR A 80 -6.18 -3.37 -3.44
C TYR A 80 -5.91 -1.88 -3.18
N LEU A 81 -5.10 -1.28 -4.05
CA LEU A 81 -4.85 0.17 -4.10
C LEU A 81 -5.27 0.75 -5.45
N GLN A 82 -6.40 1.45 -5.45
CA GLN A 82 -6.85 2.28 -6.58
C GLN A 82 -6.14 3.64 -6.55
N MET A 83 -5.71 4.14 -7.70
CA MET A 83 -5.11 5.47 -7.83
C MET A 83 -5.64 6.20 -9.07
N ASN A 84 -5.75 7.52 -8.98
CA ASN A 84 -6.38 8.40 -9.98
C ASN A 84 -5.63 9.74 -10.04
N SER A 85 -5.99 10.61 -11.01
CA SER A 85 -5.43 11.97 -11.16
C SER A 85 -3.89 11.97 -11.15
N LEU A 86 -3.29 11.03 -11.89
CA LEU A 86 -1.86 10.72 -11.83
C LEU A 86 -0.96 11.78 -12.47
N LYS A 87 0.22 11.99 -11.87
CA LYS A 87 1.29 12.91 -12.28
C LYS A 87 2.58 12.13 -12.55
N PRO A 88 3.51 12.66 -13.37
CA PRO A 88 4.79 11.99 -13.64
C PRO A 88 5.61 11.73 -12.37
N GLU A 89 5.47 12.56 -11.33
CA GLU A 89 6.12 12.32 -10.02
C GLU A 89 5.54 11.14 -9.20
N ASP A 90 4.44 10.54 -9.63
CA ASP A 90 3.93 9.28 -9.08
C ASP A 90 4.70 8.03 -9.61
N THR A 91 5.54 8.19 -10.64
CA THR A 91 6.37 7.12 -11.21
C THR A 91 7.37 6.59 -10.19
N ALA A 92 7.26 5.31 -9.85
CA ALA A 92 8.05 4.62 -8.82
C ALA A 92 7.79 3.10 -8.85
N VAL A 93 8.63 2.33 -8.16
CA VAL A 93 8.34 0.91 -7.88
C VAL A 93 7.56 0.86 -6.56
N TYR A 94 6.34 0.32 -6.60
CA TYR A 94 5.44 0.19 -5.46
C TYR A 94 5.67 -1.16 -4.77
N TYR A 95 5.64 -1.16 -3.43
CA TYR A 95 5.83 -2.32 -2.56
C TYR A 95 4.73 -2.33 -1.50
N CYS A 96 4.40 -3.51 -0.96
CA CYS A 96 3.46 -3.65 0.15
C CYS A 96 4.03 -4.50 1.29
N ALA A 97 3.56 -4.26 2.52
CA ALA A 97 4.10 -4.80 3.76
C ALA A 97 2.97 -4.93 4.80
N ALA A 98 3.10 -5.90 5.71
CA ALA A 98 2.13 -6.21 6.77
C ALA A 98 2.72 -6.01 8.18
N VAL A 99 1.85 -6.00 9.19
CA VAL A 99 2.19 -6.05 10.62
C VAL A 99 1.04 -6.64 11.42
N ASP A 100 1.36 -7.46 12.44
CA ASP A 100 0.45 -8.15 13.36
C ASP A 100 -0.26 -7.17 14.33
N ASP A 101 -1.00 -6.18 13.81
CA ASP A 101 -1.56 -5.05 14.59
C ASP A 101 -2.55 -5.45 15.69
N VAL A 102 -3.23 -6.60 15.56
CA VAL A 102 -4.06 -7.20 16.63
C VAL A 102 -3.23 -7.52 17.89
N GLY A 103 -1.93 -7.79 17.73
CA GLY A 103 -0.95 -8.06 18.79
C GLY A 103 -0.16 -6.84 19.30
N THR A 104 -0.60 -5.60 19.02
CA THR A 104 0.10 -4.37 19.44
C THR A 104 0.35 -4.33 20.96
N THR A 105 1.62 -4.16 21.36
CA THR A 105 2.08 -4.26 22.75
C THR A 105 2.52 -2.92 23.38
N VAL A 106 2.84 -1.90 22.57
CA VAL A 106 3.28 -0.57 23.02
C VAL A 106 2.16 0.21 23.72
N GLN A 107 2.54 1.16 24.59
CA GLN A 107 1.63 2.02 25.36
C GLN A 107 0.98 3.17 24.55
N ALA A 108 0.69 2.94 23.27
CA ALA A 108 0.12 3.91 22.34
C ALA A 108 -0.72 3.24 21.23
N MET A 109 -1.51 4.04 20.50
CA MET A 109 -2.48 3.58 19.49
C MET A 109 -2.60 4.54 18.28
N ALA A 110 -1.53 5.29 17.99
CA ALA A 110 -1.46 6.30 16.94
C ALA A 110 -0.07 6.37 16.28
N VAL A 111 0.01 6.92 15.07
CA VAL A 111 1.20 6.93 14.18
C VAL A 111 2.27 7.97 14.57
N HIS A 112 2.53 8.12 15.87
CA HIS A 112 3.46 9.13 16.43
C HIS A 112 4.95 8.77 16.28
N GLU A 113 5.29 7.49 16.08
CA GLU A 113 6.69 7.01 15.98
C GLU A 113 7.33 7.28 14.60
N PRO A 114 8.68 7.31 14.48
CA PRO A 114 9.38 7.57 13.21
C PRO A 114 9.19 6.50 12.12
N TYR A 115 8.78 5.28 12.51
CA TYR A 115 8.51 4.13 11.64
C TYR A 115 7.40 3.25 12.23
N GLU A 116 6.82 2.36 11.42
CA GLU A 116 5.69 1.50 11.81
C GLU A 116 5.96 0.01 11.53
N TYR A 117 6.23 -0.37 10.28
CA TYR A 117 6.47 -1.76 9.84
C TYR A 117 7.25 -1.83 8.51
N ASP A 118 7.93 -2.95 8.26
CA ASP A 118 8.83 -3.12 7.10
C ASP A 118 8.98 -4.59 6.63
N TYR A 119 7.92 -5.40 6.71
CA TYR A 119 7.93 -6.78 6.20
C TYR A 119 8.17 -6.83 4.68
N TRP A 120 8.81 -7.90 4.21
CA TRP A 120 9.31 -8.02 2.83
C TRP A 120 8.20 -8.06 1.77
N GLY A 121 8.19 -7.06 0.88
CA GLY A 121 7.36 -7.01 -0.32
C GLY A 121 8.08 -7.53 -1.57
N GLN A 122 7.31 -8.04 -2.55
CA GLN A 122 7.81 -8.49 -3.86
C GLN A 122 8.10 -7.32 -4.82
N GLY A 123 7.37 -6.22 -4.70
CA GLY A 123 7.46 -5.04 -5.57
C GLY A 123 6.77 -5.17 -6.93
N THR A 124 6.31 -4.05 -7.49
CA THR A 124 5.71 -3.90 -8.83
C THR A 124 5.97 -2.49 -9.40
N GLN A 125 6.41 -2.38 -10.66
CA GLN A 125 6.80 -1.11 -11.29
C GLN A 125 5.58 -0.30 -11.74
N VAL A 126 5.54 1.01 -11.45
CA VAL A 126 4.51 1.95 -11.97
C VAL A 126 5.15 3.16 -12.65
N THR A 127 4.78 3.41 -13.91
CA THR A 127 5.20 4.58 -14.70
C THR A 127 4.01 5.42 -15.16
N VAL A 128 4.13 6.74 -15.04
CA VAL A 128 3.13 7.72 -15.50
C VAL A 128 3.72 8.56 -16.63
N SER A 129 3.28 8.31 -17.87
CA SER A 129 3.81 8.92 -19.11
C SER A 129 2.89 8.65 -20.31
N SER A 130 2.72 9.65 -21.18
CA SER A 130 1.82 9.61 -22.35
C SER A 130 2.29 8.72 -23.51
N GLN A 1 7.42 -16.39 9.35
CA GLN A 1 7.81 -16.26 7.92
C GLN A 1 6.57 -16.29 7.04
N VAL A 2 6.47 -15.37 6.06
CA VAL A 2 5.33 -15.22 5.13
C VAL A 2 5.80 -14.78 3.73
N GLN A 3 4.90 -14.77 2.74
CA GLN A 3 5.17 -14.25 1.39
C GLN A 3 4.08 -13.26 0.95
N LEU A 4 4.48 -12.02 0.63
CA LEU A 4 3.64 -11.00 0.00
C LEU A 4 3.91 -10.97 -1.52
N GLN A 5 2.91 -10.60 -2.32
CA GLN A 5 2.94 -10.67 -3.79
C GLN A 5 2.23 -9.46 -4.41
N GLU A 6 2.99 -8.41 -4.71
CA GLU A 6 2.54 -7.22 -5.44
C GLU A 6 2.22 -7.51 -6.91
N SER A 7 1.16 -6.89 -7.43
CA SER A 7 0.69 -6.98 -8.82
C SER A 7 -0.11 -5.74 -9.22
N GLY A 8 -0.46 -5.63 -10.50
CA GLY A 8 -1.27 -4.54 -11.08
C GLY A 8 -0.50 -3.30 -11.54
N GLY A 9 0.78 -3.15 -11.15
CA GLY A 9 1.64 -2.07 -11.64
C GLY A 9 1.92 -2.17 -13.14
N GLY A 10 1.93 -1.02 -13.82
CA GLY A 10 2.23 -0.92 -15.25
C GLY A 10 2.37 0.52 -15.75
N LEU A 11 2.34 0.70 -17.08
CA LEU A 11 2.31 2.00 -17.74
C LEU A 11 0.88 2.58 -17.80
N VAL A 12 0.76 3.89 -17.55
CA VAL A 12 -0.49 4.66 -17.67
C VAL A 12 -0.19 6.09 -18.13
N GLN A 13 -1.12 6.75 -18.82
CA GLN A 13 -0.98 8.17 -19.19
C GLN A 13 -1.08 9.13 -17.99
N PRO A 14 -0.51 10.35 -18.10
CA PRO A 14 -0.74 11.42 -17.13
C PRO A 14 -2.23 11.82 -17.15
N GLY A 15 -2.76 12.12 -15.97
CA GLY A 15 -4.18 12.32 -15.70
C GLY A 15 -5.01 11.03 -15.64
N GLY A 16 -4.39 9.87 -15.94
CA GLY A 16 -4.98 8.54 -15.81
C GLY A 16 -5.00 8.00 -14.37
N SER A 17 -5.33 6.72 -14.26
CA SER A 17 -5.61 6.02 -13.01
C SER A 17 -5.17 4.55 -13.09
N LEU A 18 -4.88 3.94 -11.94
CA LEU A 18 -4.28 2.60 -11.80
C LEU A 18 -4.87 1.80 -10.62
N ARG A 19 -4.64 0.48 -10.62
CA ARG A 19 -5.05 -0.47 -9.56
C ARG A 19 -3.91 -1.43 -9.24
N LEU A 20 -3.43 -1.39 -8.00
CA LEU A 20 -2.44 -2.31 -7.44
C LEU A 20 -3.10 -3.34 -6.50
N SER A 21 -2.41 -4.46 -6.32
CA SER A 21 -2.87 -5.62 -5.52
C SER A 21 -1.72 -6.21 -4.72
N CYS A 22 -1.80 -6.19 -3.38
CA CYS A 22 -0.88 -6.86 -2.46
C CYS A 22 -1.51 -8.18 -1.99
N ALA A 23 -1.33 -9.25 -2.76
CA ALA A 23 -1.77 -10.59 -2.34
C ALA A 23 -0.82 -11.19 -1.28
N ALA A 24 -1.32 -12.11 -0.47
CA ALA A 24 -0.56 -12.69 0.65
C ALA A 24 -0.73 -14.22 0.80
N SER A 25 0.34 -14.87 1.26
CA SER A 25 0.41 -16.30 1.53
C SER A 25 1.26 -16.61 2.76
N GLY A 26 0.95 -17.70 3.47
CA GLY A 26 1.51 -18.07 4.77
C GLY A 26 0.79 -17.42 5.98
N PHE A 27 -0.13 -16.47 5.74
CA PHE A 27 -0.97 -15.81 6.75
C PHE A 27 -2.27 -15.30 6.15
N THR A 28 -3.25 -15.04 7.01
CA THR A 28 -4.52 -14.40 6.65
C THR A 28 -4.48 -12.91 7.01
N LEU A 29 -4.87 -12.05 6.08
CA LEU A 29 -4.74 -10.58 6.21
C LEU A 29 -5.53 -9.96 7.36
N ASP A 30 -6.60 -10.63 7.78
CA ASP A 30 -7.54 -10.17 8.81
C ASP A 30 -6.82 -9.74 10.10
N TYR A 31 -5.81 -10.52 10.49
CA TYR A 31 -5.01 -10.32 11.70
C TYR A 31 -3.87 -9.31 11.53
N TYR A 32 -3.68 -8.73 10.34
CA TYR A 32 -2.55 -7.86 10.02
C TYR A 32 -3.00 -6.50 9.47
N ALA A 33 -2.18 -5.47 9.74
CA ALA A 33 -2.26 -4.17 9.08
C ALA A 33 -1.24 -4.13 7.95
N ILE A 34 -1.66 -3.67 6.77
CA ILE A 34 -0.84 -3.68 5.54
C ILE A 34 -0.61 -2.24 5.07
N GLY A 35 0.64 -1.93 4.71
CA GLY A 35 1.06 -0.65 4.13
C GLY A 35 1.60 -0.78 2.71
N TRP A 36 1.45 0.28 1.93
CA TRP A 36 2.06 0.51 0.62
C TRP A 36 3.15 1.60 0.69
N PHE A 37 4.23 1.40 -0.04
CA PHE A 37 5.38 2.31 -0.18
C PHE A 37 5.73 2.44 -1.67
N ARG A 38 6.49 3.47 -2.06
CA ARG A 38 6.98 3.63 -3.44
C ARG A 38 8.36 4.28 -3.53
N GLN A 39 9.25 3.71 -4.34
CA GLN A 39 10.55 4.30 -4.70
C GLN A 39 10.45 4.99 -6.07
N ALA A 40 10.36 6.32 -6.08
CA ALA A 40 10.41 7.15 -7.28
C ALA A 40 11.86 7.54 -7.65
N PRO A 41 12.14 7.99 -8.88
CA PRO A 41 13.49 8.41 -9.29
C PRO A 41 13.98 9.71 -8.60
N GLY A 42 13.05 10.57 -8.17
CA GLY A 42 13.34 11.89 -7.54
C GLY A 42 13.06 11.98 -6.04
N LYS A 43 12.75 10.86 -5.36
CA LYS A 43 12.30 10.80 -3.95
C LYS A 43 12.93 9.64 -3.17
N GLU A 44 12.64 9.55 -1.88
CA GLU A 44 12.91 8.38 -1.04
C GLU A 44 11.88 7.26 -1.29
N ARG A 45 11.99 6.14 -0.57
CA ARG A 45 10.95 5.09 -0.54
C ARG A 45 9.81 5.50 0.40
N GLU A 46 9.05 6.49 -0.01
CA GLU A 46 7.97 7.11 0.77
C GLU A 46 6.77 6.17 0.96
N GLY A 47 6.04 6.32 2.07
CA GLY A 47 4.77 5.65 2.29
C GLY A 47 3.67 6.30 1.43
N VAL A 48 2.72 5.49 0.97
CA VAL A 48 1.63 5.93 0.07
C VAL A 48 0.29 5.86 0.78
N SER A 49 -0.08 4.67 1.25
CA SER A 49 -1.30 4.39 2.01
C SER A 49 -1.10 3.18 2.94
N ALA A 50 -2.06 2.97 3.84
CA ALA A 50 -2.11 1.78 4.69
C ALA A 50 -3.53 1.52 5.21
N ILE A 51 -3.80 0.28 5.61
CA ILE A 51 -5.04 -0.14 6.27
C ILE A 51 -4.70 -0.82 7.60
N SER A 52 -5.19 -0.23 8.69
CA SER A 52 -4.80 -0.55 10.07
C SER A 52 -5.99 -0.57 11.02
N SER A 53 -6.93 -1.39 10.60
CA SER A 53 -8.29 -1.56 11.12
C SER A 53 -8.96 -2.80 10.51
N SER A 54 -10.03 -3.29 11.14
CA SER A 54 -10.94 -4.32 10.60
C SER A 54 -11.86 -3.77 9.49
N GLY A 55 -11.29 -3.01 8.54
CA GLY A 55 -12.00 -2.33 7.44
C GLY A 55 -12.70 -1.01 7.82
N GLY A 56 -12.53 -0.51 9.04
CA GLY A 56 -13.19 0.70 9.57
C GLY A 56 -12.41 2.02 9.39
N SER A 57 -11.09 1.96 9.18
CA SER A 57 -10.21 3.14 9.03
C SER A 57 -8.97 2.87 8.17
N THR A 58 -8.45 3.91 7.51
CA THR A 58 -7.32 3.86 6.56
C THR A 58 -6.43 5.11 6.64
N ASN A 59 -5.23 4.99 6.11
CA ASN A 59 -4.13 5.96 6.15
C ASN A 59 -3.68 6.35 4.74
N TYR A 60 -3.28 7.61 4.53
CA TYR A 60 -2.82 8.16 3.26
C TYR A 60 -1.77 9.27 3.42
N ALA A 61 -0.84 9.35 2.47
CA ALA A 61 0.16 10.42 2.34
C ALA A 61 -0.46 11.76 1.87
N ASP A 62 0.13 12.89 2.27
CA ASP A 62 -0.33 14.23 1.86
C ASP A 62 -0.30 14.46 0.33
N SER A 63 0.62 13.79 -0.37
CA SER A 63 0.75 13.81 -1.84
C SER A 63 -0.33 12.99 -2.58
N VAL A 64 -1.13 12.19 -1.88
CA VAL A 64 -2.10 11.25 -2.47
C VAL A 64 -3.52 11.35 -1.90
N LYS A 65 -3.67 11.96 -0.72
CA LYS A 65 -4.97 12.28 -0.11
C LYS A 65 -5.90 12.98 -1.11
N GLY A 66 -7.08 12.41 -1.31
CA GLY A 66 -8.08 12.86 -2.29
C GLY A 66 -7.97 12.26 -3.70
N ARG A 67 -6.92 11.47 -4.02
CA ARG A 67 -6.81 10.76 -5.32
C ARG A 67 -6.35 9.29 -5.24
N PHE A 68 -5.79 8.83 -4.12
CA PHE A 68 -5.51 7.41 -3.83
C PHE A 68 -6.52 6.86 -2.80
N THR A 69 -6.82 5.55 -2.87
CA THR A 69 -7.77 4.84 -1.99
C THR A 69 -7.35 3.39 -1.79
N ILE A 70 -7.19 2.94 -0.54
CA ILE A 70 -6.81 1.57 -0.17
C ILE A 70 -8.01 0.78 0.42
N SER A 71 -8.05 -0.53 0.20
CA SER A 71 -9.04 -1.44 0.80
C SER A 71 -8.53 -2.90 0.86
N ARG A 72 -8.74 -3.59 1.98
CA ARG A 72 -8.42 -5.03 2.15
C ARG A 72 -9.61 -5.94 1.85
N ASP A 73 -9.34 -7.09 1.26
CA ASP A 73 -10.28 -8.18 1.04
C ASP A 73 -9.78 -9.47 1.71
N ASN A 74 -10.47 -9.89 2.78
CA ASN A 74 -10.09 -11.03 3.61
C ASN A 74 -10.57 -12.38 3.05
N ALA A 75 -11.46 -12.40 2.05
CA ALA A 75 -11.82 -13.61 1.31
C ALA A 75 -10.80 -13.91 0.18
N LYS A 76 -10.36 -12.87 -0.53
CA LYS A 76 -9.31 -12.94 -1.58
C LYS A 76 -7.88 -12.93 -1.02
N ASN A 77 -7.72 -12.58 0.25
CA ASN A 77 -6.44 -12.38 0.95
C ASN A 77 -5.51 -11.39 0.21
N THR A 78 -6.09 -10.28 -0.25
CA THR A 78 -5.39 -9.23 -1.02
C THR A 78 -5.77 -7.82 -0.55
N VAL A 79 -4.79 -6.91 -0.49
CA VAL A 79 -5.03 -5.47 -0.29
C VAL A 79 -4.93 -4.71 -1.60
N TYR A 80 -6.04 -4.13 -2.04
CA TYR A 80 -6.12 -3.33 -3.25
C TYR A 80 -5.82 -1.86 -2.97
N LEU A 81 -4.98 -1.25 -3.81
CA LEU A 81 -4.72 0.19 -3.85
C LEU A 81 -5.17 0.77 -5.19
N GLN A 82 -6.30 1.48 -5.19
CA GLN A 82 -6.74 2.31 -6.31
C GLN A 82 -5.98 3.64 -6.28
N MET A 83 -5.55 4.14 -7.44
CA MET A 83 -4.94 5.46 -7.60
C MET A 83 -5.50 6.18 -8.81
N ASN A 84 -5.61 7.51 -8.73
CA ASN A 84 -6.23 8.36 -9.75
C ASN A 84 -5.46 9.67 -9.90
N SER A 85 -5.81 10.49 -10.89
CA SER A 85 -5.29 11.87 -11.06
C SER A 85 -3.75 11.94 -11.04
N LEU A 86 -3.11 11.06 -11.81
CA LEU A 86 -1.66 10.82 -11.77
C LEU A 86 -0.83 11.82 -12.56
N LYS A 87 0.38 12.05 -12.07
CA LYS A 87 1.43 12.84 -12.70
C LYS A 87 2.71 12.02 -12.92
N PRO A 88 3.64 12.47 -13.78
CA PRO A 88 4.94 11.81 -13.97
C PRO A 88 5.71 11.55 -12.65
N GLU A 89 5.55 12.38 -11.62
CA GLU A 89 6.18 12.16 -10.31
C GLU A 89 5.63 10.94 -9.51
N ASP A 90 4.48 10.39 -9.91
CA ASP A 90 3.94 9.13 -9.40
C ASP A 90 4.60 7.89 -10.05
N THR A 91 5.48 8.07 -11.05
CA THR A 91 6.33 7.00 -11.59
C THR A 91 7.28 6.48 -10.53
N ALA A 92 7.11 5.22 -10.13
CA ALA A 92 7.86 4.59 -9.04
C ALA A 92 7.66 3.07 -9.02
N VAL A 93 8.51 2.36 -8.26
CA VAL A 93 8.28 0.95 -7.94
C VAL A 93 7.54 0.91 -6.60
N TYR A 94 6.33 0.35 -6.59
CA TYR A 94 5.46 0.24 -5.41
C TYR A 94 5.69 -1.10 -4.69
N TYR A 95 5.77 -1.07 -3.37
CA TYR A 95 6.03 -2.22 -2.50
C TYR A 95 4.98 -2.31 -1.39
N CYS A 96 4.65 -3.51 -0.92
CA CYS A 96 3.76 -3.71 0.23
C CYS A 96 4.42 -4.49 1.39
N ALA A 97 3.80 -4.43 2.57
CA ALA A 97 4.37 -4.91 3.84
C ALA A 97 3.26 -5.17 4.87
N ALA A 98 3.49 -6.05 5.86
CA ALA A 98 2.51 -6.45 6.87
C ALA A 98 3.08 -6.43 8.31
N VAL A 99 2.18 -6.24 9.29
CA VAL A 99 2.45 -6.26 10.74
C VAL A 99 1.24 -6.81 11.50
N ASP A 100 1.49 -7.62 12.54
CA ASP A 100 0.52 -8.35 13.38
C ASP A 100 -0.34 -7.44 14.30
N ASP A 101 -0.89 -6.36 13.75
CA ASP A 101 -1.53 -5.25 14.48
C ASP A 101 -2.87 -5.56 15.19
N VAL A 102 -3.36 -6.82 15.14
CA VAL A 102 -4.55 -7.30 15.88
C VAL A 102 -4.37 -7.28 17.41
N GLY A 103 -3.15 -7.05 17.91
CA GLY A 103 -2.79 -6.96 19.34
C GLY A 103 -3.32 -5.71 20.10
N THR A 104 -4.58 -5.37 19.91
CA THR A 104 -5.33 -4.28 20.59
C THR A 104 -4.72 -2.88 20.39
N THR A 105 -4.11 -2.63 19.23
CA THR A 105 -3.69 -1.28 18.81
C THR A 105 -4.91 -0.39 18.52
N VAL A 106 -4.82 0.91 18.82
CA VAL A 106 -5.87 1.89 18.47
C VAL A 106 -5.97 2.03 16.95
N GLN A 107 -7.11 1.64 16.38
CA GLN A 107 -7.35 1.55 14.92
C GLN A 107 -7.66 2.91 14.25
N ALA A 108 -6.85 3.93 14.56
CA ALA A 108 -6.93 5.27 13.98
C ALA A 108 -6.43 5.34 12.52
N MET A 109 -6.56 6.51 11.91
CA MET A 109 -6.07 6.84 10.56
C MET A 109 -4.53 6.95 10.44
N ALA A 110 -3.80 6.76 11.54
CA ALA A 110 -2.33 6.75 11.61
C ALA A 110 -1.83 5.86 12.76
N VAL A 111 -0.57 5.41 12.68
CA VAL A 111 0.10 4.56 13.68
C VAL A 111 1.30 5.26 14.32
N HIS A 112 1.65 4.88 15.55
CA HIS A 112 2.69 5.51 16.37
C HIS A 112 3.59 4.49 17.11
N GLU A 113 3.60 3.24 16.65
CA GLU A 113 4.40 2.14 17.22
C GLU A 113 5.92 2.33 16.99
N PRO A 114 6.79 1.80 17.87
CA PRO A 114 8.25 1.97 17.79
C PRO A 114 8.93 1.25 16.61
N TYR A 115 8.21 0.38 15.90
CA TYR A 115 8.65 -0.29 14.67
C TYR A 115 7.48 -0.41 13.67
N GLU A 116 7.79 -0.35 12.36
CA GLU A 116 6.76 -0.21 11.32
C GLU A 116 6.20 -1.54 10.78
N TYR A 117 6.98 -2.32 10.04
CA TYR A 117 6.55 -3.56 9.38
C TYR A 117 7.62 -4.65 9.41
N ASP A 118 7.27 -5.85 9.90
CA ASP A 118 8.18 -6.98 10.11
C ASP A 118 8.52 -7.78 8.83
N TYR A 119 7.82 -7.52 7.72
CA TYR A 119 7.97 -8.22 6.44
C TYR A 119 7.97 -7.25 5.24
N TRP A 120 8.55 -7.69 4.12
CA TRP A 120 8.72 -6.89 2.89
C TRP A 120 8.33 -7.70 1.64
N GLY A 121 7.59 -7.08 0.74
CA GLY A 121 7.14 -7.69 -0.52
C GLY A 121 8.17 -7.69 -1.67
N GLN A 122 7.71 -8.09 -2.84
CA GLN A 122 8.49 -8.28 -4.09
C GLN A 122 8.63 -7.01 -4.93
N GLY A 123 7.76 -6.01 -4.74
CA GLY A 123 7.64 -4.80 -5.56
C GLY A 123 6.92 -5.00 -6.90
N THR A 124 6.36 -3.91 -7.44
CA THR A 124 5.73 -3.83 -8.78
C THR A 124 5.97 -2.45 -9.41
N GLN A 125 6.39 -2.41 -10.68
CA GLN A 125 6.80 -1.18 -11.38
C GLN A 125 5.59 -0.38 -11.88
N VAL A 126 5.57 0.93 -11.65
CA VAL A 126 4.55 1.86 -12.20
C VAL A 126 5.20 3.04 -12.91
N THR A 127 4.80 3.30 -14.16
CA THR A 127 5.21 4.48 -14.95
C THR A 127 4.02 5.31 -15.42
N VAL A 128 4.15 6.63 -15.34
CA VAL A 128 3.15 7.61 -15.79
C VAL A 128 3.70 8.44 -16.95
N SER A 129 3.22 8.15 -18.16
CA SER A 129 3.69 8.75 -19.43
C SER A 129 2.70 8.47 -20.58
N SER A 130 2.48 9.46 -21.45
CA SER A 130 1.52 9.40 -22.57
C SER A 130 1.99 8.46 -23.69
N GLN A 1 9.77 -15.90 6.00
CA GLN A 1 8.69 -16.50 6.81
C GLN A 1 7.40 -16.63 6.01
N VAL A 2 6.55 -15.61 6.01
CA VAL A 2 5.34 -15.47 5.18
C VAL A 2 5.69 -15.00 3.75
N GLN A 3 4.72 -15.07 2.84
CA GLN A 3 4.88 -14.59 1.45
C GLN A 3 3.83 -13.53 1.11
N LEU A 4 4.30 -12.37 0.63
CA LEU A 4 3.47 -11.30 0.05
C LEU A 4 3.78 -11.18 -1.45
N GLN A 5 2.80 -10.76 -2.24
CA GLN A 5 2.88 -10.67 -3.70
C GLN A 5 2.14 -9.43 -4.22
N GLU A 6 2.85 -8.32 -4.36
CA GLU A 6 2.37 -7.13 -5.07
C GLU A 6 2.31 -7.36 -6.59
N SER A 7 1.30 -6.75 -7.22
CA SER A 7 0.96 -6.88 -8.64
C SER A 7 0.07 -5.71 -9.09
N GLY A 8 -0.26 -5.64 -10.38
CA GLY A 8 -1.11 -4.62 -11.00
C GLY A 8 -0.37 -3.36 -11.47
N GLY A 9 0.90 -3.18 -11.09
CA GLY A 9 1.71 -2.07 -11.59
C GLY A 9 1.98 -2.17 -13.10
N GLY A 10 1.97 -1.02 -13.78
CA GLY A 10 2.30 -0.91 -15.21
C GLY A 10 2.46 0.54 -15.69
N LEU A 11 2.52 0.72 -17.01
CA LEU A 11 2.50 2.02 -17.68
C LEU A 11 1.05 2.57 -17.76
N VAL A 12 0.88 3.87 -17.50
CA VAL A 12 -0.40 4.60 -17.59
C VAL A 12 -0.15 6.06 -18.02
N GLN A 13 -1.09 6.66 -18.73
CA GLN A 13 -1.03 8.09 -19.11
C GLN A 13 -1.22 9.04 -17.91
N PRO A 14 -0.66 10.26 -17.97
CA PRO A 14 -0.90 11.31 -16.99
C PRO A 14 -2.37 11.73 -16.99
N GLY A 15 -2.92 11.96 -15.79
CA GLY A 15 -4.35 12.17 -15.54
C GLY A 15 -5.19 10.87 -15.54
N GLY A 16 -4.57 9.72 -15.81
CA GLY A 16 -5.20 8.40 -15.78
C GLY A 16 -5.36 7.81 -14.36
N SER A 17 -5.58 6.50 -14.31
CA SER A 17 -5.80 5.73 -13.08
C SER A 17 -5.25 4.29 -13.19
N LEU A 18 -4.97 3.68 -12.04
CA LEU A 18 -4.34 2.36 -11.90
C LEU A 18 -4.93 1.57 -10.72
N ARG A 19 -4.73 0.24 -10.73
CA ARG A 19 -5.17 -0.69 -9.69
C ARG A 19 -4.05 -1.66 -9.34
N LEU A 20 -3.47 -1.51 -8.16
CA LEU A 20 -2.50 -2.42 -7.56
C LEU A 20 -3.18 -3.43 -6.63
N SER A 21 -2.53 -4.57 -6.41
CA SER A 21 -3.03 -5.70 -5.63
C SER A 21 -1.90 -6.36 -4.83
N CYS A 22 -1.98 -6.39 -3.50
CA CYS A 22 -1.05 -7.09 -2.61
C CYS A 22 -1.68 -8.37 -2.05
N ALA A 23 -1.48 -9.51 -2.70
CA ALA A 23 -1.93 -10.81 -2.19
C ALA A 23 -0.99 -11.34 -1.11
N ALA A 24 -1.52 -12.12 -0.16
CA ALA A 24 -0.76 -12.65 0.98
C ALA A 24 -1.02 -14.15 1.25
N SER A 25 0.02 -14.85 1.70
CA SER A 25 0.02 -16.28 2.03
C SER A 25 0.82 -16.56 3.32
N GLY A 26 0.33 -17.51 4.12
CA GLY A 26 0.89 -17.85 5.43
C GLY A 26 0.29 -17.07 6.62
N PHE A 27 -0.53 -16.05 6.36
CA PHE A 27 -1.27 -15.25 7.34
C PHE A 27 -2.53 -14.64 6.72
N THR A 28 -3.44 -14.15 7.57
CA THR A 28 -4.73 -13.57 7.14
C THR A 28 -4.79 -12.07 7.44
N LEU A 29 -5.24 -11.28 6.45
CA LEU A 29 -5.25 -9.79 6.51
C LEU A 29 -6.22 -9.20 7.53
N ASP A 30 -7.09 -10.04 8.08
CA ASP A 30 -8.06 -9.69 9.12
C ASP A 30 -7.38 -9.30 10.46
N TYR A 31 -6.25 -9.96 10.77
CA TYR A 31 -5.46 -9.72 11.98
C TYR A 31 -4.31 -8.72 11.76
N TYR A 32 -3.93 -8.46 10.51
CA TYR A 32 -2.77 -7.65 10.15
C TYR A 32 -3.16 -6.34 9.46
N ALA A 33 -2.46 -5.25 9.79
CA ALA A 33 -2.54 -4.00 9.05
C ALA A 33 -1.52 -4.03 7.89
N ILE A 34 -1.95 -3.65 6.68
CA ILE A 34 -1.11 -3.63 5.47
C ILE A 34 -1.00 -2.19 4.98
N GLY A 35 0.19 -1.80 4.51
CA GLY A 35 0.39 -0.55 3.79
C GLY A 35 1.28 -0.69 2.56
N TRP A 36 1.11 0.27 1.65
CA TRP A 36 1.92 0.47 0.45
C TRP A 36 2.94 1.60 0.65
N PHE A 37 4.13 1.41 0.10
CA PHE A 37 5.25 2.35 0.01
C PHE A 37 5.68 2.44 -1.46
N ARG A 38 6.40 3.49 -1.84
CA ARG A 38 6.92 3.66 -3.21
C ARG A 38 8.34 4.23 -3.26
N GLN A 39 9.10 3.82 -4.27
CA GLN A 39 10.50 4.17 -4.51
C GLN A 39 10.66 4.76 -5.92
N ALA A 40 10.79 6.09 -6.03
CA ALA A 40 11.02 6.79 -7.30
C ALA A 40 12.51 6.85 -7.67
N PRO A 41 12.86 6.99 -8.97
CA PRO A 41 14.24 7.05 -9.42
C PRO A 41 14.97 8.27 -8.86
N GLY A 42 16.13 8.04 -8.21
CA GLY A 42 16.96 9.07 -7.56
C GLY A 42 16.43 9.61 -6.21
N LYS A 43 15.20 9.25 -5.80
CA LYS A 43 14.59 9.64 -4.52
C LYS A 43 14.73 8.54 -3.45
N GLU A 44 14.34 8.88 -2.21
CA GLU A 44 14.14 7.93 -1.11
C GLU A 44 12.74 7.32 -1.12
N ARG A 45 12.55 6.28 -0.30
CA ARG A 45 11.26 5.62 -0.06
C ARG A 45 10.30 6.53 0.69
N GLU A 46 9.03 6.48 0.31
CA GLU A 46 7.92 7.15 0.98
C GLU A 46 6.68 6.24 1.10
N GLY A 47 5.84 6.46 2.12
CA GLY A 47 4.57 5.77 2.29
C GLY A 47 3.50 6.33 1.34
N VAL A 48 2.46 5.54 1.06
CA VAL A 48 1.40 5.90 0.11
C VAL A 48 0.02 5.79 0.75
N SER A 49 -0.40 4.58 1.14
CA SER A 49 -1.74 4.30 1.69
C SER A 49 -1.71 3.02 2.53
N ALA A 50 -2.56 2.92 3.55
CA ALA A 50 -2.62 1.75 4.45
C ALA A 50 -4.02 1.47 5.00
N ILE A 51 -4.29 0.19 5.33
CA ILE A 51 -5.52 -0.28 5.96
C ILE A 51 -5.20 -1.12 7.22
N SER A 52 -5.78 -0.74 8.36
CA SER A 52 -5.66 -1.41 9.66
C SER A 52 -6.50 -2.69 9.77
N SER A 53 -6.31 -3.48 10.84
CA SER A 53 -7.09 -4.69 11.13
C SER A 53 -8.60 -4.40 11.11
N SER A 54 -9.05 -3.41 11.89
CA SER A 54 -10.39 -2.82 11.78
C SER A 54 -10.42 -1.89 10.56
N GLY A 55 -11.31 -2.15 9.59
CA GLY A 55 -11.30 -1.48 8.28
C GLY A 55 -11.62 0.02 8.26
N GLY A 56 -12.11 0.59 9.37
CA GLY A 56 -12.51 2.00 9.46
C GLY A 56 -11.34 3.01 9.59
N SER A 57 -10.16 2.57 10.03
CA SER A 57 -9.01 3.44 10.36
C SER A 57 -7.91 3.45 9.29
N THR A 58 -8.31 3.52 8.02
CA THR A 58 -7.41 3.68 6.86
C THR A 58 -6.57 4.96 6.94
N ASN A 59 -5.36 4.91 6.36
CA ASN A 59 -4.39 6.01 6.34
C ASN A 59 -3.89 6.33 4.91
N TYR A 60 -3.51 7.59 4.68
CA TYR A 60 -3.08 8.11 3.37
C TYR A 60 -1.97 9.17 3.49
N ALA A 61 -1.02 9.16 2.55
CA ALA A 61 0.02 10.18 2.41
C ALA A 61 -0.55 11.51 1.89
N ASP A 62 0.04 12.64 2.32
CA ASP A 62 -0.37 13.98 1.92
C ASP A 62 -0.20 14.27 0.40
N SER A 63 0.70 13.55 -0.27
CA SER A 63 0.91 13.59 -1.72
C SER A 63 -0.16 12.85 -2.54
N VAL A 64 -1.00 12.03 -1.90
CA VAL A 64 -2.01 11.17 -2.57
C VAL A 64 -3.43 11.34 -2.02
N LYS A 65 -3.58 11.94 -0.85
CA LYS A 65 -4.85 12.24 -0.18
C LYS A 65 -5.88 12.85 -1.15
N GLY A 66 -7.03 12.20 -1.27
CA GLY A 66 -8.13 12.61 -2.17
C GLY A 66 -8.02 12.11 -3.62
N ARG A 67 -6.93 11.43 -4.04
CA ARG A 67 -6.82 10.80 -5.38
C ARG A 67 -6.39 9.32 -5.36
N PHE A 68 -5.78 8.84 -4.28
CA PHE A 68 -5.53 7.41 -4.02
C PHE A 68 -6.54 6.86 -3.00
N THR A 69 -6.84 5.56 -3.10
CA THR A 69 -7.85 4.86 -2.28
C THR A 69 -7.44 3.41 -2.04
N ILE A 70 -7.33 2.98 -0.78
CA ILE A 70 -6.98 1.59 -0.40
C ILE A 70 -8.17 0.86 0.21
N SER A 71 -8.25 -0.46 -0.03
CA SER A 71 -9.28 -1.35 0.52
C SER A 71 -8.84 -2.82 0.40
N ARG A 72 -9.13 -3.65 1.41
CA ARG A 72 -8.83 -5.09 1.37
C ARG A 72 -10.06 -5.96 1.11
N ASP A 73 -9.80 -7.18 0.67
CA ASP A 73 -10.81 -8.24 0.57
C ASP A 73 -10.24 -9.57 1.11
N ASN A 74 -10.78 -9.99 2.25
CA ASN A 74 -10.40 -11.21 2.95
C ASN A 74 -10.84 -12.50 2.22
N ALA A 75 -11.76 -12.42 1.24
CA ALA A 75 -12.11 -13.57 0.38
C ALA A 75 -10.98 -13.95 -0.61
N LYS A 76 -10.19 -12.97 -1.08
CA LYS A 76 -8.98 -13.16 -1.89
C LYS A 76 -7.68 -13.11 -1.07
N ASN A 77 -7.76 -12.71 0.20
CA ASN A 77 -6.64 -12.37 1.08
C ASN A 77 -5.68 -11.36 0.39
N THR A 78 -6.27 -10.33 -0.23
CA THR A 78 -5.56 -9.31 -1.03
C THR A 78 -5.94 -7.88 -0.62
N VAL A 79 -4.96 -6.98 -0.63
CA VAL A 79 -5.16 -5.53 -0.45
C VAL A 79 -5.07 -4.80 -1.78
N TYR A 80 -6.16 -4.17 -2.20
CA TYR A 80 -6.24 -3.39 -3.43
C TYR A 80 -5.92 -1.92 -3.18
N LEU A 81 -5.09 -1.33 -4.02
CA LEU A 81 -4.79 0.11 -4.04
C LEU A 81 -5.19 0.70 -5.38
N GLN A 82 -6.33 1.40 -5.39
CA GLN A 82 -6.77 2.23 -6.51
C GLN A 82 -6.02 3.57 -6.47
N MET A 83 -5.63 4.08 -7.64
CA MET A 83 -5.01 5.41 -7.78
C MET A 83 -5.57 6.14 -8.99
N ASN A 84 -5.71 7.46 -8.90
CA ASN A 84 -6.34 8.33 -9.88
C ASN A 84 -5.60 9.68 -9.96
N SER A 85 -5.95 10.54 -10.92
CA SER A 85 -5.38 11.89 -11.09
C SER A 85 -3.84 11.88 -11.09
N LEU A 86 -3.27 10.93 -11.84
CA LEU A 86 -1.84 10.63 -11.80
C LEU A 86 -0.95 11.69 -12.46
N LYS A 87 0.23 11.91 -11.87
CA LYS A 87 1.28 12.84 -12.31
C LYS A 87 2.58 12.09 -12.57
N PRO A 88 3.50 12.62 -13.38
CA PRO A 88 4.79 11.98 -13.66
C PRO A 88 5.61 11.71 -12.38
N GLU A 89 5.44 12.52 -11.33
CA GLU A 89 6.07 12.29 -10.02
C GLU A 89 5.55 11.07 -9.24
N ASP A 90 4.44 10.45 -9.66
CA ASP A 90 3.96 9.16 -9.15
C ASP A 90 4.71 7.95 -9.75
N THR A 91 5.59 8.15 -10.75
CA THR A 91 6.41 7.10 -11.35
C THR A 91 7.41 6.54 -10.34
N ALA A 92 7.22 5.28 -9.95
CA ALA A 92 7.97 4.60 -8.90
C ALA A 92 7.69 3.09 -8.87
N VAL A 93 8.50 2.34 -8.12
CA VAL A 93 8.20 0.94 -7.79
C VAL A 93 7.48 0.91 -6.46
N TYR A 94 6.27 0.33 -6.43
CA TYR A 94 5.39 0.25 -5.27
C TYR A 94 5.57 -1.10 -4.55
N TYR A 95 5.74 -1.06 -3.23
CA TYR A 95 5.97 -2.21 -2.36
C TYR A 95 4.87 -2.32 -1.31
N CYS A 96 4.50 -3.53 -0.91
CA CYS A 96 3.53 -3.78 0.17
C CYS A 96 4.09 -4.67 1.29
N ALA A 97 3.63 -4.46 2.52
CA ALA A 97 4.13 -5.09 3.75
C ALA A 97 3.08 -5.03 4.86
N ALA A 98 3.21 -5.90 5.87
CA ALA A 98 2.22 -6.14 6.91
C ALA A 98 2.77 -5.93 8.34
N VAL A 99 1.86 -5.79 9.32
CA VAL A 99 2.15 -5.79 10.77
C VAL A 99 0.99 -6.44 11.53
N ASP A 100 1.29 -7.25 12.55
CA ASP A 100 0.30 -7.97 13.38
C ASP A 100 -0.45 -7.02 14.34
N ASP A 101 -1.34 -6.23 13.76
CA ASP A 101 -2.09 -5.15 14.40
C ASP A 101 -3.05 -5.61 15.52
N VAL A 102 -3.60 -6.83 15.41
CA VAL A 102 -4.40 -7.46 16.48
C VAL A 102 -3.52 -8.02 17.61
N GLY A 103 -2.38 -8.64 17.27
CA GLY A 103 -1.48 -9.26 18.26
C GLY A 103 -0.67 -8.26 19.09
N THR A 104 -0.23 -7.15 18.48
CA THR A 104 0.47 -6.05 19.19
C THR A 104 -0.49 -5.17 20.01
N THR A 105 0.01 -4.51 21.06
CA THR A 105 -0.75 -3.52 21.84
C THR A 105 -0.68 -2.13 21.18
N VAL A 106 -1.77 -1.35 21.30
CA VAL A 106 -1.88 0.02 20.77
C VAL A 106 -2.74 0.89 21.72
N GLN A 107 -2.36 2.16 21.87
CA GLN A 107 -2.98 3.12 22.81
C GLN A 107 -4.06 4.02 22.19
N ALA A 108 -4.49 3.73 20.96
CA ALA A 108 -5.42 4.55 20.16
C ALA A 108 -6.23 3.73 19.15
N MET A 109 -7.24 4.36 18.56
CA MET A 109 -8.10 3.76 17.53
C MET A 109 -7.47 3.64 16.13
N ALA A 110 -6.29 4.21 15.92
CA ALA A 110 -5.58 4.27 14.63
C ALA A 110 -4.05 4.30 14.81
N VAL A 111 -3.30 3.97 13.76
CA VAL A 111 -1.83 4.04 13.74
C VAL A 111 -1.32 5.50 13.87
N HIS A 112 -0.24 5.67 14.63
CA HIS A 112 0.43 6.95 14.85
C HIS A 112 1.94 6.80 14.55
N GLU A 113 2.77 6.46 15.55
CA GLU A 113 4.19 6.13 15.36
C GLU A 113 4.46 4.80 14.62
N PRO A 114 3.74 3.68 14.88
CA PRO A 114 3.97 2.38 14.23
C PRO A 114 3.34 2.29 12.83
N TYR A 115 3.58 3.28 11.96
CA TYR A 115 3.16 3.27 10.56
C TYR A 115 4.04 2.38 9.66
N GLU A 116 5.20 1.93 10.16
CA GLU A 116 6.19 1.10 9.47
C GLU A 116 6.30 -0.34 10.05
N TYR A 117 7.04 -1.21 9.35
CA TYR A 117 7.11 -2.66 9.58
C TYR A 117 8.45 -3.26 9.13
N ASP A 118 8.83 -4.39 9.74
CA ASP A 118 10.04 -5.17 9.37
C ASP A 118 9.82 -6.14 8.17
N TYR A 119 8.56 -6.34 7.77
CA TYR A 119 8.16 -7.29 6.71
C TYR A 119 8.58 -6.79 5.30
N TRP A 120 9.00 -7.73 4.45
CA TRP A 120 9.46 -7.48 3.07
C TRP A 120 8.33 -7.49 2.03
N GLY A 121 8.62 -6.93 0.85
CA GLY A 121 7.80 -6.99 -0.36
C GLY A 121 8.66 -7.09 -1.63
N GLN A 122 8.10 -7.64 -2.70
CA GLN A 122 8.81 -7.89 -3.98
C GLN A 122 8.95 -6.62 -4.86
N GLY A 123 8.07 -5.63 -4.69
CA GLY A 123 7.94 -4.46 -5.57
C GLY A 123 7.18 -4.73 -6.88
N THR A 124 6.36 -3.76 -7.31
CA THR A 124 5.63 -3.73 -8.59
C THR A 124 5.82 -2.37 -9.27
N GLN A 125 6.26 -2.36 -10.54
CA GLN A 125 6.70 -1.15 -11.24
C GLN A 125 5.51 -0.31 -11.75
N VAL A 126 5.51 1.01 -11.50
CA VAL A 126 4.51 1.95 -12.05
C VAL A 126 5.19 3.13 -12.74
N THR A 127 4.83 3.38 -14.01
CA THR A 127 5.25 4.55 -14.79
C THR A 127 4.07 5.37 -15.28
N VAL A 128 4.15 6.70 -15.15
CA VAL A 128 3.13 7.65 -15.60
C VAL A 128 3.67 8.49 -16.77
N SER A 129 3.20 8.21 -17.98
CA SER A 129 3.67 8.80 -19.25
C SER A 129 2.70 8.50 -20.41
N SER A 130 2.46 9.49 -21.27
CA SER A 130 1.49 9.42 -22.39
C SER A 130 1.97 8.51 -23.54
N GLN A 1 7.82 -16.82 9.36
CA GLN A 1 8.04 -16.04 8.10
C GLN A 1 6.80 -16.09 7.20
N VAL A 2 6.69 -15.15 6.26
CA VAL A 2 5.53 -14.96 5.35
C VAL A 2 5.97 -14.63 3.93
N GLN A 3 5.03 -14.59 2.98
CA GLN A 3 5.26 -14.11 1.60
C GLN A 3 4.16 -13.12 1.18
N LEU A 4 4.57 -12.01 0.57
CA LEU A 4 3.69 -11.00 -0.05
C LEU A 4 3.96 -10.96 -1.56
N GLN A 5 2.93 -10.65 -2.35
CA GLN A 5 2.99 -10.65 -3.82
C GLN A 5 2.20 -9.46 -4.41
N GLU A 6 2.92 -8.46 -4.86
CA GLU A 6 2.42 -7.32 -5.64
C GLU A 6 2.07 -7.71 -7.08
N SER A 7 1.07 -7.05 -7.64
CA SER A 7 0.64 -7.17 -9.04
C SER A 7 -0.09 -5.90 -9.50
N GLY A 8 -0.32 -5.75 -10.80
CA GLY A 8 -1.12 -4.69 -11.42
C GLY A 8 -0.39 -3.40 -11.78
N GLY A 9 0.87 -3.20 -11.35
CA GLY A 9 1.67 -2.05 -11.75
C GLY A 9 2.06 -2.07 -13.23
N GLY A 10 2.07 -0.90 -13.88
CA GLY A 10 2.47 -0.73 -15.28
C GLY A 10 2.57 0.73 -15.73
N LEU A 11 2.60 0.94 -17.05
CA LEU A 11 2.55 2.26 -17.69
C LEU A 11 1.10 2.76 -17.82
N VAL A 12 0.88 4.05 -17.58
CA VAL A 12 -0.40 4.76 -17.75
C VAL A 12 -0.16 6.23 -18.10
N GLN A 13 -1.08 6.87 -18.81
CA GLN A 13 -1.01 8.30 -19.13
C GLN A 13 -1.30 9.21 -17.91
N PRO A 14 -0.78 10.45 -17.92
CA PRO A 14 -1.12 11.52 -16.99
C PRO A 14 -2.64 11.77 -16.92
N GLY A 15 -3.14 11.93 -15.70
CA GLY A 15 -4.56 12.08 -15.39
C GLY A 15 -5.36 10.76 -15.43
N GLY A 16 -4.74 9.65 -15.86
CA GLY A 16 -5.33 8.30 -15.88
C GLY A 16 -5.41 7.65 -14.50
N SER A 17 -5.65 6.33 -14.49
CA SER A 17 -5.88 5.52 -13.29
C SER A 17 -5.27 4.13 -13.40
N LEU A 18 -4.94 3.57 -12.23
CA LEU A 18 -4.29 2.26 -12.05
C LEU A 18 -4.90 1.50 -10.85
N ARG A 19 -4.64 0.18 -10.81
CA ARG A 19 -5.16 -0.75 -9.80
C ARG A 19 -4.11 -1.80 -9.45
N LEU A 20 -3.47 -1.63 -8.29
CA LEU A 20 -2.50 -2.56 -7.72
C LEU A 20 -3.16 -3.56 -6.77
N SER A 21 -2.50 -4.70 -6.56
CA SER A 21 -2.99 -5.84 -5.75
C SER A 21 -1.85 -6.46 -4.93
N CYS A 22 -1.98 -6.52 -3.60
CA CYS A 22 -1.05 -7.17 -2.67
C CYS A 22 -1.67 -8.46 -2.13
N ALA A 23 -1.42 -9.61 -2.75
CA ALA A 23 -1.86 -10.90 -2.21
C ALA A 23 -0.89 -11.38 -1.11
N ALA A 24 -1.43 -11.86 0.01
CA ALA A 24 -0.66 -12.30 1.17
C ALA A 24 -0.77 -13.81 1.44
N SER A 25 0.33 -14.43 1.87
CA SER A 25 0.46 -15.86 2.13
C SER A 25 1.24 -16.13 3.44
N GLY A 26 0.75 -17.09 4.24
CA GLY A 26 1.30 -17.42 5.56
C GLY A 26 0.73 -16.59 6.73
N PHE A 27 -0.14 -15.60 6.44
CA PHE A 27 -0.82 -14.74 7.41
C PHE A 27 -2.13 -14.18 6.83
N THR A 28 -2.97 -13.60 7.70
CA THR A 28 -4.34 -13.18 7.37
C THR A 28 -4.57 -11.68 7.62
N LEU A 29 -5.15 -10.99 6.64
CA LEU A 29 -5.35 -9.53 6.65
C LEU A 29 -6.33 -9.03 7.72
N ASP A 30 -7.13 -9.94 8.26
CA ASP A 30 -8.03 -9.76 9.39
C ASP A 30 -7.29 -9.27 10.65
N TYR A 31 -6.04 -9.71 10.82
CA TYR A 31 -5.21 -9.49 12.01
C TYR A 31 -4.01 -8.57 11.75
N TYR A 32 -3.61 -8.39 10.49
CA TYR A 32 -2.46 -7.60 10.08
C TYR A 32 -2.87 -6.29 9.39
N ALA A 33 -2.12 -5.22 9.66
CA ALA A 33 -2.24 -3.96 8.90
C ALA A 33 -1.28 -4.03 7.70
N ILE A 34 -1.78 -3.74 6.49
CA ILE A 34 -0.99 -3.75 5.25
C ILE A 34 -0.79 -2.32 4.77
N GLY A 35 0.44 -2.00 4.33
CA GLY A 35 0.80 -0.71 3.77
C GLY A 35 1.51 -0.83 2.42
N TRP A 36 1.14 0.04 1.48
CA TRP A 36 1.83 0.26 0.23
C TRP A 36 2.87 1.37 0.39
N PHE A 37 4.05 1.14 -0.15
CA PHE A 37 5.22 2.02 -0.07
C PHE A 37 5.82 2.11 -1.47
N ARG A 38 6.18 3.32 -1.91
CA ARG A 38 6.80 3.54 -3.23
C ARG A 38 8.14 4.23 -3.11
N GLN A 39 9.06 3.91 -4.02
CA GLN A 39 10.40 4.50 -4.09
C GLN A 39 10.75 4.95 -5.51
N ALA A 40 11.24 6.19 -5.58
CA ALA A 40 11.86 6.82 -6.75
C ALA A 40 13.39 6.70 -6.67
N PRO A 41 14.16 6.88 -7.77
CA PRO A 41 15.61 6.71 -7.76
C PRO A 41 16.29 7.67 -6.77
N GLY A 42 16.98 7.10 -5.78
CA GLY A 42 17.65 7.82 -4.68
C GLY A 42 16.74 8.34 -3.56
N LYS A 43 15.40 8.19 -3.66
CA LYS A 43 14.43 8.68 -2.66
C LYS A 43 13.99 7.61 -1.66
N GLU A 44 13.45 8.07 -0.55
CA GLU A 44 12.87 7.26 0.54
C GLU A 44 11.48 6.70 0.18
N ARG A 45 10.98 5.80 1.03
CA ARG A 45 9.60 5.28 0.97
C ARG A 45 8.59 6.38 1.29
N GLU A 46 7.58 6.55 0.44
CA GLU A 46 6.60 7.67 0.55
C GLU A 46 5.29 7.36 1.28
N GLY A 47 5.23 6.19 1.89
CA GLY A 47 4.11 5.68 2.72
C GLY A 47 2.73 5.95 2.11
N VAL A 48 2.56 5.57 0.84
CA VAL A 48 1.44 5.94 -0.06
C VAL A 48 0.06 5.81 0.59
N SER A 49 -0.28 4.60 1.04
CA SER A 49 -1.53 4.31 1.74
C SER A 49 -1.46 2.98 2.48
N ALA A 50 -2.24 2.83 3.57
CA ALA A 50 -2.28 1.62 4.38
C ALA A 50 -3.66 1.40 5.02
N ILE A 51 -3.97 0.15 5.36
CA ILE A 51 -5.22 -0.26 6.01
C ILE A 51 -4.94 -1.12 7.25
N SER A 52 -5.44 -0.67 8.41
CA SER A 52 -5.33 -1.36 9.71
C SER A 52 -6.25 -2.59 9.79
N SER A 53 -6.00 -3.49 10.75
CA SER A 53 -6.92 -4.57 11.14
C SER A 53 -8.34 -4.02 11.36
N SER A 54 -8.46 -2.84 11.96
CA SER A 54 -9.70 -2.04 12.01
C SER A 54 -9.88 -1.35 10.66
N GLY A 55 -10.82 -1.83 9.83
CA GLY A 55 -10.96 -1.43 8.42
C GLY A 55 -11.25 0.05 8.17
N GLY A 56 -11.84 0.76 9.14
CA GLY A 56 -12.07 2.22 9.07
C GLY A 56 -10.81 3.07 9.34
N SER A 57 -9.78 2.50 9.98
CA SER A 57 -8.54 3.19 10.38
C SER A 57 -7.48 3.14 9.27
N THR A 58 -7.85 3.56 8.05
CA THR A 58 -6.93 3.73 6.91
C THR A 58 -5.99 4.93 7.09
N ASN A 59 -4.83 4.87 6.44
CA ASN A 59 -3.83 5.94 6.38
C ASN A 59 -3.49 6.29 4.91
N TYR A 60 -3.10 7.54 4.65
CA TYR A 60 -2.76 8.06 3.31
C TYR A 60 -1.65 9.13 3.38
N ALA A 61 -0.78 9.16 2.37
CA ALA A 61 0.19 10.24 2.18
C ALA A 61 -0.47 11.54 1.70
N ASP A 62 -0.04 12.69 2.23
CA ASP A 62 -0.60 14.02 1.86
C ASP A 62 -0.39 14.37 0.37
N SER A 63 0.61 13.76 -0.27
CA SER A 63 0.92 13.90 -1.71
C SER A 63 -0.06 13.17 -2.64
N VAL A 64 -0.77 12.15 -2.16
CA VAL A 64 -1.73 11.33 -2.94
C VAL A 64 -3.19 11.48 -2.51
N LYS A 65 -3.40 12.04 -1.31
CA LYS A 65 -4.70 12.30 -0.69
C LYS A 65 -5.69 12.92 -1.68
N GLY A 66 -6.84 12.27 -1.85
CA GLY A 66 -7.89 12.67 -2.79
C GLY A 66 -7.80 12.09 -4.20
N ARG A 67 -6.72 11.37 -4.58
CA ARG A 67 -6.66 10.60 -5.85
C ARG A 67 -6.26 9.12 -5.71
N PHE A 68 -5.58 8.73 -4.63
CA PHE A 68 -5.32 7.33 -4.27
C PHE A 68 -6.35 6.82 -3.23
N THR A 69 -6.66 5.51 -3.28
CA THR A 69 -7.67 4.85 -2.42
C THR A 69 -7.33 3.38 -2.18
N ILE A 70 -7.12 2.99 -0.92
CA ILE A 70 -6.86 1.60 -0.52
C ILE A 70 -8.13 0.88 -0.04
N SER A 71 -8.21 -0.44 -0.24
CA SER A 71 -9.28 -1.32 0.27
C SER A 71 -8.84 -2.79 0.25
N ARG A 72 -9.22 -3.59 1.25
CA ARG A 72 -8.88 -5.02 1.33
C ARG A 72 -10.04 -5.98 1.03
N ASP A 73 -9.66 -7.19 0.66
CA ASP A 73 -10.53 -8.33 0.42
C ASP A 73 -10.05 -9.53 1.26
N ASN A 74 -10.80 -9.81 2.33
CA ASN A 74 -10.50 -10.86 3.31
C ASN A 74 -10.89 -12.27 2.84
N ALA A 75 -11.71 -12.41 1.79
CA ALA A 75 -11.98 -13.71 1.16
C ALA A 75 -10.81 -14.16 0.27
N LYS A 76 -10.27 -13.23 -0.53
CA LYS A 76 -9.12 -13.46 -1.43
C LYS A 76 -7.75 -13.24 -0.76
N ASN A 77 -7.73 -12.74 0.48
CA ASN A 77 -6.54 -12.37 1.26
C ASN A 77 -5.61 -11.41 0.47
N THR A 78 -6.22 -10.42 -0.21
CA THR A 78 -5.53 -9.42 -1.06
C THR A 78 -5.91 -7.99 -0.67
N VAL A 79 -4.95 -7.07 -0.70
CA VAL A 79 -5.17 -5.62 -0.54
C VAL A 79 -5.04 -4.89 -1.87
N TYR A 80 -6.11 -4.24 -2.31
CA TYR A 80 -6.13 -3.44 -3.52
C TYR A 80 -5.80 -1.97 -3.23
N LEU A 81 -4.98 -1.36 -4.10
CA LEU A 81 -4.73 0.07 -4.15
C LEU A 81 -5.15 0.63 -5.50
N GLN A 82 -6.30 1.30 -5.52
CA GLN A 82 -6.78 2.08 -6.65
C GLN A 82 -6.06 3.44 -6.66
N MET A 83 -5.73 3.97 -7.83
CA MET A 83 -5.17 5.30 -8.00
C MET A 83 -5.73 5.97 -9.26
N ASN A 84 -5.89 7.29 -9.22
CA ASN A 84 -6.58 8.11 -10.23
C ASN A 84 -5.83 9.46 -10.38
N SER A 85 -6.24 10.32 -11.32
CA SER A 85 -5.71 11.70 -11.49
C SER A 85 -4.18 11.80 -11.53
N LEU A 86 -3.52 10.74 -12.01
CA LEU A 86 -2.09 10.51 -11.84
C LEU A 86 -1.20 11.64 -12.37
N LYS A 87 -0.33 12.16 -11.50
CA LYS A 87 0.71 13.13 -11.89
C LYS A 87 2.00 12.41 -12.32
N PRO A 88 2.86 13.02 -13.16
CA PRO A 88 4.16 12.46 -13.54
C PRO A 88 4.99 12.01 -12.33
N GLU A 89 4.97 12.77 -11.23
CA GLU A 89 5.65 12.44 -9.97
C GLU A 89 5.07 11.23 -9.19
N ASP A 90 3.94 10.65 -9.62
CA ASP A 90 3.45 9.34 -9.12
C ASP A 90 4.23 8.14 -9.70
N THR A 91 5.14 8.38 -10.67
CA THR A 91 6.07 7.37 -11.20
C THR A 91 7.08 6.91 -10.14
N ALA A 92 7.04 5.62 -9.80
CA ALA A 92 7.90 4.96 -8.81
C ALA A 92 7.72 3.43 -8.85
N VAL A 93 8.58 2.68 -8.16
CA VAL A 93 8.34 1.25 -7.91
C VAL A 93 7.54 1.13 -6.61
N TYR A 94 6.44 0.39 -6.64
CA TYR A 94 5.53 0.17 -5.52
C TYR A 94 5.77 -1.22 -4.90
N TYR A 95 5.67 -1.29 -3.58
CA TYR A 95 5.89 -2.47 -2.75
C TYR A 95 4.81 -2.54 -1.67
N CYS A 96 4.41 -3.73 -1.25
CA CYS A 96 3.52 -3.93 -0.11
C CYS A 96 4.21 -4.63 1.07
N ALA A 97 3.66 -4.45 2.28
CA ALA A 97 4.30 -4.79 3.54
C ALA A 97 3.23 -4.94 4.64
N ALA A 98 3.53 -5.64 5.74
CA ALA A 98 2.55 -5.92 6.81
C ALA A 98 3.11 -5.84 8.25
N VAL A 99 2.25 -5.45 9.20
CA VAL A 99 2.48 -5.44 10.66
C VAL A 99 1.42 -6.29 11.37
N ASP A 100 1.82 -7.03 12.42
CA ASP A 100 0.94 -7.79 13.32
C ASP A 100 0.08 -6.88 14.22
N ASP A 101 -0.84 -6.14 13.59
CA ASP A 101 -1.60 -5.03 14.16
C ASP A 101 -2.51 -5.42 15.36
N VAL A 102 -3.12 -6.61 15.34
CA VAL A 102 -3.94 -7.09 16.47
C VAL A 102 -3.14 -7.25 17.77
N GLY A 103 -1.81 -7.38 17.68
CA GLY A 103 -0.88 -7.44 18.80
C GLY A 103 -0.41 -6.08 19.35
N THR A 104 -0.91 -4.95 18.84
CA THR A 104 -0.48 -3.59 19.23
C THR A 104 -0.73 -3.27 20.71
N THR A 105 0.14 -2.44 21.30
CA THR A 105 0.03 -1.96 22.70
C THR A 105 -1.17 -1.02 22.90
N VAL A 106 -1.53 -0.23 21.87
CA VAL A 106 -2.62 0.77 21.92
C VAL A 106 -3.39 0.79 20.61
N GLN A 107 -4.72 0.66 20.68
CA GLN A 107 -5.66 0.62 19.54
C GLN A 107 -5.89 2.01 18.89
N ALA A 108 -4.82 2.68 18.48
CA ALA A 108 -4.86 4.00 17.84
C ALA A 108 -5.59 4.01 16.49
N MET A 109 -6.15 5.16 16.13
CA MET A 109 -6.84 5.37 14.84
C MET A 109 -5.91 5.68 13.65
N ALA A 110 -4.61 5.80 13.89
CA ALA A 110 -3.55 6.12 12.94
C ALA A 110 -2.24 5.38 13.28
N VAL A 111 -1.18 5.58 12.49
CA VAL A 111 0.14 4.94 12.71
C VAL A 111 0.70 5.23 14.12
N HIS A 112 1.23 4.18 14.76
CA HIS A 112 1.70 4.18 16.16
C HIS A 112 2.73 3.04 16.39
N GLU A 113 3.42 3.06 17.54
CA GLU A 113 4.54 2.17 17.93
C GLU A 113 5.85 2.34 17.10
N PRO A 114 7.03 2.00 17.65
CA PRO A 114 8.29 1.93 16.91
C PRO A 114 8.34 0.73 15.93
N TYR A 115 7.52 -0.30 16.16
CA TYR A 115 7.30 -1.42 15.24
C TYR A 115 6.48 -0.97 14.01
N GLU A 116 6.88 -1.44 12.83
CA GLU A 116 6.25 -1.10 11.54
C GLU A 116 6.19 -2.34 10.60
N TYR A 117 5.97 -2.08 9.32
CA TYR A 117 5.76 -3.02 8.23
C TYR A 117 7.08 -3.73 7.81
N ASP A 118 7.62 -4.56 8.68
CA ASP A 118 8.96 -5.18 8.52
C ASP A 118 9.03 -6.24 7.40
N TYR A 119 7.92 -6.93 7.10
CA TYR A 119 7.82 -7.85 5.95
C TYR A 119 7.72 -7.10 4.61
N TRP A 120 8.20 -7.70 3.52
CA TRP A 120 8.32 -7.07 2.19
C TRP A 120 8.14 -8.08 1.06
N GLY A 121 7.47 -7.67 -0.03
CA GLY A 121 7.13 -8.50 -1.18
C GLY A 121 8.20 -8.56 -2.29
N GLN A 122 7.74 -8.68 -3.53
CA GLN A 122 8.56 -8.74 -4.76
C GLN A 122 8.68 -7.36 -5.47
N GLY A 123 7.69 -6.48 -5.26
CA GLY A 123 7.57 -5.17 -5.89
C GLY A 123 6.94 -5.17 -7.30
N THR A 124 6.45 -4.01 -7.74
CA THR A 124 5.84 -3.78 -9.07
C THR A 124 6.10 -2.33 -9.56
N GLN A 125 6.59 -2.17 -10.79
CA GLN A 125 6.96 -0.87 -11.37
C GLN A 125 5.72 -0.09 -11.84
N VAL A 126 5.64 1.21 -11.56
CA VAL A 126 4.59 2.10 -12.08
C VAL A 126 5.17 3.37 -12.73
N THR A 127 4.79 3.65 -13.97
CA THR A 127 5.15 4.87 -14.73
C THR A 127 3.92 5.64 -15.20
N VAL A 128 3.95 6.97 -15.03
CA VAL A 128 2.96 7.91 -15.52
C VAL A 128 3.58 8.74 -16.67
N SER A 129 3.16 8.48 -17.90
CA SER A 129 3.73 9.11 -19.11
C SER A 129 2.82 8.98 -20.33
N SER A 130 2.68 10.07 -21.10
CA SER A 130 1.73 10.22 -22.22
C SER A 130 2.06 9.35 -23.44
#